data_4MBX
#
_entry.id   4MBX
#
_cell.length_a   150.010
_cell.length_b   95.920
_cell.length_c   231.680
_cell.angle_alpha   90.00
_cell.angle_beta   95.82
_cell.angle_gamma   90.00
#
_symmetry.space_group_name_H-M   'C 1 2 1'
#
loop_
_entity.id
_entity.type
_entity.pdbx_description
1 polymer 'Major Capsid Protein VP1'
2 non-polymer 'CALCIUM ION'
3 non-polymer 1,2-ETHANEDIOL
4 water water
#
_entity_poly.entity_id   1
_entity_poly.type   'polypeptide(L)'
_entity_poly.pdbx_seq_one_letter_code
;GSHMGGVEVLEVRTGPDAITQIEAYLNPRMGNNIPSEDLYGYSNSINTAFSKASDTPNKDTLPCYSVAVIKLPLLNEDMT
CDTILMWEAVSVKTEVVGISSLVNLHQGGKYIYGSSSGCVPVQGTTYHMFAVGGEPLELQGLVASSTATYPDDVVAIKNM
KPGNQGLDPKAKALLDKDGKYPVEVWCPDPSKNENTRYYGSFTGGATTPPVMQFTNSVTTVLLDENGVGPLCKGDKLFLS
CADIAGVHTNYSETQVWRGLPRYFNVTLRKRIVKNPYP
;
_entity_poly.pdbx_strand_id   A,B,C,D,E,F,G,H,I,J
#
# COMPACT_ATOMS: atom_id res chain seq x y z
N SER A 2 30.36 -15.66 5.04
CA SER A 2 29.12 -16.50 5.03
C SER A 2 28.30 -16.27 6.31
N HIS A 3 27.07 -16.78 6.33
CA HIS A 3 26.14 -16.48 7.43
C HIS A 3 25.07 -17.54 7.52
N MET A 4 24.41 -17.65 8.68
CA MET A 4 23.19 -18.47 8.75
C MET A 4 22.05 -17.79 8.02
N GLY A 5 21.29 -18.56 7.25
CA GLY A 5 20.12 -18.02 6.54
C GLY A 5 19.12 -19.10 6.21
N GLY A 6 17.94 -18.69 5.77
CA GLY A 6 16.90 -19.65 5.42
C GLY A 6 16.97 -20.09 3.97
N VAL A 7 16.70 -21.37 3.73
CA VAL A 7 16.46 -21.90 2.39
C VAL A 7 15.14 -22.65 2.44
N GLU A 8 14.28 -22.42 1.44
CA GLU A 8 13.00 -23.07 1.43
C GLU A 8 13.11 -24.44 0.75
N VAL A 9 12.91 -25.48 1.55
CA VAL A 9 12.93 -26.86 1.08
C VAL A 9 11.49 -27.31 0.82
N LEU A 10 11.27 -28.01 -0.29
CA LEU A 10 9.94 -28.57 -0.55
C LEU A 10 9.85 -29.94 0.09
N GLU A 11 8.71 -30.21 0.70
CA GLU A 11 8.45 -31.53 1.27
C GLU A 11 6.96 -31.76 1.31
N VAL A 12 6.57 -33.02 1.51
CA VAL A 12 5.17 -33.38 1.68
C VAL A 12 4.72 -32.81 3.02
N ARG A 13 3.70 -31.96 2.98
CA ARG A 13 3.12 -31.37 4.19
C ARG A 13 1.74 -31.94 4.40
N THR A 14 1.50 -32.44 5.60
CA THR A 14 0.17 -32.82 6.04
C THR A 14 -0.50 -31.50 6.44
N GLY A 15 -1.73 -31.28 5.97
CA GLY A 15 -2.49 -30.09 6.37
C GLY A 15 -2.72 -30.12 7.88
N PRO A 16 -3.15 -28.99 8.48
CA PRO A 16 -3.51 -29.13 9.89
C PRO A 16 -4.75 -30.02 10.04
N ASP A 17 -4.99 -30.53 11.24
CA ASP A 17 -6.15 -31.41 11.48
C ASP A 17 -7.49 -30.72 11.28
N ALA A 18 -7.49 -29.39 11.27
CA ALA A 18 -8.72 -28.62 11.10
C ALA A 18 -9.19 -28.54 9.64
N ILE A 19 -8.34 -28.97 8.72
CA ILE A 19 -8.68 -28.92 7.29
C ILE A 19 -8.80 -30.32 6.70
N THR A 20 -9.79 -30.50 5.83
CA THR A 20 -9.92 -31.75 5.12
C THR A 20 -10.31 -31.48 3.66
N GLN A 21 -10.02 -32.46 2.80
CA GLN A 21 -10.49 -32.40 1.42
C GLN A 21 -11.26 -33.66 1.11
N ILE A 22 -12.33 -33.52 0.34
CA ILE A 22 -13.04 -34.68 -0.14
C ILE A 22 -13.06 -34.61 -1.67
N GLU A 23 -13.12 -35.77 -2.30
CA GLU A 23 -13.22 -35.87 -3.75
C GLU A 23 -14.43 -36.73 -4.01
N ALA A 24 -15.16 -36.42 -5.08
CA ALA A 24 -16.25 -37.27 -5.50
C ALA A 24 -16.49 -37.03 -6.99
N TYR A 25 -17.16 -37.99 -7.64
CA TYR A 25 -17.69 -37.77 -8.99
C TYR A 25 -19.14 -38.17 -9.01
N LEU A 26 -19.91 -37.50 -9.85
CA LEU A 26 -21.31 -37.79 -9.99
C LEU A 26 -21.51 -38.13 -11.47
N ASN A 27 -21.94 -39.36 -11.74
CA ASN A 27 -22.34 -39.71 -13.11
C ASN A 27 -23.67 -39.11 -13.52
N PRO A 28 -23.83 -38.80 -14.83
CA PRO A 28 -25.04 -38.12 -15.28
C PRO A 28 -26.28 -39.00 -15.13
N ARG A 29 -27.44 -38.36 -15.01
CA ARG A 29 -28.72 -39.05 -14.88
C ARG A 29 -29.65 -38.56 -15.99
N MET A 30 -29.32 -38.94 -17.22
CA MET A 30 -30.05 -38.50 -18.40
C MET A 30 -31.31 -39.29 -18.66
N GLY A 31 -31.43 -40.42 -17.98
CA GLY A 31 -32.62 -41.26 -18.10
C GLY A 31 -32.20 -42.72 -18.07
N ASN A 32 -31.15 -43.03 -18.83
CA ASN A 32 -30.51 -44.34 -18.67
C ASN A 32 -29.43 -44.20 -17.64
N ASN A 33 -29.74 -44.65 -16.42
CA ASN A 33 -28.99 -44.26 -15.23
C ASN A 33 -28.25 -45.43 -14.58
N ILE A 34 -28.34 -46.60 -15.20
CA ILE A 34 -27.73 -47.80 -14.66
C ILE A 34 -26.58 -48.20 -15.58
N PRO A 35 -25.37 -48.41 -15.02
CA PRO A 35 -24.18 -48.69 -15.85
C PRO A 35 -24.31 -49.85 -16.84
N SER A 36 -25.15 -50.82 -16.54
CA SER A 36 -25.32 -51.95 -17.46
C SER A 36 -26.16 -51.61 -18.70
N GLU A 37 -26.93 -50.53 -18.67
CA GLU A 37 -27.78 -50.20 -19.81
C GLU A 37 -26.96 -49.76 -21.02
N ASP A 38 -27.38 -50.20 -22.21
CA ASP A 38 -26.70 -49.85 -23.46
C ASP A 38 -26.50 -48.34 -23.64
N LEU A 39 -27.52 -47.55 -23.29
CA LEU A 39 -27.49 -46.10 -23.48
C LEU A 39 -27.17 -45.31 -22.22
N TYR A 40 -26.55 -45.97 -21.25
CA TYR A 40 -26.04 -45.28 -20.07
C TYR A 40 -25.36 -43.97 -20.41
N GLY A 41 -25.80 -42.89 -19.78
CA GLY A 41 -25.20 -41.58 -20.02
C GLY A 41 -26.01 -40.79 -21.04
N TYR A 42 -27.07 -41.40 -21.57
CA TYR A 42 -27.97 -40.76 -22.51
C TYR A 42 -29.41 -40.98 -22.03
N SER A 43 -30.32 -40.15 -22.51
CA SER A 43 -31.73 -40.40 -22.31
C SER A 43 -32.19 -41.45 -23.35
N ASN A 44 -33.41 -41.94 -23.21
CA ASN A 44 -34.08 -42.64 -24.31
C ASN A 44 -34.52 -41.61 -25.37
N SER A 45 -35.00 -42.07 -26.53
CA SER A 45 -35.40 -41.16 -27.60
C SER A 45 -36.46 -40.22 -27.12
N ILE A 46 -36.25 -38.95 -27.43
CA ILE A 46 -37.16 -37.89 -27.03
C ILE A 46 -38.46 -38.04 -27.82
N ASN A 47 -39.55 -38.33 -27.13
CA ASN A 47 -40.86 -38.36 -27.78
C ASN A 47 -41.57 -37.03 -27.55
N THR A 48 -42.07 -36.45 -28.62
CA THR A 48 -42.64 -35.10 -28.58
C THR A 48 -44.16 -35.16 -28.41
N ALA A 49 -44.75 -34.09 -27.90
CA ALA A 49 -46.16 -34.04 -27.59
C ALA A 49 -47.03 -34.25 -28.82
N PHE A 50 -48.13 -34.98 -28.67
CA PHE A 50 -49.16 -35.02 -29.70
C PHE A 50 -49.84 -33.65 -29.83
N SER A 51 -50.04 -32.97 -28.69
CA SER A 51 -50.62 -31.63 -28.64
C SER A 51 -50.29 -31.02 -27.28
N LYS A 52 -50.72 -29.79 -27.01
CA LYS A 52 -50.46 -29.19 -25.68
C LYS A 52 -51.19 -30.01 -24.61
N ALA A 53 -52.44 -30.33 -24.91
CA ALA A 53 -53.30 -31.12 -24.03
C ALA A 53 -52.73 -32.52 -23.79
N SER A 54 -51.98 -33.05 -24.74
CA SER A 54 -51.53 -34.43 -24.65
C SER A 54 -50.03 -34.54 -24.87
N ASP A 55 -49.27 -34.41 -23.78
CA ASP A 55 -47.81 -34.34 -23.81
C ASP A 55 -47.27 -35.23 -22.70
N THR A 56 -46.84 -36.44 -23.07
CA THR A 56 -46.50 -37.48 -22.11
C THR A 56 -45.11 -38.02 -22.38
N PRO A 57 -44.07 -37.36 -21.84
CA PRO A 57 -42.71 -37.85 -22.05
C PRO A 57 -42.62 -39.31 -21.58
N ASN A 58 -41.95 -40.14 -22.38
CA ASN A 58 -41.79 -41.54 -22.02
C ASN A 58 -40.83 -41.66 -20.86
N LYS A 59 -40.90 -42.80 -20.20
CA LYS A 59 -39.95 -43.17 -19.17
C LYS A 59 -38.51 -42.96 -19.67
N ASP A 60 -37.67 -42.38 -18.83
CA ASP A 60 -36.24 -42.21 -19.11
C ASP A 60 -35.91 -41.27 -20.28
N THR A 61 -36.80 -40.33 -20.59
CA THR A 61 -36.50 -39.34 -21.62
C THR A 61 -36.19 -37.97 -21.04
N LEU A 62 -36.25 -37.83 -19.71
CA LEU A 62 -36.04 -36.54 -19.07
C LEU A 62 -34.78 -36.52 -18.24
N PRO A 63 -33.82 -35.66 -18.61
CA PRO A 63 -32.61 -35.53 -17.79
C PRO A 63 -32.95 -35.02 -16.39
N CYS A 64 -32.27 -35.57 -15.40
CA CYS A 64 -32.51 -35.20 -14.02
C CYS A 64 -31.21 -34.73 -13.37
N TYR A 65 -31.32 -34.02 -12.25
CA TYR A 65 -30.15 -33.60 -11.49
C TYR A 65 -29.49 -34.82 -10.86
N SER A 66 -28.17 -34.76 -10.77
CA SER A 66 -27.40 -35.68 -9.97
C SER A 66 -27.17 -35.07 -8.58
N VAL A 67 -27.16 -35.90 -7.56
CA VAL A 67 -26.81 -35.44 -6.23
C VAL A 67 -26.09 -36.55 -5.48
N ALA A 68 -25.10 -36.16 -4.69
CA ALA A 68 -24.40 -37.07 -3.80
C ALA A 68 -24.29 -36.43 -2.43
N VAL A 69 -24.40 -37.26 -1.41
CA VAL A 69 -24.24 -36.83 -0.04
C VAL A 69 -22.95 -37.46 0.43
N ILE A 70 -22.00 -36.62 0.84
CA ILE A 70 -20.71 -37.10 1.30
C ILE A 70 -20.75 -37.08 2.82
N LYS A 71 -20.46 -38.23 3.43
CA LYS A 71 -20.42 -38.28 4.88
C LYS A 71 -19.03 -37.82 5.32
N LEU A 72 -19.01 -36.80 6.17
CA LEU A 72 -17.77 -36.18 6.62
C LEU A 72 -17.37 -36.74 7.99
N PRO A 73 -16.08 -36.59 8.37
CA PRO A 73 -15.68 -37.12 9.67
C PRO A 73 -16.53 -36.52 10.80
N LEU A 74 -16.90 -37.37 11.76
CA LEU A 74 -17.76 -36.99 12.87
C LEU A 74 -17.02 -36.02 13.79
N LEU A 75 -17.67 -34.92 14.13
CA LEU A 75 -17.01 -33.86 14.90
C LEU A 75 -17.45 -33.74 16.36
N ASN A 76 -18.66 -34.20 16.67
CA ASN A 76 -19.27 -33.98 18.00
C ASN A 76 -19.75 -35.26 18.63
N GLU A 77 -19.56 -35.41 19.94
CA GLU A 77 -20.09 -36.56 20.69
C GLU A 77 -21.63 -36.52 20.73
N ASP A 78 -22.18 -35.35 21.01
CA ASP A 78 -23.62 -35.10 20.89
C ASP A 78 -23.85 -33.62 20.57
N MET A 79 -25.11 -33.21 20.61
CA MET A 79 -25.48 -31.84 20.28
C MET A 79 -25.96 -31.05 21.51
N THR A 80 -25.30 -31.21 22.65
CA THR A 80 -25.82 -30.62 23.88
C THR A 80 -25.10 -29.37 24.39
N CYS A 81 -23.96 -29.03 23.78
CA CYS A 81 -23.17 -27.88 24.24
C CYS A 81 -23.60 -26.56 23.63
N ASP A 82 -23.11 -25.46 24.19
CA ASP A 82 -23.35 -24.09 23.70
C ASP A 82 -22.83 -23.92 22.28
N THR A 83 -21.69 -24.52 22.01
CA THR A 83 -21.17 -24.53 20.65
C THR A 83 -20.91 -25.95 20.21
N ILE A 84 -20.84 -26.14 18.90
CA ILE A 84 -20.48 -27.43 18.32
C ILE A 84 -19.40 -27.20 17.26
N LEU A 85 -18.80 -28.27 16.76
CA LEU A 85 -17.94 -28.16 15.60
C LEU A 85 -18.75 -28.49 14.36
N MET A 86 -18.50 -27.74 13.28
CA MET A 86 -19.09 -28.01 11.98
C MET A 86 -18.02 -27.87 10.93
N TRP A 87 -18.14 -28.67 9.88
CA TRP A 87 -17.32 -28.49 8.71
C TRP A 87 -17.86 -27.35 7.89
N GLU A 88 -16.96 -26.47 7.48
CA GLU A 88 -17.29 -25.36 6.62
C GLU A 88 -16.61 -25.56 5.27
N ALA A 89 -17.39 -25.59 4.19
CA ALA A 89 -16.82 -25.76 2.86
C ALA A 89 -16.31 -24.41 2.41
N VAL A 90 -15.03 -24.33 2.07
CA VAL A 90 -14.44 -23.04 1.76
C VAL A 90 -14.12 -22.83 0.28
N SER A 91 -13.80 -23.92 -0.41
CA SER A 91 -13.49 -23.87 -1.84
C SER A 91 -13.77 -25.19 -2.52
N VAL A 92 -13.92 -25.11 -3.85
CA VAL A 92 -14.20 -26.28 -4.67
C VAL A 92 -13.44 -26.17 -6.01
N LYS A 93 -12.89 -27.29 -6.45
CA LYS A 93 -12.40 -27.41 -7.81
C LYS A 93 -13.32 -28.42 -8.41
N THR A 94 -13.86 -28.08 -9.56
CA THR A 94 -14.81 -28.99 -10.19
C THR A 94 -14.56 -29.04 -11.67
N GLU A 95 -14.84 -30.18 -12.29
CA GLU A 95 -14.55 -30.36 -13.70
C GLU A 95 -15.60 -31.29 -14.30
N VAL A 96 -16.04 -30.95 -15.51
CA VAL A 96 -16.84 -31.87 -16.32
C VAL A 96 -15.88 -32.84 -16.98
N VAL A 97 -16.10 -34.13 -16.75
CA VAL A 97 -15.18 -35.18 -17.21
C VAL A 97 -15.70 -35.76 -18.53
N GLY A 98 -14.79 -36.13 -19.43
CA GLY A 98 -15.18 -36.75 -20.70
C GLY A 98 -15.60 -35.76 -21.79
N ILE A 99 -15.19 -34.50 -21.65
CA ILE A 99 -15.49 -33.50 -22.69
C ILE A 99 -14.95 -34.00 -24.03
N SER A 100 -13.73 -34.52 -24.03
CA SER A 100 -13.09 -35.02 -25.26
C SER A 100 -13.85 -36.17 -25.95
N SER A 101 -14.71 -36.88 -25.22
CA SER A 101 -15.55 -37.94 -25.84
C SER A 101 -16.46 -37.40 -26.93
N LEU A 102 -16.75 -36.10 -26.88
CA LEU A 102 -17.58 -35.46 -27.90
C LEU A 102 -16.82 -35.22 -29.22
N VAL A 103 -15.49 -35.30 -29.18
CA VAL A 103 -14.62 -35.10 -30.37
C VAL A 103 -14.58 -36.40 -31.19
N ASN A 104 -15.71 -36.72 -31.78
CA ASN A 104 -15.94 -38.05 -32.34
C ASN A 104 -16.93 -37.85 -33.48
N LEU A 105 -16.48 -38.05 -34.72
CA LEU A 105 -17.37 -37.91 -35.88
C LEU A 105 -17.72 -39.24 -36.54
N HIS A 106 -17.32 -40.35 -35.93
CA HIS A 106 -17.55 -41.67 -36.52
C HIS A 106 -18.71 -42.42 -35.88
N GLN A 107 -19.18 -41.93 -34.73
CA GLN A 107 -20.33 -42.54 -34.04
C GLN A 107 -21.53 -42.50 -34.98
N GLY A 108 -22.27 -43.60 -35.06
CA GLY A 108 -23.45 -43.66 -35.95
C GLY A 108 -24.42 -42.50 -35.71
N GLY A 109 -24.89 -41.87 -36.78
CA GLY A 109 -25.85 -40.80 -36.62
C GLY A 109 -26.30 -40.16 -37.90
N LYS A 110 -26.72 -38.91 -37.81
CA LYS A 110 -27.06 -38.12 -38.97
C LYS A 110 -25.78 -37.64 -39.64
N TYR A 111 -25.72 -37.65 -40.96
CA TYR A 111 -24.51 -37.16 -41.64
C TYR A 111 -24.42 -35.65 -41.69
N ILE A 112 -23.20 -35.13 -41.55
CA ILE A 112 -22.98 -33.70 -41.67
C ILE A 112 -23.38 -33.23 -43.07
N TYR A 113 -22.82 -33.87 -44.09
CA TYR A 113 -23.19 -33.59 -45.46
C TYR A 113 -23.95 -34.80 -46.00
N GLY A 114 -23.30 -35.65 -46.76
CA GLY A 114 -23.93 -36.89 -47.21
C GLY A 114 -23.31 -38.09 -46.54
N SER A 115 -23.62 -39.26 -47.04
CA SER A 115 -23.22 -40.48 -46.37
C SER A 115 -21.72 -40.79 -46.52
N SER A 116 -20.97 -39.92 -47.21
CA SER A 116 -19.51 -40.02 -47.25
C SER A 116 -18.84 -39.21 -46.12
N SER A 117 -19.61 -38.36 -45.45
CA SER A 117 -19.02 -37.44 -44.47
C SER A 117 -19.03 -38.02 -43.04
N GLY A 118 -18.48 -37.27 -42.09
CA GLY A 118 -18.62 -37.65 -40.68
C GLY A 118 -20.04 -37.41 -40.21
N CYS A 119 -20.35 -37.87 -39.01
CA CYS A 119 -21.68 -37.70 -38.45
C CYS A 119 -21.78 -36.48 -37.55
N VAL A 120 -22.98 -35.90 -37.48
CA VAL A 120 -23.23 -34.71 -36.68
C VAL A 120 -22.95 -35.03 -35.22
N PRO A 121 -22.08 -34.25 -34.57
CA PRO A 121 -21.76 -34.53 -33.18
C PRO A 121 -22.86 -33.99 -32.25
N VAL A 122 -22.67 -34.19 -30.95
CA VAL A 122 -23.62 -33.70 -29.96
C VAL A 122 -23.71 -32.17 -30.08
N GLN A 123 -24.91 -31.63 -30.14
CA GLN A 123 -25.12 -30.19 -30.18
C GLN A 123 -26.54 -29.85 -29.75
N GLY A 124 -26.86 -28.56 -29.75
CA GLY A 124 -28.16 -28.13 -29.31
C GLY A 124 -28.07 -27.61 -27.88
N THR A 125 -29.17 -27.72 -27.15
CA THR A 125 -29.29 -27.15 -25.82
C THR A 125 -28.29 -27.74 -24.82
N THR A 126 -27.63 -26.86 -24.06
CA THR A 126 -26.71 -27.29 -23.04
C THR A 126 -27.12 -26.66 -21.72
N TYR A 127 -26.81 -27.35 -20.64
CA TYR A 127 -27.14 -26.88 -19.31
C TYR A 127 -26.12 -27.48 -18.37
N HIS A 128 -25.38 -26.61 -17.68
CA HIS A 128 -24.30 -27.03 -16.78
C HIS A 128 -24.46 -26.25 -15.53
N MET A 129 -24.61 -26.98 -14.43
CA MET A 129 -24.75 -26.38 -13.13
C MET A 129 -24.13 -27.28 -12.08
N PHE A 130 -23.61 -26.66 -11.03
CA PHE A 130 -23.16 -27.43 -9.89
C PHE A 130 -23.52 -26.65 -8.64
N ALA A 131 -23.68 -27.38 -7.55
CA ALA A 131 -23.96 -26.76 -6.28
C ALA A 131 -23.14 -27.49 -5.23
N VAL A 132 -22.68 -26.76 -4.21
CA VAL A 132 -22.05 -27.34 -3.04
C VAL A 132 -22.76 -26.71 -1.83
N GLY A 133 -23.30 -27.53 -0.95
CA GLY A 133 -24.08 -27.02 0.19
C GLY A 133 -23.96 -27.90 1.42
N GLY A 134 -24.39 -27.37 2.56
CA GLY A 134 -24.39 -28.12 3.81
C GLY A 134 -25.71 -28.80 4.08
N GLU A 135 -26.57 -28.84 3.05
CA GLU A 135 -27.90 -29.42 3.12
C GLU A 135 -28.42 -29.54 1.68
N PRO A 136 -29.54 -30.24 1.46
CA PRO A 136 -30.02 -30.37 0.07
C PRO A 136 -30.27 -29.02 -0.62
N LEU A 137 -29.98 -28.97 -1.90
CA LEU A 137 -30.29 -27.80 -2.72
C LEU A 137 -31.79 -27.62 -2.74
N GLU A 138 -32.23 -26.40 -2.52
CA GLU A 138 -33.65 -26.07 -2.51
C GLU A 138 -34.07 -25.66 -3.92
N LEU A 139 -35.14 -26.29 -4.40
CA LEU A 139 -35.61 -26.18 -5.78
C LEU A 139 -36.92 -25.40 -5.88
N GLN A 140 -37.06 -24.68 -6.99
CA GLN A 140 -38.30 -24.03 -7.37
C GLN A 140 -38.80 -24.74 -8.62
N GLY A 141 -40.09 -25.04 -8.65
CA GLY A 141 -40.68 -25.66 -9.84
C GLY A 141 -41.16 -24.61 -10.82
N LEU A 142 -40.86 -24.83 -12.10
CA LEU A 142 -41.39 -23.99 -13.19
C LEU A 142 -41.26 -24.82 -14.46
N VAL A 143 -42.35 -24.89 -15.22
CA VAL A 143 -42.38 -25.73 -16.42
C VAL A 143 -42.78 -24.96 -17.68
N ALA A 144 -42.39 -25.48 -18.85
CA ALA A 144 -42.80 -24.88 -20.14
C ALA A 144 -44.31 -24.99 -20.32
N SER A 145 -44.86 -26.10 -19.85
CA SER A 145 -46.25 -26.40 -20.05
C SER A 145 -46.85 -27.15 -18.86
N SER A 146 -47.91 -26.58 -18.29
CA SER A 146 -48.56 -27.18 -17.13
C SER A 146 -49.41 -28.40 -17.50
N THR A 147 -49.62 -28.65 -18.78
CA THR A 147 -50.48 -29.79 -19.16
C THR A 147 -49.66 -31.04 -19.51
N ALA A 148 -48.34 -30.97 -19.38
CA ALA A 148 -47.50 -32.15 -19.57
C ALA A 148 -47.79 -33.17 -18.49
N THR A 149 -47.82 -34.45 -18.86
CA THR A 149 -48.00 -35.53 -17.90
C THR A 149 -46.64 -36.15 -17.67
N TYR A 150 -46.10 -35.94 -16.47
CA TYR A 150 -44.78 -36.45 -16.13
C TYR A 150 -44.84 -37.90 -15.68
N PRO A 151 -43.81 -38.69 -15.99
CA PRO A 151 -43.89 -40.12 -15.66
C PRO A 151 -43.72 -40.41 -14.15
N ASP A 152 -44.12 -41.62 -13.76
CA ASP A 152 -44.14 -42.04 -12.35
C ASP A 152 -42.78 -42.01 -11.65
N ASP A 153 -41.71 -42.29 -12.40
CA ASP A 153 -40.39 -42.38 -11.78
C ASP A 153 -39.64 -41.04 -11.62
N VAL A 154 -40.30 -39.92 -11.93
CA VAL A 154 -39.71 -38.61 -11.58
C VAL A 154 -40.57 -37.86 -10.58
N VAL A 155 -39.96 -36.92 -9.87
CA VAL A 155 -40.71 -36.03 -8.98
C VAL A 155 -41.07 -34.79 -9.77
N ALA A 156 -42.35 -34.59 -9.99
CA ALA A 156 -42.83 -33.41 -10.70
C ALA A 156 -43.52 -32.50 -9.70
N ILE A 157 -44.17 -31.45 -10.19
CA ILE A 157 -44.87 -30.48 -9.36
C ILE A 157 -46.22 -31.07 -9.04
N LYS A 158 -46.60 -31.04 -7.77
CA LYS A 158 -47.89 -31.57 -7.37
C LYS A 158 -49.00 -30.61 -7.77
N ASN A 159 -50.11 -31.15 -8.26
CA ASN A 159 -51.29 -30.38 -8.68
C ASN A 159 -50.95 -29.23 -9.62
N MET A 160 -50.19 -29.55 -10.66
CA MET A 160 -49.70 -28.56 -11.59
C MET A 160 -50.85 -27.84 -12.28
N LYS A 161 -50.73 -26.52 -12.40
CA LYS A 161 -51.75 -25.66 -13.01
C LYS A 161 -50.98 -24.67 -13.88
N PRO A 162 -51.68 -23.89 -14.74
CA PRO A 162 -50.99 -22.95 -15.63
C PRO A 162 -50.11 -21.93 -14.90
N GLY A 163 -50.47 -21.58 -13.67
CA GLY A 163 -49.60 -20.76 -12.82
C GLY A 163 -48.20 -21.32 -12.67
N ASN A 164 -48.03 -22.62 -12.86
CA ASN A 164 -46.68 -23.23 -12.79
C ASN A 164 -45.82 -22.98 -14.03
N GLN A 165 -46.40 -22.32 -15.04
CA GLN A 165 -45.61 -21.80 -16.16
C GLN A 165 -44.88 -20.52 -15.76
N GLY A 166 -45.24 -19.99 -14.60
CA GLY A 166 -44.51 -18.91 -13.96
C GLY A 166 -44.05 -19.39 -12.60
N LEU A 167 -43.72 -18.44 -11.72
CA LEU A 167 -43.24 -18.79 -10.40
C LEU A 167 -44.43 -18.83 -9.45
N ASP A 168 -44.78 -20.04 -9.01
CA ASP A 168 -45.74 -20.23 -7.92
C ASP A 168 -44.94 -20.71 -6.72
N PRO A 169 -45.00 -19.95 -5.61
CA PRO A 169 -44.16 -20.28 -4.46
C PRO A 169 -44.52 -21.61 -3.76
N LYS A 170 -45.69 -22.16 -4.06
CA LYS A 170 -46.05 -23.49 -3.56
C LYS A 170 -45.21 -24.62 -4.20
N ALA A 171 -44.67 -24.38 -5.40
CA ALA A 171 -43.95 -25.41 -6.15
C ALA A 171 -42.49 -25.44 -5.70
N LYS A 172 -42.22 -26.09 -4.57
CA LYS A 172 -40.88 -26.13 -4.02
C LYS A 172 -40.52 -27.54 -3.65
N ALA A 173 -39.23 -27.88 -3.74
CA ALA A 173 -38.77 -29.20 -3.39
C ALA A 173 -37.34 -29.13 -2.90
N LEU A 174 -36.86 -30.26 -2.38
CA LEU A 174 -35.45 -30.44 -2.01
C LEU A 174 -34.83 -31.44 -2.98
N LEU A 175 -33.62 -31.13 -3.45
CA LEU A 175 -32.89 -32.06 -4.29
C LEU A 175 -32.26 -33.09 -3.37
N ASP A 176 -33.07 -34.09 -3.00
CA ASP A 176 -32.65 -35.06 -2.01
C ASP A 176 -32.56 -36.48 -2.57
N LYS A 177 -32.79 -36.64 -3.88
CA LYS A 177 -32.72 -37.93 -4.56
C LYS A 177 -32.02 -37.77 -5.89
N ASP A 178 -31.08 -38.67 -6.15
CA ASP A 178 -30.27 -38.66 -7.36
C ASP A 178 -31.11 -39.17 -8.52
N GLY A 179 -31.13 -38.40 -9.61
CA GLY A 179 -31.78 -38.80 -10.85
C GLY A 179 -33.29 -38.94 -10.79
N LYS A 180 -33.95 -38.09 -10.02
CA LYS A 180 -35.40 -38.12 -9.85
C LYS A 180 -36.06 -36.78 -10.15
N TYR A 181 -35.30 -35.69 -10.04
CA TYR A 181 -35.84 -34.33 -10.23
C TYR A 181 -35.48 -33.82 -11.62
N PRO A 182 -36.47 -33.71 -12.53
CA PRO A 182 -36.12 -33.30 -13.90
C PRO A 182 -35.60 -31.88 -13.99
N VAL A 183 -34.59 -31.71 -14.84
CA VAL A 183 -34.02 -30.40 -15.10
C VAL A 183 -35.11 -29.45 -15.64
N GLU A 184 -35.99 -29.97 -16.48
CA GLU A 184 -36.98 -29.10 -17.13
C GLU A 184 -38.12 -28.70 -16.19
N VAL A 185 -38.15 -29.25 -14.98
CA VAL A 185 -39.22 -28.94 -14.02
C VAL A 185 -38.68 -28.10 -12.87
N TRP A 186 -37.42 -28.33 -12.49
CA TRP A 186 -36.87 -27.73 -11.27
C TRP A 186 -35.66 -26.90 -11.54
N CYS A 187 -35.55 -25.79 -10.83
CA CYS A 187 -34.33 -24.97 -10.88
C CYS A 187 -33.97 -24.54 -9.46
N PRO A 188 -32.75 -24.05 -9.23
CA PRO A 188 -32.45 -23.66 -7.85
C PRO A 188 -33.36 -22.53 -7.41
N ASP A 189 -33.79 -22.59 -6.14
CA ASP A 189 -34.67 -21.59 -5.59
C ASP A 189 -33.82 -20.43 -5.07
N PRO A 190 -33.86 -19.25 -5.74
CA PRO A 190 -32.97 -18.17 -5.27
C PRO A 190 -33.44 -17.49 -3.98
N SER A 191 -34.67 -17.75 -3.56
CA SER A 191 -35.18 -17.17 -2.32
C SER A 191 -34.75 -17.99 -1.12
N LYS A 192 -34.12 -19.14 -1.33
CA LYS A 192 -33.57 -19.94 -0.24
C LYS A 192 -32.09 -20.17 -0.49
N ASN A 193 -31.58 -21.37 -0.17
CA ASN A 193 -30.19 -21.73 -0.47
C ASN A 193 -29.11 -20.87 0.19
N GLU A 194 -29.43 -20.37 1.38
CA GLU A 194 -28.49 -19.55 2.14
C GLU A 194 -27.23 -20.38 2.48
N ASN A 195 -27.41 -21.69 2.59
CA ASN A 195 -26.35 -22.61 3.01
C ASN A 195 -25.79 -23.48 1.87
N THR A 196 -25.98 -23.01 0.63
CA THR A 196 -25.52 -23.67 -0.59
C THR A 196 -24.97 -22.60 -1.52
N ARG A 197 -23.97 -22.96 -2.32
CA ARG A 197 -23.56 -22.10 -3.42
C ARG A 197 -23.86 -22.86 -4.72
N TYR A 198 -24.56 -22.21 -5.65
CA TYR A 198 -24.82 -22.84 -6.94
C TYR A 198 -24.42 -21.92 -8.08
N TYR A 199 -24.08 -22.52 -9.22
CA TYR A 199 -23.55 -21.80 -10.38
C TYR A 199 -24.09 -22.55 -11.59
N GLY A 200 -24.61 -21.82 -12.57
CA GLY A 200 -25.23 -22.47 -13.71
C GLY A 200 -25.06 -21.67 -14.98
N SER A 201 -25.07 -22.40 -16.10
CA SER A 201 -24.96 -21.82 -17.42
CA SER A 201 -24.95 -21.83 -17.43
C SER A 201 -25.88 -22.59 -18.36
N PHE A 202 -26.71 -21.86 -19.07
CA PHE A 202 -27.61 -22.45 -20.05
C PHE A 202 -27.35 -21.82 -21.41
N THR A 203 -27.31 -22.64 -22.45
CA THR A 203 -27.36 -22.13 -23.81
C THR A 203 -28.39 -22.97 -24.54
N GLY A 204 -29.28 -22.31 -25.24
CA GLY A 204 -30.38 -23.01 -25.87
C GLY A 204 -30.10 -23.23 -27.34
N GLY A 205 -31.17 -23.22 -28.14
CA GLY A 205 -31.04 -23.30 -29.59
C GLY A 205 -31.17 -24.75 -30.05
N ALA A 206 -31.66 -24.92 -31.26
CA ALA A 206 -31.93 -26.26 -31.81
C ALA A 206 -30.64 -27.07 -32.06
N THR A 207 -29.63 -26.44 -32.66
CA THR A 207 -28.43 -27.15 -33.12
C THR A 207 -27.11 -26.47 -32.67
N THR A 208 -27.14 -25.71 -31.58
CA THR A 208 -26.02 -24.86 -31.16
C THR A 208 -24.77 -25.68 -30.75
N PRO A 209 -23.58 -25.23 -31.17
CA PRO A 209 -22.35 -25.94 -30.78
C PRO A 209 -22.12 -25.82 -29.28
N PRO A 210 -21.84 -26.95 -28.60
CA PRO A 210 -21.47 -26.92 -27.19
C PRO A 210 -20.08 -26.29 -27.01
N VAL A 211 -19.86 -25.62 -25.88
CA VAL A 211 -18.58 -24.99 -25.61
C VAL A 211 -18.26 -25.38 -24.17
N MET A 212 -17.09 -25.97 -23.96
CA MET A 212 -16.70 -26.37 -22.60
C MET A 212 -15.21 -26.18 -22.41
N GLN A 213 -14.83 -25.83 -21.19
CA GLN A 213 -13.43 -25.68 -20.78
CA GLN A 213 -13.42 -25.74 -20.82
C GLN A 213 -13.12 -26.71 -19.70
N PHE A 214 -11.84 -27.00 -19.52
CA PHE A 214 -11.39 -27.89 -18.46
C PHE A 214 -9.99 -27.47 -18.08
N THR A 215 -9.70 -27.52 -16.79
CA THR A 215 -8.38 -27.20 -16.30
C THR A 215 -8.33 -27.72 -14.89
N ASN A 216 -7.13 -27.93 -14.36
CA ASN A 216 -7.02 -28.24 -12.95
C ASN A 216 -6.46 -27.05 -12.19
N SER A 217 -6.51 -25.86 -12.79
CA SER A 217 -5.85 -24.68 -12.20
C SER A 217 -6.82 -23.69 -11.56
N VAL A 218 -8.11 -23.99 -11.60
CA VAL A 218 -9.15 -23.04 -11.19
C VAL A 218 -9.87 -23.54 -9.93
N THR A 219 -9.98 -22.65 -8.95
CA THR A 219 -10.67 -22.91 -7.69
C THR A 219 -11.80 -21.89 -7.56
N THR A 220 -12.98 -22.33 -7.11
CA THR A 220 -14.06 -21.42 -6.75
C THR A 220 -14.13 -21.32 -5.22
N VAL A 221 -13.98 -20.10 -4.70
CA VAL A 221 -14.14 -19.86 -3.26
C VAL A 221 -15.65 -19.86 -2.91
N LEU A 222 -16.02 -20.56 -1.84
CA LEU A 222 -17.44 -20.72 -1.50
C LEU A 222 -17.92 -19.78 -0.40
N LEU A 223 -17.05 -18.91 0.09
CA LEU A 223 -17.42 -17.99 1.16
C LEU A 223 -18.43 -16.98 0.65
N ASP A 224 -19.45 -16.69 1.44
CA ASP A 224 -20.47 -15.73 1.03
C ASP A 224 -19.96 -14.31 1.34
N GLU A 225 -20.85 -13.32 1.20
CA GLU A 225 -20.51 -11.93 1.40
C GLU A 225 -20.09 -11.63 2.85
N ASN A 226 -20.45 -12.50 3.79
CA ASN A 226 -20.04 -12.36 5.18
C ASN A 226 -18.82 -13.21 5.52
N GLY A 227 -18.23 -13.83 4.50
CA GLY A 227 -17.02 -14.63 4.66
C GLY A 227 -17.25 -16.04 5.20
N VAL A 228 -18.47 -16.54 5.06
CA VAL A 228 -18.81 -17.86 5.60
C VAL A 228 -19.19 -18.79 4.45
N GLY A 229 -18.61 -19.98 4.44
CA GLY A 229 -18.98 -21.02 3.47
C GLY A 229 -20.16 -21.86 3.98
N PRO A 230 -20.64 -22.81 3.15
CA PRO A 230 -21.65 -23.76 3.58
C PRO A 230 -21.22 -24.55 4.80
N LEU A 231 -22.16 -24.73 5.71
CA LEU A 231 -21.88 -25.37 6.99
C LEU A 231 -22.62 -26.69 6.96
N CYS A 232 -21.89 -27.77 7.15
CA CYS A 232 -22.41 -29.08 6.82
C CYS A 232 -23.23 -29.66 7.97
N LYS A 233 -24.54 -29.61 7.83
CA LYS A 233 -25.46 -30.09 8.88
C LYS A 233 -25.42 -31.61 8.95
N GLY A 234 -25.36 -32.13 10.18
CA GLY A 234 -25.18 -33.59 10.42
C GLY A 234 -23.89 -34.14 9.83
N ASP A 235 -22.88 -33.29 9.64
CA ASP A 235 -21.60 -33.67 8.98
C ASP A 235 -21.84 -34.28 7.60
N LYS A 236 -22.76 -33.69 6.84
CA LYS A 236 -23.04 -34.10 5.47
C LYS A 236 -22.79 -32.96 4.50
N LEU A 237 -22.08 -33.29 3.42
CA LEU A 237 -21.83 -32.35 2.35
C LEU A 237 -22.67 -32.76 1.14
N PHE A 238 -23.39 -31.81 0.57
CA PHE A 238 -24.24 -32.08 -0.57
C PHE A 238 -23.62 -31.55 -1.85
N LEU A 239 -23.43 -32.45 -2.82
CA LEU A 239 -22.94 -32.06 -4.13
C LEU A 239 -24.00 -32.35 -5.16
N SER A 240 -24.33 -31.33 -5.96
CA SER A 240 -25.44 -31.45 -6.92
C SER A 240 -24.93 -30.96 -8.26
N CYS A 241 -25.47 -31.52 -9.34
CA CYS A 241 -25.12 -31.00 -10.64
C CYS A 241 -26.05 -31.54 -11.73
N ALA A 242 -26.01 -30.88 -12.88
CA ALA A 242 -26.57 -31.41 -14.12
C ALA A 242 -25.60 -30.92 -15.18
N ASP A 243 -25.20 -31.80 -16.09
CA ASP A 243 -24.30 -31.42 -17.16
C ASP A 243 -24.74 -32.05 -18.48
N ILE A 244 -25.68 -31.37 -19.12
CA ILE A 244 -26.25 -31.79 -20.37
C ILE A 244 -25.41 -31.16 -21.46
N ALA A 245 -24.71 -32.02 -22.20
CA ALA A 245 -23.79 -31.59 -23.24
C ALA A 245 -24.52 -31.16 -24.50
N GLY A 246 -25.75 -31.65 -24.67
CA GLY A 246 -26.52 -31.41 -25.89
C GLY A 246 -27.27 -32.67 -26.29
N VAL A 247 -27.72 -32.74 -27.54
CA VAL A 247 -28.37 -33.97 -28.00
C VAL A 247 -27.58 -34.63 -29.09
N HIS A 248 -27.62 -35.96 -29.05
CA HIS A 248 -27.15 -36.79 -30.14
C HIS A 248 -28.30 -37.14 -31.04
N THR A 249 -28.09 -37.02 -32.35
CA THR A 249 -29.12 -37.31 -33.32
C THR A 249 -28.79 -38.61 -34.06
N ASN A 250 -29.73 -39.55 -34.06
CA ASN A 250 -29.59 -40.78 -34.81
C ASN A 250 -29.83 -40.60 -36.32
N TYR A 251 -29.38 -41.57 -37.10
CA TYR A 251 -29.65 -41.56 -38.53
C TYR A 251 -31.15 -41.43 -38.81
N SER A 252 -31.99 -42.11 -38.02
CA SER A 252 -33.45 -41.99 -38.16
C SER A 252 -34.01 -40.62 -37.70
N GLU A 253 -33.11 -39.79 -37.17
CA GLU A 253 -33.43 -38.44 -36.67
C GLU A 253 -34.08 -38.45 -35.29
N THR A 254 -34.17 -39.60 -34.64
CA THR A 254 -34.53 -39.58 -33.23
C THR A 254 -33.34 -38.95 -32.49
N GLN A 255 -33.63 -38.34 -31.36
CA GLN A 255 -32.61 -37.63 -30.59
C GLN A 255 -32.64 -38.06 -29.16
N VAL A 256 -31.45 -38.07 -28.55
CA VAL A 256 -31.29 -38.45 -27.15
C VAL A 256 -30.40 -37.42 -26.47
N TRP A 257 -30.68 -37.12 -25.21
CA TRP A 257 -29.83 -36.20 -24.48
C TRP A 257 -28.56 -36.89 -24.14
N ARG A 258 -27.45 -36.15 -24.14
CA ARG A 258 -26.16 -36.67 -23.70
C ARG A 258 -25.67 -35.88 -22.48
N GLY A 259 -25.37 -36.58 -21.39
CA GLY A 259 -24.86 -35.96 -20.16
C GLY A 259 -23.44 -36.42 -19.92
N LEU A 260 -22.70 -35.66 -19.11
CA LEU A 260 -21.35 -36.03 -18.74
C LEU A 260 -21.17 -35.98 -17.23
N PRO A 261 -20.22 -36.77 -16.72
CA PRO A 261 -20.01 -36.77 -15.27
C PRO A 261 -19.29 -35.52 -14.80
N ARG A 262 -19.41 -35.24 -13.51
CA ARG A 262 -18.72 -34.12 -12.92
C ARG A 262 -17.93 -34.58 -11.71
N TYR A 263 -16.71 -34.08 -11.61
CA TYR A 263 -15.84 -34.32 -10.49
C TYR A 263 -15.86 -33.10 -9.56
N PHE A 264 -15.76 -33.33 -8.26
CA PHE A 264 -15.69 -32.25 -7.27
C PHE A 264 -14.48 -32.54 -6.38
N ASN A 265 -13.77 -31.49 -6.00
CA ASN A 265 -12.79 -31.61 -4.93
C ASN A 265 -13.06 -30.42 -4.03
N VAL A 266 -13.47 -30.71 -2.81
CA VAL A 266 -13.93 -29.66 -1.89
C VAL A 266 -13.01 -29.61 -0.68
N THR A 267 -12.55 -28.41 -0.34
CA THR A 267 -11.79 -28.22 0.88
C THR A 267 -12.72 -27.69 1.97
N LEU A 268 -12.60 -28.29 3.15
CA LEU A 268 -13.43 -27.88 4.29
C LEU A 268 -12.57 -27.64 5.50
N ARG A 269 -13.05 -26.75 6.37
CA ARG A 269 -12.39 -26.54 7.66
C ARG A 269 -13.36 -26.67 8.84
N LYS A 270 -12.83 -27.17 9.95
CA LYS A 270 -13.59 -27.28 11.21
C LYS A 270 -13.83 -25.89 11.75
N ARG A 271 -15.06 -25.59 12.14
CA ARG A 271 -15.41 -24.32 12.74
C ARG A 271 -16.19 -24.54 14.01
N ILE A 272 -15.95 -23.67 14.97
CA ILE A 272 -16.75 -23.57 16.16
C ILE A 272 -17.98 -22.74 15.81
N VAL A 273 -19.16 -23.28 16.10
CA VAL A 273 -20.41 -22.65 15.72
C VAL A 273 -21.34 -22.67 16.92
N LYS A 274 -22.01 -21.56 17.17
CA LYS A 274 -23.03 -21.51 18.21
C LYS A 274 -24.10 -22.57 17.86
N ASN A 275 -24.46 -23.40 18.84
CA ASN A 275 -25.28 -24.58 18.60
C ASN A 275 -26.67 -24.27 18.00
N PRO A 276 -26.89 -24.64 16.73
CA PRO A 276 -28.15 -24.29 16.07
C PRO A 276 -29.28 -25.30 16.31
N TYR A 277 -29.00 -26.42 16.97
CA TYR A 277 -29.98 -27.50 17.14
C TYR A 277 -30.75 -27.38 18.44
N PRO A 278 -32.09 -27.27 18.36
CA PRO A 278 -32.95 -27.31 19.55
C PRO A 278 -32.88 -28.65 20.28
N SER B 2 27.36 18.16 -10.16
CA SER B 2 27.25 16.73 -10.59
C SER B 2 27.60 15.75 -9.46
N HIS B 3 27.24 14.48 -9.67
CA HIS B 3 27.27 13.45 -8.62
C HIS B 3 27.36 12.07 -9.23
N MET B 4 27.83 11.10 -8.44
CA MET B 4 27.73 9.68 -8.85
C MET B 4 26.29 9.20 -8.75
N GLY B 5 25.81 8.54 -9.80
CA GLY B 5 24.49 7.92 -9.77
C GLY B 5 24.40 6.70 -10.65
N GLY B 6 23.33 5.93 -10.49
CA GLY B 6 23.11 4.73 -11.29
C GLY B 6 22.44 5.03 -12.61
N VAL B 7 22.85 4.31 -13.64
CA VAL B 7 22.13 4.33 -14.92
C VAL B 7 21.92 2.87 -15.33
N GLU B 8 20.71 2.55 -15.79
CA GLU B 8 20.39 1.16 -16.13
C GLU B 8 20.85 0.89 -17.56
N VAL B 9 21.87 0.06 -17.68
CA VAL B 9 22.38 -0.37 -18.98
C VAL B 9 21.74 -1.72 -19.33
N LEU B 10 21.21 -1.84 -20.54
CA LEU B 10 20.70 -3.12 -21.01
C LEU B 10 21.85 -3.99 -21.54
N GLU B 11 21.83 -5.27 -21.19
CA GLU B 11 22.84 -6.20 -21.67
C GLU B 11 22.27 -7.62 -21.68
N VAL B 12 22.92 -8.51 -22.42
CA VAL B 12 22.57 -9.93 -22.33
C VAL B 12 22.95 -10.42 -20.94
N ARG B 13 21.95 -10.82 -20.18
CA ARG B 13 22.19 -11.44 -18.88
C ARG B 13 22.07 -12.94 -19.07
N THR B 14 23.10 -13.64 -18.63
CA THR B 14 23.01 -15.07 -18.45
C THR B 14 22.31 -15.23 -17.09
N GLY B 15 21.12 -15.82 -17.10
CA GLY B 15 20.33 -16.00 -15.88
C GLY B 15 21.13 -16.70 -14.78
N PRO B 16 20.66 -16.61 -13.52
CA PRO B 16 21.33 -17.39 -12.45
C PRO B 16 21.31 -18.89 -12.80
N ASP B 17 22.29 -19.64 -12.30
CA ASP B 17 22.39 -21.07 -12.62
C ASP B 17 21.20 -21.87 -12.10
N ALA B 18 20.47 -21.29 -11.14
CA ALA B 18 19.28 -21.93 -10.55
C ALA B 18 18.06 -21.99 -11.50
N ILE B 19 18.13 -21.25 -12.60
CA ILE B 19 17.00 -21.10 -13.51
C ILE B 19 17.36 -21.68 -14.86
N THR B 20 16.42 -22.34 -15.52
CA THR B 20 16.65 -22.77 -16.89
C THR B 20 15.38 -22.61 -17.72
N GLN B 21 15.54 -22.61 -19.03
CA GLN B 21 14.40 -22.54 -19.93
C GLN B 21 14.53 -23.63 -20.96
N ILE B 22 13.42 -24.25 -21.30
CA ILE B 22 13.43 -25.17 -22.41
C ILE B 22 12.39 -24.70 -23.42
N GLU B 23 12.66 -24.99 -24.68
CA GLU B 23 11.70 -24.76 -25.76
CA GLU B 23 11.66 -24.79 -25.71
C GLU B 23 11.48 -26.09 -26.46
N ALA B 24 10.28 -26.31 -26.95
CA ALA B 24 9.96 -27.53 -27.68
C ALA B 24 8.74 -27.26 -28.53
N TYR B 25 8.59 -28.06 -29.58
CA TYR B 25 7.36 -28.08 -30.38
C TYR B 25 6.88 -29.52 -30.53
N LEU B 26 5.56 -29.67 -30.56
CA LEU B 26 4.95 -30.96 -30.70
C LEU B 26 4.11 -30.91 -31.96
N ASN B 27 4.48 -31.73 -32.93
CA ASN B 27 3.66 -31.90 -34.13
C ASN B 27 2.37 -32.68 -33.85
N PRO B 28 1.27 -32.33 -34.56
CA PRO B 28 0.00 -33.00 -34.26
C PRO B 28 0.00 -34.49 -34.65
N ARG B 29 -0.85 -35.25 -33.97
CA ARG B 29 -0.94 -36.67 -34.22
C ARG B 29 -2.41 -37.03 -34.58
N MET B 30 -2.84 -36.56 -35.74
CA MET B 30 -4.22 -36.72 -36.20
C MET B 30 -4.50 -38.12 -36.80
N GLY B 31 -3.44 -38.85 -37.13
CA GLY B 31 -3.58 -40.21 -37.66
C GLY B 31 -2.53 -40.48 -38.71
N ASN B 32 -2.26 -39.50 -39.57
CA ASN B 32 -1.07 -39.54 -40.42
C ASN B 32 0.04 -38.82 -39.66
N ASN B 33 0.90 -39.61 -39.04
CA ASN B 33 1.75 -39.10 -37.96
C ASN B 33 3.22 -39.06 -38.33
N ILE B 34 3.51 -39.49 -39.56
CA ILE B 34 4.88 -39.60 -40.09
C ILE B 34 5.04 -38.56 -41.18
N PRO B 35 6.08 -37.70 -41.11
CA PRO B 35 6.19 -36.59 -42.07
C PRO B 35 6.31 -36.97 -43.55
N SER B 36 6.60 -38.24 -43.85
CA SER B 36 6.66 -38.70 -45.23
C SER B 36 5.27 -39.00 -45.83
N GLU B 37 4.25 -39.14 -44.97
CA GLU B 37 2.90 -39.41 -45.44
C GLU B 37 2.28 -38.20 -46.12
N ASP B 38 1.59 -38.42 -47.24
CA ASP B 38 0.95 -37.35 -47.99
C ASP B 38 0.01 -36.49 -47.14
N LEU B 39 -0.73 -37.13 -46.23
CA LEU B 39 -1.68 -36.41 -45.39
C LEU B 39 -1.17 -36.12 -43.97
N TYR B 40 0.15 -36.11 -43.81
CA TYR B 40 0.76 -35.68 -42.54
C TYR B 40 0.02 -34.47 -41.97
N GLY B 41 -0.41 -34.54 -40.71
CA GLY B 41 -1.09 -33.42 -40.05
C GLY B 41 -2.59 -33.51 -40.14
N TYR B 42 -3.08 -34.58 -40.78
CA TYR B 42 -4.50 -34.84 -40.95
C TYR B 42 -4.76 -36.30 -40.59
N SER B 43 -6.01 -36.63 -40.26
CA SER B 43 -6.37 -38.03 -40.16
C SER B 43 -6.66 -38.56 -41.58
N ASN B 44 -6.82 -39.88 -41.69
CA ASN B 44 -7.47 -40.42 -42.88
C ASN B 44 -8.96 -40.13 -42.87
N SER B 45 -9.62 -40.41 -43.99
CA SER B 45 -11.05 -40.13 -44.12
C SER B 45 -11.80 -40.76 -42.97
N ILE B 46 -12.65 -39.98 -42.34
CA ILE B 46 -13.45 -40.46 -41.21
C ILE B 46 -14.46 -41.49 -41.73
N ASN B 47 -14.38 -42.72 -41.25
CA ASN B 47 -15.39 -43.71 -41.65
C ASN B 47 -16.39 -43.83 -40.52
N THR B 48 -17.66 -43.78 -40.85
CA THR B 48 -18.70 -43.72 -39.81
C THR B 48 -19.26 -45.12 -39.54
N ALA B 49 -19.85 -45.30 -38.34
CA ALA B 49 -20.41 -46.59 -37.92
C ALA B 49 -21.48 -47.18 -38.85
N PHE B 50 -21.43 -48.48 -39.06
CA PHE B 50 -22.58 -49.19 -39.68
C PHE B 50 -23.83 -49.11 -38.80
N SER B 51 -23.65 -49.36 -37.50
CA SER B 51 -24.73 -49.38 -36.51
C SER B 51 -24.07 -49.13 -35.16
N LYS B 52 -24.84 -48.97 -34.09
CA LYS B 52 -24.20 -48.83 -32.76
C LYS B 52 -23.43 -50.11 -32.45
N ALA B 53 -24.04 -51.24 -32.78
CA ALA B 53 -23.41 -52.57 -32.63
C ALA B 53 -22.09 -52.71 -33.40
N SER B 54 -21.97 -52.00 -34.52
CA SER B 54 -20.87 -52.20 -35.45
C SER B 54 -20.23 -50.86 -35.86
N ASP B 55 -19.21 -50.48 -35.11
CA ASP B 55 -18.57 -49.16 -35.22
C ASP B 55 -17.07 -49.39 -35.12
N THR B 56 -16.41 -49.42 -36.26
CA THR B 56 -15.01 -49.82 -36.34
C THR B 56 -14.21 -48.74 -37.05
N PRO B 57 -13.73 -47.72 -36.32
CA PRO B 57 -12.94 -46.68 -36.97
C PRO B 57 -11.72 -47.28 -37.62
N ASN B 58 -11.43 -46.85 -38.86
CA ASN B 58 -10.23 -47.30 -39.56
C ASN B 58 -8.97 -46.81 -38.88
N LYS B 59 -7.87 -47.51 -39.09
CA LYS B 59 -6.61 -47.04 -38.59
C LYS B 59 -6.32 -45.62 -39.10
N ASP B 60 -5.75 -44.81 -38.22
CA ASP B 60 -5.32 -43.46 -38.56
C ASP B 60 -6.48 -42.51 -38.85
N THR B 61 -7.66 -42.83 -38.33
CA THR B 61 -8.79 -41.91 -38.44
C THR B 61 -9.06 -41.20 -37.09
N LEU B 62 -8.26 -41.51 -36.07
CA LEU B 62 -8.56 -41.05 -34.72
C LEU B 62 -7.46 -40.11 -34.20
N PRO B 63 -7.80 -38.82 -34.01
CA PRO B 63 -6.79 -37.90 -33.45
C PRO B 63 -6.37 -38.34 -32.06
N CYS B 64 -5.08 -38.21 -31.79
CA CYS B 64 -4.51 -38.67 -30.53
C CYS B 64 -3.75 -37.51 -29.89
N TYR B 65 -3.49 -37.63 -28.60
CA TYR B 65 -2.66 -36.62 -27.91
C TYR B 65 -1.22 -36.70 -28.37
N SER B 66 -0.56 -35.54 -28.42
CA SER B 66 0.87 -35.47 -28.61
C SER B 66 1.51 -35.42 -27.24
N VAL B 67 2.70 -36.01 -27.11
CA VAL B 67 3.45 -35.86 -25.87
C VAL B 67 4.93 -35.83 -26.20
N ALA B 68 5.65 -34.99 -25.48
CA ALA B 68 7.12 -35.00 -25.58
C ALA B 68 7.67 -35.02 -24.17
N VAL B 69 8.76 -35.75 -23.98
CA VAL B 69 9.46 -35.80 -22.73
C VAL B 69 10.79 -35.09 -22.96
N ILE B 70 10.99 -33.97 -22.27
CA ILE B 70 12.20 -33.19 -22.43
C ILE B 70 13.16 -33.54 -21.31
N LYS B 71 14.38 -33.92 -21.66
CA LYS B 71 15.37 -34.28 -20.66
C LYS B 71 16.01 -32.99 -20.17
N LEU B 72 15.94 -32.77 -18.86
CA LEU B 72 16.46 -31.53 -18.25
C LEU B 72 17.88 -31.77 -17.75
N PRO B 73 18.66 -30.68 -17.50
CA PRO B 73 20.02 -30.89 -17.01
C PRO B 73 19.99 -31.73 -15.74
N LEU B 74 20.92 -32.68 -15.67
CA LEU B 74 20.99 -33.63 -14.58
C LEU B 74 21.36 -32.91 -13.27
N LEU B 75 20.63 -33.21 -12.21
CA LEU B 75 20.80 -32.50 -10.95
C LEU B 75 21.44 -33.29 -9.81
N ASN B 76 21.24 -34.59 -9.78
CA ASN B 76 21.70 -35.38 -8.64
C ASN B 76 22.53 -36.55 -9.07
N GLU B 77 23.82 -36.51 -8.75
CA GLU B 77 24.65 -37.68 -9.02
C GLU B 77 24.52 -38.65 -7.83
N ASP B 78 24.03 -38.13 -6.70
CA ASP B 78 23.73 -38.94 -5.53
C ASP B 78 22.24 -38.80 -5.17
N MET B 79 21.58 -39.95 -5.01
CA MET B 79 20.15 -39.99 -4.69
C MET B 79 19.86 -40.53 -3.28
N THR B 80 20.83 -40.45 -2.39
CA THR B 80 20.67 -41.04 -1.05
C THR B 80 20.80 -40.03 0.10
N CYS B 81 20.91 -38.75 -0.22
CA CYS B 81 20.96 -37.71 0.82
C CYS B 81 19.58 -37.40 1.38
N ASP B 82 19.53 -36.63 2.47
CA ASP B 82 18.27 -36.17 3.08
C ASP B 82 17.42 -35.39 2.10
N THR B 83 18.09 -34.60 1.26
CA THR B 83 17.43 -33.80 0.26
C THR B 83 18.06 -34.08 -1.10
N ILE B 84 17.30 -33.83 -2.15
CA ILE B 84 17.78 -33.86 -3.52
C ILE B 84 17.34 -32.58 -4.20
N LEU B 85 17.89 -32.31 -5.37
CA LEU B 85 17.44 -31.20 -6.19
C LEU B 85 16.47 -31.67 -7.26
N MET B 86 15.49 -30.83 -7.58
CA MET B 86 14.50 -31.08 -8.62
C MET B 86 14.24 -29.79 -9.35
N TRP B 87 13.97 -29.90 -10.65
CA TRP B 87 13.50 -28.78 -11.42
C TRP B 87 12.05 -28.57 -11.13
N GLU B 88 11.67 -27.31 -10.88
CA GLU B 88 10.28 -26.95 -10.66
C GLU B 88 9.86 -26.08 -11.83
N ALA B 89 8.84 -26.51 -12.57
CA ALA B 89 8.33 -25.70 -13.70
C ALA B 89 7.50 -24.56 -13.15
N VAL B 90 7.86 -23.31 -13.46
CA VAL B 90 7.17 -22.18 -12.82
C VAL B 90 6.25 -21.39 -13.74
N SER B 91 6.57 -21.37 -15.03
CA SER B 91 5.73 -20.70 -16.01
C SER B 91 5.94 -21.30 -17.40
N VAL B 92 4.98 -21.03 -18.27
CA VAL B 92 5.05 -21.52 -19.64
C VAL B 92 4.47 -20.46 -20.58
N LYS B 93 5.12 -20.30 -21.74
CA LYS B 93 4.52 -19.60 -22.86
C LYS B 93 4.26 -20.68 -23.89
N THR B 94 3.06 -20.69 -24.46
CA THR B 94 2.76 -21.73 -25.45
C THR B 94 1.91 -21.13 -26.55
N GLU B 95 2.06 -21.63 -27.77
CA GLU B 95 1.41 -21.07 -28.93
C GLU B 95 1.05 -22.18 -29.91
N VAL B 96 -0.14 -22.10 -30.51
CA VAL B 96 -0.46 -22.97 -31.63
C VAL B 96 0.19 -22.37 -32.89
N VAL B 97 0.95 -23.18 -33.62
CA VAL B 97 1.73 -22.71 -34.76
C VAL B 97 0.96 -23.05 -36.03
N GLY B 98 1.10 -22.22 -37.07
CA GLY B 98 0.47 -22.53 -38.35
C GLY B 98 -1.01 -22.22 -38.43
N ILE B 99 -1.48 -21.34 -37.55
CA ILE B 99 -2.87 -20.89 -37.58
C ILE B 99 -3.17 -20.24 -38.94
N SER B 100 -2.21 -19.47 -39.46
CA SER B 100 -2.40 -18.76 -40.72
C SER B 100 -2.61 -19.73 -41.91
N SER B 101 -2.14 -20.96 -41.78
CA SER B 101 -2.31 -21.96 -42.86
C SER B 101 -3.78 -22.29 -43.13
N LEU B 102 -4.64 -21.97 -42.18
CA LEU B 102 -6.08 -22.18 -42.35
C LEU B 102 -6.72 -21.09 -43.21
N VAL B 103 -5.98 -19.99 -43.45
CA VAL B 103 -6.44 -18.83 -44.22
C VAL B 103 -6.18 -19.11 -45.71
N ASN B 104 -6.97 -20.03 -46.25
CA ASN B 104 -6.66 -20.67 -47.51
C ASN B 104 -7.99 -21.17 -48.05
N LEU B 105 -8.43 -20.58 -49.15
CA LEU B 105 -9.68 -20.97 -49.76
C LEU B 105 -9.47 -21.59 -51.15
N HIS B 106 -8.22 -21.86 -51.51
CA HIS B 106 -7.90 -22.44 -52.82
C HIS B 106 -7.64 -23.93 -52.74
N GLN B 107 -7.39 -24.43 -51.54
CA GLN B 107 -7.17 -25.85 -51.34
C GLN B 107 -8.39 -26.60 -51.85
N GLY B 108 -8.18 -27.72 -52.55
CA GLY B 108 -9.31 -28.45 -53.14
C GLY B 108 -10.25 -28.98 -52.07
N GLY B 109 -11.55 -28.79 -52.28
CA GLY B 109 -12.55 -29.32 -51.37
C GLY B 109 -13.99 -29.06 -51.80
N LYS B 110 -14.85 -29.01 -50.81
CA LYS B 110 -16.24 -28.65 -51.01
C LYS B 110 -16.29 -27.17 -51.33
N TYR B 111 -17.16 -26.75 -52.24
CA TYR B 111 -17.22 -25.33 -52.58
C TYR B 111 -18.11 -24.60 -51.60
N ILE B 112 -17.75 -23.36 -51.29
CA ILE B 112 -18.58 -22.50 -50.45
C ILE B 112 -19.95 -22.25 -51.07
N TYR B 113 -19.95 -21.80 -52.32
CA TYR B 113 -21.21 -21.59 -53.03
C TYR B 113 -21.34 -22.56 -54.21
N GLY B 114 -20.76 -22.24 -55.35
CA GLY B 114 -20.69 -23.18 -56.47
C GLY B 114 -19.24 -23.39 -56.90
N SER B 115 -19.08 -24.01 -58.07
CA SER B 115 -17.75 -24.35 -58.56
CA SER B 115 -17.77 -24.34 -58.61
C SER B 115 -16.89 -23.14 -58.93
N SER B 116 -17.47 -21.94 -58.90
CA SER B 116 -16.68 -20.73 -59.15
C SER B 116 -16.12 -20.10 -57.86
N SER B 117 -16.60 -20.55 -56.72
CA SER B 117 -16.29 -19.92 -55.43
C SER B 117 -15.06 -20.53 -54.78
N GLY B 118 -14.65 -19.99 -53.64
CA GLY B 118 -13.58 -20.59 -52.87
C GLY B 118 -14.09 -21.87 -52.22
N CYS B 119 -13.18 -22.65 -51.65
CA CYS B 119 -13.56 -23.89 -51.00
C CYS B 119 -13.73 -23.71 -49.51
N VAL B 120 -14.58 -24.55 -48.92
CA VAL B 120 -14.93 -24.47 -47.50
C VAL B 120 -13.65 -24.73 -46.73
N PRO B 121 -13.28 -23.81 -45.81
CA PRO B 121 -12.06 -24.04 -45.04
C PRO B 121 -12.28 -25.04 -43.88
N VAL B 122 -11.25 -25.25 -43.07
CA VAL B 122 -11.32 -26.16 -41.94
C VAL B 122 -12.34 -25.61 -40.96
N GLN B 123 -13.28 -26.44 -40.53
CA GLN B 123 -14.26 -26.01 -39.55
C GLN B 123 -14.88 -27.21 -38.83
N GLY B 124 -15.79 -26.93 -37.88
CA GLY B 124 -16.41 -27.99 -37.12
C GLY B 124 -15.78 -28.05 -35.74
N THR B 125 -15.78 -29.23 -35.17
CA THR B 125 -15.36 -29.43 -33.78
C THR B 125 -13.90 -29.06 -33.61
N THR B 126 -13.59 -28.35 -32.53
CA THR B 126 -12.22 -27.99 -32.21
C THR B 126 -11.92 -28.39 -30.79
N TYR B 127 -10.64 -28.65 -30.52
CA TYR B 127 -10.25 -29.15 -29.21
C TYR B 127 -8.81 -28.75 -29.01
N HIS B 128 -8.56 -27.93 -27.99
CA HIS B 128 -7.22 -27.39 -27.78
C HIS B 128 -6.88 -27.57 -26.35
N MET B 129 -5.82 -28.32 -26.10
CA MET B 129 -5.41 -28.58 -24.74
C MET B 129 -3.90 -28.65 -24.69
N PHE B 130 -3.35 -28.22 -23.55
CA PHE B 130 -1.94 -28.43 -23.29
C PHE B 130 -1.76 -28.73 -21.81
N ALA B 131 -0.69 -29.46 -21.51
CA ALA B 131 -0.37 -29.77 -20.13
C ALA B 131 1.15 -29.68 -19.99
N VAL B 132 1.58 -29.23 -18.81
CA VAL B 132 2.98 -29.22 -18.46
C VAL B 132 3.06 -29.92 -17.11
N GLY B 133 3.95 -30.91 -17.00
CA GLY B 133 3.95 -31.77 -15.83
C GLY B 133 5.29 -32.38 -15.55
N GLY B 134 5.44 -32.88 -14.33
CA GLY B 134 6.71 -33.47 -13.89
C GLY B 134 6.70 -34.97 -14.02
N GLU B 135 5.65 -35.47 -14.67
CA GLU B 135 5.41 -36.90 -14.88
C GLU B 135 4.30 -37.00 -15.93
N PRO B 136 4.01 -38.21 -16.44
CA PRO B 136 2.99 -38.33 -17.50
C PRO B 136 1.65 -37.78 -17.06
N LEU B 137 0.95 -37.13 -17.96
CA LEU B 137 -0.42 -36.72 -17.70
C LEU B 137 -1.26 -37.95 -17.42
N GLU B 138 -2.04 -37.90 -16.35
CA GLU B 138 -2.91 -39.03 -15.98
C GLU B 138 -4.28 -38.85 -16.63
N LEU B 139 -4.77 -39.93 -17.24
CA LEU B 139 -5.96 -39.90 -18.11
C LEU B 139 -7.09 -40.72 -17.53
N GLN B 140 -8.31 -40.28 -17.83
CA GLN B 140 -9.53 -40.98 -17.48
C GLN B 140 -10.19 -41.35 -18.81
N GLY B 141 -10.63 -42.61 -18.92
CA GLY B 141 -11.31 -43.06 -20.12
C GLY B 141 -12.80 -42.76 -20.06
N LEU B 142 -13.33 -42.22 -21.15
CA LEU B 142 -14.76 -42.06 -21.28
C LEU B 142 -15.08 -41.92 -22.77
N VAL B 143 -15.99 -42.76 -23.25
CA VAL B 143 -16.30 -42.81 -24.67
C VAL B 143 -17.76 -42.50 -24.96
N ALA B 144 -18.03 -42.07 -26.19
CA ALA B 144 -19.40 -41.81 -26.62
C ALA B 144 -20.19 -43.13 -26.73
N SER B 145 -19.49 -44.19 -27.11
CA SER B 145 -20.13 -45.50 -27.29
C SER B 145 -19.22 -46.66 -26.93
N SER B 146 -19.67 -47.48 -25.99
CA SER B 146 -18.88 -48.59 -25.52
C SER B 146 -18.81 -49.74 -26.54
N THR B 147 -19.57 -49.66 -27.62
CA THR B 147 -19.56 -50.76 -28.57
C THR B 147 -18.69 -50.47 -29.79
N ALA B 148 -18.00 -49.34 -29.80
CA ALA B 148 -16.96 -49.11 -30.80
C ALA B 148 -15.82 -50.12 -30.65
N THR B 149 -15.28 -50.59 -31.76
CA THR B 149 -14.09 -51.41 -31.76
C THR B 149 -12.91 -50.52 -32.19
N TYR B 150 -12.02 -50.22 -31.26
CA TYR B 150 -10.83 -49.42 -31.56
C TYR B 150 -9.71 -50.25 -32.18
N PRO B 151 -8.96 -49.65 -33.13
CA PRO B 151 -7.93 -50.43 -33.83
C PRO B 151 -6.72 -50.74 -32.93
N ASP B 152 -5.88 -51.68 -33.33
CA ASP B 152 -4.76 -52.10 -32.48
C ASP B 152 -3.57 -51.14 -32.47
N ASP B 153 -3.66 -50.01 -33.18
CA ASP B 153 -2.56 -49.04 -33.17
C ASP B 153 -2.83 -47.87 -32.23
N VAL B 154 -3.94 -47.95 -31.49
CA VAL B 154 -4.23 -46.97 -30.45
C VAL B 154 -4.47 -47.69 -29.12
N VAL B 155 -4.22 -46.98 -28.03
CA VAL B 155 -4.52 -47.50 -26.71
C VAL B 155 -5.93 -47.11 -26.34
N ALA B 156 -6.77 -48.08 -26.09
CA ALA B 156 -8.14 -47.77 -25.72
C ALA B 156 -8.44 -48.35 -24.35
N ILE B 157 -9.69 -48.26 -23.94
CA ILE B 157 -10.11 -48.76 -22.64
C ILE B 157 -10.15 -50.27 -22.65
N LYS B 158 -9.46 -50.89 -21.69
CA LYS B 158 -9.49 -52.36 -21.53
C LYS B 158 -10.88 -52.83 -21.06
N ASN B 159 -11.39 -53.92 -21.65
CA ASN B 159 -12.68 -54.54 -21.28
C ASN B 159 -13.83 -53.53 -21.25
N MET B 160 -13.94 -52.73 -22.30
CA MET B 160 -14.90 -51.66 -22.35
C MET B 160 -16.33 -52.20 -22.23
N LYS B 161 -17.13 -51.51 -21.42
CA LYS B 161 -18.54 -51.87 -21.26
CA LYS B 161 -18.52 -51.88 -21.17
C LYS B 161 -19.38 -50.60 -21.22
N PRO B 162 -20.73 -50.72 -21.22
CA PRO B 162 -21.53 -49.50 -21.27
C PRO B 162 -21.23 -48.49 -20.15
N GLY B 163 -20.76 -48.97 -19.01
CA GLY B 163 -20.29 -48.09 -17.93
C GLY B 163 -19.25 -47.08 -18.35
N ASN B 164 -18.52 -47.38 -19.43
CA ASN B 164 -17.51 -46.46 -19.92
C ASN B 164 -18.05 -45.26 -20.69
N GLN B 165 -19.36 -45.21 -20.86
CA GLN B 165 -20.04 -44.01 -21.41
C GLN B 165 -20.21 -42.93 -20.34
N GLY B 166 -19.94 -43.32 -19.10
CA GLY B 166 -19.81 -42.39 -17.98
C GLY B 166 -18.45 -42.62 -17.35
N LEU B 167 -18.29 -42.19 -16.10
CA LEU B 167 -17.00 -42.29 -15.46
C LEU B 167 -16.92 -43.60 -14.67
N ASP B 168 -16.03 -44.48 -15.14
CA ASP B 168 -15.69 -45.71 -14.43
C ASP B 168 -14.27 -45.53 -13.98
N PRO B 169 -14.03 -45.63 -12.66
CA PRO B 169 -12.70 -45.29 -12.17
C PRO B 169 -11.64 -46.33 -12.55
N LYS B 170 -12.03 -47.51 -13.04
CA LYS B 170 -11.06 -48.48 -13.58
C LYS B 170 -10.42 -48.05 -14.92
N ALA B 171 -11.08 -47.20 -15.69
CA ALA B 171 -10.56 -46.77 -17.00
C ALA B 171 -9.57 -45.63 -16.82
N LYS B 172 -8.33 -45.97 -16.50
CA LYS B 172 -7.32 -44.95 -16.23
C LYS B 172 -6.06 -45.30 -16.99
N ALA B 173 -5.28 -44.30 -17.37
CA ALA B 173 -4.05 -44.54 -18.14
C ALA B 173 -3.11 -43.36 -17.96
N LEU B 174 -1.87 -43.52 -18.41
CA LEU B 174 -0.90 -42.44 -18.41
C LEU B 174 -0.64 -42.07 -19.85
N LEU B 175 -0.56 -40.78 -20.13
CA LEU B 175 -0.18 -40.30 -21.45
C LEU B 175 1.34 -40.44 -21.62
N ASP B 176 1.76 -41.65 -21.94
CA ASP B 176 3.16 -42.01 -21.99
C ASP B 176 3.60 -42.44 -23.42
N LYS B 177 2.72 -42.27 -24.41
CA LYS B 177 3.03 -42.60 -25.81
C LYS B 177 2.53 -41.49 -26.73
N ASP B 178 3.42 -40.96 -27.57
CA ASP B 178 3.05 -39.90 -28.50
C ASP B 178 2.16 -40.47 -29.59
N GLY B 179 1.01 -39.85 -29.83
CA GLY B 179 0.15 -40.22 -30.94
C GLY B 179 -0.55 -41.56 -30.84
N LYS B 180 -0.76 -42.06 -29.63
CA LYS B 180 -1.38 -43.37 -29.46
C LYS B 180 -2.65 -43.36 -28.62
N TYR B 181 -2.88 -42.29 -27.86
CA TYR B 181 -4.06 -42.20 -27.00
C TYR B 181 -5.11 -41.33 -27.66
N PRO B 182 -6.24 -41.93 -28.14
CA PRO B 182 -7.22 -41.08 -28.81
C PRO B 182 -7.85 -40.06 -27.91
N VAL B 183 -8.04 -38.89 -28.48
CA VAL B 183 -8.77 -37.79 -27.87
C VAL B 183 -10.18 -38.22 -27.49
N GLU B 184 -10.83 -39.01 -28.33
CA GLU B 184 -12.23 -39.33 -28.08
C GLU B 184 -12.43 -40.40 -27.01
N VAL B 185 -11.33 -40.98 -26.56
CA VAL B 185 -11.37 -42.05 -25.55
C VAL B 185 -10.90 -41.52 -24.18
N TRP B 186 -9.94 -40.60 -24.19
CA TRP B 186 -9.19 -40.22 -22.99
C TRP B 186 -9.25 -38.75 -22.74
N CYS B 187 -9.44 -38.38 -21.47
CA CYS B 187 -9.37 -36.96 -21.08
C CYS B 187 -8.52 -36.85 -19.80
N PRO B 188 -8.10 -35.64 -19.43
CA PRO B 188 -7.30 -35.53 -18.21
C PRO B 188 -8.10 -35.98 -17.00
N ASP B 189 -7.46 -36.72 -16.10
CA ASP B 189 -8.14 -37.23 -14.91
C ASP B 189 -8.07 -36.17 -13.81
N PRO B 190 -9.21 -35.51 -13.48
CA PRO B 190 -9.08 -34.43 -12.50
C PRO B 190 -8.90 -34.94 -11.08
N SER B 191 -9.08 -36.23 -10.83
CA SER B 191 -8.88 -36.77 -9.50
C SER B 191 -7.40 -37.04 -9.21
N LYS B 192 -6.53 -36.89 -10.21
CA LYS B 192 -5.09 -37.04 -9.98
C LYS B 192 -4.40 -35.81 -10.55
N ASN B 193 -3.25 -35.98 -11.20
CA ASN B 193 -2.56 -34.85 -11.84
C ASN B 193 -2.16 -33.71 -10.88
N GLU B 194 -1.83 -34.07 -9.65
CA GLU B 194 -1.31 -33.11 -8.68
C GLU B 194 0.01 -32.49 -9.15
N ASN B 195 0.77 -33.21 -9.97
CA ASN B 195 2.08 -32.77 -10.43
C ASN B 195 2.12 -32.32 -11.90
N THR B 196 0.94 -31.97 -12.42
CA THR B 196 0.76 -31.50 -13.77
C THR B 196 -0.23 -30.33 -13.76
N ARG B 197 -0.06 -29.40 -14.69
CA ARG B 197 -1.08 -28.37 -14.91
C ARG B 197 -1.59 -28.58 -16.32
N TYR B 198 -2.90 -28.71 -16.48
CA TYR B 198 -3.48 -28.82 -17.81
C TYR B 198 -4.59 -27.81 -18.00
N TYR B 199 -4.82 -27.46 -19.28
CA TYR B 199 -5.76 -26.40 -19.68
C TYR B 199 -6.36 -26.83 -21.00
N GLY B 200 -7.67 -26.73 -21.12
CA GLY B 200 -8.30 -27.22 -22.34
C GLY B 200 -9.54 -26.44 -22.72
N SER B 201 -9.82 -26.43 -24.01
CA SER B 201 -10.96 -25.71 -24.51
C SER B 201 -11.53 -26.49 -25.66
N PHE B 202 -12.84 -26.70 -25.62
CA PHE B 202 -13.56 -27.49 -26.61
C PHE B 202 -14.71 -26.67 -27.16
N THR B 203 -14.92 -26.73 -28.49
CA THR B 203 -16.11 -26.16 -29.10
C THR B 203 -16.56 -27.20 -30.10
N GLY B 204 -17.82 -27.58 -30.05
CA GLY B 204 -18.27 -28.70 -30.88
C GLY B 204 -18.95 -28.17 -32.13
N GLY B 205 -19.96 -28.89 -32.56
CA GLY B 205 -20.79 -28.47 -33.68
C GLY B 205 -20.28 -29.03 -35.00
N ALA B 206 -21.19 -29.20 -35.94
CA ALA B 206 -20.88 -29.79 -37.23
C ALA B 206 -19.97 -28.90 -38.11
N THR B 207 -20.26 -27.59 -38.15
CA THR B 207 -19.60 -26.71 -39.11
C THR B 207 -19.10 -25.39 -38.49
N THR B 208 -18.89 -25.39 -37.18
CA THR B 208 -18.51 -24.18 -36.43
C THR B 208 -17.19 -23.56 -36.88
N PRO B 209 -17.17 -22.23 -37.05
CA PRO B 209 -15.90 -21.55 -37.39
C PRO B 209 -14.88 -21.71 -36.27
N PRO B 210 -13.63 -22.05 -36.61
CA PRO B 210 -12.62 -22.08 -35.56
C PRO B 210 -12.21 -20.66 -35.18
N VAL B 211 -11.76 -20.48 -33.95
CA VAL B 211 -11.34 -19.19 -33.40
C VAL B 211 -10.05 -19.45 -32.67
N MET B 212 -8.99 -18.73 -33.04
CA MET B 212 -7.70 -18.93 -32.38
C MET B 212 -6.95 -17.62 -32.28
N GLN B 213 -6.20 -17.48 -31.20
CA GLN B 213 -5.35 -16.32 -30.92
CA GLN B 213 -5.33 -16.33 -31.05
C GLN B 213 -3.89 -16.78 -30.94
N PHE B 214 -2.98 -15.85 -31.21
CA PHE B 214 -1.56 -16.12 -31.11
C PHE B 214 -0.84 -14.84 -30.72
N THR B 215 0.09 -14.97 -29.79
CA THR B 215 0.86 -13.82 -29.36
C THR B 215 2.10 -14.38 -28.68
N ASN B 216 3.16 -13.60 -28.58
CA ASN B 216 4.30 -14.01 -27.78
C ASN B 216 4.37 -13.20 -26.47
N SER B 217 3.26 -12.56 -26.10
CA SER B 217 3.21 -11.66 -24.93
C SER B 217 2.62 -12.31 -23.67
N VAL B 218 2.17 -13.56 -23.76
CA VAL B 218 1.35 -14.17 -22.69
C VAL B 218 2.05 -15.35 -22.00
N THR B 219 2.11 -15.27 -20.68
CA THR B 219 2.74 -16.29 -19.85
C THR B 219 1.68 -16.87 -18.92
N THR B 220 1.70 -18.19 -18.73
CA THR B 220 0.85 -18.83 -17.73
C THR B 220 1.74 -19.28 -16.59
N VAL B 221 1.37 -18.90 -15.37
CA VAL B 221 2.11 -19.29 -14.17
C VAL B 221 1.64 -20.68 -13.76
N LEU B 222 2.59 -21.56 -13.45
CA LEU B 222 2.31 -22.98 -13.20
C LEU B 222 2.24 -23.33 -11.72
N LEU B 223 2.43 -22.32 -10.87
CA LEU B 223 2.38 -22.55 -9.43
C LEU B 223 0.95 -22.90 -9.03
N ASP B 224 0.80 -23.89 -8.16
CA ASP B 224 -0.52 -24.28 -7.63
C ASP B 224 -0.90 -23.38 -6.45
N GLU B 225 -1.97 -23.72 -5.75
CA GLU B 225 -2.46 -22.93 -4.63
C GLU B 225 -1.49 -22.86 -3.45
N ASN B 226 -0.52 -23.76 -3.42
CA ASN B 226 0.49 -23.74 -2.37
C ASN B 226 1.76 -23.06 -2.82
N GLY B 227 1.72 -22.45 -4.00
CA GLY B 227 2.88 -21.78 -4.56
C GLY B 227 3.93 -22.72 -5.10
N VAL B 228 3.55 -23.94 -5.50
CA VAL B 228 4.51 -24.93 -6.00
C VAL B 228 4.17 -25.35 -7.42
N GLY B 229 5.18 -25.33 -8.29
CA GLY B 229 4.99 -25.79 -9.65
C GLY B 229 5.22 -27.29 -9.82
N PRO B 230 4.94 -27.83 -11.02
CA PRO B 230 5.28 -29.23 -11.27
C PRO B 230 6.76 -29.50 -11.00
N LEU B 231 7.03 -30.61 -10.32
CA LEU B 231 8.38 -31.04 -9.98
C LEU B 231 8.79 -32.20 -10.88
N CYS B 232 9.91 -32.03 -11.55
CA CYS B 232 10.27 -32.95 -12.63
C CYS B 232 10.98 -34.20 -12.14
N LYS B 233 10.23 -35.29 -12.01
CA LYS B 233 10.78 -36.58 -11.57
C LYS B 233 11.82 -37.09 -12.55
N GLY B 234 12.96 -37.51 -12.02
CA GLY B 234 14.10 -37.98 -12.84
C GLY B 234 14.62 -36.95 -13.84
N ASP B 235 14.39 -35.67 -13.56
CA ASP B 235 14.80 -34.56 -14.46
C ASP B 235 14.16 -34.67 -15.85
N LYS B 236 12.87 -35.02 -15.88
CA LYS B 236 12.12 -35.08 -17.13
C LYS B 236 10.89 -34.19 -17.06
N LEU B 237 10.71 -33.40 -18.09
CA LEU B 237 9.58 -32.50 -18.20
C LEU B 237 8.62 -33.07 -19.24
N PHE B 238 7.37 -33.30 -18.84
CA PHE B 238 6.37 -33.86 -19.76
C PHE B 238 5.51 -32.74 -20.33
N LEU B 239 5.45 -32.68 -21.65
CA LEU B 239 4.61 -31.69 -22.35
C LEU B 239 3.60 -32.45 -23.22
N SER B 240 2.33 -32.12 -23.05
CA SER B 240 1.28 -32.87 -23.69
C SER B 240 0.37 -31.88 -24.39
N CYS B 241 -0.25 -32.29 -25.48
CA CYS B 241 -1.27 -31.43 -26.06
C CYS B 241 -2.12 -32.12 -27.09
N ALA B 242 -3.16 -31.43 -27.50
CA ALA B 242 -3.95 -31.81 -28.68
C ALA B 242 -4.48 -30.51 -29.23
N ASP B 243 -4.30 -30.28 -30.53
CA ASP B 243 -4.80 -29.06 -31.17
C ASP B 243 -5.49 -29.37 -32.50
N ILE B 244 -6.75 -29.76 -32.37
CA ILE B 244 -7.59 -30.11 -33.48
C ILE B 244 -8.27 -28.83 -33.91
N ALA B 245 -7.95 -28.40 -35.12
CA ALA B 245 -8.43 -27.13 -35.64
C ALA B 245 -9.83 -27.24 -36.20
N GLY B 246 -10.20 -28.46 -36.62
CA GLY B 246 -11.51 -28.76 -37.16
C GLY B 246 -11.40 -29.88 -38.17
N VAL B 247 -12.34 -29.98 -39.10
CA VAL B 247 -12.22 -30.95 -40.18
C VAL B 247 -12.14 -30.28 -41.55
N HIS B 248 -11.35 -30.88 -42.44
CA HIS B 248 -11.35 -30.51 -43.85
C HIS B 248 -12.29 -31.42 -44.61
N THR B 249 -13.14 -30.83 -45.45
CA THR B 249 -14.10 -31.60 -46.22
C THR B 249 -13.64 -31.64 -47.66
N ASN B 250 -13.55 -32.85 -48.20
CA ASN B 250 -13.18 -33.02 -49.61
C ASN B 250 -14.35 -32.80 -50.54
N TYR B 251 -14.04 -32.60 -51.81
CA TYR B 251 -15.12 -32.50 -52.81
C TYR B 251 -16.11 -33.67 -52.73
N SER B 252 -15.60 -34.88 -52.52
CA SER B 252 -16.45 -36.07 -52.37
C SER B 252 -17.25 -36.08 -51.06
N GLU B 253 -17.00 -35.07 -50.22
CA GLU B 253 -17.61 -34.94 -48.88
C GLU B 253 -17.05 -35.90 -47.82
N THR B 254 -16.00 -36.65 -48.16
CA THR B 254 -15.21 -37.30 -47.10
C THR B 254 -14.54 -36.20 -46.27
N GLN B 255 -14.32 -36.49 -44.98
CA GLN B 255 -13.79 -35.47 -44.06
C GLN B 255 -12.61 -36.03 -43.31
N VAL B 256 -11.64 -35.17 -43.06
CA VAL B 256 -10.44 -35.54 -42.32
C VAL B 256 -10.20 -34.49 -41.23
N TRP B 257 -9.75 -34.94 -40.07
CA TRP B 257 -9.36 -34.01 -39.01
C TRP B 257 -8.10 -33.29 -39.40
N ARG B 258 -8.01 -32.02 -39.02
CA ARG B 258 -6.79 -31.25 -39.24
C ARG B 258 -6.25 -30.80 -37.88
N GLY B 259 -4.99 -31.09 -37.62
CA GLY B 259 -4.33 -30.69 -36.36
C GLY B 259 -3.24 -29.69 -36.64
N LEU B 260 -2.84 -28.95 -35.61
CA LEU B 260 -1.76 -27.99 -35.70
C LEU B 260 -0.71 -28.24 -34.63
N PRO B 261 0.55 -27.88 -34.89
CA PRO B 261 1.61 -28.08 -33.90
C PRO B 261 1.52 -27.06 -32.80
N ARG B 262 2.12 -27.39 -31.65
CA ARG B 262 2.13 -26.45 -30.55
C ARG B 262 3.55 -26.28 -30.05
N TYR B 263 3.90 -25.04 -29.75
CA TYR B 263 5.21 -24.67 -29.24
C TYR B 263 5.09 -24.44 -27.74
N PHE B 264 6.10 -24.86 -26.99
CA PHE B 264 6.18 -24.61 -25.55
C PHE B 264 7.50 -23.91 -25.23
N ASN B 265 7.46 -22.99 -24.28
CA ASN B 265 8.65 -22.41 -23.70
C ASN B 265 8.40 -22.41 -22.20
N VAL B 266 9.13 -23.26 -21.48
CA VAL B 266 8.92 -23.48 -20.05
C VAL B 266 10.13 -22.95 -19.26
N THR B 267 9.85 -22.18 -18.21
CA THR B 267 10.89 -21.70 -17.31
C THR B 267 10.87 -22.59 -16.07
N LEU B 268 12.04 -23.09 -15.70
CA LEU B 268 12.13 -23.91 -14.50
C LEU B 268 13.19 -23.37 -13.54
N ARG B 269 13.02 -23.70 -12.26
CA ARG B 269 14.00 -23.35 -11.24
C ARG B 269 14.37 -24.56 -10.40
N LYS B 270 15.63 -24.61 -9.96
CA LYS B 270 16.11 -25.68 -9.10
C LYS B 270 15.56 -25.49 -7.70
N ARG B 271 15.01 -26.57 -7.13
CA ARG B 271 14.54 -26.56 -5.76
C ARG B 271 15.19 -27.68 -4.98
N ILE B 272 15.48 -27.40 -3.72
CA ILE B 272 15.81 -28.44 -2.75
C ILE B 272 14.51 -29.10 -2.27
N VAL B 273 14.50 -30.43 -2.36
CA VAL B 273 13.32 -31.22 -2.07
C VAL B 273 13.73 -32.33 -1.11
N LYS B 274 12.91 -32.56 -0.08
CA LYS B 274 13.12 -33.68 0.81
C LYS B 274 13.03 -34.97 0.00
N ASN B 275 14.01 -35.85 0.19
CA ASN B 275 14.14 -37.07 -0.59
C ASN B 275 12.99 -38.07 -0.34
N PRO B 276 12.26 -38.48 -1.40
CA PRO B 276 11.18 -39.46 -1.26
C PRO B 276 11.65 -40.88 -0.92
N TYR B 277 12.88 -41.22 -1.26
CA TYR B 277 13.41 -42.59 -1.03
C TYR B 277 14.01 -42.80 0.36
N SER C 2 -3.96 33.94 0.05
CA SER C 2 -3.09 34.10 1.25
C SER C 2 -1.79 33.26 1.22
N HIS C 3 -1.73 32.19 0.41
CA HIS C 3 -0.52 31.35 0.36
C HIS C 3 0.00 31.05 -1.03
N MET C 4 1.32 30.89 -1.14
CA MET C 4 1.92 30.38 -2.39
C MET C 4 1.58 28.89 -2.56
N GLY C 5 1.11 28.54 -3.75
CA GLY C 5 0.71 27.18 -4.04
C GLY C 5 0.79 26.89 -5.52
N GLY C 6 0.72 25.61 -5.88
CA GLY C 6 0.80 25.20 -7.27
C GLY C 6 -0.57 25.18 -7.93
N VAL C 7 -0.60 25.47 -9.22
CA VAL C 7 -1.82 25.32 -10.03
C VAL C 7 -1.40 24.69 -11.37
N GLU C 8 -2.15 23.70 -11.81
CA GLU C 8 -1.75 22.97 -13.00
C GLU C 8 -2.29 23.66 -14.26
N VAL C 9 -1.38 24.26 -15.02
CA VAL C 9 -1.69 24.91 -16.29
C VAL C 9 -1.47 23.92 -17.43
N LEU C 10 -2.40 23.84 -18.37
CA LEU C 10 -2.20 22.97 -19.53
C LEU C 10 -1.46 23.72 -20.65
N GLU C 11 -0.44 23.07 -21.20
CA GLU C 11 0.29 23.67 -22.32
C GLU C 11 0.85 22.60 -23.24
N VAL C 12 1.27 23.02 -24.43
CA VAL C 12 1.93 22.12 -25.36
C VAL C 12 3.30 21.82 -24.77
N ARG C 13 3.51 20.54 -24.47
CA ARG C 13 4.76 20.07 -23.89
C ARG C 13 5.50 19.31 -24.95
N THR C 14 6.76 19.64 -25.13
CA THR C 14 7.60 18.85 -26.00
C THR C 14 8.26 17.80 -25.12
N GLY C 15 8.14 16.53 -25.50
CA GLY C 15 8.67 15.41 -24.70
C GLY C 15 10.15 15.56 -24.42
N PRO C 16 10.69 14.80 -23.44
CA PRO C 16 12.15 14.85 -23.29
C PRO C 16 12.86 14.30 -24.53
N ASP C 17 14.11 14.73 -24.71
CA ASP C 17 14.93 14.31 -25.86
C ASP C 17 15.07 12.79 -25.96
N ALA C 18 14.93 12.11 -24.83
CA ALA C 18 15.13 10.68 -24.75
C ALA C 18 13.97 9.83 -25.30
N ILE C 19 12.87 10.50 -25.63
CA ILE C 19 11.65 9.83 -26.08
C ILE C 19 11.29 10.32 -27.46
N THR C 20 10.85 9.42 -28.33
CA THR C 20 10.36 9.82 -29.64
C THR C 20 9.10 9.02 -29.97
N GLN C 21 8.32 9.55 -30.90
CA GLN C 21 7.12 8.90 -31.38
C GLN C 21 7.18 8.82 -32.88
N ILE C 22 6.71 7.72 -33.44
CA ILE C 22 6.54 7.62 -34.87
C ILE C 22 5.11 7.21 -35.19
N GLU C 23 4.62 7.69 -36.34
CA GLU C 23 3.33 7.28 -36.87
C GLU C 23 3.55 6.62 -38.20
N ALA C 24 2.77 5.60 -38.52
CA ALA C 24 2.84 5.03 -39.85
C ALA C 24 1.56 4.29 -40.18
N TYR C 25 1.32 4.05 -41.46
CA TYR C 25 0.21 3.21 -41.88
C TYR C 25 0.70 2.23 -42.93
N LEU C 26 0.13 1.03 -42.92
CA LEU C 26 0.52 -0.01 -43.86
C LEU C 26 -0.71 -0.38 -44.62
N ASN C 27 -0.67 -0.16 -45.93
CA ASN C 27 -1.78 -0.58 -46.79
C ASN C 27 -1.78 -2.09 -46.99
N PRO C 28 -2.99 -2.69 -47.17
CA PRO C 28 -3.09 -4.16 -47.30
C PRO C 28 -2.43 -4.71 -48.57
N ARG C 29 -1.97 -5.96 -48.49
CA ARG C 29 -1.33 -6.59 -49.63
C ARG C 29 -2.03 -7.91 -49.94
N MET C 30 -3.24 -7.78 -50.45
CA MET C 30 -4.14 -8.93 -50.70
C MET C 30 -3.84 -9.59 -52.04
N GLY C 31 -3.04 -8.91 -52.86
CA GLY C 31 -2.70 -9.41 -54.20
C GLY C 31 -2.69 -8.31 -55.24
N ASN C 32 -3.73 -7.48 -55.26
CA ASN C 32 -3.68 -6.23 -56.02
C ASN C 32 -3.07 -5.19 -55.09
N ASN C 33 -1.78 -4.99 -55.25
CA ASN C 33 -0.97 -4.32 -54.23
C ASN C 33 -0.49 -2.95 -54.65
N ILE C 34 -0.86 -2.55 -55.87
CA ILE C 34 -0.48 -1.26 -56.44
C ILE C 34 -1.74 -0.38 -56.59
N PRO C 35 -1.70 0.87 -56.07
CA PRO C 35 -2.91 1.71 -56.02
C PRO C 35 -3.56 2.07 -57.36
N SER C 36 -2.85 1.86 -58.47
CA SER C 36 -3.43 2.08 -59.80
C SER C 36 -4.31 0.91 -60.26
N GLU C 37 -4.26 -0.22 -59.56
CA GLU C 37 -5.07 -1.39 -59.96
C GLU C 37 -6.52 -1.22 -59.52
N ASP C 38 -7.44 -1.55 -60.43
CA ASP C 38 -8.86 -1.46 -60.16
C ASP C 38 -9.28 -2.16 -58.86
N LEU C 39 -8.68 -3.32 -58.58
CA LEU C 39 -9.05 -4.10 -57.39
C LEU C 39 -8.08 -3.93 -56.23
N TYR C 40 -7.34 -2.83 -56.25
CA TYR C 40 -6.46 -2.49 -55.12
C TYR C 40 -7.14 -2.70 -53.78
N GLY C 41 -6.45 -3.41 -52.88
CA GLY C 41 -6.97 -3.72 -51.56
C GLY C 41 -7.76 -5.02 -51.54
N TYR C 42 -7.83 -5.73 -52.67
CA TYR C 42 -8.46 -7.06 -52.76
C TYR C 42 -7.50 -8.01 -53.48
N SER C 43 -7.73 -9.31 -53.36
CA SER C 43 -6.98 -10.25 -54.20
C SER C 43 -7.69 -10.33 -55.55
N ASN C 44 -7.06 -11.07 -56.47
CA ASN C 44 -7.78 -11.51 -57.65
C ASN C 44 -8.64 -12.69 -57.27
N SER C 45 -9.52 -13.09 -58.19
CA SER C 45 -10.48 -14.19 -57.93
C SER C 45 -9.76 -15.43 -57.47
N ILE C 46 -10.24 -16.01 -56.40
CA ILE C 46 -9.63 -17.19 -55.85
C ILE C 46 -9.87 -18.37 -56.80
N ASN C 47 -8.79 -18.95 -57.33
CA ASN C 47 -8.94 -20.15 -58.14
C ASN C 47 -8.60 -21.36 -57.28
N THR C 48 -9.48 -22.35 -57.32
CA THR C 48 -9.37 -23.52 -56.45
C THR C 48 -8.62 -24.65 -57.14
N ALA C 49 -8.04 -25.58 -56.37
CA ALA C 49 -7.25 -26.68 -56.91
C ALA C 49 -8.07 -27.60 -57.83
N PHE C 50 -7.45 -28.13 -58.89
CA PHE C 50 -8.05 -29.27 -59.62
C PHE C 50 -8.12 -30.52 -58.75
N SER C 51 -7.03 -30.79 -58.03
CA SER C 51 -6.88 -31.96 -57.16
C SER C 51 -5.77 -31.66 -56.19
N LYS C 52 -5.51 -32.56 -55.24
CA LYS C 52 -4.40 -32.33 -54.29
C LYS C 52 -3.10 -32.17 -55.07
N ALA C 53 -2.88 -33.08 -56.02
CA ALA C 53 -1.66 -33.10 -56.81
C ALA C 53 -1.51 -31.83 -57.67
N SER C 54 -2.62 -31.19 -57.98
CA SER C 54 -2.64 -30.11 -58.95
C SER C 54 -3.35 -28.89 -58.40
N ASP C 55 -2.60 -28.07 -57.68
CA ASP C 55 -3.14 -26.93 -56.95
C ASP C 55 -2.22 -25.74 -57.21
N THR C 56 -2.65 -24.85 -58.10
CA THR C 56 -1.80 -23.76 -58.61
C THR C 56 -2.51 -22.43 -58.45
N PRO C 57 -2.38 -21.79 -57.27
CA PRO C 57 -3.02 -20.47 -57.08
C PRO C 57 -2.51 -19.45 -58.10
N ASN C 58 -3.43 -18.70 -58.70
CA ASN C 58 -3.03 -17.73 -59.71
C ASN C 58 -2.27 -16.61 -59.03
N LYS C 59 -1.45 -15.91 -59.79
CA LYS C 59 -0.76 -14.75 -59.25
C LYS C 59 -1.77 -13.79 -58.65
N ASP C 60 -1.40 -13.22 -57.50
CA ASP C 60 -2.19 -12.17 -56.84
C ASP C 60 -3.52 -12.65 -56.29
N THR C 61 -3.61 -13.95 -56.01
CA THR C 61 -4.78 -14.49 -55.32
C THR C 61 -4.48 -14.80 -53.85
N LEU C 62 -3.23 -14.60 -53.45
CA LEU C 62 -2.78 -14.96 -52.08
C LEU C 62 -2.46 -13.72 -51.23
N PRO C 63 -3.28 -13.43 -50.21
CA PRO C 63 -2.96 -12.33 -49.29
C PRO C 63 -1.58 -12.54 -48.63
N CYS C 64 -0.84 -11.45 -48.50
CA CYS C 64 0.49 -11.49 -47.95
C CYS C 64 0.59 -10.49 -46.79
N TYR C 65 1.60 -10.66 -45.95
CA TYR C 65 1.85 -9.73 -44.84
C TYR C 65 2.33 -8.39 -45.39
N SER C 66 1.92 -7.33 -44.69
CA SER C 66 2.48 -6.01 -44.93
C SER C 66 3.65 -5.82 -43.98
N VAL C 67 4.68 -5.12 -44.43
CA VAL C 67 5.76 -4.69 -43.54
C VAL C 67 6.31 -3.34 -43.95
N ALA C 68 6.62 -2.53 -42.94
CA ALA C 68 7.23 -1.22 -43.13
C ALA C 68 8.43 -1.17 -42.20
N VAL C 69 9.54 -0.65 -42.69
CA VAL C 69 10.72 -0.42 -41.86
C VAL C 69 10.80 1.08 -41.68
N ILE C 70 10.76 1.53 -40.42
CA ILE C 70 10.79 2.97 -40.15
C ILE C 70 12.17 3.35 -39.66
N LYS C 71 12.74 4.37 -40.29
CA LYS C 71 14.05 4.84 -39.91
C LYS C 71 13.89 5.78 -38.75
N LEU C 72 14.60 5.49 -37.67
CA LEU C 72 14.55 6.30 -36.46
C LEU C 72 15.75 7.24 -36.42
N PRO C 73 15.72 8.29 -35.56
CA PRO C 73 16.88 9.17 -35.51
C PRO C 73 18.15 8.37 -35.25
N LEU C 74 19.24 8.72 -35.92
CA LEU C 74 20.49 7.97 -35.79
C LEU C 74 21.10 8.23 -34.42
N LEU C 75 21.50 7.16 -33.72
CA LEU C 75 21.99 7.32 -32.34
C LEU C 75 23.49 7.21 -32.16
N ASN C 76 24.15 6.40 -32.97
CA ASN C 76 25.57 6.14 -32.77
C ASN C 76 26.38 6.43 -34.01
N GLU C 77 27.26 7.40 -33.93
CA GLU C 77 28.19 7.65 -35.02
C GLU C 77 29.43 6.80 -34.80
N ASP C 78 29.64 6.40 -33.55
CA ASP C 78 30.75 5.53 -33.17
C ASP C 78 30.18 4.20 -32.66
N MET C 79 30.55 3.12 -33.33
CA MET C 79 30.12 1.79 -32.94
C MET C 79 31.22 0.97 -32.25
N THR C 80 32.19 1.65 -31.64
CA THR C 80 33.33 0.93 -31.04
C THR C 80 33.49 1.09 -29.52
N CYS C 81 32.57 1.82 -28.87
CA CYS C 81 32.61 1.98 -27.41
C CYS C 81 32.03 0.76 -26.70
N ASP C 82 32.26 0.69 -25.39
CA ASP C 82 31.70 -0.39 -24.55
C ASP C 82 30.18 -0.45 -24.66
N THR C 83 29.55 0.71 -24.70
CA THR C 83 28.10 0.77 -24.86
C THR C 83 27.73 1.58 -26.09
N ILE C 84 26.49 1.39 -26.52
CA ILE C 84 25.88 2.17 -27.59
C ILE C 84 24.50 2.61 -27.14
N LEU C 85 23.86 3.48 -27.90
CA LEU C 85 22.46 3.82 -27.66
C LEU C 85 21.57 3.07 -28.61
N MET C 86 20.40 2.65 -28.13
CA MET C 86 19.37 2.05 -28.98
C MET C 86 18.02 2.61 -28.61
N TRP C 87 17.13 2.70 -29.59
CA TRP C 87 15.74 3.00 -29.35
C TRP C 87 15.05 1.77 -28.85
N GLU C 88 14.34 1.90 -27.74
CA GLU C 88 13.54 0.80 -27.19
C GLU C 88 12.08 1.13 -27.41
N ALA C 89 11.33 0.26 -28.10
CA ALA C 89 9.89 0.50 -28.32
C ALA C 89 9.16 0.12 -27.04
N VAL C 90 8.41 1.07 -26.47
CA VAL C 90 7.77 0.83 -25.17
C VAL C 90 6.25 0.63 -25.26
N SER C 91 5.61 1.25 -26.23
CA SER C 91 4.17 1.09 -26.38
C SER C 91 3.74 1.41 -27.80
N VAL C 92 2.57 0.90 -28.14
CA VAL C 92 2.01 1.08 -29.47
C VAL C 92 0.51 1.33 -29.35
N LYS C 93 0.01 2.26 -30.15
CA LYS C 93 -1.42 2.34 -30.37
C LYS C 93 -1.59 1.97 -31.82
N THR C 94 -2.52 1.08 -32.10
CA THR C 94 -2.71 0.62 -33.46
C THR C 94 -4.20 0.46 -33.76
N GLU C 95 -4.57 0.71 -35.02
CA GLU C 95 -5.97 0.72 -35.42
C GLU C 95 -6.07 0.23 -36.86
N VAL C 96 -7.06 -0.61 -37.11
CA VAL C 96 -7.44 -1.00 -38.47
C VAL C 96 -8.32 0.11 -39.03
N VAL C 97 -7.93 0.64 -40.18
CA VAL C 97 -8.59 1.82 -40.73
C VAL C 97 -9.59 1.34 -41.79
N GLY C 98 -10.71 2.05 -41.93
CA GLY C 98 -11.63 1.75 -43.03
C GLY C 98 -12.62 0.66 -42.69
N ILE C 99 -12.75 0.34 -41.39
CA ILE C 99 -13.71 -0.66 -40.96
C ILE C 99 -15.11 -0.29 -41.46
N SER C 100 -15.46 0.99 -41.35
CA SER C 100 -16.76 1.47 -41.81
C SER C 100 -17.02 1.25 -43.30
N SER C 101 -15.97 1.12 -44.12
CA SER C 101 -16.15 0.83 -45.56
C SER C 101 -16.89 -0.49 -45.79
N LEU C 102 -16.87 -1.37 -44.79
CA LEU C 102 -17.58 -2.65 -44.88
C LEU C 102 -19.09 -2.52 -44.71
N VAL C 103 -19.54 -1.37 -44.18
CA VAL C 103 -20.95 -1.11 -43.91
C VAL C 103 -21.59 -0.61 -45.20
N ASN C 104 -21.75 -1.53 -46.15
CA ASN C 104 -22.04 -1.19 -47.52
C ASN C 104 -22.78 -2.39 -48.11
N LEU C 105 -24.05 -2.22 -48.42
CA LEU C 105 -24.83 -3.32 -48.98
C LEU C 105 -25.23 -3.06 -50.42
N HIS C 106 -24.71 -1.99 -51.01
CA HIS C 106 -25.07 -1.67 -52.40
C HIS C 106 -24.01 -2.07 -53.38
N GLN C 107 -22.83 -2.42 -52.89
CA GLN C 107 -21.74 -2.90 -53.73
C GLN C 107 -22.20 -4.16 -54.46
N GLY C 108 -21.91 -4.25 -55.75
CA GLY C 108 -22.33 -5.41 -56.55
C GLY C 108 -21.79 -6.73 -56.02
N GLY C 109 -22.65 -7.74 -55.96
CA GLY C 109 -22.22 -9.07 -55.58
C GLY C 109 -23.35 -10.06 -55.53
N LYS C 110 -23.20 -11.05 -54.68
CA LYS C 110 -24.24 -12.04 -54.44
C LYS C 110 -25.32 -11.35 -53.62
N TYR C 111 -26.58 -11.68 -53.89
CA TYR C 111 -27.69 -11.07 -53.12
C TYR C 111 -27.92 -11.78 -51.79
N ILE C 112 -28.28 -11.03 -50.76
CA ILE C 112 -28.62 -11.61 -49.49
C ILE C 112 -29.84 -12.50 -49.62
N TYR C 113 -30.91 -12.00 -50.24
CA TYR C 113 -32.12 -12.83 -50.39
C TYR C 113 -32.49 -13.15 -51.85
N GLY C 114 -32.40 -12.16 -52.71
CA GLY C 114 -32.84 -12.31 -54.09
C GLY C 114 -32.54 -10.95 -54.64
N SER C 115 -32.88 -10.73 -55.91
CA SER C 115 -32.37 -9.57 -56.62
C SER C 115 -32.92 -8.22 -56.17
N SER C 116 -33.92 -8.21 -55.28
CA SER C 116 -34.42 -6.94 -54.72
C SER C 116 -33.70 -6.50 -53.42
N SER C 117 -32.92 -7.40 -52.84
CA SER C 117 -32.30 -7.17 -51.55
C SER C 117 -30.92 -6.51 -51.69
N GLY C 118 -30.32 -6.19 -50.55
CA GLY C 118 -28.94 -5.77 -50.54
C GLY C 118 -28.01 -6.92 -50.89
N CYS C 119 -26.76 -6.58 -51.14
CA CYS C 119 -25.76 -7.59 -51.46
C CYS C 119 -25.03 -8.09 -50.22
N VAL C 120 -24.63 -9.36 -50.26
CA VAL C 120 -23.85 -10.00 -49.18
C VAL C 120 -22.56 -9.19 -48.93
N PRO C 121 -22.35 -8.75 -47.68
CA PRO C 121 -21.14 -8.00 -47.40
C PRO C 121 -19.91 -8.92 -47.23
N VAL C 122 -18.76 -8.32 -46.94
CA VAL C 122 -17.53 -9.07 -46.72
C VAL C 122 -17.73 -9.95 -45.50
N GLN C 123 -17.41 -11.23 -45.62
CA GLN C 123 -17.54 -12.16 -44.49
C GLN C 123 -16.72 -13.41 -44.76
N GLY C 124 -16.73 -14.35 -43.82
CA GLY C 124 -15.90 -15.54 -43.94
C GLY C 124 -14.64 -15.36 -43.13
N THR C 125 -13.59 -16.06 -43.52
CA THR C 125 -12.35 -16.13 -42.74
C THR C 125 -11.74 -14.75 -42.51
N THR C 126 -11.35 -14.46 -41.27
CA THR C 126 -10.68 -13.20 -40.91
C THR C 126 -9.36 -13.52 -40.25
N TYR C 127 -8.40 -12.60 -40.40
CA TYR C 127 -7.09 -12.80 -39.84
C TYR C 127 -6.52 -11.42 -39.61
N HIS C 128 -6.22 -11.12 -38.34
CA HIS C 128 -5.75 -9.81 -37.95
C HIS C 128 -4.56 -10.01 -37.08
N MET C 129 -3.42 -9.46 -37.49
CA MET C 129 -2.22 -9.56 -36.69
C MET C 129 -1.41 -8.29 -36.88
N PHE C 130 -0.65 -7.92 -35.86
CA PHE C 130 0.35 -6.87 -35.99
C PHE C 130 1.56 -7.25 -35.15
N ALA C 131 2.72 -6.75 -35.55
CA ALA C 131 3.94 -6.96 -34.82
C ALA C 131 4.71 -5.66 -34.83
N VAL C 132 5.41 -5.40 -33.73
CA VAL C 132 6.33 -4.29 -33.61
C VAL C 132 7.65 -4.88 -33.12
N GLY C 133 8.73 -4.62 -33.86
CA GLY C 133 10.00 -5.22 -33.49
C GLY C 133 11.20 -4.41 -33.90
N GLY C 134 12.36 -4.78 -33.38
CA GLY C 134 13.57 -4.03 -33.68
C GLY C 134 14.36 -4.72 -34.77
N GLU C 135 13.70 -5.62 -35.48
CA GLU C 135 14.30 -6.38 -36.57
C GLU C 135 13.15 -7.14 -37.25
N PRO C 136 13.39 -7.73 -38.44
CA PRO C 136 12.28 -8.36 -39.15
C PRO C 136 11.58 -9.43 -38.31
N LEU C 137 10.27 -9.50 -38.43
CA LEU C 137 9.51 -10.60 -37.84
C LEU C 137 10.05 -11.93 -38.38
N GLU C 138 10.32 -12.87 -37.47
CA GLU C 138 10.78 -14.19 -37.86
C GLU C 138 9.56 -15.08 -38.11
N LEU C 139 9.59 -15.80 -39.24
CA LEU C 139 8.46 -16.58 -39.73
C LEU C 139 8.77 -18.07 -39.74
N GLN C 140 7.72 -18.86 -39.53
CA GLN C 140 7.77 -20.30 -39.63
C GLN C 140 6.85 -20.68 -40.80
N GLY C 141 7.29 -21.58 -41.65
CA GLY C 141 6.47 -22.01 -42.76
C GLY C 141 5.62 -23.19 -42.33
N LEU C 142 4.35 -23.16 -42.73
CA LEU C 142 3.44 -24.27 -42.50
C LEU C 142 2.27 -24.08 -43.45
N VAL C 143 2.01 -25.12 -44.24
CA VAL C 143 0.96 -25.06 -45.26
C VAL C 143 -0.15 -26.09 -45.04
N ALA C 144 -1.33 -25.82 -45.60
CA ALA C 144 -2.41 -26.80 -45.61
C ALA C 144 -2.08 -27.98 -46.52
N SER C 145 -1.36 -27.71 -47.62
CA SER C 145 -0.98 -28.77 -48.58
C SER C 145 0.37 -28.55 -49.22
N SER C 146 1.26 -29.52 -49.04
CA SER C 146 2.61 -29.40 -49.56
C SER C 146 2.67 -29.61 -51.07
N THR C 147 1.55 -29.96 -51.70
CA THR C 147 1.56 -30.21 -53.13
C THR C 147 1.02 -29.02 -53.92
N ALA C 148 0.75 -27.92 -53.22
CA ALA C 148 0.42 -26.68 -53.89
C ALA C 148 1.68 -26.13 -54.60
N THR C 149 1.47 -25.55 -55.77
CA THR C 149 2.54 -24.90 -56.52
C THR C 149 2.32 -23.40 -56.39
N TYR C 150 3.16 -22.75 -55.59
CA TYR C 150 3.03 -21.32 -55.38
C TYR C 150 3.67 -20.54 -56.53
N PRO C 151 3.06 -19.39 -56.89
CA PRO C 151 3.55 -18.62 -58.05
C PRO C 151 4.88 -17.94 -57.73
N ASP C 152 5.63 -17.51 -58.75
CA ASP C 152 6.98 -16.99 -58.51
C ASP C 152 7.05 -15.54 -57.99
N ASP C 153 5.90 -14.93 -57.77
CA ASP C 153 5.86 -13.57 -57.25
C ASP C 153 5.61 -13.54 -55.74
N VAL C 154 5.69 -14.72 -55.10
CA VAL C 154 5.59 -14.85 -53.64
C VAL C 154 6.74 -15.70 -53.10
N VAL C 155 7.12 -15.47 -51.85
CA VAL C 155 8.15 -16.28 -51.21
C VAL C 155 7.45 -17.46 -50.57
N ALA C 156 7.80 -18.65 -51.00
CA ALA C 156 7.18 -19.84 -50.44
C ALA C 156 8.25 -20.70 -49.78
N ILE C 157 7.86 -21.88 -49.30
CA ILE C 157 8.78 -22.77 -48.62
C ILE C 157 9.68 -23.45 -49.66
N LYS C 158 10.99 -23.40 -49.47
CA LYS C 158 11.94 -24.08 -50.37
C LYS C 158 11.86 -25.59 -50.23
N ASN C 159 11.85 -26.31 -51.35
CA ASN C 159 11.84 -27.78 -51.34
C ASN C 159 10.75 -28.38 -50.47
N MET C 160 9.54 -27.86 -50.66
CA MET C 160 8.38 -28.25 -49.87
C MET C 160 8.07 -29.74 -49.96
N LYS C 161 7.72 -30.33 -48.82
CA LYS C 161 7.48 -31.75 -48.68
C LYS C 161 6.27 -31.89 -47.76
N PRO C 162 5.66 -33.09 -47.67
CA PRO C 162 4.50 -33.27 -46.78
C PRO C 162 4.76 -32.83 -45.34
N GLY C 163 6.01 -32.97 -44.88
CA GLY C 163 6.44 -32.49 -43.55
C GLY C 163 6.12 -31.03 -43.29
N ASN C 164 5.90 -30.24 -44.34
CA ASN C 164 5.56 -28.82 -44.19
C ASN C 164 4.09 -28.55 -43.91
N GLN C 165 3.30 -29.61 -43.91
CA GLN C 165 1.95 -29.55 -43.38
C GLN C 165 1.97 -29.55 -41.85
N GLY C 166 3.12 -29.89 -41.27
CA GLY C 166 3.40 -29.68 -39.84
C GLY C 166 4.55 -28.72 -39.69
N LEU C 167 5.17 -28.73 -38.52
CA LEU C 167 6.25 -27.80 -38.25
C LEU C 167 7.58 -28.47 -38.61
N ASP C 168 8.22 -27.96 -39.66
CA ASP C 168 9.59 -28.36 -40.00
C ASP C 168 10.50 -27.18 -39.70
N PRO C 169 11.47 -27.37 -38.80
CA PRO C 169 12.32 -26.26 -38.38
C PRO C 169 13.17 -25.69 -39.53
N LYS C 170 13.36 -26.44 -40.61
CA LYS C 170 14.06 -25.88 -41.79
C LYS C 170 13.26 -24.78 -42.52
N ALA C 171 11.94 -24.80 -42.39
CA ALA C 171 11.08 -23.85 -43.11
C ALA C 171 10.95 -22.52 -42.35
N LYS C 172 11.99 -21.69 -42.44
CA LYS C 172 12.03 -20.43 -41.69
C LYS C 172 12.35 -19.29 -42.61
N ALA C 173 11.81 -18.11 -42.30
CA ALA C 173 12.05 -16.91 -43.13
C ALA C 173 11.97 -15.65 -42.28
N LEU C 174 12.36 -14.54 -42.89
CA LEU C 174 12.25 -13.23 -42.27
C LEU C 174 11.22 -12.44 -43.07
N LEU C 175 10.32 -11.77 -42.36
CA LEU C 175 9.38 -10.90 -43.03
C LEU C 175 10.10 -9.60 -43.38
N ASP C 176 10.75 -9.61 -44.54
CA ASP C 176 11.62 -8.53 -44.95
C ASP C 176 11.23 -7.96 -46.33
N LYS C 177 10.09 -8.41 -46.87
CA LYS C 177 9.56 -7.88 -48.12
C LYS C 177 8.06 -7.63 -47.95
N ASP C 178 7.61 -6.45 -48.33
CA ASP C 178 6.21 -6.10 -48.21
C ASP C 178 5.39 -6.77 -49.31
N GLY C 179 4.31 -7.42 -48.94
CA GLY C 179 3.41 -8.08 -49.89
C GLY C 179 3.94 -9.26 -50.69
N LYS C 180 4.88 -10.01 -50.12
CA LYS C 180 5.48 -11.17 -50.83
C LYS C 180 5.39 -12.49 -50.05
N TYR C 181 5.16 -12.41 -48.74
CA TYR C 181 5.07 -13.61 -47.87
C TYR C 181 3.59 -13.93 -47.62
N PRO C 182 3.08 -15.02 -48.25
CA PRO C 182 1.66 -15.35 -48.08
C PRO C 182 1.30 -15.70 -46.65
N VAL C 183 0.18 -15.16 -46.22
CA VAL C 183 -0.42 -15.51 -44.95
C VAL C 183 -0.58 -17.04 -44.82
N GLU C 184 -0.99 -17.72 -45.89
CA GLU C 184 -1.30 -19.14 -45.78
C GLU C 184 -0.06 -20.04 -45.74
N VAL C 185 1.12 -19.45 -45.88
CA VAL C 185 2.35 -20.22 -45.90
C VAL C 185 3.14 -19.94 -44.61
N TRP C 186 3.06 -18.71 -44.13
CA TRP C 186 3.97 -18.21 -43.09
C TRP C 186 3.23 -17.71 -41.89
N CYS C 187 3.70 -18.08 -40.70
CA CYS C 187 3.16 -17.53 -39.47
C CYS C 187 4.34 -17.08 -38.58
N PRO C 188 4.06 -16.25 -37.56
CA PRO C 188 5.16 -15.89 -36.67
C PRO C 188 5.82 -17.14 -36.05
N ASP C 189 7.14 -17.13 -35.96
CA ASP C 189 7.86 -18.24 -35.39
C ASP C 189 7.96 -18.01 -33.86
N PRO C 190 7.23 -18.81 -33.06
CA PRO C 190 7.23 -18.56 -31.63
C PRO C 190 8.54 -18.95 -30.96
N SER C 191 9.40 -19.71 -31.65
CA SER C 191 10.69 -20.11 -31.07
C SER C 191 11.75 -19.02 -31.23
N LYS C 192 11.44 -17.96 -31.97
CA LYS C 192 12.37 -16.84 -32.08
C LYS C 192 11.61 -15.59 -31.65
N ASN C 193 11.80 -14.47 -32.36
CA ASN C 193 11.06 -13.23 -32.10
C ASN C 193 11.18 -12.69 -30.68
N GLU C 194 12.33 -12.93 -30.04
CA GLU C 194 12.70 -12.33 -28.76
CA GLU C 194 12.62 -12.33 -28.73
C GLU C 194 12.63 -10.79 -28.81
N ASN C 195 12.97 -10.23 -29.97
CA ASN C 195 13.08 -8.78 -30.13
C ASN C 195 11.89 -8.17 -30.87
N THR C 196 10.78 -8.90 -30.88
CA THR C 196 9.53 -8.48 -31.49
C THR C 196 8.35 -8.83 -30.58
N ARG C 197 7.27 -8.05 -30.64
CA ARG C 197 6.02 -8.44 -29.99
C ARG C 197 4.99 -8.58 -31.10
N TYR C 198 4.27 -9.70 -31.13
CA TYR C 198 3.22 -9.86 -32.11
C TYR C 198 1.95 -10.34 -31.45
N TYR C 199 0.83 -10.04 -32.09
CA TYR C 199 -0.51 -10.25 -31.55
C TYR C 199 -1.39 -10.60 -32.74
N GLY C 200 -2.08 -11.73 -32.67
CA GLY C 200 -2.88 -12.17 -33.80
C GLY C 200 -4.20 -12.74 -33.37
N SER C 201 -5.21 -12.60 -34.24
CA SER C 201 -6.51 -13.17 -34.00
C SER C 201 -7.04 -13.76 -35.33
N PHE C 202 -7.53 -14.99 -35.26
CA PHE C 202 -8.06 -15.68 -36.43
C PHE C 202 -9.46 -16.17 -36.11
N THR C 203 -10.36 -15.96 -37.05
CA THR C 203 -11.64 -16.63 -37.00
C THR C 203 -11.88 -17.18 -38.39
N GLY C 204 -12.23 -18.47 -38.47
CA GLY C 204 -12.37 -19.13 -39.76
C GLY C 204 -13.81 -19.18 -40.20
N GLY C 205 -14.17 -20.24 -40.90
CA GLY C 205 -15.56 -20.45 -41.32
C GLY C 205 -15.79 -19.91 -42.71
N ALA C 206 -16.78 -20.47 -43.39
CA ALA C 206 -17.06 -20.11 -44.78
C ALA C 206 -17.70 -18.72 -44.90
N THR C 207 -18.65 -18.40 -44.02
CA THR C 207 -19.43 -17.15 -44.15
C THR C 207 -19.54 -16.33 -42.84
N THR C 208 -18.59 -16.53 -41.92
CA THR C 208 -18.66 -15.94 -40.57
C THR C 208 -18.69 -14.41 -40.59
N PRO C 209 -19.58 -13.78 -39.82
CA PRO C 209 -19.55 -12.32 -39.74
C PRO C 209 -18.24 -11.80 -39.12
N PRO C 210 -17.60 -10.79 -39.76
CA PRO C 210 -16.43 -10.18 -39.15
C PRO C 210 -16.82 -9.27 -37.99
N VAL C 211 -15.90 -9.11 -37.05
CA VAL C 211 -16.15 -8.34 -35.85
C VAL C 211 -14.89 -7.52 -35.66
N MET C 212 -15.05 -6.20 -35.58
CA MET C 212 -13.89 -5.32 -35.36
C MET C 212 -14.24 -4.14 -34.49
N GLN C 213 -13.29 -3.71 -33.68
CA GLN C 213 -13.42 -2.55 -32.81
CA GLN C 213 -13.46 -2.52 -32.86
C GLN C 213 -12.43 -1.48 -33.27
N PHE C 214 -12.71 -0.22 -32.93
CA PHE C 214 -11.76 0.84 -33.20
C PHE C 214 -11.91 1.90 -32.13
N THR C 215 -10.78 2.45 -31.70
CA THR C 215 -10.79 3.49 -30.68
C THR C 215 -9.43 4.14 -30.72
N ASN C 216 -9.32 5.38 -30.28
CA ASN C 216 -7.99 5.98 -30.12
C ASN C 216 -7.61 6.06 -28.63
N SER C 217 -8.28 5.27 -27.80
CA SER C 217 -8.06 5.32 -26.35
C SER C 217 -7.23 4.15 -25.80
N VAL C 218 -6.79 3.23 -26.65
CA VAL C 218 -6.16 1.99 -26.17
C VAL C 218 -4.68 1.94 -26.57
N THR C 219 -3.83 1.63 -25.59
CA THR C 219 -2.39 1.48 -25.78
C THR C 219 -1.97 0.07 -25.36
N THR C 220 -1.06 -0.54 -26.11
CA THR C 220 -0.45 -1.80 -25.74
C THR C 220 1.00 -1.56 -25.33
N VAL C 221 1.34 -2.02 -24.14
CA VAL C 221 2.70 -1.92 -23.62
C VAL C 221 3.52 -3.05 -24.24
N LEU C 222 4.74 -2.73 -24.68
CA LEU C 222 5.58 -3.64 -25.45
C LEU C 222 6.70 -4.25 -24.63
N LEU C 223 6.78 -3.86 -23.36
CA LEU C 223 7.76 -4.41 -22.43
C LEU C 223 7.52 -5.92 -22.23
N ASP C 224 8.59 -6.71 -22.32
CA ASP C 224 8.49 -8.14 -22.05
C ASP C 224 8.52 -8.44 -20.54
N GLU C 225 8.72 -9.70 -20.19
CA GLU C 225 8.68 -10.15 -18.82
CA GLU C 225 8.67 -10.12 -18.80
C GLU C 225 9.82 -9.54 -17.99
N ASN C 226 10.89 -9.13 -18.66
CA ASN C 226 12.03 -8.52 -17.96
C ASN C 226 12.00 -6.99 -18.03
N GLY C 227 10.85 -6.46 -18.45
CA GLY C 227 10.63 -5.03 -18.52
C GLY C 227 11.40 -4.35 -19.65
N VAL C 228 11.68 -5.08 -20.73
CA VAL C 228 12.47 -4.57 -21.86
C VAL C 228 11.62 -4.67 -23.13
N GLY C 229 11.52 -3.56 -23.87
CA GLY C 229 10.78 -3.54 -25.14
C GLY C 229 11.70 -3.94 -26.28
N PRO C 230 11.15 -4.08 -27.49
CA PRO C 230 12.01 -4.36 -28.66
C PRO C 230 13.11 -3.29 -28.83
N LEU C 231 14.32 -3.72 -29.13
CA LEU C 231 15.47 -2.82 -29.33
C LEU C 231 15.79 -2.73 -30.81
N CYS C 232 15.81 -1.51 -31.31
CA CYS C 232 15.82 -1.27 -32.75
C CYS C 232 17.23 -1.31 -33.34
N LYS C 233 17.60 -2.47 -33.87
CA LYS C 233 18.94 -2.67 -34.44
C LYS C 233 19.14 -1.76 -35.64
N GLY C 234 20.27 -1.07 -35.69
CA GLY C 234 20.56 -0.11 -36.75
C GLY C 234 19.54 1.02 -36.82
N ASP C 235 18.89 1.32 -35.70
CA ASP C 235 17.91 2.42 -35.60
C ASP C 235 16.75 2.24 -36.61
N LYS C 236 16.31 1.00 -36.76
CA LYS C 236 15.19 0.66 -37.63
C LYS C 236 14.09 -0.01 -36.82
N LEU C 237 12.86 0.42 -37.04
CA LEU C 237 11.70 -0.14 -36.37
C LEU C 237 10.89 -0.91 -37.42
N PHE C 238 10.59 -2.17 -37.15
CA PHE C 238 9.82 -2.99 -38.07
C PHE C 238 8.37 -3.07 -37.64
N LEU C 239 7.48 -2.70 -38.54
CA LEU C 239 6.05 -2.82 -38.29
C LEU C 239 5.53 -3.84 -39.29
N SER C 240 4.80 -4.82 -38.80
CA SER C 240 4.29 -5.89 -39.63
C SER C 240 2.83 -6.06 -39.33
N CYS C 241 2.04 -6.45 -40.33
CA CYS C 241 0.65 -6.78 -40.10
C CYS C 241 0.03 -7.55 -41.23
N ALA C 242 -1.18 -8.03 -40.94
CA ALA C 242 -2.07 -8.57 -41.95
C ALA C 242 -3.46 -8.38 -41.40
N ASP C 243 -4.33 -7.77 -42.19
CA ASP C 243 -5.70 -7.50 -41.77
C ASP C 243 -6.70 -7.89 -42.84
N ILE C 244 -7.02 -9.17 -42.83
CA ILE C 244 -7.94 -9.75 -43.78
C ILE C 244 -9.31 -9.69 -43.15
N ALA C 245 -10.17 -8.90 -43.77
CA ALA C 245 -11.48 -8.62 -43.23
C ALA C 245 -12.46 -9.72 -43.57
N GLY C 246 -12.12 -10.52 -44.58
CA GLY C 246 -13.01 -11.56 -45.08
C GLY C 246 -12.96 -11.65 -46.60
N VAL C 247 -13.97 -12.26 -47.19
CA VAL C 247 -14.04 -12.35 -48.63
C VAL C 247 -15.28 -11.66 -49.17
N HIS C 248 -15.10 -11.00 -50.31
CA HIS C 248 -16.23 -10.45 -51.06
C HIS C 248 -16.61 -11.45 -52.12
N THR C 249 -17.91 -11.65 -52.31
CA THR C 249 -18.40 -12.63 -53.25
C THR C 249 -19.09 -11.92 -54.40
N ASN C 250 -18.67 -12.23 -55.62
CA ASN C 250 -19.27 -11.61 -56.80
C ASN C 250 -20.58 -12.28 -57.16
N TYR C 251 -21.36 -11.63 -58.01
CA TYR C 251 -22.62 -12.22 -58.48
C TYR C 251 -22.38 -13.59 -59.14
N SER C 252 -21.28 -13.71 -59.89
CA SER C 252 -20.86 -14.99 -60.48
C SER C 252 -20.43 -16.04 -59.44
N GLU C 253 -20.33 -15.62 -58.17
CA GLU C 253 -19.86 -16.46 -57.05
C GLU C 253 -18.33 -16.64 -56.97
N THR C 254 -17.59 -15.99 -57.85
CA THR C 254 -16.14 -15.91 -57.64
C THR C 254 -15.92 -15.05 -56.39
N GLN C 255 -14.82 -15.31 -55.71
CA GLN C 255 -14.57 -14.65 -54.43
C GLN C 255 -13.20 -14.02 -54.40
N VAL C 256 -13.09 -12.89 -53.70
CA VAL C 256 -11.83 -12.19 -53.56
C VAL C 256 -11.63 -11.84 -52.09
N TRP C 257 -10.39 -11.94 -51.63
CA TRP C 257 -10.06 -11.48 -50.29
C TRP C 257 -10.12 -9.99 -50.21
N ARG C 258 -10.54 -9.47 -49.05
CA ARG C 258 -10.58 -8.02 -48.84
C ARG C 258 -9.72 -7.71 -47.64
N GLY C 259 -8.75 -6.81 -47.81
CA GLY C 259 -7.90 -6.39 -46.70
C GLY C 259 -8.10 -4.94 -46.32
N LEU C 260 -7.69 -4.57 -45.10
CA LEU C 260 -7.79 -3.19 -44.65
C LEU C 260 -6.44 -2.63 -44.14
N PRO C 261 -6.24 -1.31 -44.25
CA PRO C 261 -4.97 -0.73 -43.81
C PRO C 261 -4.88 -0.72 -42.30
N ARG C 262 -3.66 -0.67 -41.78
CA ARG C 262 -3.47 -0.56 -40.34
C ARG C 262 -2.58 0.63 -40.01
N TYR C 263 -2.94 1.36 -38.96
CA TYR C 263 -2.19 2.49 -38.50
C TYR C 263 -1.41 2.09 -37.25
N PHE C 264 -0.23 2.66 -37.09
CA PHE C 264 0.60 2.40 -35.92
C PHE C 264 1.05 3.74 -35.36
N ASN C 265 1.13 3.82 -34.03
CA ASN C 265 1.76 4.96 -33.36
C ASN C 265 2.59 4.34 -32.26
N VAL C 266 3.91 4.45 -32.37
CA VAL C 266 4.83 3.77 -31.47
C VAL C 266 5.65 4.80 -30.69
N THR C 267 5.75 4.59 -29.38
CA THR C 267 6.57 5.43 -28.52
C THR C 267 7.84 4.67 -28.23
N LEU C 268 8.99 5.34 -28.38
CA LEU C 268 10.28 4.76 -28.13
C LEU C 268 11.11 5.64 -27.19
N ARG C 269 12.03 5.01 -26.48
CA ARG C 269 12.91 5.74 -25.57
C ARG C 269 14.35 5.29 -25.81
N LYS C 270 15.30 6.21 -25.65
CA LYS C 270 16.72 5.89 -25.83
C LYS C 270 17.19 5.06 -24.66
N ARG C 271 17.98 4.02 -24.93
CA ARG C 271 18.56 3.22 -23.88
C ARG C 271 20.03 3.06 -24.14
N ILE C 272 20.81 2.99 -23.07
CA ILE C 272 22.21 2.60 -23.14
C ILE C 272 22.25 1.07 -23.13
N VAL C 273 22.98 0.49 -24.08
CA VAL C 273 22.99 -0.96 -24.31
C VAL C 273 24.44 -1.40 -24.41
N LYS C 274 24.78 -2.52 -23.79
CA LYS C 274 26.15 -3.03 -23.90
C LYS C 274 26.40 -3.32 -25.37
N ASN C 275 27.53 -2.87 -25.89
CA ASN C 275 27.85 -3.02 -27.31
C ASN C 275 28.05 -4.50 -27.66
N PRO C 276 27.19 -5.04 -28.56
CA PRO C 276 27.33 -6.44 -28.99
C PRO C 276 28.60 -6.66 -29.81
N TYR C 277 28.89 -5.74 -30.72
CA TYR C 277 30.01 -5.89 -31.67
C TYR C 277 31.19 -5.00 -31.33
N SER D 2 -20.01 9.57 25.79
CA SER D 2 -20.37 10.15 24.45
C SER D 2 -19.34 11.20 23.98
N HIS D 3 -19.34 11.46 22.68
CA HIS D 3 -18.28 12.23 22.02
C HIS D 3 -18.78 12.91 20.77
N MET D 4 -18.17 14.04 20.40
CA MET D 4 -18.43 14.64 19.09
C MET D 4 -17.89 13.72 17.99
N GLY D 5 -18.67 13.52 16.95
CA GLY D 5 -18.25 12.70 15.81
C GLY D 5 -19.03 13.02 14.56
N GLY D 6 -18.53 12.57 13.41
CA GLY D 6 -19.18 12.83 12.13
C GLY D 6 -20.32 11.88 11.85
N VAL D 7 -21.36 12.39 11.20
CA VAL D 7 -22.41 11.57 10.63
C VAL D 7 -22.64 12.12 9.24
N GLU D 8 -22.78 11.23 8.25
CA GLU D 8 -22.92 11.64 6.88
C GLU D 8 -24.39 11.82 6.50
N VAL D 9 -24.76 13.07 6.23
CA VAL D 9 -26.13 13.42 5.87
C VAL D 9 -26.17 13.59 4.37
N LEU D 10 -27.18 12.99 3.74
CA LEU D 10 -27.39 13.16 2.31
C LEU D 10 -28.18 14.42 2.01
N GLU D 11 -27.73 15.16 1.00
CA GLU D 11 -28.43 16.37 0.56
C GLU D 11 -28.08 16.66 -0.88
N VAL D 12 -28.84 17.57 -1.49
CA VAL D 12 -28.51 18.07 -2.81
C VAL D 12 -27.25 18.90 -2.71
N ARG D 13 -26.24 18.52 -3.49
CA ARG D 13 -24.99 19.25 -3.57
C ARG D 13 -24.88 19.77 -4.98
N THR D 14 -24.62 21.07 -5.10
CA THR D 14 -24.38 21.64 -6.42
C THR D 14 -22.88 21.61 -6.59
N GLY D 15 -22.42 21.08 -7.72
CA GLY D 15 -21.00 20.96 -8.01
C GLY D 15 -20.32 22.31 -7.92
N PRO D 16 -18.98 22.32 -7.75
CA PRO D 16 -18.26 23.60 -7.78
C PRO D 16 -18.47 24.33 -9.11
N ASP D 17 -18.33 25.66 -9.10
CA ASP D 17 -18.47 26.48 -10.30
C ASP D 17 -17.56 26.04 -11.46
N ALA D 18 -16.43 25.40 -11.13
CA ALA D 18 -15.44 24.95 -12.11
C ALA D 18 -15.89 23.74 -12.95
N ILE D 19 -17.01 23.11 -12.57
CA ILE D 19 -17.47 21.90 -13.25
C ILE D 19 -18.87 22.10 -13.79
N THR D 20 -19.13 21.54 -14.97
CA THR D 20 -20.43 21.61 -15.56
C THR D 20 -20.78 20.30 -16.28
N GLN D 21 -22.07 20.09 -16.51
CA GLN D 21 -22.53 18.89 -17.19
C GLN D 21 -23.45 19.28 -18.31
N ILE D 22 -23.34 18.59 -19.43
CA ILE D 22 -24.25 18.82 -20.53
C ILE D 22 -24.90 17.49 -20.92
N GLU D 23 -26.12 17.57 -21.43
CA GLU D 23 -26.86 16.41 -21.92
C GLU D 23 -27.23 16.71 -23.33
N ALA D 24 -27.26 15.70 -24.19
CA ALA D 24 -27.77 15.88 -25.54
C ALA D 24 -28.18 14.54 -26.12
N TYR D 25 -29.05 14.55 -27.12
CA TYR D 25 -29.33 13.33 -27.86
C TYR D 25 -29.18 13.66 -29.33
N LEU D 26 -28.73 12.67 -30.10
CA LEU D 26 -28.57 12.83 -31.53
C LEU D 26 -29.44 11.77 -32.21
N ASN D 27 -30.38 12.22 -33.03
CA ASN D 27 -31.19 11.29 -33.79
C ASN D 27 -30.40 10.69 -34.97
N PRO D 28 -30.73 9.45 -35.36
CA PRO D 28 -29.94 8.89 -36.44
C PRO D 28 -30.21 9.52 -37.81
N ARG D 29 -29.20 9.44 -38.69
CA ARG D 29 -29.26 9.99 -40.02
C ARG D 29 -29.04 8.85 -41.01
N MET D 30 -30.04 7.99 -41.13
CA MET D 30 -29.95 6.81 -41.99
C MET D 30 -30.24 7.09 -43.46
N GLY D 31 -30.75 8.30 -43.73
CA GLY D 31 -31.18 8.67 -45.10
C GLY D 31 -32.49 9.42 -45.07
N ASN D 32 -33.49 8.87 -44.38
CA ASN D 32 -34.70 9.63 -44.06
C ASN D 32 -34.45 10.39 -42.77
N ASN D 33 -34.04 11.64 -42.92
CA ASN D 33 -33.40 12.39 -41.84
C ASN D 33 -34.29 13.45 -41.19
N ILE D 34 -35.51 13.56 -41.67
CA ILE D 34 -36.45 14.60 -41.27
C ILE D 34 -37.64 13.93 -40.60
N PRO D 35 -38.04 14.39 -39.38
CA PRO D 35 -39.05 13.69 -38.57
C PRO D 35 -40.44 13.50 -39.18
N SER D 36 -40.79 14.28 -40.19
CA SER D 36 -42.11 14.15 -40.78
C SER D 36 -42.17 13.07 -41.86
N GLU D 37 -41.01 12.56 -42.27
CA GLU D 37 -40.94 11.49 -43.26
C GLU D 37 -41.39 10.14 -42.70
N ASP D 38 -42.19 9.41 -43.47
CA ASP D 38 -42.70 8.09 -43.04
C ASP D 38 -41.62 7.14 -42.52
N LEU D 39 -40.46 7.11 -43.16
CA LEU D 39 -39.41 6.16 -42.81
C LEU D 39 -38.32 6.83 -42.00
N TYR D 40 -38.67 7.90 -41.30
CA TYR D 40 -37.70 8.56 -40.42
C TYR D 40 -37.01 7.50 -39.56
N GLY D 41 -35.68 7.56 -39.48
CA GLY D 41 -34.89 6.58 -38.72
C GLY D 41 -34.40 5.40 -39.55
N TYR D 42 -34.79 5.37 -40.81
CA TYR D 42 -34.41 4.30 -41.73
C TYR D 42 -33.87 4.89 -43.01
N SER D 43 -33.12 4.10 -43.76
CA SER D 43 -32.77 4.50 -45.11
C SER D 43 -33.95 4.22 -46.06
N ASN D 44 -33.87 4.74 -47.28
CA ASN D 44 -34.68 4.22 -48.37
C ASN D 44 -34.18 2.84 -48.78
N SER D 45 -34.94 2.14 -49.62
CA SER D 45 -34.53 0.83 -50.11
C SER D 45 -33.14 0.87 -50.70
N ILE D 46 -32.30 -0.04 -50.25
CA ILE D 46 -30.94 -0.16 -50.74
C ILE D 46 -31.01 -0.67 -52.18
N ASN D 47 -30.43 0.11 -53.10
CA ASN D 47 -30.40 -0.27 -54.50
C ASN D 47 -28.98 -0.68 -54.79
N THR D 48 -28.79 -1.84 -55.39
CA THR D 48 -27.48 -2.42 -55.54
C THR D 48 -26.89 -2.09 -56.91
N ALA D 49 -25.57 -2.13 -57.01
CA ALA D 49 -24.86 -1.78 -58.24
C ALA D 49 -25.32 -2.62 -59.44
N PHE D 50 -25.42 -2.01 -60.62
CA PHE D 50 -25.55 -2.78 -61.87
C PHE D 50 -24.25 -3.53 -62.15
N SER D 51 -23.12 -2.85 -62.00
CA SER D 51 -21.77 -3.42 -62.22
C SER D 51 -20.78 -2.67 -61.34
N LYS D 52 -19.52 -3.09 -61.34
CA LYS D 52 -18.51 -2.35 -60.57
C LYS D 52 -18.40 -0.93 -61.15
N ALA D 53 -18.44 -0.86 -62.49
CA ALA D 53 -18.37 0.40 -63.22
C ALA D 53 -19.61 1.27 -62.99
N SER D 54 -20.75 0.64 -62.75
CA SER D 54 -22.01 1.35 -62.66
C SER D 54 -22.73 1.08 -61.33
N ASP D 55 -22.36 1.86 -60.33
CA ASP D 55 -22.82 1.67 -58.96
C ASP D 55 -23.25 3.04 -58.45
N THR D 56 -24.55 3.31 -58.48
CA THR D 56 -25.07 4.62 -58.13
C THR D 56 -26.12 4.51 -57.04
N PRO D 57 -25.69 4.56 -55.76
CA PRO D 57 -26.67 4.52 -54.66
C PRO D 57 -27.69 5.67 -54.76
N ASN D 58 -28.96 5.35 -54.61
CA ASN D 58 -30.02 6.35 -54.69
C ASN D 58 -29.89 7.34 -53.55
N LYS D 59 -30.52 8.50 -53.73
CA LYS D 59 -30.65 9.47 -52.67
C LYS D 59 -31.24 8.81 -51.43
N ASP D 60 -30.65 9.10 -50.27
CA ASP D 60 -31.14 8.65 -48.96
C ASP D 60 -31.04 7.15 -48.70
N THR D 61 -30.12 6.47 -49.36
CA THR D 61 -29.93 5.05 -49.12
C THR D 61 -28.66 4.80 -48.32
N LEU D 62 -27.91 5.86 -48.03
CA LEU D 62 -26.62 5.76 -47.35
C LEU D 62 -26.67 6.36 -45.94
N PRO D 63 -26.48 5.53 -44.90
CA PRO D 63 -26.40 6.04 -43.51
C PRO D 63 -25.21 6.97 -43.35
N CYS D 64 -25.43 8.08 -42.64
CA CYS D 64 -24.39 9.08 -42.41
C CYS D 64 -24.15 9.27 -40.91
N TYR D 65 -23.00 9.83 -40.56
CA TYR D 65 -22.72 10.16 -39.16
C TYR D 65 -23.64 11.27 -38.68
N SER D 66 -23.99 11.22 -37.40
CA SER D 66 -24.65 12.33 -36.72
C SER D 66 -23.58 13.17 -36.02
N VAL D 67 -23.80 14.47 -35.93
CA VAL D 67 -22.92 15.33 -35.16
C VAL D 67 -23.74 16.47 -34.57
N ALA D 68 -23.43 16.82 -33.33
CA ALA D 68 -24.04 17.97 -32.69
C ALA D 68 -22.93 18.84 -32.09
N VAL D 69 -23.08 20.16 -32.21
CA VAL D 69 -22.18 21.10 -31.54
C VAL D 69 -22.90 21.68 -30.32
N ILE D 70 -22.31 21.48 -29.15
CA ILE D 70 -22.86 22.00 -27.91
C ILE D 70 -22.06 23.23 -27.53
N LYS D 71 -22.76 24.35 -27.46
CA LYS D 71 -22.18 25.61 -27.05
C LYS D 71 -22.09 25.66 -25.52
N LEU D 72 -20.87 25.77 -25.02
CA LEU D 72 -20.64 25.79 -23.58
C LEU D 72 -20.59 27.23 -23.09
N PRO D 73 -20.72 27.44 -21.76
CA PRO D 73 -20.66 28.79 -21.24
C PRO D 73 -19.36 29.50 -21.61
N LEU D 74 -19.46 30.78 -21.96
CA LEU D 74 -18.30 31.54 -22.42
C LEU D 74 -17.34 31.76 -21.26
N LEU D 75 -16.05 31.53 -21.53
CA LEU D 75 -15.04 31.62 -20.47
C LEU D 75 -14.12 32.85 -20.55
N ASN D 76 -13.88 33.36 -21.75
CA ASN D 76 -12.84 34.40 -21.91
C ASN D 76 -13.34 35.69 -22.55
N GLU D 77 -13.08 36.81 -21.87
CA GLU D 77 -13.34 38.14 -22.42
C GLU D 77 -12.42 38.46 -23.58
N ASP D 78 -11.12 38.56 -23.31
CA ASP D 78 -10.15 38.78 -24.38
C ASP D 78 -9.20 37.60 -24.55
N MET D 79 -9.00 37.22 -25.80
CA MET D 79 -8.17 36.11 -26.17
C MET D 79 -6.71 36.55 -26.33
N THR D 80 -6.37 37.65 -25.67
CA THR D 80 -5.04 38.24 -25.80
C THR D 80 -4.21 38.10 -24.53
N CYS D 81 -4.78 37.40 -23.53
CA CYS D 81 -4.04 37.06 -22.32
C CYS D 81 -3.09 35.89 -22.57
N ASP D 82 -2.03 35.82 -21.77
CA ASP D 82 -1.01 34.78 -21.86
C ASP D 82 -1.61 33.38 -21.62
N THR D 83 -2.51 33.30 -20.64
CA THR D 83 -3.32 32.10 -20.45
C THR D 83 -4.80 32.43 -20.63
N ILE D 84 -5.57 31.40 -20.95
CA ILE D 84 -7.01 31.50 -21.11
C ILE D 84 -7.66 30.35 -20.33
N LEU D 85 -8.99 30.37 -20.22
CA LEU D 85 -9.71 29.24 -19.66
C LEU D 85 -10.29 28.43 -20.79
N MET D 86 -10.34 27.11 -20.62
CA MET D 86 -11.02 26.23 -21.56
C MET D 86 -11.75 25.17 -20.80
N TRP D 87 -12.87 24.71 -21.37
CA TRP D 87 -13.55 23.55 -20.83
C TRP D 87 -12.83 22.30 -21.24
N GLU D 88 -12.62 21.40 -20.28
CA GLU D 88 -12.02 20.11 -20.55
C GLU D 88 -13.05 19.02 -20.28
N ALA D 89 -13.38 18.21 -21.29
CA ALA D 89 -14.33 17.11 -21.10
C ALA D 89 -13.57 15.98 -20.40
N VAL D 90 -14.10 15.52 -19.28
CA VAL D 90 -13.36 14.53 -18.49
C VAL D 90 -14.05 13.18 -18.47
N SER D 91 -15.37 13.17 -18.64
CA SER D 91 -16.11 11.89 -18.65
C SER D 91 -17.43 11.98 -19.40
N VAL D 92 -17.91 10.82 -19.85
CA VAL D 92 -19.14 10.75 -20.61
C VAL D 92 -19.94 9.50 -20.20
N LYS D 93 -21.25 9.65 -20.08
CA LYS D 93 -22.16 8.51 -20.05
C LYS D 93 -22.93 8.62 -21.35
N THR D 94 -23.01 7.51 -22.07
CA THR D 94 -23.70 7.52 -23.35
C THR D 94 -24.52 6.23 -23.48
N GLU D 95 -25.66 6.32 -24.15
CA GLU D 95 -26.55 5.18 -24.27
C GLU D 95 -27.25 5.23 -25.62
N VAL D 96 -27.39 4.07 -26.26
CA VAL D 96 -28.24 3.94 -27.43
C VAL D 96 -29.68 3.79 -26.95
N VAL D 97 -30.54 4.69 -27.39
CA VAL D 97 -31.92 4.74 -26.94
C VAL D 97 -32.80 3.99 -27.94
N GLY D 98 -33.84 3.31 -27.44
CA GLY D 98 -34.78 2.61 -28.29
C GLY D 98 -34.33 1.22 -28.68
N ILE D 99 -33.43 0.63 -27.91
CA ILE D 99 -33.01 -0.75 -28.19
C ILE D 99 -34.22 -1.66 -28.15
N SER D 100 -35.09 -1.43 -27.17
CA SER D 100 -36.27 -2.27 -26.99
C SER D 100 -37.25 -2.23 -28.19
N SER D 101 -37.16 -1.20 -29.03
CA SER D 101 -38.03 -1.09 -30.22
C SER D 101 -37.76 -2.22 -31.21
N LEU D 102 -36.60 -2.85 -31.08
CA LEU D 102 -36.25 -3.96 -31.96
CA LEU D 102 -36.25 -3.96 -31.96
C LEU D 102 -36.96 -5.26 -31.57
N VAL D 103 -37.52 -5.29 -30.36
CA VAL D 103 -38.16 -6.50 -29.80
C VAL D 103 -39.59 -6.53 -30.32
N ASN D 104 -39.70 -6.75 -31.61
CA ASN D 104 -40.95 -6.48 -32.32
C ASN D 104 -40.97 -7.47 -33.46
N LEU D 105 -41.88 -8.43 -33.41
CA LEU D 105 -41.96 -9.42 -34.49
C LEU D 105 -43.25 -9.31 -35.30
N HIS D 106 -44.02 -8.25 -35.04
CA HIS D 106 -45.26 -8.03 -35.75
C HIS D 106 -45.16 -7.05 -36.87
N GLN D 107 -44.08 -6.27 -36.91
CA GLN D 107 -43.84 -5.31 -37.99
C GLN D 107 -43.86 -6.06 -39.31
N GLY D 108 -44.50 -5.50 -40.33
CA GLY D 108 -44.58 -6.14 -41.63
C GLY D 108 -43.21 -6.41 -42.23
N GLY D 109 -43.04 -7.57 -42.85
CA GLY D 109 -41.76 -7.89 -43.48
C GLY D 109 -41.66 -9.31 -43.98
N LYS D 110 -40.42 -9.77 -44.14
CA LYS D 110 -40.13 -11.16 -44.49
C LYS D 110 -40.46 -12.01 -43.28
N TYR D 111 -41.14 -13.13 -43.49
CA TYR D 111 -41.52 -14.02 -42.39
C TYR D 111 -40.36 -14.88 -41.97
N ILE D 112 -40.30 -15.20 -40.68
CA ILE D 112 -39.26 -16.10 -40.15
C ILE D 112 -39.42 -17.50 -40.76
N TYR D 113 -40.63 -18.04 -40.69
CA TYR D 113 -40.90 -19.39 -41.22
C TYR D 113 -41.92 -19.46 -42.35
N GLY D 114 -42.96 -18.65 -42.27
CA GLY D 114 -44.01 -18.74 -43.24
C GLY D 114 -45.01 -17.71 -42.82
N SER D 115 -46.06 -17.57 -43.61
CA SER D 115 -46.99 -16.48 -43.39
C SER D 115 -47.75 -16.55 -42.07
N SER D 116 -47.67 -17.66 -41.32
CA SER D 116 -48.30 -17.73 -39.97
C SER D 116 -47.33 -17.31 -38.85
N SER D 117 -46.06 -17.15 -39.17
CA SER D 117 -45.01 -16.88 -38.18
C SER D 117 -44.78 -15.38 -37.97
N GLY D 118 -43.93 -15.03 -37.00
CA GLY D 118 -43.49 -13.65 -36.83
C GLY D 118 -42.63 -13.21 -38.01
N CYS D 119 -42.38 -11.91 -38.09
CA CYS D 119 -41.49 -11.38 -39.13
C CYS D 119 -40.06 -11.24 -38.67
N VAL D 120 -39.13 -11.41 -39.61
CA VAL D 120 -37.70 -11.30 -39.36
C VAL D 120 -37.42 -9.90 -38.77
N PRO D 121 -36.75 -9.85 -37.61
CA PRO D 121 -36.47 -8.55 -37.01
C PRO D 121 -35.27 -7.90 -37.69
N VAL D 122 -34.90 -6.70 -37.26
CA VAL D 122 -33.73 -6.03 -37.77
C VAL D 122 -32.49 -6.90 -37.49
N GLN D 123 -31.67 -7.16 -38.50
CA GLN D 123 -30.44 -7.93 -38.30
C GLN D 123 -29.44 -7.63 -39.39
N GLY D 124 -28.29 -8.29 -39.35
CA GLY D 124 -27.24 -8.05 -40.33
C GLY D 124 -26.24 -7.08 -39.80
N THR D 125 -25.61 -6.33 -40.69
CA THR D 125 -24.48 -5.47 -40.34
C THR D 125 -24.83 -4.40 -39.29
N THR D 126 -23.98 -4.27 -38.27
CA THR D 126 -24.18 -3.25 -37.25
C THR D 126 -22.92 -2.41 -37.09
N TYR D 127 -23.11 -1.16 -36.70
CA TYR D 127 -22.01 -0.21 -36.61
C TYR D 127 -22.42 0.81 -35.57
N HIS D 128 -21.64 0.88 -34.49
CA HIS D 128 -21.93 1.74 -33.34
C HIS D 128 -20.69 2.45 -32.97
N MET D 129 -20.73 3.77 -33.08
CA MET D 129 -19.58 4.55 -32.67
C MET D 129 -20.04 5.83 -32.02
N PHE D 130 -19.22 6.34 -31.12
CA PHE D 130 -19.42 7.68 -30.63
C PHE D 130 -18.09 8.36 -30.44
N ALA D 131 -18.13 9.69 -30.50
CA ALA D 131 -16.94 10.47 -30.29
C ALA D 131 -17.31 11.70 -29.49
N VAL D 132 -16.40 12.10 -28.61
CA VAL D 132 -16.54 13.34 -27.85
C VAL D 132 -15.24 14.09 -28.04
N GLY D 133 -15.32 15.32 -28.51
CA GLY D 133 -14.09 16.07 -28.74
C GLY D 133 -14.26 17.58 -28.62
N GLY D 134 -13.12 18.27 -28.61
CA GLY D 134 -13.10 19.74 -28.53
C GLY D 134 -13.07 20.44 -29.89
N GLU D 135 -13.33 19.68 -30.95
CA GLU D 135 -13.35 20.18 -32.32
C GLU D 135 -13.98 19.07 -33.16
N PRO D 136 -14.22 19.33 -34.46
CA PRO D 136 -14.84 18.27 -35.27
C PRO D 136 -13.98 16.98 -35.34
N LEU D 137 -14.66 15.83 -35.37
CA LEU D 137 -14.00 14.55 -35.60
C LEU D 137 -13.27 14.60 -36.94
N GLU D 138 -12.02 14.15 -36.97
CA GLU D 138 -11.26 14.12 -38.20
C GLU D 138 -11.44 12.77 -38.88
N LEU D 139 -11.74 12.79 -40.19
CA LEU D 139 -12.16 11.60 -40.93
C LEU D 139 -11.14 11.21 -41.97
N GLN D 140 -10.97 9.91 -42.15
CA GLN D 140 -10.21 9.36 -43.25
C GLN D 140 -11.19 8.71 -44.24
N GLY D 141 -11.01 8.99 -45.52
CA GLY D 141 -11.82 8.35 -46.55
C GLY D 141 -11.21 7.01 -46.92
N LEU D 142 -12.08 6.01 -47.01
CA LEU D 142 -11.77 4.71 -47.58
C LEU D 142 -13.08 4.06 -47.99
N VAL D 143 -13.16 3.61 -49.24
CA VAL D 143 -14.39 2.99 -49.75
C VAL D 143 -14.18 1.56 -50.21
N ALA D 144 -15.28 0.80 -50.29
CA ALA D 144 -15.26 -0.56 -50.85
C ALA D 144 -14.94 -0.53 -52.35
N SER D 145 -15.46 0.48 -53.04
CA SER D 145 -15.21 0.61 -54.48
C SER D 145 -15.09 2.06 -54.92
N SER D 146 -13.98 2.35 -55.59
CA SER D 146 -13.71 3.70 -56.08
C SER D 146 -14.55 4.11 -57.29
N THR D 147 -15.26 3.17 -57.88
CA THR D 147 -16.04 3.48 -59.07
C THR D 147 -17.53 3.70 -58.76
N ALA D 148 -17.88 3.72 -57.48
CA ALA D 148 -19.22 4.10 -57.10
C ALA D 148 -19.39 5.59 -57.35
N THR D 149 -20.61 5.97 -57.73
CA THR D 149 -20.98 7.36 -57.92
C THR D 149 -21.89 7.73 -56.77
N TYR D 150 -21.39 8.56 -55.87
CA TYR D 150 -22.16 9.00 -54.72
C TYR D 150 -23.11 10.16 -55.04
N PRO D 151 -24.29 10.21 -54.39
CA PRO D 151 -25.30 11.24 -54.69
C PRO D 151 -24.82 12.64 -54.33
N ASP D 152 -25.47 13.66 -54.88
CA ASP D 152 -25.07 15.06 -54.70
CA ASP D 152 -24.99 15.03 -54.67
C ASP D 152 -25.27 15.54 -53.26
N ASP D 153 -26.16 14.88 -52.53
CA ASP D 153 -26.50 15.34 -51.19
C ASP D 153 -25.61 14.76 -50.06
N VAL D 154 -24.56 14.02 -50.41
CA VAL D 154 -23.60 13.57 -49.42
C VAL D 154 -22.21 14.09 -49.77
N VAL D 155 -21.33 14.12 -48.78
CA VAL D 155 -19.95 14.52 -49.00
C VAL D 155 -19.14 13.25 -49.21
N ALA D 156 -18.55 13.13 -50.39
CA ALA D 156 -17.75 11.96 -50.70
C ALA D 156 -16.29 12.36 -50.91
N ILE D 157 -15.46 11.39 -51.28
CA ILE D 157 -14.06 11.64 -51.54
C ILE D 157 -13.90 12.41 -52.86
N LYS D 158 -13.18 13.53 -52.83
CA LYS D 158 -12.90 14.30 -54.07
C LYS D 158 -11.97 13.52 -54.97
N ASN D 159 -12.31 13.45 -56.25
CA ASN D 159 -11.49 12.83 -57.29
C ASN D 159 -11.09 11.39 -56.91
N MET D 160 -12.11 10.59 -56.58
CA MET D 160 -11.89 9.23 -56.13
C MET D 160 -11.13 8.37 -57.15
N LYS D 161 -10.23 7.53 -56.67
CA LYS D 161 -9.38 6.68 -57.50
C LYS D 161 -9.27 5.30 -56.86
N PRO D 162 -8.82 4.27 -57.61
CA PRO D 162 -8.66 2.95 -56.98
C PRO D 162 -7.85 2.98 -55.68
N GLY D 163 -6.86 3.87 -55.57
CA GLY D 163 -6.12 4.06 -54.32
C GLY D 163 -6.96 4.34 -53.09
N ASN D 164 -8.20 4.81 -53.29
CA ASN D 164 -9.10 5.10 -52.17
C ASN D 164 -9.78 3.86 -51.61
N GLN D 165 -9.52 2.71 -52.22
CA GLN D 165 -9.93 1.43 -51.66
C GLN D 165 -8.96 1.02 -50.54
N GLY D 166 -7.82 1.71 -50.47
CA GLY D 166 -6.93 1.63 -49.31
C GLY D 166 -6.82 2.99 -48.66
N LEU D 167 -5.77 3.19 -47.88
CA LEU D 167 -5.59 4.47 -47.20
C LEU D 167 -4.81 5.43 -48.10
N ASP D 168 -5.49 6.48 -48.54
CA ASP D 168 -4.84 7.58 -49.25
C ASP D 168 -4.90 8.79 -48.32
N PRO D 169 -3.74 9.28 -47.88
CA PRO D 169 -3.70 10.38 -46.90
C PRO D 169 -4.29 11.71 -47.42
N LYS D 170 -4.49 11.84 -48.74
CA LYS D 170 -5.22 13.01 -49.28
C LYS D 170 -6.73 12.95 -49.01
N ALA D 171 -7.28 11.77 -48.75
CA ALA D 171 -8.72 11.64 -48.56
C ALA D 171 -9.08 11.91 -47.10
N LYS D 172 -9.17 13.19 -46.74
CA LYS D 172 -9.47 13.57 -45.35
C LYS D 172 -10.58 14.61 -45.28
N ALA D 173 -11.30 14.64 -44.16
CA ALA D 173 -12.47 15.52 -44.02
C ALA D 173 -12.70 15.76 -42.54
N LEU D 174 -13.54 16.75 -42.24
CA LEU D 174 -13.99 17.00 -40.87
C LEU D 174 -15.46 16.65 -40.74
N LEU D 175 -15.82 15.95 -39.68
CA LEU D 175 -17.24 15.69 -39.42
C LEU D 175 -17.88 16.95 -38.85
N ASP D 176 -18.28 17.84 -39.76
CA ASP D 176 -18.76 19.17 -39.39
C ASP D 176 -20.18 19.44 -39.91
N LYS D 177 -20.83 18.41 -40.47
CA LYS D 177 -22.19 18.53 -40.95
C LYS D 177 -22.92 17.26 -40.54
N ASP D 178 -24.08 17.42 -39.93
CA ASP D 178 -24.94 16.33 -39.51
C ASP D 178 -25.60 15.70 -40.73
N GLY D 179 -25.57 14.36 -40.83
CA GLY D 179 -26.27 13.62 -41.89
C GLY D 179 -25.76 13.81 -43.32
N LYS D 180 -24.46 14.07 -43.47
CA LYS D 180 -23.87 14.37 -44.78
C LYS D 180 -22.70 13.48 -45.15
N TYR D 181 -22.01 12.94 -44.14
CA TYR D 181 -20.80 12.13 -44.31
C TYR D 181 -21.15 10.64 -44.21
N PRO D 182 -21.15 9.91 -45.36
CA PRO D 182 -21.55 8.51 -45.27
C PRO D 182 -20.60 7.65 -44.45
N VAL D 183 -21.19 6.77 -43.66
CA VAL D 183 -20.44 5.79 -42.88
C VAL D 183 -19.53 4.94 -43.79
N GLU D 184 -20.05 4.53 -44.95
CA GLU D 184 -19.27 3.64 -45.84
C GLU D 184 -18.10 4.31 -46.57
N VAL D 185 -17.99 5.64 -46.44
CA VAL D 185 -16.94 6.42 -47.11
C VAL D 185 -15.88 6.88 -46.08
N TRP D 186 -16.34 7.18 -44.87
CA TRP D 186 -15.54 7.90 -43.86
C TRP D 186 -15.43 7.16 -42.57
N CYS D 187 -14.22 7.09 -42.04
CA CYS D 187 -13.99 6.54 -40.71
C CYS D 187 -13.15 7.53 -39.90
N PRO D 188 -13.07 7.35 -38.58
CA PRO D 188 -12.20 8.21 -37.77
C PRO D 188 -10.74 8.09 -38.22
N ASP D 189 -10.06 9.22 -38.34
CA ASP D 189 -8.66 9.24 -38.74
C ASP D 189 -7.77 9.04 -37.50
N PRO D 190 -7.13 7.87 -37.39
CA PRO D 190 -6.31 7.59 -36.20
C PRO D 190 -5.00 8.37 -36.15
N SER D 191 -4.60 8.95 -37.28
CA SER D 191 -3.37 9.75 -37.32
C SER D 191 -3.59 11.16 -36.81
N LYS D 192 -4.84 11.53 -36.52
CA LYS D 192 -5.12 12.85 -35.96
C LYS D 192 -5.98 12.63 -34.72
N ASN D 193 -7.00 13.47 -34.53
CA ASN D 193 -7.96 13.31 -33.43
C ASN D 193 -7.32 13.31 -32.03
N GLU D 194 -6.24 14.06 -31.88
CA GLU D 194 -5.58 14.27 -30.56
C GLU D 194 -6.56 14.88 -29.54
N ASN D 195 -7.50 15.66 -30.04
CA ASN D 195 -8.41 16.42 -29.18
C ASN D 195 -9.82 15.85 -29.17
N THR D 196 -9.89 14.56 -29.52
CA THR D 196 -11.15 13.83 -29.57
C THR D 196 -10.95 12.43 -28.98
N ARG D 197 -12.00 11.86 -28.40
CA ARG D 197 -11.97 10.44 -28.06
C ARG D 197 -13.09 9.76 -28.83
N TYR D 198 -12.75 8.68 -29.54
CA TYR D 198 -13.78 7.93 -30.26
C TYR D 198 -13.72 6.46 -29.94
N TYR D 199 -14.86 5.81 -30.07
CA TYR D 199 -15.03 4.42 -29.68
C TYR D 199 -15.99 3.81 -30.68
N GLY D 200 -15.59 2.70 -31.27
CA GLY D 200 -16.46 2.08 -32.26
C GLY D 200 -16.47 0.58 -32.22
N SER D 201 -17.60 0.03 -32.65
CA SER D 201 -17.76 -1.41 -32.73
CA SER D 201 -17.77 -1.42 -32.73
C SER D 201 -18.53 -1.76 -34.00
N PHE D 202 -18.00 -2.74 -34.72
CA PHE D 202 -18.57 -3.20 -35.99
C PHE D 202 -18.79 -4.71 -35.93
N THR D 203 -19.95 -5.14 -36.41
CA THR D 203 -20.15 -6.57 -36.68
C THR D 203 -20.77 -6.64 -38.07
N GLY D 204 -20.18 -7.47 -38.91
CA GLY D 204 -20.66 -7.61 -40.28
C GLY D 204 -21.64 -8.74 -40.45
N GLY D 205 -21.65 -9.31 -41.65
CA GLY D 205 -22.47 -10.47 -41.95
C GLY D 205 -23.82 -10.05 -42.50
N ALA D 206 -24.42 -10.96 -43.24
CA ALA D 206 -25.65 -10.69 -43.94
C ALA D 206 -26.86 -10.65 -43.00
N THR D 207 -26.97 -11.61 -42.08
CA THR D 207 -28.16 -11.76 -41.24
C THR D 207 -27.86 -11.88 -39.73
N THR D 208 -26.71 -11.37 -39.30
CA THR D 208 -26.21 -11.50 -37.92
C THR D 208 -27.14 -10.86 -36.88
N PRO D 209 -27.41 -11.56 -35.75
CA PRO D 209 -28.23 -10.99 -34.69
C PRO D 209 -27.53 -9.78 -34.06
N PRO D 210 -28.26 -8.66 -33.89
CA PRO D 210 -27.65 -7.52 -33.21
C PRO D 210 -27.55 -7.81 -31.71
N VAL D 211 -26.53 -7.25 -31.07
CA VAL D 211 -26.33 -7.38 -29.63
C VAL D 211 -26.08 -6.00 -29.10
N MET D 212 -26.87 -5.58 -28.10
CA MET D 212 -26.73 -4.26 -27.50
C MET D 212 -27.01 -4.33 -26.00
N GLN D 213 -26.27 -3.49 -25.25
CA GLN D 213 -26.48 -3.40 -23.81
CA GLN D 213 -26.41 -3.37 -23.79
C GLN D 213 -26.92 -1.98 -23.49
N PHE D 214 -27.59 -1.83 -22.35
CA PHE D 214 -27.99 -0.52 -21.86
C PHE D 214 -27.97 -0.51 -20.33
N THR D 215 -27.49 0.59 -19.77
CA THR D 215 -27.43 0.76 -18.32
C THR D 215 -27.17 2.24 -18.06
N ASN D 216 -27.52 2.71 -16.88
CA ASN D 216 -27.11 4.06 -16.48
C ASN D 216 -25.99 4.03 -15.44
N SER D 217 -25.28 2.91 -15.33
CA SER D 217 -24.27 2.76 -14.29
C SER D 217 -22.85 2.88 -14.83
N VAL D 218 -22.68 3.15 -16.13
CA VAL D 218 -21.34 3.10 -16.73
C VAL D 218 -20.87 4.48 -17.21
N THR D 219 -19.63 4.80 -16.87
CA THR D 219 -19.03 6.08 -17.27
C THR D 219 -17.69 5.78 -17.96
N THR D 220 -17.45 6.47 -19.06
CA THR D 220 -16.17 6.40 -19.74
C THR D 220 -15.37 7.66 -19.41
N VAL D 221 -14.16 7.47 -18.89
CA VAL D 221 -13.27 8.60 -18.61
C VAL D 221 -12.58 9.01 -19.93
N LEU D 222 -12.52 10.32 -20.19
CA LEU D 222 -12.04 10.84 -21.47
C LEU D 222 -10.59 11.37 -21.43
N LEU D 223 -9.94 11.24 -20.27
CA LEU D 223 -8.54 11.66 -20.14
C LEU D 223 -7.62 10.76 -20.96
N ASP D 224 -6.67 11.36 -21.66
CA ASP D 224 -5.69 10.59 -22.43
C ASP D 224 -4.56 10.08 -21.53
N GLU D 225 -3.51 9.54 -22.14
CA GLU D 225 -2.41 8.96 -21.38
C GLU D 225 -1.62 10.01 -20.59
N ASN D 226 -1.81 11.29 -20.91
CA ASN D 226 -1.20 12.37 -20.16
C ASN D 226 -2.15 12.98 -19.14
N GLY D 227 -3.31 12.37 -18.97
CA GLY D 227 -4.28 12.80 -17.98
C GLY D 227 -5.08 14.01 -18.41
N VAL D 228 -5.21 14.23 -19.72
CA VAL D 228 -5.87 15.43 -20.23
C VAL D 228 -7.03 15.02 -21.12
N GLY D 229 -8.18 15.65 -20.93
CA GLY D 229 -9.35 15.37 -21.77
C GLY D 229 -9.43 16.31 -22.96
N PRO D 230 -10.38 16.07 -23.88
CA PRO D 230 -10.63 17.01 -24.98
C PRO D 230 -10.82 18.45 -24.47
N LEU D 231 -10.13 19.41 -25.10
CA LEU D 231 -10.25 20.81 -24.74
C LEU D 231 -11.10 21.52 -25.77
N CYS D 232 -12.12 22.23 -25.29
CA CYS D 232 -13.16 22.73 -26.18
C CYS D 232 -12.83 24.07 -26.81
N LYS D 233 -12.41 24.02 -28.07
CA LYS D 233 -12.00 25.22 -28.79
C LYS D 233 -13.22 26.08 -29.09
N GLY D 234 -13.09 27.39 -28.85
CA GLY D 234 -14.22 28.33 -29.00
C GLY D 234 -15.38 28.01 -28.06
N ASP D 235 -15.09 27.29 -26.96
CA ASP D 235 -16.12 26.82 -25.99
C ASP D 235 -17.20 25.96 -26.68
N LYS D 236 -16.77 25.14 -27.63
CA LYS D 236 -17.67 24.25 -28.35
C LYS D 236 -17.31 22.79 -28.11
N LEU D 237 -18.33 22.00 -27.79
CA LEU D 237 -18.18 20.56 -27.60
C LEU D 237 -18.80 19.83 -28.79
N PHE D 238 -18.03 18.92 -29.38
CA PHE D 238 -18.51 18.14 -30.53
C PHE D 238 -18.87 16.73 -30.12
N LEU D 239 -20.13 16.37 -30.39
CA LEU D 239 -20.65 15.03 -30.15
C LEU D 239 -20.96 14.38 -31.48
N SER D 240 -20.38 13.21 -31.72
CA SER D 240 -20.52 12.51 -32.99
C SER D 240 -20.91 11.08 -32.72
N CYS D 241 -21.70 10.50 -33.63
CA CYS D 241 -22.00 9.08 -33.55
C CYS D 241 -22.58 8.53 -34.85
N ALA D 242 -22.64 7.19 -34.89
CA ALA D 242 -23.45 6.46 -35.86
C ALA D 242 -23.86 5.20 -35.12
N ASP D 243 -25.17 4.90 -35.16
CA ASP D 243 -25.67 3.69 -34.50
C ASP D 243 -26.63 2.95 -35.40
N ILE D 244 -26.04 2.14 -36.28
CA ILE D 244 -26.78 1.36 -37.24
C ILE D 244 -27.09 0.05 -36.56
N ALA D 245 -28.38 -0.23 -36.37
CA ALA D 245 -28.80 -1.42 -35.63
C ALA D 245 -28.79 -2.68 -36.48
N GLY D 246 -28.94 -2.50 -37.79
CA GLY D 246 -29.01 -3.59 -38.74
C GLY D 246 -29.87 -3.16 -39.91
N VAL D 247 -30.36 -4.13 -40.69
CA VAL D 247 -31.27 -3.82 -41.77
C VAL D 247 -32.61 -4.47 -41.56
N HIS D 248 -33.65 -3.76 -41.97
CA HIS D 248 -34.98 -4.31 -41.96
C HIS D 248 -35.29 -4.82 -43.35
N THR D 249 -35.90 -5.99 -43.42
CA THR D 249 -36.24 -6.62 -44.71
C THR D 249 -37.74 -6.63 -44.89
N ASN D 250 -38.18 -6.09 -46.02
CA ASN D 250 -39.58 -6.09 -46.39
C ASN D 250 -40.02 -7.41 -47.02
N TYR D 251 -41.33 -7.63 -47.07
CA TYR D 251 -41.86 -8.81 -47.74
C TYR D 251 -41.30 -8.97 -49.16
N SER D 252 -41.22 -7.88 -49.92
CA SER D 252 -40.66 -7.88 -51.30
C SER D 252 -39.14 -8.18 -51.34
N GLU D 253 -38.53 -8.26 -50.16
CA GLU D 253 -37.09 -8.52 -49.96
C GLU D 253 -36.18 -7.32 -50.18
N THR D 254 -36.76 -6.14 -50.41
CA THR D 254 -35.99 -4.90 -50.36
C THR D 254 -35.61 -4.65 -48.91
N GLN D 255 -34.49 -3.97 -48.71
CA GLN D 255 -33.95 -3.79 -47.38
C GLN D 255 -33.62 -2.34 -47.11
N VAL D 256 -33.77 -1.96 -45.85
CA VAL D 256 -33.49 -0.59 -45.42
C VAL D 256 -32.65 -0.64 -44.14
N TRP D 257 -31.71 0.28 -44.03
CA TRP D 257 -30.93 0.44 -42.80
C TRP D 257 -31.79 0.97 -41.72
N ARG D 258 -31.60 0.48 -40.49
CA ARG D 258 -32.27 1.04 -39.33
C ARG D 258 -31.23 1.63 -38.35
N GLY D 259 -31.42 2.88 -37.97
CA GLY D 259 -30.53 3.52 -36.98
C GLY D 259 -31.27 3.85 -35.71
N LEU D 260 -30.53 4.10 -34.64
CA LEU D 260 -31.13 4.44 -33.34
C LEU D 260 -30.46 5.70 -32.78
N PRO D 261 -31.19 6.47 -31.96
CA PRO D 261 -30.57 7.67 -31.42
C PRO D 261 -29.60 7.36 -30.31
N ARG D 262 -28.74 8.32 -29.99
CA ARG D 262 -27.79 8.16 -28.89
C ARG D 262 -27.88 9.36 -27.96
N TYR D 263 -27.87 9.08 -26.67
CA TYR D 263 -27.85 10.07 -25.62
C TYR D 263 -26.42 10.24 -25.10
N PHE D 264 -26.07 11.49 -24.78
CA PHE D 264 -24.78 11.78 -24.20
C PHE D 264 -24.98 12.61 -22.94
N ASN D 265 -24.18 12.32 -21.93
CA ASN D 265 -24.07 13.15 -20.76
C ASN D 265 -22.58 13.31 -20.48
N VAL D 266 -22.09 14.54 -20.65
CA VAL D 266 -20.67 14.83 -20.57
C VAL D 266 -20.37 15.78 -19.41
N THR D 267 -19.35 15.44 -18.62
CA THR D 267 -18.88 16.30 -17.54
C THR D 267 -17.59 17.00 -17.99
N LEU D 268 -17.54 18.31 -17.73
CA LEU D 268 -16.41 19.13 -18.12
C LEU D 268 -15.95 19.98 -16.93
N ARG D 269 -14.68 20.38 -16.97
CA ARG D 269 -14.14 21.24 -15.92
C ARG D 269 -13.37 22.37 -16.58
N LYS D 270 -13.32 23.53 -15.93
CA LYS D 270 -12.56 24.66 -16.44
C LYS D 270 -11.08 24.44 -16.20
N ARG D 271 -10.26 24.76 -17.19
CA ARG D 271 -8.81 24.64 -17.02
C ARG D 271 -8.11 25.90 -17.48
N ILE D 272 -7.01 26.21 -16.81
CA ILE D 272 -6.12 27.27 -17.24
C ILE D 272 -5.24 26.67 -18.33
N VAL D 273 -5.19 27.33 -19.49
CA VAL D 273 -4.48 26.82 -20.67
C VAL D 273 -3.61 27.94 -21.22
N LYS D 274 -2.36 27.63 -21.55
CA LYS D 274 -1.49 28.59 -22.23
C LYS D 274 -2.08 28.93 -23.60
N ASN D 275 -2.16 30.22 -23.90
CA ASN D 275 -2.84 30.72 -25.10
C ASN D 275 -2.14 30.27 -26.39
N PRO D 276 -2.85 29.53 -27.27
CA PRO D 276 -2.28 29.04 -28.55
C PRO D 276 -1.68 30.14 -29.44
N SER E 2 1.20 -20.66 27.12
CA SER E 2 -0.18 -20.36 26.62
C SER E 2 -0.67 -18.98 27.06
N HIS E 3 -1.62 -18.43 26.29
CA HIS E 3 -1.97 -17.01 26.37
C HIS E 3 -3.42 -16.83 26.01
N MET E 4 -4.02 -15.71 26.44
CA MET E 4 -5.36 -15.37 25.96
C MET E 4 -5.26 -14.91 24.50
N GLY E 5 -6.19 -15.37 23.68
CA GLY E 5 -6.18 -15.04 22.26
C GLY E 5 -7.57 -15.14 21.66
N GLY E 6 -7.72 -14.64 20.43
CA GLY E 6 -9.02 -14.59 19.78
C GLY E 6 -9.29 -15.86 19.01
N VAL E 7 -10.55 -16.29 19.02
CA VAL E 7 -10.99 -17.37 18.15
C VAL E 7 -12.33 -16.95 17.54
N GLU E 8 -12.49 -17.15 16.24
CA GLU E 8 -13.69 -16.69 15.58
C GLU E 8 -14.73 -17.79 15.62
N VAL E 9 -15.81 -17.54 16.34
CA VAL E 9 -16.92 -18.47 16.46
C VAL E 9 -18.01 -17.96 15.49
N LEU E 10 -18.62 -18.87 14.74
CA LEU E 10 -19.71 -18.53 13.86
C LEU E 10 -21.03 -18.57 14.62
N GLU E 11 -21.86 -17.57 14.40
CA GLU E 11 -23.19 -17.59 15.00
C GLU E 11 -24.12 -16.78 14.13
N VAL E 12 -25.43 -16.93 14.36
CA VAL E 12 -26.43 -16.08 13.72
C VAL E 12 -26.24 -14.67 14.24
N ARG E 13 -25.97 -13.75 13.34
CA ARG E 13 -25.76 -12.35 13.68
C ARG E 13 -27.00 -11.59 13.31
N THR E 14 -27.44 -10.72 14.21
CA THR E 14 -28.65 -9.94 14.06
C THR E 14 -28.61 -9.01 12.82
N GLY E 15 -27.50 -8.29 12.67
CA GLY E 15 -27.42 -7.22 11.66
C GLY E 15 -27.95 -5.95 12.32
N PRO E 16 -27.31 -4.80 12.05
CA PRO E 16 -27.73 -3.55 12.72
C PRO E 16 -29.19 -3.18 12.37
N ASP E 17 -29.79 -2.36 13.23
CA ASP E 17 -31.16 -1.90 13.00
C ASP E 17 -31.25 -1.00 11.76
N ALA E 18 -30.12 -0.43 11.37
CA ALA E 18 -30.03 0.47 10.23
C ALA E 18 -30.14 -0.23 8.86
N ILE E 19 -30.04 -1.55 8.84
CA ILE E 19 -30.02 -2.32 7.60
C ILE E 19 -31.26 -3.20 7.48
N THR E 20 -31.82 -3.29 6.29
CA THR E 20 -32.91 -4.22 6.03
C THR E 20 -32.70 -4.90 4.68
N GLN E 21 -33.29 -6.06 4.50
CA GLN E 21 -33.27 -6.74 3.21
C GLN E 21 -34.70 -7.05 2.82
N ILE E 22 -35.01 -6.89 1.55
CA ILE E 22 -36.29 -7.35 1.06
C ILE E 22 -36.05 -8.38 -0.05
N GLU E 23 -37.01 -9.28 -0.21
CA GLU E 23 -37.00 -10.13 -1.40
C GLU E 23 -38.37 -10.10 -2.07
N ALA E 24 -38.37 -10.29 -3.37
CA ALA E 24 -39.58 -10.25 -4.17
C ALA E 24 -39.35 -11.03 -5.43
N TYR E 25 -40.42 -11.49 -6.06
CA TYR E 25 -40.33 -12.04 -7.40
C TYR E 25 -41.38 -11.36 -8.26
N LEU E 26 -41.07 -11.18 -9.53
CA LEU E 26 -42.00 -10.59 -10.47
C LEU E 26 -42.22 -11.60 -11.58
N ASN E 27 -43.48 -11.99 -11.77
CA ASN E 27 -43.83 -12.87 -12.88
C ASN E 27 -43.91 -12.12 -14.20
N PRO E 28 -43.56 -12.80 -15.31
CA PRO E 28 -43.51 -12.10 -16.60
C PRO E 28 -44.89 -11.69 -17.10
N ARG E 29 -44.91 -10.62 -17.89
CA ARG E 29 -46.14 -10.09 -18.44
C ARG E 29 -46.06 -10.12 -19.96
N MET E 30 -46.08 -11.33 -20.51
CA MET E 30 -45.92 -11.54 -21.96
C MET E 30 -47.18 -11.28 -22.78
N GLY E 31 -48.31 -11.26 -22.10
CA GLY E 31 -49.59 -10.95 -22.74
C GLY E 31 -50.68 -11.75 -22.07
N ASN E 32 -50.36 -13.02 -21.76
CA ASN E 32 -51.25 -13.82 -20.92
C ASN E 32 -50.72 -13.64 -19.52
N ASN E 33 -51.35 -12.73 -18.77
CA ASN E 33 -50.77 -12.21 -17.53
C ASN E 33 -51.45 -12.72 -16.26
N ILE E 34 -52.47 -13.54 -16.44
CA ILE E 34 -53.30 -14.03 -15.33
C ILE E 34 -53.00 -15.52 -15.19
N PRO E 35 -52.68 -15.97 -13.97
CA PRO E 35 -52.24 -17.35 -13.71
C PRO E 35 -53.20 -18.45 -14.18
N SER E 36 -54.48 -18.14 -14.30
CA SER E 36 -55.46 -19.15 -14.68
C SER E 36 -55.51 -19.40 -16.21
N GLU E 37 -54.86 -18.53 -16.98
CA GLU E 37 -54.89 -18.65 -18.43
C GLU E 37 -53.96 -19.76 -18.88
N ASP E 38 -54.41 -20.56 -19.87
CA ASP E 38 -53.61 -21.68 -20.38
C ASP E 38 -52.20 -21.28 -20.77
N LEU E 39 -52.07 -20.11 -21.40
CA LEU E 39 -50.80 -19.66 -21.93
C LEU E 39 -50.07 -18.67 -21.02
N TYR E 40 -50.42 -18.67 -19.73
CA TYR E 40 -49.72 -17.86 -18.75
C TYR E 40 -48.21 -17.97 -18.92
N GLY E 41 -47.53 -16.83 -19.02
CA GLY E 41 -46.09 -16.80 -19.16
C GLY E 41 -45.66 -16.67 -20.64
N TYR E 42 -46.65 -16.67 -21.54
CA TYR E 42 -46.42 -16.53 -22.98
C TYR E 42 -47.35 -15.43 -23.53
N SER E 43 -47.01 -14.89 -24.69
CA SER E 43 -47.94 -14.04 -25.42
C SER E 43 -48.95 -14.96 -26.15
N ASN E 44 -50.01 -14.38 -26.70
CA ASN E 44 -50.79 -15.05 -27.75
C ASN E 44 -49.99 -15.04 -29.06
N SER E 45 -50.46 -15.80 -30.05
CA SER E 45 -49.73 -15.88 -31.31
C SER E 45 -49.50 -14.50 -31.84
N ILE E 46 -48.27 -14.25 -32.26
CA ILE E 46 -47.92 -12.97 -32.84
C ILE E 46 -48.59 -12.83 -34.22
N ASN E 47 -49.46 -11.84 -34.38
CA ASN E 47 -50.05 -11.55 -35.67
C ASN E 47 -49.29 -10.40 -36.31
N THR E 48 -48.90 -10.59 -37.56
CA THR E 48 -48.04 -9.65 -38.27
C THR E 48 -48.86 -8.65 -39.08
N ALA E 49 -48.26 -7.49 -39.38
CA ALA E 49 -48.94 -6.42 -40.09
C ALA E 49 -49.40 -6.86 -41.47
N PHE E 50 -50.60 -6.41 -41.87
CA PHE E 50 -51.01 -6.52 -43.28
C PHE E 50 -50.13 -5.65 -44.19
N SER E 51 -49.75 -4.47 -43.69
CA SER E 51 -48.91 -3.51 -44.40
C SER E 51 -48.37 -2.51 -43.39
N LYS E 52 -47.51 -1.59 -43.82
CA LYS E 52 -47.00 -0.58 -42.87
C LYS E 52 -48.16 0.26 -42.33
N ALA E 53 -49.08 0.66 -43.21
CA ALA E 53 -50.26 1.44 -42.85
C ALA E 53 -51.26 0.66 -41.99
N SER E 54 -51.28 -0.65 -42.12
CA SER E 54 -52.23 -1.45 -41.38
C SER E 54 -51.52 -2.53 -40.58
N ASP E 55 -51.19 -2.19 -39.33
CA ASP E 55 -50.41 -3.01 -38.41
C ASP E 55 -51.06 -2.91 -37.02
N THR E 56 -51.86 -3.91 -36.70
CA THR E 56 -52.67 -3.89 -35.49
C THR E 56 -52.42 -5.13 -34.65
N PRO E 57 -51.38 -5.11 -33.76
CA PRO E 57 -51.15 -6.30 -32.92
C PRO E 57 -52.40 -6.67 -32.12
N ASN E 58 -52.72 -7.96 -32.08
CA ASN E 58 -53.85 -8.43 -31.29
C ASN E 58 -53.60 -8.21 -29.81
N LYS E 59 -54.70 -8.16 -29.07
CA LYS E 59 -54.64 -8.10 -27.62
C LYS E 59 -53.73 -9.22 -27.12
N ASP E 60 -52.89 -8.88 -26.15
CA ASP E 60 -52.08 -9.88 -25.46
C ASP E 60 -51.02 -10.54 -26.33
N THR E 61 -50.60 -9.85 -27.40
CA THR E 61 -49.48 -10.34 -28.19
C THR E 61 -48.19 -9.57 -27.90
N LEU E 62 -48.28 -8.56 -27.02
CA LEU E 62 -47.17 -7.64 -26.80
C LEU E 62 -46.59 -7.77 -25.40
N PRO E 63 -45.34 -8.23 -25.28
CA PRO E 63 -44.76 -8.32 -23.95
C PRO E 63 -44.59 -6.93 -23.32
N CYS E 64 -44.86 -6.87 -22.03
CA CYS E 64 -44.76 -5.62 -21.29
C CYS E 64 -43.79 -5.77 -20.11
N TYR E 65 -43.33 -4.64 -19.59
CA TYR E 65 -42.50 -4.62 -18.39
C TYR E 65 -43.29 -5.07 -17.18
N SER E 66 -42.60 -5.74 -16.28
CA SER E 66 -43.15 -6.06 -14.97
C SER E 66 -42.71 -4.97 -13.99
N VAL E 67 -43.52 -4.67 -13.00
CA VAL E 67 -43.08 -3.74 -11.95
C VAL E 67 -43.79 -4.12 -10.68
N ALA E 68 -43.07 -4.03 -9.56
CA ALA E 68 -43.63 -4.25 -8.24
C ALA E 68 -43.15 -3.10 -7.36
N VAL E 69 -44.03 -2.64 -6.47
CA VAL E 69 -43.70 -1.60 -5.52
C VAL E 69 -43.67 -2.28 -4.16
N ILE E 70 -42.54 -2.26 -3.49
CA ILE E 70 -42.38 -2.91 -2.22
C ILE E 70 -42.48 -1.85 -1.13
N LYS E 71 -43.41 -2.04 -0.20
CA LYS E 71 -43.60 -1.14 0.93
C LYS E 71 -42.56 -1.46 1.99
N LEU E 72 -41.70 -0.50 2.28
CA LEU E 72 -40.63 -0.66 3.27
C LEU E 72 -41.09 -0.20 4.66
N PRO E 73 -40.37 -0.59 5.73
CA PRO E 73 -40.73 -0.11 7.06
C PRO E 73 -40.79 1.41 7.12
N LEU E 74 -41.88 1.92 7.69
CA LEU E 74 -42.09 3.35 7.88
C LEU E 74 -41.00 3.94 8.77
N LEU E 75 -40.39 5.04 8.33
CA LEU E 75 -39.26 5.63 9.05
C LEU E 75 -39.56 6.95 9.77
N ASN E 76 -40.57 7.68 9.31
CA ASN E 76 -40.85 9.02 9.83
C ASN E 76 -42.28 9.17 10.29
N GLU E 77 -42.47 9.83 11.44
CA GLU E 77 -43.79 10.17 11.96
C GLU E 77 -44.56 11.07 10.98
N ASP E 78 -43.88 12.09 10.45
CA ASP E 78 -44.40 12.94 9.36
C ASP E 78 -43.25 13.53 8.55
N MET E 79 -43.55 14.46 7.66
CA MET E 79 -42.54 15.07 6.81
C MET E 79 -42.21 16.50 7.21
N THR E 80 -42.29 16.82 8.50
CA THR E 80 -42.18 18.22 8.94
C THR E 80 -40.78 18.67 9.40
N CYS E 81 -39.84 17.74 9.55
CA CYS E 81 -38.51 18.11 10.09
C CYS E 81 -37.51 18.49 9.01
N ASP E 82 -36.43 19.14 9.41
CA ASP E 82 -35.39 19.57 8.48
C ASP E 82 -34.71 18.37 7.81
N THR E 83 -34.55 17.28 8.55
CA THR E 83 -34.04 16.05 7.95
C THR E 83 -35.03 14.94 8.21
N ILE E 84 -35.05 13.97 7.30
CA ILE E 84 -35.89 12.78 7.46
C ILE E 84 -34.99 11.55 7.33
N LEU E 85 -35.51 10.39 7.69
CA LEU E 85 -34.84 9.13 7.37
C LEU E 85 -35.41 8.58 6.06
N MET E 86 -34.54 8.03 5.22
CA MET E 86 -34.98 7.33 4.00
C MET E 86 -34.15 6.06 3.88
N TRP E 87 -34.75 5.05 3.25
CA TRP E 87 -34.04 3.86 2.88
C TRP E 87 -33.23 4.09 1.64
N GLU E 88 -31.98 3.69 1.69
CA GLU E 88 -31.09 3.76 0.55
C GLU E 88 -30.80 2.33 0.10
N ALA E 89 -31.20 1.98 -1.12
CA ALA E 89 -30.88 0.67 -1.69
C ALA E 89 -29.39 0.63 -2.04
N VAL E 90 -28.65 -0.33 -1.48
CA VAL E 90 -27.19 -0.31 -1.70
C VAL E 90 -26.68 -1.45 -2.57
N SER E 91 -27.42 -2.54 -2.62
CA SER E 91 -27.00 -3.67 -3.46
C SER E 91 -28.19 -4.57 -3.74
N VAL E 92 -28.06 -5.38 -4.79
CA VAL E 92 -29.11 -6.27 -5.18
C VAL E 92 -28.50 -7.58 -5.69
N LYS E 93 -29.18 -8.68 -5.38
CA LYS E 93 -28.92 -9.97 -6.00
C LYS E 93 -30.19 -10.27 -6.75
N THR E 94 -30.03 -10.63 -8.02
CA THR E 94 -31.20 -10.89 -8.85
C THR E 94 -30.95 -12.09 -9.74
N GLU E 95 -32.00 -12.87 -10.00
CA GLU E 95 -31.89 -14.13 -10.72
C GLU E 95 -33.11 -14.30 -11.58
N VAL E 96 -32.89 -14.77 -12.81
CA VAL E 96 -33.99 -15.15 -13.71
C VAL E 96 -34.33 -16.57 -13.28
N VAL E 97 -35.59 -16.80 -12.91
CA VAL E 97 -36.00 -18.10 -12.38
C VAL E 97 -36.60 -18.92 -13.52
N GLY E 98 -36.40 -20.23 -13.50
CA GLY E 98 -37.04 -21.10 -14.49
C GLY E 98 -36.27 -21.25 -15.79
N ILE E 99 -34.98 -20.93 -15.76
CA ILE E 99 -34.12 -21.06 -16.96
C ILE E 99 -34.11 -22.52 -17.42
N SER E 100 -34.05 -23.44 -16.45
CA SER E 100 -34.00 -24.87 -16.76
C SER E 100 -35.26 -25.38 -17.48
N SER E 101 -36.36 -24.65 -17.34
CA SER E 101 -37.63 -25.03 -17.99
C SER E 101 -37.51 -25.02 -19.52
N LEU E 102 -36.55 -24.23 -20.03
CA LEU E 102 -36.24 -24.18 -21.46
C LEU E 102 -35.52 -25.43 -21.99
N VAL E 103 -35.03 -26.28 -21.08
CA VAL E 103 -34.29 -27.51 -21.42
C VAL E 103 -35.30 -28.63 -21.62
N ASN E 104 -36.06 -28.50 -22.70
CA ASN E 104 -37.26 -29.28 -22.92
C ASN E 104 -37.41 -29.32 -24.42
N LEU E 105 -37.27 -30.53 -24.99
CA LEU E 105 -37.41 -30.74 -26.44
C LEU E 105 -38.63 -31.58 -26.79
N HIS E 106 -39.44 -31.89 -25.77
CA HIS E 106 -40.64 -32.71 -25.99
C HIS E 106 -41.90 -31.90 -26.09
N GLN E 107 -41.85 -30.64 -25.66
CA GLN E 107 -42.99 -29.73 -25.77
C GLN E 107 -43.43 -29.65 -27.23
N GLY E 108 -44.74 -29.69 -27.49
CA GLY E 108 -45.22 -29.68 -28.87
C GLY E 108 -44.73 -28.45 -29.64
N GLY E 109 -44.46 -28.61 -30.93
CA GLY E 109 -43.96 -27.50 -31.72
C GLY E 109 -43.42 -27.87 -33.07
N LYS E 110 -42.55 -27.02 -33.60
CA LYS E 110 -41.90 -27.28 -34.87
C LYS E 110 -40.75 -28.24 -34.60
N TYR E 111 -40.57 -29.22 -35.47
CA TYR E 111 -39.50 -30.23 -35.30
C TYR E 111 -38.12 -29.71 -35.70
N ILE E 112 -37.09 -30.10 -34.95
CA ILE E 112 -35.70 -29.75 -35.27
C ILE E 112 -35.36 -30.32 -36.65
N TYR E 113 -35.52 -31.62 -36.85
CA TYR E 113 -35.22 -32.23 -38.16
C TYR E 113 -36.42 -32.78 -38.91
N GLY E 114 -37.24 -33.57 -38.25
CA GLY E 114 -38.39 -34.19 -38.90
C GLY E 114 -39.25 -34.68 -37.77
N SER E 115 -40.36 -35.34 -38.10
CA SER E 115 -41.31 -35.73 -37.07
C SER E 115 -40.80 -36.78 -36.08
N SER E 116 -39.60 -37.34 -36.32
CA SER E 116 -38.99 -38.25 -35.34
C SER E 116 -38.08 -37.54 -34.33
N SER E 117 -37.77 -36.27 -34.56
CA SER E 117 -36.79 -35.59 -33.73
C SER E 117 -37.48 -34.80 -32.61
N GLY E 118 -36.68 -34.13 -31.79
CA GLY E 118 -37.20 -33.19 -30.82
C GLY E 118 -37.79 -31.95 -31.47
N CYS E 119 -38.48 -31.16 -30.66
CA CYS E 119 -39.06 -29.91 -31.12
C CYS E 119 -38.10 -28.75 -30.86
N VAL E 120 -38.21 -27.71 -31.68
CA VAL E 120 -37.34 -26.54 -31.63
C VAL E 120 -37.61 -25.83 -30.30
N PRO E 121 -36.56 -25.60 -29.49
CA PRO E 121 -36.81 -24.94 -28.20
C PRO E 121 -37.03 -23.45 -28.40
N VAL E 122 -37.24 -22.75 -27.30
CA VAL E 122 -37.43 -21.31 -27.34
C VAL E 122 -36.14 -20.68 -27.86
N GLN E 123 -36.26 -19.82 -28.87
CA GLN E 123 -35.09 -19.11 -29.40
C GLN E 123 -35.50 -17.81 -30.10
N GLY E 124 -34.52 -17.07 -30.60
CA GLY E 124 -34.80 -15.82 -31.30
C GLY E 124 -34.52 -14.67 -30.36
N THR E 125 -35.25 -13.57 -30.54
CA THR E 125 -34.96 -12.32 -29.86
C THR E 125 -35.06 -12.47 -28.37
N THR E 126 -34.06 -11.96 -27.64
CA THR E 126 -34.10 -11.97 -26.17
C THR E 126 -33.90 -10.55 -25.63
N TYR E 127 -34.48 -10.29 -24.46
CA TYR E 127 -34.41 -8.98 -23.87
C TYR E 127 -34.51 -9.18 -22.36
N HIS E 128 -33.46 -8.80 -21.66
CA HIS E 128 -33.36 -9.00 -20.21
C HIS E 128 -32.94 -7.71 -19.62
N MET E 129 -33.79 -7.16 -18.76
CA MET E 129 -33.46 -5.93 -18.07
C MET E 129 -34.04 -5.96 -16.67
N PHE E 130 -33.36 -5.32 -15.74
CA PHE E 130 -33.94 -5.07 -14.43
C PHE E 130 -33.57 -3.67 -13.97
N ALA E 131 -34.38 -3.14 -13.07
CA ALA E 131 -34.12 -1.84 -12.48
C ALA E 131 -34.54 -1.88 -11.03
N VAL E 132 -33.78 -1.18 -10.19
CA VAL E 132 -34.09 -0.97 -8.78
C VAL E 132 -34.04 0.54 -8.57
N GLY E 133 -35.11 1.08 -8.01
CA GLY E 133 -35.24 2.51 -7.89
C GLY E 133 -36.10 2.95 -6.73
N GLY E 134 -35.96 4.23 -6.36
CA GLY E 134 -36.70 4.81 -5.25
C GLY E 134 -37.95 5.54 -5.71
N GLU E 135 -38.34 5.28 -6.96
CA GLU E 135 -39.49 5.89 -7.60
C GLU E 135 -39.68 5.12 -8.91
N PRO E 136 -40.78 5.37 -9.65
CA PRO E 136 -40.95 4.60 -10.91
C PRO E 136 -39.84 4.84 -11.94
N LEU E 137 -39.50 3.79 -12.67
CA LEU E 137 -38.57 3.89 -13.78
C LEU E 137 -39.17 4.87 -14.78
N GLU E 138 -38.35 5.80 -15.24
CA GLU E 138 -38.75 6.79 -16.23
C GLU E 138 -38.44 6.26 -17.64
N LEU E 139 -39.42 6.36 -18.53
CA LEU E 139 -39.37 5.70 -19.83
C LEU E 139 -39.38 6.71 -20.97
N GLN E 140 -38.71 6.33 -22.06
CA GLN E 140 -38.71 7.07 -23.29
C GLN E 140 -39.42 6.19 -24.33
N GLY E 141 -40.35 6.79 -25.06
CA GLY E 141 -41.02 6.07 -26.15
C GLY E 141 -40.21 6.13 -27.43
N LEU E 142 -40.14 5.00 -28.13
CA LEU E 142 -39.58 4.91 -29.47
C LEU E 142 -40.06 3.61 -30.09
N VAL E 143 -40.59 3.68 -31.30
CA VAL E 143 -41.19 2.50 -31.94
C VAL E 143 -40.51 2.22 -33.27
N ALA E 144 -40.66 0.97 -33.73
CA ALA E 144 -40.20 0.61 -35.08
C ALA E 144 -41.06 1.26 -36.15
N SER E 145 -42.35 1.41 -35.86
CA SER E 145 -43.28 2.00 -36.83
C SER E 145 -44.36 2.84 -36.15
N SER E 146 -44.41 4.11 -36.52
CA SER E 146 -45.35 5.03 -35.93
C SER E 146 -46.76 4.79 -36.43
N THR E 147 -46.93 3.94 -37.44
CA THR E 147 -48.27 3.68 -37.97
C THR E 147 -48.89 2.41 -37.43
N ALA E 148 -48.23 1.76 -36.48
CA ALA E 148 -48.84 0.63 -35.76
C ALA E 148 -50.01 1.14 -34.92
N THR E 149 -51.06 0.33 -34.79
CA THR E 149 -52.17 0.62 -33.90
C THR E 149 -52.09 -0.30 -32.70
N TYR E 150 -51.77 0.26 -31.54
CA TYR E 150 -51.59 -0.51 -30.32
C TYR E 150 -52.93 -0.75 -29.64
N PRO E 151 -53.09 -1.92 -28.98
CA PRO E 151 -54.39 -2.26 -28.38
C PRO E 151 -54.75 -1.34 -27.23
N ASP E 152 -56.03 -1.30 -26.88
CA ASP E 152 -56.54 -0.44 -25.82
C ASP E 152 -55.93 -0.74 -24.45
N ASP E 153 -55.56 -1.99 -24.21
CA ASP E 153 -55.15 -2.44 -22.87
C ASP E 153 -53.64 -2.25 -22.59
N VAL E 154 -52.92 -1.59 -23.51
CA VAL E 154 -51.54 -1.18 -23.24
C VAL E 154 -51.42 0.34 -23.28
N VAL E 155 -50.41 0.88 -22.63
CA VAL E 155 -50.14 2.31 -22.66
C VAL E 155 -49.15 2.52 -23.80
N ALA E 156 -49.59 3.20 -24.85
CA ALA E 156 -48.72 3.50 -25.99
C ALA E 156 -48.34 4.98 -26.00
N ILE E 157 -47.62 5.41 -27.02
CA ILE E 157 -47.22 6.81 -27.16
C ILE E 157 -48.44 7.60 -27.62
N LYS E 158 -48.76 8.69 -26.92
CA LYS E 158 -49.89 9.53 -27.32
C LYS E 158 -49.60 10.29 -28.63
N ASN E 159 -50.55 10.26 -29.56
CA ASN E 159 -50.45 11.05 -30.80
C ASN E 159 -49.20 10.69 -31.61
N MET E 160 -48.97 9.39 -31.78
CA MET E 160 -47.77 8.89 -32.41
C MET E 160 -47.57 9.47 -33.82
N LYS E 161 -46.31 9.77 -34.15
CA LYS E 161 -45.97 10.41 -35.44
C LYS E 161 -44.69 9.77 -35.93
N PRO E 162 -44.35 9.91 -37.24
CA PRO E 162 -43.11 9.27 -37.72
C PRO E 162 -41.89 9.63 -36.88
N GLY E 163 -41.88 10.84 -36.33
CA GLY E 163 -40.86 11.29 -35.38
C GLY E 163 -40.63 10.36 -34.20
N ASN E 164 -41.64 9.55 -33.85
CA ASN E 164 -41.46 8.57 -32.75
C ASN E 164 -40.66 7.33 -33.16
N GLN E 165 -40.30 7.24 -34.43
CA GLN E 165 -39.35 6.24 -34.86
C GLN E 165 -37.93 6.61 -34.46
N GLY E 166 -37.75 7.87 -34.05
CA GLY E 166 -36.51 8.35 -33.42
C GLY E 166 -36.88 8.82 -32.03
N LEU E 167 -36.01 9.61 -31.42
CA LEU E 167 -36.25 10.10 -30.06
C LEU E 167 -37.00 11.42 -30.13
N ASP E 168 -38.24 11.42 -29.64
CA ASP E 168 -38.99 12.68 -29.48
C ASP E 168 -39.18 12.84 -27.98
N PRO E 169 -38.68 13.95 -27.42
CA PRO E 169 -38.68 14.17 -25.97
C PRO E 169 -40.07 14.28 -25.33
N LYS E 170 -41.11 14.50 -26.12
CA LYS E 170 -42.46 14.47 -25.57
C LYS E 170 -42.98 13.06 -25.28
N ALA E 171 -42.33 12.03 -25.86
CA ALA E 171 -42.80 10.65 -25.66
C ALA E 171 -42.15 10.05 -24.42
N LYS E 172 -42.72 10.37 -23.25
CA LYS E 172 -42.17 9.97 -21.98
C LYS E 172 -43.26 9.44 -21.08
N ALA E 173 -42.91 8.52 -20.19
CA ALA E 173 -43.86 7.88 -19.30
C ALA E 173 -43.13 7.42 -18.03
N LEU E 174 -43.91 6.97 -17.07
CA LEU E 174 -43.40 6.30 -15.88
C LEU E 174 -43.85 4.86 -15.94
N LEU E 175 -42.95 3.94 -15.59
CA LEU E 175 -43.35 2.56 -15.44
C LEU E 175 -44.04 2.40 -14.08
N ASP E 176 -45.34 2.68 -14.04
CA ASP E 176 -46.08 2.69 -12.79
C ASP E 176 -47.24 1.69 -12.80
N LYS E 177 -47.28 0.83 -13.81
CA LYS E 177 -48.33 -0.19 -13.93
C LYS E 177 -47.70 -1.48 -14.43
N ASP E 178 -48.04 -2.58 -13.78
CA ASP E 178 -47.50 -3.89 -14.10
C ASP E 178 -48.18 -4.43 -15.36
N GLY E 179 -47.40 -4.87 -16.34
CA GLY E 179 -47.95 -5.47 -17.56
C GLY E 179 -48.80 -4.57 -18.44
N LYS E 180 -48.45 -3.27 -18.51
CA LYS E 180 -49.19 -2.31 -19.36
C LYS E 180 -48.32 -1.58 -20.38
N TYR E 181 -47.02 -1.50 -20.11
CA TYR E 181 -46.09 -0.74 -20.96
C TYR E 181 -45.31 -1.70 -21.86
N PRO E 182 -45.61 -1.71 -23.16
CA PRO E 182 -44.94 -2.66 -24.04
C PRO E 182 -43.45 -2.43 -24.19
N VAL E 183 -42.72 -3.52 -24.19
CA VAL E 183 -41.29 -3.50 -24.38
C VAL E 183 -40.94 -2.81 -25.70
N GLU E 184 -41.71 -3.08 -26.75
CA GLU E 184 -41.37 -2.58 -28.07
C GLU E 184 -41.68 -1.08 -28.24
N VAL E 185 -42.34 -0.49 -27.24
CA VAL E 185 -42.70 0.94 -27.27
C VAL E 185 -41.79 1.77 -26.36
N TRP E 186 -41.39 1.19 -25.22
CA TRP E 186 -40.78 1.96 -24.14
C TRP E 186 -39.44 1.41 -23.76
N CYS E 187 -38.49 2.31 -23.56
CA CYS E 187 -37.20 1.93 -23.02
C CYS E 187 -36.85 2.89 -21.88
N PRO E 188 -35.88 2.50 -21.03
CA PRO E 188 -35.47 3.41 -19.96
C PRO E 188 -34.98 4.75 -20.52
N ASP E 189 -35.39 5.84 -19.89
CA ASP E 189 -35.00 7.16 -20.33
C ASP E 189 -33.65 7.51 -19.70
N PRO E 190 -32.57 7.54 -20.50
CA PRO E 190 -31.24 7.81 -19.90
C PRO E 190 -31.02 9.27 -19.49
N SER E 191 -31.89 10.17 -19.94
CA SER E 191 -31.81 11.56 -19.52
C SER E 191 -32.44 11.80 -18.15
N LYS E 192 -33.05 10.78 -17.55
CA LYS E 192 -33.59 10.92 -16.21
CA LYS E 192 -33.58 10.92 -16.20
C LYS E 192 -33.05 9.76 -15.40
N ASN E 193 -33.88 9.20 -14.53
CA ASN E 193 -33.53 8.00 -13.76
C ASN E 193 -32.35 8.15 -12.83
N GLU E 194 -32.13 9.37 -12.36
CA GLU E 194 -31.12 9.71 -11.34
CA GLU E 194 -31.02 9.58 -11.43
C GLU E 194 -31.22 8.83 -10.12
N ASN E 195 -32.45 8.45 -9.79
CA ASN E 195 -32.77 7.74 -8.56
C ASN E 195 -33.16 6.27 -8.80
N THR E 196 -32.70 5.73 -9.92
CA THR E 196 -32.95 4.34 -10.32
C THR E 196 -31.67 3.81 -10.93
N ARG E 197 -31.39 2.52 -10.75
CA ARG E 197 -30.30 1.89 -11.46
C ARG E 197 -30.92 0.83 -12.35
N TYR E 198 -30.61 0.88 -13.64
CA TYR E 198 -31.13 -0.11 -14.58
C TYR E 198 -30.01 -0.73 -15.41
N TYR E 199 -30.25 -1.97 -15.84
CA TYR E 199 -29.25 -2.79 -16.54
C TYR E 199 -30.00 -3.63 -17.54
N GLY E 200 -29.55 -3.61 -18.78
CA GLY E 200 -30.27 -4.31 -19.83
C GLY E 200 -29.33 -4.95 -20.84
N SER E 201 -29.82 -6.06 -21.40
CA SER E 201 -29.12 -6.77 -22.45
CA SER E 201 -29.12 -6.80 -22.46
C SER E 201 -30.14 -7.23 -23.50
N PHE E 202 -29.81 -6.98 -24.75
CA PHE E 202 -30.66 -7.33 -25.88
C PHE E 202 -29.85 -8.16 -26.86
N THR E 203 -30.44 -9.22 -27.38
CA THR E 203 -29.84 -9.92 -28.53
C THR E 203 -31.00 -10.20 -29.46
N GLY E 204 -30.85 -9.82 -30.71
CA GLY E 204 -31.95 -9.90 -31.67
C GLY E 204 -31.85 -11.18 -32.46
N GLY E 205 -32.26 -11.11 -33.73
CA GLY E 205 -32.12 -12.24 -34.66
C GLY E 205 -33.35 -13.11 -34.64
N ALA E 206 -33.62 -13.74 -35.78
CA ALA E 206 -34.84 -14.56 -35.94
C ALA E 206 -34.82 -15.85 -35.10
N THR E 207 -33.68 -16.53 -35.05
CA THR E 207 -33.61 -17.87 -34.44
C THR E 207 -32.43 -18.06 -33.46
N THR E 208 -31.93 -16.96 -32.92
CA THR E 208 -30.72 -16.94 -32.08
C THR E 208 -30.86 -17.77 -30.79
N PRO E 209 -29.85 -18.60 -30.46
CA PRO E 209 -29.91 -19.38 -29.23
C PRO E 209 -29.84 -18.45 -28.02
N PRO E 210 -30.75 -18.64 -27.04
CA PRO E 210 -30.66 -17.84 -25.83
C PRO E 210 -29.50 -18.32 -24.92
N VAL E 211 -28.95 -17.40 -24.13
CA VAL E 211 -27.82 -17.71 -23.26
C VAL E 211 -28.16 -17.04 -21.95
N MET E 212 -28.16 -17.81 -20.87
CA MET E 212 -28.44 -17.27 -19.54
C MET E 212 -27.60 -17.95 -18.47
N GLN E 213 -27.22 -17.19 -17.44
CA GLN E 213 -26.45 -17.67 -16.29
CA GLN E 213 -26.49 -17.73 -16.30
C GLN E 213 -27.33 -17.56 -15.06
N PHE E 214 -27.03 -18.38 -14.04
CA PHE E 214 -27.71 -18.30 -12.77
C PHE E 214 -26.71 -18.71 -11.69
N THR E 215 -26.71 -17.96 -10.60
CA THR E 215 -25.85 -18.22 -9.45
C THR E 215 -26.41 -17.47 -8.26
N ASN E 216 -26.09 -17.91 -7.06
CA ASN E 216 -26.47 -17.13 -5.91
C ASN E 216 -25.25 -16.43 -5.31
N SER E 217 -24.16 -16.37 -6.07
CA SER E 217 -22.90 -15.79 -5.57
C SER E 217 -22.64 -14.35 -6.03
N VAL E 218 -23.54 -13.76 -6.82
CA VAL E 218 -23.25 -12.47 -7.44
C VAL E 218 -24.13 -11.34 -6.89
N THR E 219 -23.51 -10.22 -6.52
CA THR E 219 -24.20 -9.05 -6.02
C THR E 219 -23.87 -7.84 -6.91
N THR E 220 -24.88 -7.04 -7.23
CA THR E 220 -24.65 -5.77 -7.92
C THR E 220 -24.75 -4.65 -6.90
N VAL E 221 -23.71 -3.83 -6.83
CA VAL E 221 -23.74 -2.64 -5.97
C VAL E 221 -24.51 -1.50 -6.68
N LEU E 222 -25.39 -0.82 -5.96
CA LEU E 222 -26.31 0.15 -6.55
C LEU E 222 -25.91 1.62 -6.31
N LEU E 223 -24.78 1.82 -5.63
CA LEU E 223 -24.24 3.15 -5.40
C LEU E 223 -23.79 3.81 -6.71
N ASP E 224 -24.15 5.08 -6.90
CA ASP E 224 -23.72 5.82 -8.07
C ASP E 224 -22.31 6.36 -7.87
N GLU E 225 -21.85 7.18 -8.82
CA GLU E 225 -20.49 7.71 -8.80
C GLU E 225 -20.20 8.61 -7.59
N ASN E 226 -21.26 9.14 -6.98
CA ASN E 226 -21.14 9.91 -5.73
C ASN E 226 -21.30 9.06 -4.47
N GLY E 227 -21.40 7.74 -4.65
CA GLY E 227 -21.51 6.80 -3.52
C GLY E 227 -22.91 6.69 -2.93
N VAL E 228 -23.93 7.07 -3.69
CA VAL E 228 -25.31 7.10 -3.18
C VAL E 228 -26.19 6.11 -3.96
N GLY E 229 -26.95 5.28 -3.25
CA GLY E 229 -27.89 4.38 -3.89
C GLY E 229 -29.23 5.05 -4.09
N PRO E 230 -30.17 4.37 -4.78
CA PRO E 230 -31.52 4.92 -4.89
C PRO E 230 -32.14 5.19 -3.51
N LEU E 231 -32.78 6.35 -3.37
CA LEU E 231 -33.43 6.72 -2.11
C LEU E 231 -34.93 6.53 -2.23
N CYS E 232 -35.53 5.78 -1.31
CA CYS E 232 -36.90 5.33 -1.49
C CYS E 232 -37.94 6.34 -1.02
N LYS E 233 -38.52 7.05 -1.99
CA LYS E 233 -39.52 8.09 -1.72
C LYS E 233 -40.81 7.45 -1.24
N GLY E 234 -41.37 8.03 -0.17
CA GLY E 234 -42.55 7.49 0.50
C GLY E 234 -42.35 6.09 1.05
N ASP E 235 -41.10 5.71 1.33
CA ASP E 235 -40.73 4.35 1.80
C ASP E 235 -41.24 3.26 0.82
N LYS E 236 -41.04 3.48 -0.47
CA LYS E 236 -41.42 2.50 -1.49
C LYS E 236 -40.23 2.21 -2.36
N LEU E 237 -40.00 0.93 -2.61
CA LEU E 237 -38.95 0.47 -3.49
C LEU E 237 -39.58 -0.07 -4.77
N PHE E 238 -39.08 0.39 -5.89
CA PHE E 238 -39.59 -0.01 -7.19
C PHE E 238 -38.65 -1.00 -7.84
N LEU E 239 -39.21 -2.18 -8.17
CA LEU E 239 -38.49 -3.22 -8.88
C LEU E 239 -39.14 -3.39 -10.25
N SER E 240 -38.34 -3.30 -11.29
CA SER E 240 -38.86 -3.38 -12.65
C SER E 240 -38.04 -4.38 -13.40
N CYS E 241 -38.66 -5.06 -14.36
CA CYS E 241 -37.89 -5.93 -15.22
C CYS E 241 -38.66 -6.35 -16.46
N ALA E 242 -37.94 -6.99 -17.37
CA ALA E 242 -38.57 -7.71 -18.47
C ALA E 242 -37.56 -8.77 -18.84
N ASP E 243 -38.03 -10.00 -18.93
CA ASP E 243 -37.14 -11.11 -19.24
C ASP E 243 -37.77 -11.97 -20.29
N ILE E 244 -37.51 -11.59 -21.52
CA ILE E 244 -38.02 -12.30 -22.67
C ILE E 244 -36.95 -13.29 -23.08
N ALA E 245 -37.28 -14.57 -22.96
CA ALA E 245 -36.36 -15.67 -23.22
C ALA E 245 -36.22 -15.95 -24.69
N GLY E 246 -37.25 -15.56 -25.45
CA GLY E 246 -37.29 -15.79 -26.88
C GLY E 246 -38.70 -16.13 -27.32
N VAL E 247 -38.82 -16.82 -28.45
CA VAL E 247 -40.13 -17.21 -28.93
C VAL E 247 -40.28 -18.71 -29.07
N HIS E 248 -41.45 -19.20 -28.72
CA HIS E 248 -41.82 -20.59 -28.96
C HIS E 248 -42.54 -20.68 -30.26
N THR E 249 -42.19 -21.67 -31.08
CA THR E 249 -42.82 -21.87 -32.38
C THR E 249 -43.69 -23.13 -32.38
N ASN E 250 -44.96 -22.96 -32.71
CA ASN E 250 -45.89 -24.09 -32.86
C ASN E 250 -45.66 -24.88 -34.14
N TYR E 251 -46.25 -26.08 -34.20
CA TYR E 251 -46.14 -26.89 -35.40
C TYR E 251 -46.71 -26.12 -36.60
N SER E 252 -47.79 -25.36 -36.38
CA SER E 252 -48.39 -24.52 -37.43
C SER E 252 -47.53 -23.33 -37.84
N GLU E 253 -46.43 -23.11 -37.10
CA GLU E 253 -45.48 -22.02 -37.36
C GLU E 253 -45.92 -20.66 -36.79
N THR E 254 -47.04 -20.61 -36.09
CA THR E 254 -47.36 -19.44 -35.29
C THR E 254 -46.38 -19.40 -34.12
N GLN E 255 -46.08 -18.20 -33.66
CA GLN E 255 -45.07 -18.03 -32.61
C GLN E 255 -45.63 -17.22 -31.48
N VAL E 256 -45.13 -17.51 -30.28
CA VAL E 256 -45.50 -16.81 -29.06
C VAL E 256 -44.23 -16.46 -28.29
N TRP E 257 -44.25 -15.29 -27.65
CA TRP E 257 -43.15 -14.88 -26.78
C TRP E 257 -43.17 -15.68 -25.52
N ARG E 258 -41.98 -16.01 -25.01
CA ARG E 258 -41.91 -16.71 -23.74
C ARG E 258 -41.14 -15.82 -22.76
N GLY E 259 -41.72 -15.57 -21.58
CA GLY E 259 -41.02 -14.76 -20.58
C GLY E 259 -40.75 -15.59 -19.34
N LEU E 260 -39.83 -15.14 -18.49
CA LEU E 260 -39.53 -15.88 -17.28
C LEU E 260 -39.53 -14.93 -16.09
N PRO E 261 -39.86 -15.45 -14.89
CA PRO E 261 -39.90 -14.59 -13.69
C PRO E 261 -38.53 -14.20 -13.22
N ARG E 262 -38.48 -13.11 -12.46
CA ARG E 262 -37.22 -12.65 -11.93
C ARG E 262 -37.34 -12.44 -10.42
N TYR E 263 -36.32 -12.89 -9.70
CA TYR E 263 -36.24 -12.74 -8.26
C TYR E 263 -35.30 -11.58 -7.94
N PHE E 264 -35.60 -10.85 -6.87
CA PHE E 264 -34.78 -9.75 -6.39
C PHE E 264 -34.54 -9.93 -4.91
N ASN E 265 -33.32 -9.68 -4.46
CA ASN E 265 -33.03 -9.56 -3.04
C ASN E 265 -32.27 -8.26 -2.85
N VAL E 266 -32.88 -7.30 -2.17
CA VAL E 266 -32.30 -5.96 -2.10
C VAL E 266 -31.92 -5.63 -0.67
N THR E 267 -30.74 -5.07 -0.49
CA THR E 267 -30.29 -4.63 0.82
C THR E 267 -30.37 -3.11 0.86
N LEU E 268 -30.95 -2.61 1.95
CA LEU E 268 -31.17 -1.19 2.11
C LEU E 268 -30.67 -0.72 3.46
N ARG E 269 -30.23 0.53 3.49
CA ARG E 269 -29.82 1.14 4.76
C ARG E 269 -30.53 2.47 5.02
N LYS E 270 -30.85 2.70 6.29
CA LYS E 270 -31.42 3.98 6.74
C LYS E 270 -30.41 5.09 6.59
N ARG E 271 -30.82 6.19 5.98
CA ARG E 271 -29.96 7.35 5.87
C ARG E 271 -30.70 8.57 6.35
N ILE E 272 -29.94 9.48 6.93
CA ILE E 272 -30.41 10.82 7.23
C ILE E 272 -30.28 11.65 5.96
N VAL E 273 -31.37 12.31 5.58
CA VAL E 273 -31.47 13.04 4.30
C VAL E 273 -32.11 14.36 4.59
N LYS E 274 -31.53 15.44 4.06
CA LYS E 274 -32.14 16.76 4.18
C LYS E 274 -33.52 16.66 3.54
N ASN E 275 -34.56 17.13 4.23
CA ASN E 275 -35.96 16.86 3.84
C ASN E 275 -36.30 17.46 2.48
N PRO E 276 -36.66 16.61 1.51
CA PRO E 276 -36.96 17.10 0.17
C PRO E 276 -38.45 17.33 -0.11
N TYR E 277 -39.30 17.17 0.90
CA TYR E 277 -40.74 17.33 0.70
C TYR E 277 -41.21 18.71 1.13
N PRO E 278 -41.75 19.49 0.16
CA PRO E 278 -42.29 20.81 0.45
C PRO E 278 -43.52 20.75 1.38
N SER F 2 -31.22 -11.50 9.28
CA SER F 2 -30.06 -12.05 10.04
C SER F 2 -29.28 -13.08 9.22
N HIS F 3 -28.03 -13.34 9.60
CA HIS F 3 -27.08 -14.11 8.78
C HIS F 3 -26.03 -14.76 9.65
N MET F 4 -25.42 -15.84 9.15
CA MET F 4 -24.26 -16.41 9.81
C MET F 4 -23.08 -15.45 9.72
N GLY F 5 -22.38 -15.24 10.81
CA GLY F 5 -21.21 -14.38 10.83
C GLY F 5 -20.25 -14.72 11.95
N GLY F 6 -19.04 -14.15 11.90
CA GLY F 6 -18.03 -14.44 12.91
C GLY F 6 -18.17 -13.52 14.12
N VAL F 7 -17.80 -14.04 15.28
CA VAL F 7 -17.63 -13.23 16.48
C VAL F 7 -16.31 -13.67 17.10
N GLU F 8 -15.49 -12.71 17.50
CA GLU F 8 -14.18 -13.05 18.06
C GLU F 8 -14.29 -13.25 19.57
N VAL F 9 -14.10 -14.49 20.00
CA VAL F 9 -14.20 -14.87 21.39
C VAL F 9 -12.78 -14.99 21.96
N LEU F 10 -12.58 -14.53 23.18
CA LEU F 10 -11.28 -14.68 23.82
C LEU F 10 -11.17 -15.99 24.56
N GLU F 11 -10.07 -16.70 24.37
CA GLU F 11 -9.85 -17.91 25.14
C GLU F 11 -8.38 -18.17 25.30
N VAL F 12 -8.07 -19.06 26.22
CA VAL F 12 -6.69 -19.49 26.45
C VAL F 12 -6.27 -20.36 25.28
N ARG F 13 -5.26 -19.89 24.56
CA ARG F 13 -4.71 -20.61 23.42
C ARG F 13 -3.36 -21.19 23.83
N THR F 14 -3.18 -22.48 23.63
CA THR F 14 -1.85 -23.07 23.75
C THR F 14 -1.15 -22.78 22.45
N GLY F 15 0.06 -22.24 22.54
CA GLY F 15 0.90 -22.01 21.37
C GLY F 15 1.17 -23.35 20.70
N PRO F 16 1.75 -23.32 19.49
CA PRO F 16 2.10 -24.61 18.90
C PRO F 16 3.27 -25.26 19.66
N ASP F 17 3.44 -26.57 19.47
CA ASP F 17 4.51 -27.29 20.13
C ASP F 17 5.89 -26.81 19.68
N ALA F 18 5.95 -26.15 18.52
CA ALA F 18 7.20 -25.59 17.98
C ALA F 18 7.71 -24.37 18.75
N ILE F 19 6.88 -23.77 19.61
CA ILE F 19 7.26 -22.54 20.30
C ILE F 19 7.30 -22.74 21.81
N THR F 20 8.33 -22.19 22.44
CA THR F 20 8.43 -22.25 23.89
C THR F 20 8.85 -20.88 24.47
N GLN F 21 8.54 -20.67 25.73
CA GLN F 21 8.95 -19.50 26.47
C GLN F 21 9.70 -19.95 27.70
N ILE F 22 10.79 -19.25 28.02
CA ILE F 22 11.45 -19.49 29.28
C ILE F 22 11.52 -18.17 30.04
N GLU F 23 11.52 -18.27 31.36
CA GLU F 23 11.70 -17.11 32.22
C GLU F 23 12.84 -17.44 33.11
N ALA F 24 13.58 -16.40 33.49
CA ALA F 24 14.66 -16.55 34.44
C ALA F 24 14.95 -15.19 35.03
N TYR F 25 15.59 -15.21 36.20
CA TYR F 25 16.11 -13.97 36.78
C TYR F 25 17.56 -14.23 37.17
N LEU F 26 18.38 -13.20 37.06
CA LEU F 26 19.77 -13.32 37.40
C LEU F 26 20.03 -12.31 38.50
N ASN F 27 20.44 -12.78 39.66
CA ASN F 27 20.82 -11.86 40.73
C ASN F 27 22.19 -11.22 40.49
N PRO F 28 22.39 -9.99 41.00
CA PRO F 28 23.64 -9.29 40.70
C PRO F 28 24.88 -9.90 41.36
N ARG F 29 26.03 -9.69 40.73
CA ARG F 29 27.29 -10.19 41.27
C ARG F 29 28.25 -9.03 41.48
N MET F 30 27.94 -8.22 42.49
CA MET F 30 28.71 -7.00 42.77
C MET F 30 29.94 -7.29 43.62
N GLY F 31 30.00 -8.47 44.22
CA GLY F 31 31.14 -8.85 45.08
C GLY F 31 30.68 -9.63 46.29
N ASN F 32 29.58 -9.22 46.89
CA ASN F 32 28.90 -10.07 47.86
C ASN F 32 27.81 -10.83 47.13
N ASN F 33 28.12 -12.08 46.78
CA ASN F 33 27.36 -12.82 45.77
C ASN F 33 26.56 -13.98 46.33
N ILE F 34 26.67 -14.18 47.64
CA ILE F 34 25.99 -15.25 48.37
C ILE F 34 24.89 -14.61 49.20
N PRO F 35 23.63 -15.08 49.05
CA PRO F 35 22.46 -14.48 49.71
C PRO F 35 22.53 -14.33 51.24
N SER F 36 23.38 -15.09 51.90
CA SER F 36 23.51 -15.02 53.37
C SER F 36 24.34 -13.81 53.85
N GLU F 37 25.18 -13.26 52.96
CA GLU F 37 26.05 -12.12 53.29
C GLU F 37 25.26 -10.84 53.55
N ASP F 38 25.66 -10.12 54.61
CA ASP F 38 25.01 -8.85 54.98
C ASP F 38 24.89 -7.87 53.82
N LEU F 39 25.89 -7.84 52.96
CA LEU F 39 25.93 -6.88 51.87
C LEU F 39 25.62 -7.51 50.53
N TYR F 40 24.89 -8.60 50.54
CA TYR F 40 24.42 -9.22 49.30
C TYR F 40 23.80 -8.16 48.39
N GLY F 41 24.19 -8.15 47.11
CA GLY F 41 23.70 -7.16 46.16
C GLY F 41 24.57 -5.92 46.06
N TYR F 42 25.61 -5.85 46.90
CA TYR F 42 26.59 -4.76 46.93
C TYR F 42 28.02 -5.32 46.88
N SER F 43 28.98 -4.51 46.47
CA SER F 43 30.39 -4.86 46.63
C SER F 43 30.78 -4.57 48.08
N ASN F 44 31.96 -5.05 48.47
CA ASN F 44 32.63 -4.52 49.63
C ASN F 44 33.16 -3.10 49.33
N SER F 45 33.59 -2.40 50.38
CA SER F 45 34.08 -1.04 50.26
C SER F 45 35.13 -0.93 49.20
N ILE F 46 34.95 -0.01 48.28
CA ILE F 46 35.93 0.20 47.23
C ILE F 46 37.23 0.73 47.85
N ASN F 47 38.31 -0.05 47.76
CA ASN F 47 39.63 0.41 48.16
C ASN F 47 40.37 0.91 46.92
N THR F 48 40.95 2.11 47.03
CA THR F 48 41.57 2.78 45.89
C THR F 48 43.08 2.58 45.92
N ALA F 49 43.72 2.85 44.79
CA ALA F 49 45.13 2.51 44.60
C ALA F 49 46.02 3.14 45.65
N PHE F 50 46.91 2.33 46.21
CA PHE F 50 47.85 2.80 47.22
C PHE F 50 48.78 3.83 46.59
N SER F 51 49.19 3.59 45.35
CA SER F 51 50.15 4.49 44.70
C SER F 51 50.10 4.40 43.18
N LYS F 52 51.10 5.00 42.55
CA LYS F 52 51.23 5.02 41.09
C LYS F 52 51.38 3.61 40.51
N ALA F 53 52.25 2.81 41.13
CA ALA F 53 52.58 1.48 40.65
C ALA F 53 51.91 0.38 41.48
N SER F 54 51.00 0.77 42.37
CA SER F 54 50.43 -0.16 43.34
C SER F 54 48.93 0.07 43.50
N ASP F 55 48.15 -0.85 42.93
CA ASP F 55 46.69 -0.78 42.87
C ASP F 55 46.16 -2.21 43.00
N THR F 56 45.67 -2.55 44.20
CA THR F 56 45.30 -3.93 44.53
C THR F 56 43.86 -3.95 45.08
N PRO F 57 42.86 -4.02 44.19
CA PRO F 57 41.47 -4.09 44.66
C PRO F 57 41.28 -5.28 45.57
N ASN F 58 40.57 -5.09 46.67
CA ASN F 58 40.34 -6.19 47.61
C ASN F 58 39.32 -7.18 47.06
N LYS F 59 39.34 -8.38 47.61
CA LYS F 59 38.31 -9.38 47.31
C LYS F 59 36.92 -8.77 47.45
N ASP F 60 36.05 -9.10 46.50
CA ASP F 60 34.64 -8.72 46.53
C ASP F 60 34.39 -7.22 46.34
N THR F 61 35.35 -6.50 45.78
CA THR F 61 35.14 -5.08 45.49
C THR F 61 34.86 -4.81 44.00
N LEU F 62 34.89 -5.86 43.17
CA LEU F 62 34.75 -5.68 41.72
C LEU F 62 33.48 -6.33 41.19
N PRO F 63 32.54 -5.52 40.69
CA PRO F 63 31.32 -6.04 40.10
C PRO F 63 31.66 -6.90 38.90
N CYS F 64 30.97 -8.02 38.79
CA CYS F 64 31.22 -8.97 37.72
C CYS F 64 29.93 -9.22 36.96
N TYR F 65 30.06 -9.75 35.75
CA TYR F 65 28.88 -10.12 34.95
C TYR F 65 28.18 -11.31 35.57
N SER F 66 26.87 -11.33 35.41
CA SER F 66 26.05 -12.46 35.80
C SER F 66 25.84 -13.29 34.55
N VAL F 67 25.70 -14.59 34.71
CA VAL F 67 25.37 -15.45 33.57
C VAL F 67 24.61 -16.66 34.06
N ALA F 68 23.61 -17.06 33.28
CA ALA F 68 22.88 -18.28 33.56
C ALA F 68 22.75 -19.06 32.25
N VAL F 69 22.87 -20.37 32.35
CA VAL F 69 22.66 -21.28 31.23
C VAL F 69 21.33 -21.95 31.49
N ILE F 70 20.38 -21.76 30.58
CA ILE F 70 19.07 -22.38 30.66
C ILE F 70 19.06 -23.62 29.76
N LYS F 71 18.74 -24.78 30.35
CA LYS F 71 18.67 -26.03 29.63
C LYS F 71 17.29 -26.16 29.01
N LEU F 72 17.24 -26.17 27.68
CA LEU F 72 16.00 -26.24 26.94
C LEU F 72 15.60 -27.69 26.65
N PRO F 73 14.32 -27.95 26.28
CA PRO F 73 13.93 -29.31 25.94
C PRO F 73 14.83 -29.94 24.88
N LEU F 74 15.23 -31.18 25.13
CA LEU F 74 16.06 -31.96 24.23
C LEU F 74 15.36 -32.15 22.90
N LEU F 75 16.05 -31.80 21.82
CA LEU F 75 15.45 -31.87 20.48
C LEU F 75 15.92 -33.03 19.63
N ASN F 76 17.17 -33.44 19.82
CA ASN F 76 17.80 -34.42 18.94
C ASN F 76 18.28 -35.67 19.67
N GLU F 77 17.74 -36.82 19.29
CA GLU F 77 18.24 -38.06 19.85
C GLU F 77 19.50 -38.48 19.11
N ASP F 78 19.61 -38.09 17.84
CA ASP F 78 20.71 -38.47 16.97
C ASP F 78 21.39 -37.24 16.37
N MET F 79 22.61 -36.97 16.83
CA MET F 79 23.37 -35.79 16.39
C MET F 79 24.33 -36.05 15.22
N THR F 80 24.18 -37.19 14.55
CA THR F 80 24.99 -37.49 13.37
C THR F 80 24.15 -37.46 12.10
N CYS F 81 22.97 -36.86 12.21
CA CYS F 81 22.10 -36.69 11.05
C CYS F 81 22.46 -35.41 10.29
N ASP F 82 22.22 -35.43 8.98
CA ASP F 82 22.46 -34.27 8.11
C ASP F 82 21.64 -33.05 8.52
N THR F 83 20.47 -33.32 9.09
CA THR F 83 19.50 -32.30 9.48
C THR F 83 19.25 -32.47 10.97
N ILE F 84 19.27 -31.37 11.70
CA ILE F 84 18.92 -31.40 13.12
C ILE F 84 17.86 -30.34 13.46
N LEU F 85 17.40 -30.38 14.70
CA LEU F 85 16.51 -29.35 15.22
C LEU F 85 17.30 -28.50 16.20
N MET F 86 17.05 -27.20 16.20
CA MET F 86 17.66 -26.28 17.18
C MET F 86 16.62 -25.29 17.63
N TRP F 87 16.72 -24.85 18.89
CA TRP F 87 15.91 -23.76 19.41
C TRP F 87 16.49 -22.46 18.93
N GLU F 88 15.62 -21.63 18.36
CA GLU F 88 16.01 -20.31 17.90
C GLU F 88 15.37 -19.28 18.83
N ALA F 89 16.18 -18.42 19.43
CA ALA F 89 15.65 -17.37 20.31
C ALA F 89 15.15 -16.25 19.41
N VAL F 90 13.86 -15.91 19.48
CA VAL F 90 13.31 -14.91 18.55
C VAL F 90 13.03 -13.53 19.18
N SER F 91 12.66 -13.52 20.45
CA SER F 91 12.40 -12.26 21.17
C SER F 91 12.65 -12.40 22.66
N VAL F 92 12.85 -11.26 23.31
CA VAL F 92 13.10 -11.23 24.74
C VAL F 92 12.38 -10.04 25.36
N LYS F 93 11.73 -10.27 26.50
CA LYS F 93 11.31 -9.19 27.37
C LYS F 93 12.23 -9.23 28.58
N THR F 94 12.82 -8.10 28.90
CA THR F 94 13.76 -8.08 30.03
C THR F 94 13.52 -6.85 30.85
N GLU F 95 13.75 -6.95 32.16
CA GLU F 95 13.46 -5.86 33.06
C GLU F 95 14.45 -5.90 34.21
N VAL F 96 14.94 -4.73 34.60
CA VAL F 96 15.72 -4.59 35.83
C VAL F 96 14.74 -4.52 37.00
N VAL F 97 14.90 -5.43 37.95
CA VAL F 97 13.97 -5.54 39.05
C VAL F 97 14.54 -4.80 40.27
N GLY F 98 13.67 -4.14 41.03
CA GLY F 98 14.10 -3.50 42.27
C GLY F 98 14.57 -2.07 42.09
N ILE F 99 14.20 -1.46 40.97
CA ILE F 99 14.49 -0.05 40.73
C ILE F 99 13.93 0.82 41.85
N SER F 100 12.70 0.53 42.29
CA SER F 100 12.07 1.33 43.33
C SER F 100 12.80 1.27 44.68
N SER F 101 13.55 0.19 44.92
CA SER F 101 14.41 0.12 46.11
C SER F 101 15.38 1.30 46.25
N LEU F 102 15.69 1.96 45.12
CA LEU F 102 16.59 3.13 45.16
C LEU F 102 15.89 4.40 45.64
N VAL F 103 14.55 4.35 45.74
CA VAL F 103 13.76 5.51 46.16
C VAL F 103 13.71 5.49 47.68
N ASN F 104 14.85 5.78 48.28
CA ASN F 104 15.10 5.48 49.68
C ASN F 104 16.13 6.49 50.17
N LEU F 105 15.69 7.39 51.03
CA LEU F 105 16.57 8.44 51.58
C LEU F 105 16.86 8.28 53.07
N HIS F 106 16.35 7.18 53.66
CA HIS F 106 16.55 6.94 55.09
C HIS F 106 17.64 5.94 55.38
N GLN F 107 18.08 5.23 54.35
CA GLN F 107 19.17 4.28 54.50
C GLN F 107 20.38 5.03 55.06
N GLY F 108 21.11 4.44 55.99
CA GLY F 108 22.26 5.14 56.58
C GLY F 108 23.24 5.64 55.53
N GLY F 109 23.89 6.76 55.80
CA GLY F 109 24.95 7.22 54.92
C GLY F 109 25.37 8.68 55.04
N LYS F 110 25.90 9.18 53.93
CA LYS F 110 26.28 10.57 53.80
C LYS F 110 25.00 11.39 53.63
N TYR F 111 24.93 12.55 54.27
CA TYR F 111 23.74 13.39 54.21
C TYR F 111 23.74 14.28 52.99
N ILE F 112 22.55 14.54 52.44
CA ILE F 112 22.42 15.46 51.31
C ILE F 112 22.89 16.84 51.73
N TYR F 113 22.36 17.34 52.85
CA TYR F 113 22.83 18.59 53.41
C TYR F 113 23.49 18.28 54.75
N GLY F 114 22.94 18.74 55.86
CA GLY F 114 23.48 18.37 57.17
C GLY F 114 22.74 17.17 57.74
N SER F 115 22.98 16.87 59.02
CA SER F 115 22.44 15.65 59.64
C SER F 115 20.91 15.65 59.83
N SER F 116 20.22 16.76 59.54
CA SER F 116 18.74 16.74 59.57
C SER F 116 18.11 16.27 58.26
N SER F 117 18.91 16.15 57.20
CA SER F 117 18.40 15.89 55.87
C SER F 117 18.36 14.39 55.57
N GLY F 118 17.82 14.01 54.42
CA GLY F 118 17.90 12.62 53.98
C GLY F 118 19.33 12.27 53.58
N CYS F 119 19.58 10.99 53.36
CA CYS F 119 20.91 10.57 52.95
CA CYS F 119 20.90 10.50 52.94
C CYS F 119 21.07 10.54 51.43
N VAL F 120 22.31 10.68 50.96
CA VAL F 120 22.59 10.67 49.52
C VAL F 120 22.18 9.28 48.98
N PRO F 121 21.34 9.25 47.94
CA PRO F 121 21.00 7.91 47.46
C PRO F 121 22.10 7.33 46.57
N VAL F 122 21.83 6.15 46.01
CA VAL F 122 22.73 5.50 45.07
C VAL F 122 22.87 6.38 43.82
N GLN F 123 24.10 6.72 43.47
CA GLN F 123 24.36 7.51 42.27
C GLN F 123 25.79 7.29 41.78
N GLY F 124 26.16 7.97 40.71
CA GLY F 124 27.49 7.78 40.12
C GLY F 124 27.38 6.92 38.88
N THR F 125 28.44 6.21 38.56
CA THR F 125 28.54 5.42 37.34
C THR F 125 27.50 4.30 37.28
N THR F 126 26.83 4.17 36.13
CA THR F 126 25.87 3.10 35.90
C THR F 126 26.25 2.29 34.65
N TYR F 127 25.87 1.03 34.65
CA TYR F 127 26.27 0.16 33.57
C TYR F 127 25.19 -0.91 33.50
N HIS F 128 24.51 -0.95 32.36
CA HIS F 128 23.41 -1.87 32.18
C HIS F 128 23.63 -2.57 30.88
N MET F 129 23.71 -3.89 30.94
CA MET F 129 23.84 -4.65 29.71
C MET F 129 23.13 -5.96 29.87
N PHE F 130 22.63 -6.49 28.78
CA PHE F 130 22.16 -7.84 28.79
C PHE F 130 22.50 -8.48 27.45
N ALA F 131 22.58 -9.80 27.45
CA ALA F 131 22.78 -10.53 26.22
C ALA F 131 21.96 -11.79 26.26
N VAL F 132 21.50 -12.22 25.09
CA VAL F 132 20.85 -13.51 24.92
C VAL F 132 21.55 -14.21 23.74
N GLY F 133 22.01 -15.44 23.96
CA GLY F 133 22.83 -16.13 22.96
C GLY F 133 22.65 -17.63 23.02
N GLY F 134 23.14 -18.31 21.98
CA GLY F 134 23.04 -19.77 21.93
C GLY F 134 24.36 -20.42 22.32
N GLU F 135 25.23 -19.62 22.93
CA GLU F 135 26.53 -20.05 23.40
C GLU F 135 27.04 -18.92 24.30
N PRO F 136 28.14 -19.13 25.05
CA PRO F 136 28.65 -18.07 25.94
C PRO F 136 28.96 -16.77 25.20
N LEU F 137 28.67 -15.63 25.85
CA LEU F 137 29.05 -14.35 25.33
C LEU F 137 30.57 -14.31 25.20
N GLU F 138 31.05 -13.85 24.04
CA GLU F 138 32.49 -13.71 23.82
C GLU F 138 32.97 -12.35 24.30
N LEU F 139 34.04 -12.34 25.10
CA LEU F 139 34.54 -11.14 25.76
C LEU F 139 35.89 -10.68 25.22
N GLN F 140 36.08 -9.37 25.18
CA GLN F 140 37.36 -8.74 24.87
C GLN F 140 37.85 -8.10 26.16
N GLY F 141 39.11 -8.31 26.50
CA GLY F 141 39.70 -7.67 27.68
C GLY F 141 40.26 -6.31 27.34
N LEU F 142 39.98 -5.35 28.22
CA LEU F 142 40.54 -4.00 28.13
C LEU F 142 40.36 -3.33 29.49
N VAL F 143 41.45 -2.80 30.01
CA VAL F 143 41.48 -2.24 31.37
C VAL F 143 41.92 -0.77 31.37
N ALA F 144 41.55 -0.04 32.43
CA ALA F 144 42.00 1.33 32.58
C ALA F 144 43.50 1.37 32.87
N SER F 145 44.00 0.40 33.62
CA SER F 145 45.42 0.40 33.99
C SER F 145 46.03 -0.99 34.07
N SER F 146 47.14 -1.17 33.37
CA SER F 146 47.86 -2.44 33.42
C SER F 146 48.59 -2.61 34.76
N THR F 147 48.68 -1.54 35.55
CA THR F 147 49.39 -1.64 36.82
C THR F 147 48.54 -2.30 37.92
N ALA F 148 47.24 -2.46 37.69
CA ALA F 148 46.35 -3.08 38.68
C ALA F 148 46.68 -4.54 38.93
N THR F 149 46.64 -4.95 40.20
CA THR F 149 46.77 -6.36 40.61
C THR F 149 45.37 -6.87 40.96
N TYR F 150 44.78 -7.70 40.10
CA TYR F 150 43.42 -8.18 40.35
C TYR F 150 43.40 -9.35 41.34
N PRO F 151 42.33 -9.46 42.16
CA PRO F 151 42.31 -10.53 43.17
C PRO F 151 42.20 -11.93 42.55
N ASP F 152 42.53 -12.94 43.35
CA ASP F 152 42.57 -14.34 42.88
C ASP F 152 41.21 -14.93 42.51
N ASP F 153 40.14 -14.37 43.07
CA ASP F 153 38.81 -14.94 42.86
C ASP F 153 38.07 -14.38 41.62
N VAL F 154 38.75 -13.55 40.83
CA VAL F 154 38.22 -13.14 39.53
C VAL F 154 39.09 -13.61 38.35
N VAL F 155 38.50 -13.68 37.17
CA VAL F 155 39.24 -13.98 35.96
C VAL F 155 39.64 -12.66 35.31
N ALA F 156 40.93 -12.40 35.26
CA ALA F 156 41.43 -11.14 34.68
C ALA F 156 42.30 -11.43 33.47
N ILE F 157 42.97 -10.42 32.95
CA ILE F 157 43.84 -10.59 31.80
C ILE F 157 45.19 -11.17 32.25
N LYS F 158 45.56 -12.29 31.66
CA LYS F 158 46.85 -12.91 31.96
C LYS F 158 48.02 -12.09 31.39
N ASN F 159 49.09 -11.96 32.17
CA ASN F 159 50.31 -11.30 31.70
C ASN F 159 50.02 -9.89 31.13
N MET F 160 49.26 -9.13 31.91
CA MET F 160 48.82 -7.79 31.56
C MET F 160 49.99 -6.86 31.27
N LYS F 161 49.82 -6.12 30.18
CA LYS F 161 50.79 -5.14 29.68
C LYS F 161 50.05 -3.82 29.38
N PRO F 162 50.78 -2.69 29.25
CA PRO F 162 50.11 -1.45 28.86
C PRO F 162 49.28 -1.57 27.58
N GLY F 163 49.67 -2.44 26.64
CA GLY F 163 48.84 -2.71 25.44
C GLY F 163 47.40 -3.11 25.76
N ASN F 164 47.16 -3.67 26.95
CA ASN F 164 45.82 -4.04 27.37
C ASN F 164 44.95 -2.86 27.81
N GLN F 165 45.52 -1.66 27.81
CA GLN F 165 44.75 -0.41 27.98
C GLN F 165 44.07 -0.03 26.65
N GLY F 166 44.50 -0.70 25.58
CA GLY F 166 43.86 -0.61 24.27
C GLY F 166 43.36 -2.00 23.93
N LEU F 167 43.02 -2.22 22.66
CA LEU F 167 42.55 -3.51 22.23
C LEU F 167 43.71 -4.41 21.83
N ASP F 168 43.97 -5.44 22.64
CA ASP F 168 44.91 -6.49 22.29
C ASP F 168 44.08 -7.71 21.92
N PRO F 169 44.13 -8.13 20.65
CA PRO F 169 43.29 -9.26 20.25
C PRO F 169 43.59 -10.57 21.00
N LYS F 170 44.74 -10.69 21.65
CA LYS F 170 45.03 -11.88 22.46
C LYS F 170 44.25 -11.94 23.79
N ALA F 171 43.73 -10.80 24.25
CA ALA F 171 43.00 -10.75 25.53
C ALA F 171 41.50 -11.03 25.34
N LYS F 172 41.16 -12.30 25.26
CA LYS F 172 39.79 -12.72 24.96
C LYS F 172 39.35 -13.81 25.93
N ALA F 173 38.06 -13.89 26.20
CA ALA F 173 37.51 -14.87 27.13
C ALA F 173 36.08 -15.20 26.76
N LEU F 174 35.55 -16.24 27.39
CA LEU F 174 34.12 -16.55 27.27
C LEU F 174 33.47 -16.26 28.61
N LEU F 175 32.29 -15.67 28.60
CA LEU F 175 31.52 -15.48 29.82
C LEU F 175 30.85 -16.80 30.20
N ASP F 176 31.63 -17.68 30.82
CA ASP F 176 31.19 -19.03 31.15
C ASP F 176 31.11 -19.29 32.66
N LYS F 177 31.31 -18.25 33.47
CA LYS F 177 31.18 -18.36 34.92
C LYS F 177 30.48 -17.14 35.49
N ASP F 178 29.50 -17.40 36.35
CA ASP F 178 28.72 -16.37 36.99
C ASP F 178 29.56 -15.71 38.09
N GLY F 179 29.58 -14.38 38.09
CA GLY F 179 30.28 -13.61 39.13
C GLY F 179 31.79 -13.78 39.21
N LYS F 180 32.43 -13.98 38.06
CA LYS F 180 33.88 -14.20 38.02
C LYS F 180 34.61 -13.23 37.11
N TYR F 181 33.91 -12.71 36.10
CA TYR F 181 34.47 -11.80 35.09
C TYR F 181 34.15 -10.33 35.41
N PRO F 182 35.16 -9.54 35.83
CA PRO F 182 34.87 -8.17 36.22
C PRO F 182 34.40 -7.31 35.06
N VAL F 183 33.41 -6.48 35.34
CA VAL F 183 32.93 -5.50 34.36
C VAL F 183 34.07 -4.60 33.87
N GLU F 184 34.96 -4.21 34.77
CA GLU F 184 35.98 -3.21 34.41
C GLU F 184 37.12 -3.80 33.58
N VAL F 185 37.11 -5.12 33.41
CA VAL F 185 38.15 -5.83 32.67
C VAL F 185 37.63 -6.36 31.31
N TRP F 186 36.38 -6.78 31.26
CA TRP F 186 35.85 -7.44 30.06
C TRP F 186 34.66 -6.71 29.51
N CYS F 187 34.59 -6.64 28.19
CA CYS F 187 33.42 -6.13 27.51
C CYS F 187 33.05 -7.10 26.38
N PRO F 188 31.84 -6.98 25.83
CA PRO F 188 31.48 -7.87 24.72
C PRO F 188 32.46 -7.68 23.54
N ASP F 189 32.84 -8.78 22.92
CA ASP F 189 33.75 -8.73 21.79
C ASP F 189 32.94 -8.53 20.49
N PRO F 190 32.99 -7.32 19.88
CA PRO F 190 32.21 -7.08 18.67
C PRO F 190 32.73 -7.82 17.44
N SER F 191 33.95 -8.34 17.47
CA SER F 191 34.46 -9.10 16.32
C SER F 191 33.94 -10.53 16.30
N LYS F 192 33.22 -10.92 17.35
CA LYS F 192 32.64 -12.26 17.39
C LYS F 192 31.15 -12.15 17.71
N ASN F 193 30.63 -13.04 18.55
CA ASN F 193 29.25 -12.95 19.02
C ASN F 193 28.18 -12.95 17.92
N GLU F 194 28.45 -13.68 16.85
CA GLU F 194 27.51 -13.88 15.75
CA GLU F 194 27.46 -13.77 15.79
C GLU F 194 26.19 -14.49 16.25
N ASN F 195 26.32 -15.36 17.24
CA ASN F 195 25.21 -16.17 17.76
C ASN F 195 24.69 -15.65 19.10
N THR F 196 24.96 -14.37 19.37
CA THR F 196 24.48 -13.69 20.57
C THR F 196 23.97 -12.31 20.17
N ARG F 197 22.98 -11.81 20.90
CA ARG F 197 22.61 -10.42 20.78
C ARG F 197 22.89 -9.76 22.14
N TYR F 198 23.62 -8.65 22.12
CA TYR F 198 23.87 -7.93 23.35
C TYR F 198 23.56 -6.43 23.20
N TYR F 199 23.24 -5.80 24.32
CA TYR F 199 22.76 -4.43 24.36
C TYR F 199 23.27 -3.85 25.65
N GLY F 200 23.86 -2.66 25.57
CA GLY F 200 24.43 -2.06 26.77
C GLY F 200 24.38 -0.57 26.76
N SER F 201 24.36 -0.02 27.98
CA SER F 201 24.29 1.40 28.20
CA SER F 201 24.26 1.40 28.22
C SER F 201 25.19 1.76 29.38
N PHE F 202 26.04 2.76 29.17
CA PHE F 202 26.95 3.23 30.18
C PHE F 202 26.72 4.73 30.39
N THR F 203 26.67 5.17 31.65
CA THR F 203 26.76 6.59 31.96
C THR F 203 27.74 6.71 33.09
N GLY F 204 28.74 7.57 32.93
CA GLY F 204 29.79 7.62 33.92
C GLY F 204 29.55 8.75 34.91
N GLY F 205 30.65 9.34 35.36
CA GLY F 205 30.57 10.48 36.24
C GLY F 205 30.63 10.08 37.69
N ALA F 206 31.16 10.99 38.50
CA ALA F 206 31.38 10.75 39.91
C ALA F 206 30.07 10.56 40.67
N THR F 207 29.14 11.51 40.50
CA THR F 207 27.92 11.50 41.31
C THR F 207 26.62 11.59 40.48
N THR F 208 26.68 11.16 39.23
CA THR F 208 25.56 11.26 38.30
C THR F 208 24.27 10.55 38.78
N PRO F 209 23.09 11.21 38.63
CA PRO F 209 21.81 10.57 38.92
C PRO F 209 21.58 9.37 38.00
N PRO F 210 21.23 8.20 38.57
CA PRO F 210 20.81 7.07 37.73
C PRO F 210 19.43 7.30 37.09
N VAL F 211 19.24 6.76 35.89
CA VAL F 211 17.98 6.91 35.16
C VAL F 211 17.58 5.53 34.68
N MET F 212 16.37 5.08 35.03
CA MET F 212 15.91 3.72 34.68
C MET F 212 14.44 3.69 34.39
N GLN F 213 14.08 2.89 33.38
CA GLN F 213 12.69 2.71 32.99
CA GLN F 213 12.70 2.70 32.96
C GLN F 213 12.30 1.27 33.27
N PHE F 214 11.01 1.04 33.45
CA PHE F 214 10.50 -0.31 33.59
C PHE F 214 9.09 -0.37 33.00
N THR F 215 8.79 -1.47 32.34
CA THR F 215 7.48 -1.66 31.72
C THR F 215 7.38 -3.12 31.36
N ASN F 216 6.15 -3.62 31.28
CA ASN F 216 5.98 -4.94 30.74
C ASN F 216 5.39 -4.91 29.32
N SER F 217 5.50 -3.76 28.65
CA SER F 217 4.93 -3.61 27.30
C SER F 217 5.97 -3.70 26.15
N VAL F 218 7.24 -3.90 26.46
CA VAL F 218 8.29 -3.77 25.44
C VAL F 218 8.97 -5.13 25.15
N THR F 219 9.07 -5.47 23.86
CA THR F 219 9.76 -6.67 23.42
C THR F 219 10.93 -6.30 22.49
N THR F 220 12.09 -6.94 22.69
CA THR F 220 13.23 -6.81 21.77
C THR F 220 13.28 -8.03 20.85
N VAL F 221 13.23 -7.79 19.54
CA VAL F 221 13.30 -8.86 18.55
C VAL F 221 14.78 -9.25 18.41
N LEU F 222 15.08 -10.55 18.41
CA LEU F 222 16.46 -11.01 18.41
C LEU F 222 16.97 -11.47 17.05
N LEU F 223 16.12 -11.37 16.04
CA LEU F 223 16.49 -11.71 14.65
C LEU F 223 17.60 -10.78 14.12
N ASP F 224 18.63 -11.35 13.49
CA ASP F 224 19.69 -10.54 12.88
C ASP F 224 19.27 -9.99 11.50
N GLU F 225 20.21 -9.41 10.75
CA GLU F 225 19.89 -8.84 9.44
C GLU F 225 19.46 -9.89 8.41
N ASN F 226 19.65 -11.17 8.73
CA ASN F 226 19.22 -12.25 7.84
C ASN F 226 17.97 -12.93 8.33
N GLY F 227 17.38 -12.36 9.39
CA GLY F 227 16.14 -12.85 9.95
C GLY F 227 16.33 -14.08 10.82
N VAL F 228 17.54 -14.26 11.37
CA VAL F 228 17.83 -15.42 12.19
C VAL F 228 18.18 -14.96 13.61
N GLY F 229 17.57 -15.59 14.60
CA GLY F 229 17.92 -15.33 15.99
C GLY F 229 19.04 -16.24 16.45
N PRO F 230 19.49 -16.07 17.70
CA PRO F 230 20.49 -17.00 18.24
C PRO F 230 19.98 -18.44 18.22
N LEU F 231 20.86 -19.36 17.80
CA LEU F 231 20.57 -20.78 17.76
C LEU F 231 21.26 -21.47 18.94
N CYS F 232 20.49 -22.21 19.72
CA CYS F 232 20.97 -22.73 20.99
C CYS F 232 21.75 -24.04 20.84
N LYS F 233 23.08 -23.94 20.79
CA LYS F 233 23.95 -25.10 20.63
C LYS F 233 23.83 -26.04 21.82
N GLY F 234 23.61 -27.34 21.56
CA GLY F 234 23.38 -28.33 22.63
C GLY F 234 22.14 -28.05 23.49
N ASP F 235 21.15 -27.37 22.90
CA ASP F 235 19.91 -26.93 23.58
C ASP F 235 20.14 -26.11 24.86
N LYS F 236 21.15 -25.24 24.83
CA LYS F 236 21.43 -24.32 25.94
C LYS F 236 21.25 -22.88 25.50
N LEU F 237 20.61 -22.11 26.35
CA LEU F 237 20.37 -20.70 26.15
C LEU F 237 21.20 -19.93 27.18
N PHE F 238 22.04 -19.02 26.72
CA PHE F 238 22.85 -18.22 27.64
C PHE F 238 22.26 -16.84 27.82
N LEU F 239 22.03 -16.50 29.09
CA LEU F 239 21.54 -15.17 29.46
C LEU F 239 22.62 -14.53 30.30
N SER F 240 22.99 -13.31 29.94
CA SER F 240 24.12 -12.62 30.57
C SER F 240 23.68 -11.21 30.87
N CYS F 241 24.24 -10.62 31.92
CA CYS F 241 23.93 -9.22 32.19
C CYS F 241 24.86 -8.59 33.23
N ALA F 242 24.81 -7.26 33.30
CA ALA F 242 25.39 -6.54 34.44
C ALA F 242 24.49 -5.35 34.61
N ASP F 243 24.10 -5.07 35.85
CA ASP F 243 23.20 -3.95 36.11
C ASP F 243 23.62 -3.20 37.34
N ILE F 244 24.56 -2.30 37.12
CA ILE F 244 25.13 -1.50 38.17
C ILE F 244 24.35 -0.19 38.24
N ALA F 245 23.64 -0.01 39.35
CA ALA F 245 22.78 1.14 39.56
C ALA F 245 23.58 2.38 39.94
N GLY F 246 24.78 2.15 40.46
CA GLY F 246 25.63 3.23 40.99
C GLY F 246 26.34 2.79 42.25
N VAL F 247 26.78 3.75 43.05
CA VAL F 247 27.41 3.44 44.35
C VAL F 247 26.66 4.07 45.51
N HIS F 248 26.63 3.36 46.63
CA HIS F 248 26.09 3.89 47.87
C HIS F 248 27.27 4.37 48.68
N THR F 249 27.11 5.50 49.35
CA THR F 249 28.19 6.14 50.08
C THR F 249 27.85 6.12 51.57
N ASN F 250 28.75 5.57 52.37
CA ASN F 250 28.59 5.58 53.83
C ASN F 250 28.94 6.93 54.42
N TYR F 251 28.53 7.17 55.67
CA TYR F 251 28.95 8.40 56.35
C TYR F 251 30.46 8.58 56.30
N SER F 252 31.20 7.48 56.49
CA SER F 252 32.66 7.52 56.47
C SER F 252 33.22 7.85 55.07
N GLU F 253 32.32 7.89 54.09
CA GLU F 253 32.63 8.13 52.67
C GLU F 253 33.20 6.92 51.94
N THR F 254 33.25 5.78 52.62
CA THR F 254 33.53 4.52 51.92
C THR F 254 32.33 4.29 51.02
N GLN F 255 32.59 3.67 49.88
CA GLN F 255 31.58 3.51 48.86
C GLN F 255 31.50 2.06 48.44
N VAL F 256 30.29 1.62 48.13
CA VAL F 256 30.05 0.26 47.64
C VAL F 256 29.20 0.30 46.37
N TRP F 257 29.54 -0.54 45.40
CA TRP F 257 28.71 -0.67 44.19
C TRP F 257 27.41 -1.31 44.56
N ARG F 258 26.32 -0.86 43.93
CA ARG F 258 25.01 -1.47 44.11
C ARG F 258 24.54 -2.04 42.76
N GLY F 259 24.21 -3.32 42.75
CA GLY F 259 23.67 -3.98 41.56
C GLY F 259 22.21 -4.34 41.77
N LEU F 260 21.51 -4.60 40.67
CA LEU F 260 20.11 -5.01 40.72
C LEU F 260 19.91 -6.25 39.84
N PRO F 261 18.92 -7.09 40.19
CA PRO F 261 18.65 -8.31 39.42
C PRO F 261 17.97 -7.97 38.10
N ARG F 262 18.06 -8.89 37.17
CA ARG F 262 17.45 -8.71 35.88
C ARG F 262 16.62 -9.94 35.58
N TYR F 263 15.42 -9.68 35.08
CA TYR F 263 14.48 -10.71 34.67
C TYR F 263 14.53 -10.85 33.15
N PHE F 264 14.41 -12.09 32.66
CA PHE F 264 14.35 -12.33 31.22
C PHE F 264 13.14 -13.21 30.93
N ASN F 265 12.48 -12.94 29.81
CA ASN F 265 11.45 -13.82 29.29
C ASN F 265 11.77 -13.95 27.82
N VAL F 266 12.19 -15.16 27.41
CA VAL F 266 12.67 -15.41 26.04
C VAL F 266 11.75 -16.39 25.34
N THR F 267 11.34 -16.02 24.13
CA THR F 267 10.50 -16.85 23.27
C THR F 267 11.43 -17.52 22.27
N LEU F 268 11.25 -18.83 22.09
CA LEU F 268 12.07 -19.63 21.19
C LEU F 268 11.18 -20.47 20.30
N ARG F 269 11.68 -20.80 19.12
CA ARG F 269 10.97 -21.71 18.23
C ARG F 269 11.91 -22.77 17.69
N LYS F 270 11.39 -23.99 17.50
CA LYS F 270 12.17 -25.09 16.94
C LYS F 270 12.42 -24.80 15.46
N ARG F 271 13.66 -24.99 15.03
CA ARG F 271 14.00 -24.83 13.63
C ARG F 271 14.73 -26.06 13.13
N ILE F 272 14.49 -26.39 11.87
CA ILE F 272 15.27 -27.38 11.15
C ILE F 272 16.55 -26.70 10.67
N VAL F 273 17.69 -27.33 10.95
CA VAL F 273 18.97 -26.72 10.68
C VAL F 273 19.86 -27.79 10.04
N LYS F 274 20.54 -27.42 8.96
CA LYS F 274 21.49 -28.30 8.31
C LYS F 274 22.65 -28.53 9.28
N ASN F 275 22.96 -29.79 9.56
CA ASN F 275 24.00 -30.12 10.53
C ASN F 275 25.39 -29.96 9.92
N SER G 2 -26.19 19.70 -10.22
CA SER G 2 -26.39 19.25 -8.80
C SER G 2 -26.80 17.77 -8.67
N HIS G 3 -26.49 17.18 -7.53
CA HIS G 3 -26.61 15.73 -7.33
C HIS G 3 -26.73 15.44 -5.85
N MET G 4 -27.27 14.27 -5.50
CA MET G 4 -27.25 13.83 -4.10
C MET G 4 -25.83 13.47 -3.69
N GLY G 5 -25.43 13.94 -2.52
CA GLY G 5 -24.11 13.65 -1.98
C GLY G 5 -24.12 13.74 -0.47
N GLY G 6 -23.05 13.25 0.15
CA GLY G 6 -22.94 13.27 1.60
C GLY G 6 -22.37 14.58 2.07
N VAL G 7 -22.80 15.03 3.23
CA VAL G 7 -22.09 16.09 3.95
C VAL G 7 -21.88 15.58 5.38
N GLU G 8 -20.65 15.71 5.89
CA GLU G 8 -20.32 15.22 7.22
C GLU G 8 -20.70 16.25 8.28
N VAL G 9 -21.74 15.94 9.04
CA VAL G 9 -22.23 16.80 10.10
C VAL G 9 -21.65 16.32 11.42
N LEU G 10 -21.16 17.23 12.25
CA LEU G 10 -20.68 16.86 13.57
C LEU G 10 -21.82 16.79 14.59
N GLU G 11 -21.86 15.71 15.37
CA GLU G 11 -22.90 15.54 16.37
C GLU G 11 -22.41 14.75 17.56
N VAL G 12 -23.08 14.91 18.69
CA VAL G 12 -22.81 14.10 19.88
C VAL G 12 -23.28 12.68 19.58
N ARG G 13 -22.33 11.74 19.60
CA ARG G 13 -22.64 10.34 19.38
C ARG G 13 -22.37 9.59 20.67
N THR G 14 -23.32 8.74 21.06
CA THR G 14 -23.22 8.00 22.32
C THR G 14 -22.22 6.85 22.21
N GLY G 15 -22.01 6.35 20.99
CA GLY G 15 -21.09 5.25 20.77
C GLY G 15 -21.76 3.94 21.14
N PRO G 16 -21.19 2.80 20.71
CA PRO G 16 -21.87 1.53 20.94
C PRO G 16 -21.92 1.12 22.42
N ASP G 17 -22.94 0.34 22.77
CA ASP G 17 -23.12 -0.20 24.12
C ASP G 17 -21.99 -1.14 24.53
N ALA G 18 -21.22 -1.60 23.55
CA ALA G 18 -20.07 -2.48 23.80
C ALA G 18 -18.87 -1.73 24.39
N ILE G 19 -18.88 -0.40 24.31
CA ILE G 19 -17.73 0.39 24.74
C ILE G 19 -18.12 1.27 25.91
N THR G 20 -17.21 1.41 26.85
CA THR G 20 -17.41 2.29 27.98
C THR G 20 -16.09 2.99 28.32
N GLN G 21 -16.21 4.13 28.99
CA GLN G 21 -15.05 4.85 29.50
CA GLN G 21 -15.03 4.79 29.51
C GLN G 21 -15.23 5.13 30.97
N ILE G 22 -14.15 5.10 31.72
CA ILE G 22 -14.19 5.52 33.11
C ILE G 22 -13.11 6.57 33.28
N GLU G 23 -13.30 7.43 34.27
CA GLU G 23 -12.25 8.33 34.65
C GLU G 23 -12.15 8.31 36.15
N ALA G 24 -10.94 8.57 36.64
CA ALA G 24 -10.67 8.52 38.06
C ALA G 24 -9.41 9.31 38.30
N TYR G 25 -9.27 9.78 39.53
CA TYR G 25 -8.00 10.33 39.97
C TYR G 25 -7.58 9.63 41.26
N LEU G 26 -6.28 9.52 41.47
CA LEU G 26 -5.73 8.88 42.66
C LEU G 26 -4.84 9.92 43.31
N ASN G 27 -5.12 10.23 44.56
CA ASN G 27 -4.27 11.15 45.30
C ASN G 27 -3.05 10.43 45.80
N PRO G 28 -1.92 11.17 45.94
CA PRO G 28 -0.67 10.51 46.33
C PRO G 28 -0.72 10.04 47.79
N ARG G 29 0.09 9.03 48.08
CA ARG G 29 0.19 8.45 49.43
C ARG G 29 1.64 8.53 49.90
N MET G 30 2.08 9.74 50.19
CA MET G 30 3.47 9.98 50.56
C MET G 30 3.74 9.70 52.03
N GLY G 31 2.67 9.52 52.79
CA GLY G 31 2.78 9.30 54.24
C GLY G 31 1.73 10.08 55.03
N ASN G 32 1.50 11.33 54.65
CA ASN G 32 0.36 12.04 55.19
C ASN G 32 -0.76 11.85 54.20
N ASN G 33 -1.63 10.88 54.49
CA ASN G 33 -2.56 10.34 53.51
C ASN G 33 -4.01 10.75 53.72
N ILE G 34 -4.24 11.55 54.76
CA ILE G 34 -5.57 12.02 55.11
C ILE G 34 -5.65 13.52 54.76
N PRO G 35 -6.70 13.92 54.00
CA PRO G 35 -6.83 15.31 53.55
C PRO G 35 -6.81 16.35 54.64
N SER G 36 -7.20 16.00 55.87
CA SER G 36 -7.19 16.95 56.97
C SER G 36 -5.80 17.22 57.57
N GLU G 37 -4.81 16.41 57.23
CA GLU G 37 -3.45 16.59 57.77
C GLU G 37 -2.72 17.78 57.13
N ASP G 38 -1.97 18.51 57.96
CA ASP G 38 -1.23 19.67 57.49
C ASP G 38 -0.34 19.37 56.29
N LEU G 39 0.38 18.25 56.34
CA LEU G 39 1.30 17.85 55.27
C LEU G 39 0.68 16.89 54.25
N TYR G 40 -0.64 16.87 54.13
CA TYR G 40 -1.29 16.05 53.11
C TYR G 40 -0.56 16.21 51.78
N GLY G 41 -0.25 15.07 51.14
CA GLY G 41 0.51 15.08 49.89
C GLY G 41 2.02 15.09 50.04
N TYR G 42 2.50 15.07 51.28
CA TYR G 42 3.92 14.98 51.59
C TYR G 42 4.14 13.85 52.60
N SER G 43 5.38 13.38 52.70
CA SER G 43 5.76 12.52 53.82
C SER G 43 6.01 13.38 55.05
N ASN G 44 6.16 12.73 56.20
CA ASN G 44 6.76 13.39 57.34
C ASN G 44 8.27 13.46 57.13
N SER G 45 8.95 14.24 57.97
CA SER G 45 10.38 14.44 57.84
C SER G 45 11.10 13.12 57.76
N ILE G 46 11.92 12.97 56.74
CA ILE G 46 12.70 11.75 56.55
C ILE G 46 13.71 11.64 57.69
N ASN G 47 13.62 10.57 58.48
CA ASN G 47 14.61 10.34 59.55
C ASN G 47 15.54 9.23 59.08
N THR G 48 16.84 9.45 59.21
CA THR G 48 17.82 8.55 58.60
C THR G 48 18.33 7.55 59.63
N ALA G 49 18.85 6.41 59.15
CA ALA G 49 19.28 5.30 60.01
C ALA G 49 20.40 5.69 60.97
N PHE G 50 20.41 5.11 62.18
CA PHE G 50 21.58 5.25 63.06
C PHE G 50 22.77 4.46 62.50
N SER G 51 22.48 3.25 62.01
CA SER G 51 23.50 2.37 61.43
C SER G 51 22.73 1.40 60.56
N LYS G 52 23.44 0.54 59.82
CA LYS G 52 22.76 -0.50 59.03
C LYS G 52 21.83 -1.34 59.94
N ALA G 53 22.37 -1.77 61.08
CA ALA G 53 21.64 -2.59 62.04
C ALA G 53 20.43 -1.88 62.68
N SER G 54 20.49 -0.56 62.75
CA SER G 54 19.50 0.24 63.46
C SER G 54 18.89 1.33 62.58
N ASP G 55 17.90 0.93 61.78
CA ASP G 55 17.32 1.79 60.76
C ASP G 55 15.81 1.64 60.84
N THR G 56 15.16 2.62 61.45
CA THR G 56 13.74 2.52 61.75
C THR G 56 13.03 3.76 61.22
N PRO G 57 12.61 3.74 59.95
CA PRO G 57 11.88 4.91 59.44
C PRO G 57 10.64 5.20 60.30
N ASN G 58 10.37 6.46 60.55
CA ASN G 58 9.22 6.83 61.36
C ASN G 58 7.94 6.56 60.58
N LYS G 59 6.84 6.46 61.32
CA LYS G 59 5.50 6.36 60.75
C LYS G 59 5.34 7.52 59.76
N ASP G 60 4.73 7.25 58.60
CA ASP G 60 4.40 8.29 57.62
C ASP G 60 5.61 8.95 56.93
N THR G 61 6.77 8.29 56.96
CA THR G 61 7.93 8.78 56.21
C THR G 61 8.17 8.03 54.90
N LEU G 62 7.36 7.02 54.62
CA LEU G 62 7.58 6.14 53.47
C LEU G 62 6.50 6.32 52.41
N PRO G 63 6.86 6.85 51.22
CA PRO G 63 5.89 6.93 50.12
C PRO G 63 5.42 5.55 49.74
N CYS G 64 4.11 5.43 49.53
CA CYS G 64 3.48 4.16 49.18
C CYS G 64 2.74 4.30 47.85
N TYR G 65 2.46 3.17 47.21
CA TYR G 65 1.68 3.15 45.96
C TYR G 65 0.23 3.55 46.24
N SER G 66 -0.38 4.21 45.27
CA SER G 66 -1.81 4.48 45.28
C SER G 66 -2.48 3.40 44.44
N VAL G 67 -3.66 2.98 44.84
CA VAL G 67 -4.44 2.02 44.05
C VAL G 67 -5.93 2.36 44.25
N ALA G 68 -6.69 2.29 43.15
CA ALA G 68 -8.13 2.49 43.19
C ALA G 68 -8.77 1.34 42.41
N VAL G 69 -9.84 0.79 42.95
CA VAL G 69 -10.58 -0.26 42.30
C VAL G 69 -11.86 0.36 41.74
N ILE G 70 -12.02 0.31 40.42
CA ILE G 70 -13.17 0.92 39.75
C ILE G 70 -14.17 -0.18 39.44
N LYS G 71 -15.38 -0.01 39.95
CA LYS G 71 -16.46 -0.93 39.67
C LYS G 71 -17.03 -0.61 38.30
N LEU G 72 -17.14 -1.62 37.44
CA LEU G 72 -17.55 -1.41 36.06
C LEU G 72 -19.00 -1.84 35.90
N PRO G 73 -19.70 -1.36 34.84
CA PRO G 73 -21.09 -1.81 34.70
C PRO G 73 -21.19 -3.34 34.69
N LEU G 74 -22.19 -3.86 35.37
CA LEU G 74 -22.45 -5.29 35.44
C LEU G 74 -22.83 -5.82 34.06
N LEU G 75 -22.38 -7.04 33.76
CA LEU G 75 -22.57 -7.63 32.43
C LEU G 75 -23.56 -8.82 32.37
N MET G 79 -25.58 -16.67 33.03
CA MET G 79 -24.15 -16.91 32.85
C MET G 79 -23.84 -18.37 32.51
N THR G 80 -24.84 -19.25 32.60
CA THR G 80 -24.63 -20.71 32.58
C THR G 80 -23.59 -21.23 31.57
N CYS G 81 -23.65 -20.73 30.34
CA CYS G 81 -22.74 -21.17 29.27
C CYS G 81 -21.26 -21.10 29.68
N ASP G 82 -20.44 -21.94 29.06
CA ASP G 82 -18.98 -21.92 29.29
C ASP G 82 -18.33 -20.62 28.83
N THR G 83 -19.14 -19.57 28.84
CA THR G 83 -18.79 -18.27 28.31
C THR G 83 -19.23 -17.20 29.29
N ILE G 84 -18.43 -16.14 29.39
CA ILE G 84 -18.75 -14.98 30.20
C ILE G 84 -18.46 -13.70 29.43
N LEU G 85 -19.21 -12.66 29.75
CA LEU G 85 -18.88 -11.33 29.27
C LEU G 85 -17.89 -10.68 30.23
N MET G 86 -16.86 -10.06 29.68
CA MET G 86 -15.85 -9.32 30.48
C MET G 86 -15.49 -8.03 29.79
N TRP G 87 -15.15 -7.02 30.59
CA TRP G 87 -14.64 -5.77 30.08
C TRP G 87 -13.18 -5.94 29.81
N GLU G 88 -12.77 -5.54 28.62
CA GLU G 88 -11.36 -5.51 28.25
C GLU G 88 -10.95 -4.06 28.13
N ALA G 89 -9.95 -3.65 28.92
CA ALA G 89 -9.41 -2.30 28.84
C ALA G 89 -8.54 -2.20 27.59
N VAL G 90 -8.82 -1.23 26.73
CA VAL G 90 -8.09 -1.18 25.44
C VAL G 90 -7.13 -0.01 25.34
N SER G 91 -7.41 1.08 26.05
CA SER G 91 -6.52 2.24 26.04
C SER G 91 -6.72 3.10 27.26
N VAL G 92 -5.75 3.97 27.53
CA VAL G 92 -5.76 4.83 28.69
C VAL G 92 -5.10 6.16 28.34
N LYS G 93 -5.71 7.22 28.84
CA LYS G 93 -5.07 8.52 28.90
C LYS G 93 -4.84 8.79 30.37
N THR G 94 -3.61 9.14 30.70
CA THR G 94 -3.29 9.43 32.08
C THR G 94 -2.40 10.66 32.13
N GLU G 95 -2.53 11.43 33.23
CA GLU G 95 -1.77 12.67 33.45
CA GLU G 95 -1.69 12.61 33.44
C GLU G 95 -1.44 12.85 34.93
N VAL G 96 -0.29 13.41 35.20
CA VAL G 96 0.07 13.81 36.55
C VAL G 96 -0.50 15.21 36.72
N VAL G 97 -1.27 15.41 37.79
CA VAL G 97 -2.00 16.63 37.99
C VAL G 97 -1.21 17.48 38.98
N GLY G 98 -1.19 18.80 38.79
CA GLY G 98 -0.55 19.67 39.79
C GLY G 98 0.94 19.87 39.56
N ILE G 99 1.40 19.58 38.36
CA ILE G 99 2.81 19.83 38.03
C ILE G 99 3.18 21.30 38.26
N SER G 100 2.29 22.20 37.84
CA SER G 100 2.51 23.63 37.99
C SER G 100 2.65 24.08 39.45
N SER G 101 2.12 23.31 40.40
CA SER G 101 2.31 23.66 41.82
C SER G 101 3.78 23.73 42.22
N LEU G 102 4.64 23.03 41.47
CA LEU G 102 6.08 23.01 41.75
CA LEU G 102 6.07 23.01 41.75
C LEU G 102 6.75 24.30 41.32
N VAL G 103 6.05 25.13 40.55
CA VAL G 103 6.60 26.39 40.02
C VAL G 103 6.42 27.48 41.06
N ASN G 104 7.19 27.35 42.14
CA ASN G 104 6.93 28.09 43.37
C ASN G 104 8.28 28.23 44.07
N LEU G 105 8.79 29.46 44.17
CA LEU G 105 10.06 29.71 44.84
C LEU G 105 9.87 30.53 46.13
N HIS G 106 8.62 30.74 46.54
CA HIS G 106 8.34 31.53 47.73
C HIS G 106 8.00 30.69 48.93
N GLN G 107 7.61 29.44 48.68
CA GLN G 107 7.41 28.47 49.75
C GLN G 107 8.66 28.44 50.64
N GLY G 108 8.47 28.54 51.95
CA GLY G 108 9.58 28.61 52.91
C GLY G 108 10.44 27.36 52.82
N GLY G 109 11.74 27.56 52.82
CA GLY G 109 12.67 26.45 52.71
C GLY G 109 14.12 26.90 52.75
N LYS G 110 14.99 26.08 52.18
CA LYS G 110 16.41 26.41 52.06
CA LYS G 110 16.41 26.39 52.05
C LYS G 110 16.56 27.44 50.95
N TYR G 111 17.41 28.45 51.16
CA TYR G 111 17.61 29.49 50.16
C TYR G 111 18.48 29.01 49.01
N ILE G 112 18.18 29.43 47.78
CA ILE G 112 19.00 29.09 46.63
C ILE G 112 20.41 29.71 46.73
N TYR G 113 20.47 31.00 47.04
CA TYR G 113 21.73 31.64 47.38
C TYR G 113 21.65 32.02 48.86
N GLY G 114 21.62 33.32 49.15
CA GLY G 114 21.39 33.79 50.52
C GLY G 114 19.94 34.15 50.80
N SER G 115 19.70 34.78 51.95
CA SER G 115 18.33 35.04 52.44
C SER G 115 17.51 36.02 51.59
N SER G 116 18.11 36.71 50.62
CA SER G 116 17.36 37.56 49.69
C SER G 116 16.77 36.79 48.47
N SER G 117 17.22 35.57 48.24
CA SER G 117 16.85 34.83 47.02
C SER G 117 15.59 33.99 47.20
N GLY G 118 15.15 33.35 46.12
CA GLY G 118 14.07 32.37 46.21
C GLY G 118 14.53 31.14 46.98
N CYS G 119 13.57 30.29 47.35
CA CYS G 119 13.90 29.05 48.03
C CYS G 119 14.01 27.87 47.07
N VAL G 120 14.83 26.89 47.45
CA VAL G 120 15.06 25.70 46.64
C VAL G 120 13.75 24.95 46.42
N PRO G 121 13.36 24.73 45.14
CA PRO G 121 12.12 24.01 44.89
C PRO G 121 12.28 22.49 45.13
N VAL G 122 11.21 21.75 44.90
CA VAL G 122 11.22 20.29 45.00
C VAL G 122 12.21 19.71 43.99
N GLN G 123 13.09 18.83 44.44
CA GLN G 123 14.07 18.20 43.57
C GLN G 123 14.61 16.93 44.20
N GLY G 124 15.51 16.24 43.52
CA GLY G 124 16.02 14.96 44.00
C GLY G 124 15.31 13.84 43.29
N THR G 125 15.23 12.69 43.96
CA THR G 125 14.73 11.44 43.37
C THR G 125 13.27 11.57 42.92
N THR G 126 12.98 11.08 41.71
CA THR G 126 11.63 11.06 41.18
C THR G 126 11.28 9.63 40.76
N TYR G 127 10.00 9.29 40.86
CA TYR G 127 9.55 7.94 40.55
C TYR G 127 8.12 8.09 40.08
N HIS G 128 7.90 7.73 38.82
CA HIS G 128 6.61 7.94 38.16
C HIS G 128 6.22 6.65 37.56
N MET G 129 5.14 6.08 38.05
CA MET G 129 4.67 4.82 37.47
C MET G 129 3.15 4.79 37.48
N PHE G 130 2.57 4.14 36.48
CA PHE G 130 1.18 3.79 36.54
C PHE G 130 0.95 2.39 36.00
N ALA G 131 -0.19 1.81 36.38
CA ALA G 131 -0.58 0.51 35.88
C ALA G 131 -2.09 0.49 35.75
N VAL G 132 -2.55 -0.26 34.76
CA VAL G 132 -3.96 -0.49 34.55
C VAL G 132 -4.08 -2.00 34.38
N GLY G 133 -4.90 -2.64 35.21
CA GLY G 133 -5.12 -4.07 35.05
C GLY G 133 -6.49 -4.53 35.47
N GLY G 134 -6.76 -5.81 35.21
CA GLY G 134 -8.04 -6.43 35.57
C GLY G 134 -7.96 -7.23 36.85
N GLU G 135 -6.95 -6.93 37.65
CA GLU G 135 -6.69 -7.54 38.95
C GLU G 135 -5.53 -6.75 39.57
N PRO G 136 -5.21 -6.99 40.85
CA PRO G 136 -4.17 -6.17 41.48
C PRO G 136 -2.82 -6.32 40.80
N LEU G 137 -2.08 -5.21 40.71
CA LEU G 137 -0.70 -5.27 40.28
C LEU G 137 0.05 -6.24 41.20
N GLU G 138 0.78 -7.18 40.60
CA GLU G 138 1.62 -8.13 41.33
C GLU G 138 3.01 -7.53 41.60
N LEU G 139 3.44 -7.65 42.85
CA LEU G 139 4.64 -6.97 43.34
C LEU G 139 5.74 -7.94 43.73
N GLN G 140 6.97 -7.53 43.45
CA GLN G 140 8.16 -8.24 43.88
C GLN G 140 8.79 -7.36 44.97
N GLY G 141 9.18 -7.98 46.08
CA GLY G 141 9.85 -7.26 47.15
C GLY G 141 11.33 -7.26 46.92
N LEU G 142 11.95 -6.09 47.07
CA LEU G 142 13.39 -5.93 47.01
C LEU G 142 13.73 -4.65 47.76
N VAL G 143 14.63 -4.75 48.73
CA VAL G 143 15.00 -3.58 49.54
C VAL G 143 16.49 -3.23 49.44
N ALA G 144 16.82 -1.97 49.73
CA ALA G 144 18.21 -1.54 49.85
C ALA G 144 18.89 -2.22 51.04
N SER G 145 18.15 -2.44 52.12
CA SER G 145 18.73 -3.02 53.33
C SER G 145 17.76 -3.94 54.05
N SER G 146 18.17 -5.19 54.23
CA SER G 146 17.32 -6.17 54.88
C SER G 146 17.20 -5.98 56.39
N THR G 147 18.02 -5.08 56.96
CA THR G 147 18.00 -4.90 58.40
C THR G 147 17.20 -3.67 58.82
N ALA G 148 16.60 -2.98 57.85
CA ALA G 148 15.66 -1.91 58.16
C ALA G 148 14.45 -2.49 58.87
N THR G 149 13.96 -1.77 59.88
CA THR G 149 12.74 -2.16 60.62
C THR G 149 11.60 -1.28 60.10
N TYR G 150 10.68 -1.87 59.34
CA TYR G 150 9.57 -1.11 58.75
C TYR G 150 8.41 -0.90 59.75
N PRO G 151 7.69 0.23 59.65
CA PRO G 151 6.64 0.52 60.63
C PRO G 151 5.39 -0.36 60.49
N ASP G 152 4.63 -0.41 61.59
CA ASP G 152 3.42 -1.22 61.73
C ASP G 152 2.37 -1.00 60.67
N ASP G 153 2.28 0.23 60.19
CA ASP G 153 1.19 0.63 59.32
C ASP G 153 1.52 0.45 57.83
N VAL G 154 2.63 -0.23 57.51
CA VAL G 154 2.92 -0.56 56.10
C VAL G 154 3.09 -2.06 55.92
N VAL G 155 2.88 -2.53 54.69
CA VAL G 155 3.12 -3.93 54.36
C VAL G 155 4.56 -4.09 53.86
N ALA G 156 5.37 -4.78 54.64
CA ALA G 156 6.75 -5.00 54.27
C ALA G 156 6.97 -6.46 53.93
N ILE G 157 8.21 -6.85 53.65
CA ILE G 157 8.55 -8.23 53.30
C ILE G 157 8.55 -9.08 54.57
N LYS G 158 7.86 -10.21 54.52
CA LYS G 158 7.83 -11.11 55.67
C LYS G 158 9.15 -11.89 55.81
N ASN G 159 9.67 -11.96 57.04
CA ASN G 159 10.90 -12.70 57.37
C ASN G 159 12.10 -12.21 56.58
N MET G 160 12.26 -10.90 56.54
CA MET G 160 13.29 -10.27 55.73
C MET G 160 14.69 -10.82 56.05
N LYS G 161 15.46 -11.06 55.00
CA LYS G 161 16.80 -11.62 55.12
C LYS G 161 17.71 -10.90 54.13
N PRO G 162 19.04 -11.05 54.28
CA PRO G 162 19.92 -10.35 53.35
C PRO G 162 19.64 -10.64 51.88
N GLY G 163 19.08 -11.82 51.59
CA GLY G 163 18.69 -12.17 50.22
C GLY G 163 17.64 -11.23 49.63
N ASN G 164 16.91 -10.51 50.49
CA ASN G 164 15.91 -9.56 50.02
C ASN G 164 16.49 -8.23 49.49
N GLN G 165 17.81 -8.10 49.56
CA GLN G 165 18.54 -7.04 48.85
C GLN G 165 18.77 -7.40 47.38
N GLY G 166 18.51 -8.67 47.04
CA GLY G 166 18.39 -9.10 45.66
C GLY G 166 16.99 -9.65 45.48
N LEU G 167 16.79 -10.44 44.42
CA LEU G 167 15.48 -10.99 44.12
C LEU G 167 15.31 -12.36 44.79
N ASP G 168 14.41 -12.42 45.76
CA ASP G 168 13.99 -13.68 46.36
C ASP G 168 12.56 -13.93 45.94
N PRO G 169 12.31 -15.04 45.22
CA PRO G 169 10.97 -15.30 44.67
C PRO G 169 9.87 -15.47 45.75
N LYS G 170 10.26 -15.64 47.00
CA LYS G 170 9.28 -15.70 48.10
C LYS G 170 8.63 -14.36 48.43
N ALA G 171 9.33 -13.27 48.11
CA ALA G 171 8.85 -11.93 48.51
C ALA G 171 7.92 -11.36 47.46
N LYS G 172 6.66 -11.77 47.53
CA LYS G 172 5.68 -11.36 46.53
C LYS G 172 4.42 -10.85 47.21
N ALA G 173 3.76 -9.89 46.59
CA ALA G 173 2.55 -9.31 47.18
C ALA G 173 1.62 -8.86 46.07
N LEU G 174 0.40 -8.47 46.46
CA LEU G 174 -0.53 -7.84 45.54
C LEU G 174 -0.77 -6.43 46.01
N LEU G 175 -0.79 -5.48 45.07
CA LEU G 175 -1.08 -4.09 45.41
C LEU G 175 -2.60 -3.96 45.53
N ASP G 176 -3.09 -4.26 46.72
CA ASP G 176 -4.52 -4.38 46.97
C ASP G 176 -5.00 -3.46 48.11
N LYS G 177 -4.10 -2.60 48.58
CA LYS G 177 -4.43 -1.60 49.60
C LYS G 177 -3.79 -0.27 49.24
N ASP G 178 -4.59 0.79 49.28
CA ASP G 178 -4.11 2.13 48.95
C ASP G 178 -3.24 2.64 50.10
N GLY G 179 -2.06 3.14 49.79
CA GLY G 179 -1.20 3.74 50.79
C GLY G 179 -0.58 2.82 51.83
N LYS G 180 -0.35 1.57 51.50
CA LYS G 180 0.18 0.59 52.46
C LYS G 180 1.46 -0.09 52.01
N TYR G 181 1.69 -0.12 50.70
CA TYR G 181 2.84 -0.79 50.12
C TYR G 181 3.92 0.22 49.76
N PRO G 182 5.05 0.21 50.52
CA PRO G 182 6.08 1.20 50.27
C PRO G 182 6.77 1.04 48.92
N VAL G 183 6.98 2.17 48.26
CA VAL G 183 7.72 2.20 47.00
C VAL G 183 9.10 1.57 47.17
N GLU G 184 9.77 1.85 48.29
CA GLU G 184 11.15 1.41 48.44
C GLU G 184 11.26 -0.08 48.74
N VAL G 185 10.12 -0.73 48.96
CA VAL G 185 10.09 -2.14 49.29
C VAL G 185 9.58 -2.98 48.10
N TRP G 186 8.65 -2.41 47.33
CA TRP G 186 7.93 -3.18 46.31
C TRP G 186 8.07 -2.57 44.96
N CYS G 187 8.22 -3.43 43.96
CA CYS G 187 8.24 -3.03 42.56
C CYS G 187 7.38 -4.00 41.77
N PRO G 188 6.96 -3.62 40.56
CA PRO G 188 6.15 -4.55 39.78
C PRO G 188 6.92 -5.85 39.54
N ASP G 189 6.23 -6.98 39.63
CA ASP G 189 6.83 -8.28 39.39
C ASP G 189 6.74 -8.59 37.88
N PRO G 190 7.87 -8.54 37.15
CA PRO G 190 7.82 -8.79 35.71
C PRO G 190 7.58 -10.26 35.33
N SER G 191 7.71 -11.17 36.30
CA SER G 191 7.48 -12.57 36.03
C SER G 191 6.00 -12.89 36.04
N LYS G 192 5.18 -11.93 36.46
CA LYS G 192 3.72 -12.10 36.44
C LYS G 192 3.08 -10.93 35.70
N ASN G 193 1.97 -10.41 36.20
CA ASN G 193 1.30 -9.26 35.58
C ASN G 193 0.89 -9.42 34.11
N GLU G 194 0.55 -10.63 33.73
CA GLU G 194 0.03 -10.91 32.40
C GLU G 194 -1.27 -10.13 32.12
N ASN G 195 -2.05 -9.87 33.16
CA ASN G 195 -3.34 -9.20 33.04
C ASN G 195 -3.31 -7.71 33.45
N THR G 196 -2.13 -7.14 33.43
CA THR G 196 -1.88 -5.74 33.81
C THR G 196 -0.90 -5.15 32.82
N ARG G 197 -1.01 -3.85 32.58
CA ARG G 197 0.03 -3.11 31.87
C ARG G 197 0.58 -2.04 32.83
N TYR G 198 1.90 -2.01 32.98
CA TYR G 198 2.53 -1.01 33.85
C TYR G 198 3.69 -0.32 33.13
N TYR G 199 3.96 0.92 33.54
CA TYR G 199 4.92 1.78 32.90
C TYR G 199 5.53 2.59 34.01
N GLY G 200 6.85 2.69 34.02
CA GLY G 200 7.54 3.38 35.12
C GLY G 200 8.82 4.04 34.67
N SER G 201 9.10 5.17 35.30
CA SER G 201 10.29 5.96 35.02
CA SER G 201 10.32 5.93 35.03
C SER G 201 10.89 6.38 36.36
N PHE G 202 12.19 6.13 36.53
CA PHE G 202 12.88 6.53 37.75
C PHE G 202 14.08 7.41 37.38
N THR G 203 14.29 8.48 38.16
CA THR G 203 15.53 9.25 38.10
C THR G 203 15.97 9.51 39.53
N GLY G 204 17.20 9.14 39.86
CA GLY G 204 17.66 9.22 41.24
C GLY G 204 18.38 10.53 41.46
N GLY G 205 19.43 10.48 42.28
CA GLY G 205 20.26 11.65 42.53
C GLY G 205 19.78 12.43 43.73
N ALA G 206 20.72 13.06 44.42
CA ALA G 206 20.41 13.84 45.61
C ALA G 206 19.57 15.09 45.31
N THR G 207 19.95 15.87 44.29
CA THR G 207 19.30 17.16 44.04
C THR G 207 18.84 17.38 42.58
N THR G 208 18.57 16.28 41.89
CA THR G 208 18.22 16.30 40.46
C THR G 208 16.95 17.14 40.15
N PRO G 209 17.00 17.97 39.10
CA PRO G 209 15.79 18.69 38.69
C PRO G 209 14.73 17.72 38.18
N PRO G 210 13.46 17.87 38.63
CA PRO G 210 12.38 17.06 38.07
C PRO G 210 12.01 17.55 36.68
N VAL G 211 11.54 16.63 35.85
CA VAL G 211 11.14 16.93 34.48
C VAL G 211 9.82 16.22 34.28
N MET G 212 8.79 16.96 33.84
CA MET G 212 7.47 16.37 33.65
C MET G 212 6.74 17.06 32.50
N GLN G 213 6.00 16.26 31.73
CA GLN G 213 5.18 16.71 30.58
CA GLN G 213 5.17 16.80 30.65
C GLN G 213 3.70 16.54 30.92
N PHE G 214 2.84 17.31 30.26
CA PHE G 214 1.42 17.12 30.42
C PHE G 214 0.72 17.55 29.14
N THR G 215 -0.24 16.75 28.71
CA THR G 215 -0.99 17.04 27.51
C THR G 215 -2.26 16.20 27.60
N ASN G 216 -3.32 16.61 26.90
CA ASN G 216 -4.50 15.78 26.83
C ASN G 216 -4.59 15.14 25.44
N SER G 217 -3.48 15.12 24.72
CA SER G 217 -3.46 14.62 23.34
C SER G 217 -2.91 13.19 23.20
N VAL G 218 -2.43 12.59 24.28
CA VAL G 218 -1.69 11.30 24.21
C VAL G 218 -2.46 10.09 24.77
N THR G 219 -2.54 9.03 23.97
CA THR G 219 -3.24 7.81 24.36
C THR G 219 -2.26 6.66 24.41
N THR G 220 -2.31 5.82 25.45
CA THR G 220 -1.52 4.59 25.45
C THR G 220 -2.43 3.39 25.18
N VAL G 221 -2.09 2.59 24.17
CA VAL G 221 -2.87 1.38 23.84
C VAL G 221 -2.46 0.25 24.81
N LEU G 222 -3.46 -0.42 25.39
CA LEU G 222 -3.20 -1.46 26.41
C LEU G 222 -3.16 -2.88 25.89
N LEU G 223 -3.34 -3.04 24.57
CA LEU G 223 -3.33 -4.37 23.98
C LEU G 223 -1.94 -4.99 24.04
N ASP G 224 -1.88 -6.28 24.38
CA ASP G 224 -0.61 -6.99 24.38
C ASP G 224 -0.22 -7.48 22.98
N GLU G 225 0.79 -8.34 22.94
CA GLU G 225 1.34 -8.84 21.68
CA GLU G 225 1.35 -8.84 21.68
C GLU G 225 0.34 -9.70 20.90
N ASN G 226 -0.68 -10.19 21.58
CA ASN G 226 -1.73 -11.01 20.96
C ASN G 226 -2.98 -10.18 20.67
N GLY G 227 -2.87 -8.86 20.84
CA GLY G 227 -3.98 -7.95 20.61
C GLY G 227 -5.02 -7.95 21.72
N VAL G 228 -4.63 -8.36 22.93
CA VAL G 228 -5.59 -8.49 24.04
C VAL G 228 -5.25 -7.55 25.17
N GLY G 229 -6.25 -6.79 25.63
CA GLY G 229 -6.05 -5.89 26.75
C GLY G 229 -6.34 -6.58 28.07
N PRO G 230 -6.03 -5.92 29.19
CA PRO G 230 -6.40 -6.43 30.50
C PRO G 230 -7.90 -6.77 30.59
N LEU G 231 -8.19 -7.95 31.13
CA LEU G 231 -9.56 -8.46 31.27
C LEU G 231 -9.98 -8.31 32.73
N CYS G 232 -11.09 -7.63 32.95
CA CYS G 232 -11.46 -7.17 34.27
C CYS G 232 -12.20 -8.23 35.08
N LYS G 233 -11.46 -9.01 35.87
CA LYS G 233 -12.07 -10.07 36.68
C LYS G 233 -13.07 -9.46 37.67
N GLY G 234 -14.24 -10.08 37.75
CA GLY G 234 -15.31 -9.59 38.63
C GLY G 234 -15.77 -8.16 38.36
N ASP G 235 -15.65 -7.70 37.12
CA ASP G 235 -16.05 -6.33 36.72
C ASP G 235 -15.34 -5.23 37.50
N LYS G 236 -14.08 -5.47 37.87
CA LYS G 236 -13.28 -4.49 38.58
C LYS G 236 -12.05 -4.10 37.76
N LEU G 237 -11.81 -2.80 37.68
CA LEU G 237 -10.64 -2.27 37.01
C LEU G 237 -9.65 -1.75 38.10
N PHE G 238 -8.40 -2.18 38.06
CA PHE G 238 -7.40 -1.70 39.02
C PHE G 238 -6.52 -0.65 38.40
N LEU G 239 -6.47 0.51 39.03
CA LEU G 239 -5.63 1.60 38.59
C LEU G 239 -4.60 1.80 39.70
N SER G 240 -3.32 1.81 39.34
CA SER G 240 -2.23 1.86 40.34
C SER G 240 -1.25 2.91 39.92
N CYS G 241 -0.63 3.57 40.90
CA CYS G 241 0.41 4.50 40.55
C CYS G 241 1.27 4.91 41.74
N ALA G 242 2.36 5.60 41.40
CA ALA G 242 3.15 6.34 42.37
C ALA G 242 3.73 7.48 41.57
N ASP G 243 3.62 8.69 42.10
CA ASP G 243 4.18 9.88 41.42
C ASP G 243 4.90 10.77 42.40
N ILE G 244 6.17 10.46 42.59
CA ILE G 244 7.03 11.17 43.53
C ILE G 244 7.76 12.22 42.72
N ALA G 245 7.45 13.48 43.02
CA ALA G 245 8.02 14.61 42.29
C ALA G 245 9.44 14.92 42.75
N GLY G 246 9.79 14.50 43.97
CA GLY G 246 11.07 14.81 44.56
C GLY G 246 10.92 15.09 46.04
N VAL G 247 11.89 15.78 46.64
CA VAL G 247 11.78 16.13 48.05
C VAL G 247 11.79 17.64 48.22
N HIS G 248 11.01 18.12 49.18
CA HIS G 248 11.06 19.51 49.55
C HIS G 248 11.92 19.60 50.76
N THR G 249 12.81 20.60 50.79
CA THR G 249 13.76 20.79 51.90
C THR G 249 13.32 22.01 52.69
N ASN G 250 13.24 21.88 54.02
CA ASN G 250 12.93 23.03 54.88
C ASN G 250 14.18 23.81 55.20
N TYR G 251 14.00 25.01 55.75
CA TYR G 251 15.11 25.80 56.19
C TYR G 251 16.03 25.01 57.15
N SER G 252 15.42 24.18 57.99
CA SER G 252 16.17 23.38 59.00
C SER G 252 16.90 22.22 58.33
N GLU G 253 16.66 22.06 57.03
CA GLU G 253 17.25 21.00 56.20
C GLU G 253 16.59 19.65 56.38
N THR G 254 15.49 19.58 57.14
CA THR G 254 14.70 18.38 57.12
C THR G 254 14.05 18.30 55.75
N GLN G 255 13.77 17.08 55.31
CA GLN G 255 13.26 16.84 53.98
C GLN G 255 12.03 15.96 54.01
N VAL G 256 11.11 16.24 53.10
CA VAL G 256 9.87 15.47 52.98
C VAL G 256 9.63 15.17 51.50
N TRP G 257 9.12 13.97 51.23
CA TRP G 257 8.76 13.56 49.89
C TRP G 257 7.55 14.32 49.46
N ARG G 258 7.48 14.69 48.18
CA ARG G 258 6.33 15.37 47.65
C ARG G 258 5.78 14.53 46.50
N GLY G 259 4.50 14.22 46.56
CA GLY G 259 3.85 13.39 45.54
C GLY G 259 2.75 14.20 44.92
N LEU G 260 2.30 13.76 43.74
CA LEU G 260 1.27 14.46 42.99
C LEU G 260 0.19 13.48 42.57
N PRO G 261 -1.05 13.96 42.40
CA PRO G 261 -2.13 13.04 42.00
C PRO G 261 -2.05 12.64 40.53
N ARG G 262 -2.72 11.54 40.20
CA ARG G 262 -2.74 11.10 38.83
C ARG G 262 -4.16 10.87 38.36
N TYR G 263 -4.46 11.40 37.18
CA TYR G 263 -5.74 11.21 36.51
C TYR G 263 -5.62 10.03 35.54
N PHE G 264 -6.69 9.24 35.45
CA PHE G 264 -6.80 8.15 34.46
C PHE G 264 -8.11 8.30 33.70
N ASN G 265 -8.06 8.01 32.41
CA ASN G 265 -9.27 7.87 31.62
C ASN G 265 -9.06 6.60 30.81
N VAL G 266 -9.87 5.58 31.07
CA VAL G 266 -9.68 4.26 30.47
C VAL G 266 -10.88 3.89 29.62
N THR G 267 -10.61 3.40 28.39
CA THR G 267 -11.66 2.94 27.50
C THR G 267 -11.65 1.41 27.52
N LEU G 268 -12.85 0.84 27.66
CA LEU G 268 -12.99 -0.60 27.76
C LEU G 268 -14.04 -1.05 26.75
N ARG G 269 -13.95 -2.30 26.33
CA ARG G 269 -14.98 -2.87 25.45
C ARG G 269 -15.43 -4.24 25.98
N LYS G 270 -16.71 -4.57 25.77
CA LYS G 270 -17.25 -5.86 26.22
C LYS G 270 -16.74 -6.99 25.35
N ARG G 271 -16.34 -8.10 25.97
CA ARG G 271 -15.85 -9.25 25.22
C ARG G 271 -16.48 -10.53 25.72
N ILE G 272 -16.64 -11.48 24.80
CA ILE G 272 -17.02 -12.83 25.15
C ILE G 272 -15.73 -13.61 25.45
N VAL G 273 -15.68 -14.22 26.61
CA VAL G 273 -14.51 -14.96 27.07
C VAL G 273 -14.97 -16.38 27.39
N LYS G 274 -14.26 -17.37 26.87
CA LYS G 274 -14.57 -18.77 27.18
C LYS G 274 -14.35 -19.04 28.67
N SER H 2 5.50 16.22 -29.41
CA SER H 2 4.89 17.17 -28.42
C SER H 2 3.38 16.93 -28.23
N HIS H 3 2.86 17.32 -27.06
CA HIS H 3 1.51 16.96 -26.62
C HIS H 3 1.01 17.93 -25.58
N MET H 4 -0.31 18.03 -25.41
CA MET H 4 -0.89 18.78 -24.28
C MET H 4 -0.59 18.10 -22.95
N GLY H 5 -0.04 18.86 -22.01
CA GLY H 5 0.30 18.35 -20.70
C GLY H 5 0.26 19.44 -19.64
N GLY H 6 0.25 19.01 -18.38
CA GLY H 6 0.18 19.94 -17.26
C GLY H 6 1.56 20.41 -16.84
N VAL H 7 1.63 21.66 -16.43
CA VAL H 7 2.83 22.17 -15.74
C VAL H 7 2.36 22.87 -14.48
N GLU H 8 3.05 22.60 -13.38
CA GLU H 8 2.67 23.21 -12.11
C GLU H 8 3.24 24.61 -11.99
N VAL H 9 2.36 25.61 -12.07
CA VAL H 9 2.76 27.01 -11.92
C VAL H 9 2.49 27.45 -10.48
N LEU H 10 3.48 28.09 -9.86
CA LEU H 10 3.28 28.64 -8.52
C LEU H 10 2.65 30.02 -8.58
N GLU H 11 1.68 30.24 -7.69
CA GLU H 11 0.99 31.52 -7.59
C GLU H 11 0.39 31.64 -6.20
N VAL H 12 -0.04 32.86 -5.87
CA VAL H 12 -0.74 33.13 -4.60
C VAL H 12 -2.12 32.51 -4.72
N ARG H 13 -2.47 31.65 -3.76
CA ARG H 13 -3.76 30.98 -3.76
C ARG H 13 -4.56 31.46 -2.58
N THR H 14 -5.85 31.64 -2.82
CA THR H 14 -6.77 32.25 -1.87
C THR H 14 -7.28 31.24 -0.82
N GLY H 15 -7.41 29.98 -1.23
CA GLY H 15 -7.88 28.92 -0.30
C GLY H 15 -9.38 29.07 -0.05
N PRO H 16 -10.05 27.95 0.30
CA PRO H 16 -11.52 27.92 0.36
C PRO H 16 -12.10 28.94 1.35
N ASP H 17 -13.29 29.45 1.05
CA ASP H 17 -14.03 30.29 1.99
C ASP H 17 -14.34 29.58 3.30
N ALA H 18 -14.35 28.25 3.26
CA ALA H 18 -14.60 27.39 4.42
C ALA H 18 -13.41 27.34 5.41
N ILE H 19 -12.26 27.88 5.00
CA ILE H 19 -11.08 27.83 5.83
C ILE H 19 -10.64 29.23 6.25
N THR H 20 -10.23 29.39 7.50
CA THR H 20 -9.63 30.66 7.93
C THR H 20 -8.41 30.45 8.84
N GLN H 21 -7.54 31.45 8.85
CA GLN H 21 -6.36 31.43 9.70
CA GLN H 21 -6.34 31.45 9.68
C GLN H 21 -6.30 32.70 10.53
N ILE H 22 -5.93 32.55 11.79
CA ILE H 22 -5.73 33.71 12.65
C ILE H 22 -4.33 33.65 13.22
N GLU H 23 -3.76 34.84 13.40
CA GLU H 23 -2.48 35.01 14.08
CA GLU H 23 -2.50 34.96 14.12
C GLU H 23 -2.71 35.86 15.33
N ALA H 24 -1.94 35.61 16.37
CA ALA H 24 -2.02 36.37 17.62
C ALA H 24 -0.74 36.12 18.40
N TYR H 25 -0.37 37.09 19.23
CA TYR H 25 0.73 36.88 20.16
C TYR H 25 0.24 37.26 21.54
N LEU H 26 0.77 36.58 22.55
CA LEU H 26 0.37 36.82 23.93
C LEU H 26 1.61 37.17 24.71
N ASN H 27 1.64 38.36 25.29
CA ASN H 27 2.74 38.76 26.15
C ASN H 27 2.67 38.10 27.52
N PRO H 28 3.85 37.80 28.12
CA PRO H 28 3.88 37.07 29.40
C PRO H 28 3.28 37.90 30.52
N ARG H 29 2.71 37.23 31.52
CA ARG H 29 2.12 37.89 32.67
C ARG H 29 2.81 37.38 33.93
N MET H 30 4.05 37.83 34.11
CA MET H 30 4.90 37.37 35.21
C MET H 30 4.64 38.12 36.49
N GLY H 31 3.90 39.22 36.39
CA GLY H 31 3.60 40.06 37.56
C GLY H 31 3.66 41.53 37.21
N ASN H 32 4.71 41.95 36.52
CA ASN H 32 4.70 43.27 35.89
C ASN H 32 4.10 43.12 34.50
N ASN H 33 2.82 43.47 34.40
CA ASN H 33 2.01 43.09 33.27
C ASN H 33 1.60 44.24 32.37
N ILE H 34 2.05 45.45 32.71
CA ILE H 34 1.72 46.65 31.97
C ILE H 34 2.99 47.15 31.27
N PRO H 35 2.93 47.38 29.94
CA PRO H 35 4.10 47.73 29.12
C PRO H 35 4.94 48.93 29.61
N SER H 36 4.33 49.85 30.35
CA SER H 36 5.06 51.02 30.84
C SER H 36 5.94 50.71 32.05
N GLU H 37 5.73 49.57 32.73
CA GLU H 37 6.47 49.25 33.95
C GLU H 37 7.92 48.86 33.63
N ASP H 38 8.87 49.33 34.45
CA ASP H 38 10.29 49.03 34.28
C ASP H 38 10.58 47.53 34.11
N LEU H 39 9.87 46.71 34.88
CA LEU H 39 10.15 45.27 34.91
C LEU H 39 9.14 44.46 34.14
N TYR H 40 8.48 45.11 33.19
CA TYR H 40 7.57 44.43 32.28
C TYR H 40 8.24 43.19 31.72
N GLY H 41 7.53 42.08 31.77
CA GLY H 41 8.06 40.77 31.34
C GLY H 41 8.74 39.95 32.44
N TYR H 42 8.82 40.54 33.63
CA TYR H 42 9.38 39.90 34.81
C TYR H 42 8.39 40.02 35.98
N SER H 43 8.59 39.18 37.00
CA SER H 43 7.88 39.37 38.26
C SER H 43 8.61 40.44 39.09
N ASN H 44 8.00 40.86 40.18
CA ASN H 44 8.75 41.56 41.22
C ASN H 44 9.58 40.58 42.01
N SER H 45 10.46 41.09 42.87
CA SER H 45 11.34 40.23 43.65
C SER H 45 10.55 39.18 44.39
N ILE H 46 10.94 37.93 44.23
CA ILE H 46 10.26 36.84 44.93
C ILE H 46 10.52 36.99 46.43
N ASN H 47 9.48 37.20 47.22
CA ASN H 47 9.62 37.23 48.68
C ASN H 47 9.21 35.87 49.23
N THR H 48 10.08 35.30 50.05
CA THR H 48 9.91 33.94 50.56
C THR H 48 9.18 33.93 51.90
N ALA H 49 8.53 32.81 52.20
CA ALA H 49 7.71 32.66 53.41
C ALA H 49 8.50 32.91 54.68
N PHE H 50 7.84 33.52 55.67
CA PHE H 50 8.41 33.64 57.01
C PHE H 50 8.30 32.29 57.74
N SER H 51 7.22 31.55 57.44
CA SER H 51 6.97 30.21 57.98
C SER H 51 5.87 29.59 57.15
N LYS H 52 5.54 28.33 57.41
CA LYS H 52 4.43 27.67 56.71
C LYS H 52 3.12 28.42 56.96
N ALA H 53 2.87 28.75 58.22
CA ALA H 53 1.69 29.49 58.64
C ALA H 53 1.70 30.94 58.14
N SER H 54 2.88 31.48 57.85
CA SER H 54 3.03 32.88 57.43
C SER H 54 3.78 33.05 56.08
N ASP H 55 3.03 32.91 55.00
CA ASP H 55 3.58 32.80 53.64
C ASP H 55 2.73 33.70 52.76
N THR H 56 3.20 34.94 52.57
CA THR H 56 2.39 35.96 51.91
C THR H 56 3.14 36.55 50.72
N PRO H 57 2.97 35.97 49.52
CA PRO H 57 3.66 36.48 48.36
C PRO H 57 3.24 37.92 48.10
N ASN H 58 4.20 38.81 47.84
CA ASN H 58 3.86 40.19 47.48
C ASN H 58 3.09 40.27 46.18
N LYS H 59 2.37 41.36 46.01
CA LYS H 59 1.73 41.64 44.72
C LYS H 59 2.74 41.58 43.60
N ASP H 60 2.35 40.96 42.49
CA ASP H 60 3.15 40.94 41.27
C ASP H 60 4.39 40.06 41.37
N THR H 61 4.39 39.11 42.29
CA THR H 61 5.49 38.16 42.40
C THR H 61 5.12 36.78 41.85
N LEU H 62 3.88 36.63 41.41
CA LEU H 62 3.36 35.32 40.98
C LEU H 62 3.05 35.28 39.47
N PRO H 63 3.82 34.48 38.71
CA PRO H 63 3.50 34.37 37.29
C PRO H 63 2.13 33.74 37.11
N CYS H 64 1.40 34.28 36.14
CA CYS H 64 0.04 33.89 35.87
C CYS H 64 -0.08 33.47 34.41
N TYR H 65 -1.10 32.69 34.10
CA TYR H 65 -1.36 32.32 32.70
C TYR H 65 -1.76 33.52 31.85
N SER H 66 -1.37 33.49 30.58
CA SER H 66 -1.87 34.43 29.58
C SER H 66 -3.05 33.77 28.87
N VAL H 67 -4.03 34.57 28.48
CA VAL H 67 -5.14 34.08 27.67
C VAL H 67 -5.57 35.19 26.74
N ALA H 68 -5.89 34.83 25.50
CA ALA H 68 -6.49 35.77 24.57
C ALA H 68 -7.71 35.09 23.98
N VAL H 69 -8.75 35.88 23.76
CA VAL H 69 -9.97 35.40 23.15
C VAL H 69 -10.01 36.04 21.77
N ILE H 70 -10.04 35.21 20.73
CA ILE H 70 -10.07 35.74 19.38
C ILE H 70 -11.48 35.62 18.86
N LYS H 71 -12.04 36.74 18.46
CA LYS H 71 -13.35 36.73 17.86
C LYS H 71 -13.22 36.31 16.40
N LEU H 72 -13.92 35.24 16.02
CA LEU H 72 -13.83 34.69 14.68
C LEU H 72 -14.96 35.22 13.79
N PRO H 73 -14.81 35.09 12.45
CA PRO H 73 -15.89 35.60 11.60
C PRO H 73 -17.26 35.03 11.97
N LEU H 74 -18.26 35.90 12.01
CA LEU H 74 -19.62 35.51 12.35
C LEU H 74 -20.16 34.52 11.32
N LEU H 75 -20.69 33.40 11.80
CA LEU H 75 -21.16 32.34 10.92
C LEU H 75 -22.67 32.23 10.79
N ASN H 76 -23.37 32.30 11.92
CA ASN H 76 -24.78 31.87 11.96
C ASN H 76 -25.87 32.88 11.65
N GLU H 77 -26.28 33.61 12.65
CA GLU H 77 -27.48 34.41 12.57
C GLU H 77 -28.69 33.55 12.88
N ASP H 78 -29.35 33.08 11.86
CA ASP H 78 -30.57 32.28 11.98
C ASP H 78 -30.33 30.78 12.14
N MET H 79 -29.90 30.37 13.33
CA MET H 79 -29.70 28.94 13.59
C MET H 79 -31.02 28.24 13.94
N THR H 80 -31.96 28.30 13.00
CA THR H 80 -33.35 27.89 13.23
C THR H 80 -33.55 26.37 13.21
N CYS H 81 -32.81 25.67 12.35
CA CYS H 81 -32.90 24.22 12.21
C CYS H 81 -32.22 23.54 13.39
N ASP H 82 -31.98 22.24 13.29
CA ASP H 82 -31.31 21.57 14.40
C ASP H 82 -29.81 21.87 14.40
N THR H 83 -29.34 22.50 13.34
CA THR H 83 -27.91 22.71 13.15
C THR H 83 -27.41 24.14 13.39
N ILE H 84 -26.08 24.27 13.49
CA ILE H 84 -25.36 25.53 13.55
C ILE H 84 -24.05 25.37 12.79
N LEU H 85 -23.57 26.45 12.21
CA LEU H 85 -22.21 26.48 11.68
C LEU H 85 -21.26 26.84 12.82
N MET H 86 -20.13 26.14 12.89
CA MET H 86 -19.10 26.45 13.88
C MET H 86 -17.73 26.38 13.23
N TRP H 87 -16.79 27.17 13.74
CA TRP H 87 -15.39 27.03 13.42
C TRP H 87 -14.77 25.91 14.19
N GLU H 88 -14.05 25.04 13.48
CA GLU H 88 -13.29 23.97 14.10
C GLU H 88 -11.81 24.29 13.90
N ALA H 89 -11.07 24.37 15.00
CA ALA H 89 -9.62 24.57 14.93
C ALA H 89 -8.96 23.25 14.56
N VAL H 90 -8.19 23.25 13.49
CA VAL H 90 -7.65 21.97 13.02
C VAL H 90 -6.13 21.83 13.21
N SER H 91 -5.41 22.95 13.24
CA SER H 91 -3.96 22.93 13.42
C SER H 91 -3.45 24.25 13.97
N VAL H 92 -2.27 24.21 14.59
CA VAL H 92 -1.67 25.40 15.16
C VAL H 92 -0.17 25.36 14.91
N LYS H 93 0.39 26.51 14.57
CA LYS H 93 1.83 26.70 14.64
C LYS H 93 2.04 27.66 15.79
N THR H 94 2.94 27.31 16.68
CA THR H 94 3.19 28.20 17.83
C THR H 94 4.68 28.31 18.12
N GLU H 95 5.10 29.50 18.55
CA GLU H 95 6.52 29.72 18.84
C GLU H 95 6.69 30.65 20.02
N VAL H 96 7.70 30.36 20.83
CA VAL H 96 8.12 31.29 21.88
C VAL H 96 9.05 32.32 21.26
N VAL H 97 8.72 33.59 21.47
CA VAL H 97 9.47 34.67 20.86
C VAL H 97 10.45 35.25 21.89
N GLY H 98 11.62 35.69 21.45
CA GLY H 98 12.56 36.38 22.32
C GLY H 98 13.51 35.43 23.01
N ILE H 99 13.60 34.20 22.53
CA ILE H 99 14.53 33.23 23.13
C ILE H 99 15.95 33.81 23.10
N SER H 100 16.32 34.41 21.97
CA SER H 100 17.66 34.97 21.82
C SER H 100 17.99 36.06 22.86
N SER H 101 16.98 36.73 23.42
CA SER H 101 17.23 37.75 24.44
C SER H 101 17.93 37.19 25.68
N LEU H 102 17.87 35.86 25.87
CA LEU H 102 18.48 35.24 27.04
CA LEU H 102 18.48 35.22 27.04
C LEU H 102 19.99 35.09 26.84
N VAL H 103 20.43 35.23 25.60
CA VAL H 103 21.85 35.10 25.23
C VAL H 103 22.56 36.41 25.56
N ASN H 104 22.64 36.70 26.85
CA ASN H 104 23.01 38.02 27.31
C ASN H 104 23.70 37.79 28.64
N LEU H 105 24.98 38.12 28.72
CA LEU H 105 25.73 37.92 29.96
C LEU H 105 26.25 39.24 30.53
N HIS H 106 25.79 40.36 29.97
CA HIS H 106 26.23 41.67 30.45
C HIS H 106 25.19 42.32 31.32
N GLN H 107 23.98 41.77 31.32
CA GLN H 107 22.88 42.30 32.11
C GLN H 107 23.32 42.29 33.58
N GLY H 108 23.01 43.35 34.31
CA GLY H 108 23.38 43.43 35.72
C GLY H 108 22.85 42.23 36.48
N GLY H 109 23.71 41.57 37.25
CA GLY H 109 23.26 40.45 38.05
C GLY H 109 24.32 39.90 38.96
N LYS H 110 24.19 38.61 39.26
CA LYS H 110 25.19 37.89 40.04
C LYS H 110 26.31 37.47 39.08
N TYR H 111 27.56 37.58 39.52
CA TYR H 111 28.69 37.17 38.67
C TYR H 111 28.81 35.66 38.62
N ILE H 112 29.09 35.14 37.42
CA ILE H 112 29.35 33.72 37.24
C ILE H 112 30.55 33.27 38.06
N TYR H 113 31.67 33.99 37.93
CA TYR H 113 32.81 33.74 38.80
C TYR H 113 32.97 34.97 39.69
N GLY H 114 34.10 35.63 39.65
CA GLY H 114 34.26 36.90 40.36
C GLY H 114 33.82 38.08 39.52
N SER H 115 34.10 39.28 40.02
CA SER H 115 33.60 40.52 39.42
C SER H 115 34.14 40.84 38.01
N SER H 116 35.11 40.08 37.51
CA SER H 116 35.58 40.28 36.13
C SER H 116 34.82 39.47 35.10
N SER H 117 33.96 38.55 35.54
CA SER H 117 33.26 37.63 34.63
C SER H 117 31.90 38.15 34.19
N GLY H 118 31.25 37.45 33.28
CA GLY H 118 29.88 37.78 32.92
C GLY H 118 28.93 37.47 34.06
N CYS H 119 27.68 37.86 33.90
CA CYS H 119 26.67 37.61 34.92
C CYS H 119 25.87 36.34 34.66
N VAL H 120 25.38 35.73 35.74
CA VAL H 120 24.55 34.53 35.64
C VAL H 120 23.30 34.84 34.79
N PRO H 121 23.07 34.06 33.72
CA PRO H 121 21.89 34.33 32.91
C PRO H 121 20.61 33.73 33.57
N VAL H 122 19.47 33.88 32.92
CA VAL H 122 18.20 33.31 33.41
C VAL H 122 18.32 31.77 33.48
N GLN H 123 17.96 31.20 34.63
CA GLN H 123 18.00 29.76 34.81
C GLN H 123 17.08 29.34 35.93
N GLY H 124 17.02 28.05 36.20
CA GLY H 124 16.15 27.55 37.25
C GLY H 124 14.91 27.00 36.62
N THR H 125 13.82 26.99 37.38
CA THR H 125 12.56 26.36 36.99
C THR H 125 11.98 26.96 35.70
N THR H 126 11.59 26.10 34.77
CA THR H 126 10.96 26.51 33.52
C THR H 126 9.59 25.86 33.40
N TYR H 127 8.67 26.54 32.74
CA TYR H 127 7.32 26.02 32.59
C TYR H 127 6.79 26.61 31.31
N HIS H 128 6.52 25.74 30.34
CA HIS H 128 6.07 26.14 29.01
C HIS H 128 4.85 25.35 28.67
N MET H 129 3.73 26.06 28.50
CA MET H 129 2.53 25.40 28.06
C MET H 129 1.74 26.29 27.12
N PHE H 130 0.94 25.66 26.27
CA PHE H 130 -0.03 26.39 25.47
C PHE H 130 -1.26 25.53 25.30
N ALA H 131 -2.37 26.20 25.02
CA ALA H 131 -3.63 25.51 24.77
C ALA H 131 -4.38 26.27 23.69
N VAL H 132 -5.13 25.53 22.89
CA VAL H 132 -6.01 26.10 21.90
C VAL H 132 -7.34 25.41 22.13
N GLY H 133 -8.38 26.20 22.38
CA GLY H 133 -9.68 25.63 22.66
C GLY H 133 -10.82 26.47 22.14
N GLY H 134 -12.01 25.88 22.15
CA GLY H 134 -13.21 26.59 21.72
C GLY H 134 -14.00 27.17 22.87
N GLU H 135 -13.34 27.25 24.02
CA GLU H 135 -13.91 27.78 25.25
C GLU H 135 -12.71 27.88 26.22
N PRO H 136 -12.88 28.55 27.39
CA PRO H 136 -11.75 28.72 28.29
C PRO H 136 -11.15 27.40 28.74
N LEU H 137 -9.82 27.39 28.87
CA LEU H 137 -9.13 26.25 29.46
C LEU H 137 -9.71 26.01 30.85
N GLU H 138 -10.07 24.76 31.14
CA GLU H 138 -10.58 24.40 32.45
C GLU H 138 -9.43 24.01 33.37
N LEU H 139 -9.46 24.59 34.57
CA LEU H 139 -8.31 24.54 35.49
C LEU H 139 -8.65 23.75 36.74
N GLN H 140 -7.65 23.05 37.25
CA GLN H 140 -7.72 22.38 38.54
C GLN H 140 -6.77 23.12 39.49
N GLY H 141 -7.25 23.42 40.69
CA GLY H 141 -6.42 24.00 41.74
C GLY H 141 -5.64 22.95 42.50
N LEU H 142 -4.36 23.23 42.72
CA LEU H 142 -3.48 22.39 43.53
C LEU H 142 -2.30 23.25 43.90
N VAL H 143 -2.01 23.35 45.20
CA VAL H 143 -0.93 24.21 45.67
C VAL H 143 0.09 23.42 46.47
N ALA H 144 1.30 23.97 46.56
CA ALA H 144 2.35 23.36 47.38
C ALA H 144 1.99 23.44 48.86
N SER H 145 1.30 24.52 49.24
CA SER H 145 1.01 24.79 50.64
C SER H 145 -0.34 25.47 50.80
N SER H 146 -1.24 24.82 51.52
CA SER H 146 -2.59 25.35 51.72
C SER H 146 -2.67 26.55 52.67
N THR H 147 -1.57 26.87 53.37
CA THR H 147 -1.58 27.98 54.32
C THR H 147 -0.98 29.26 53.75
N ALA H 148 -0.65 29.27 52.46
CA ALA H 148 -0.22 30.50 51.78
C ALA H 148 -1.40 31.48 51.72
N THR H 149 -1.11 32.75 51.88
CA THR H 149 -2.10 33.80 51.67
C THR H 149 -1.77 34.45 50.36
N TYR H 150 -2.63 34.24 49.37
CA TYR H 150 -2.47 34.81 48.04
C TYR H 150 -2.99 36.23 48.01
N PRO H 151 -2.34 37.11 47.21
CA PRO H 151 -2.72 38.54 47.16
C PRO H 151 -4.08 38.76 46.51
N ASP H 152 -4.67 39.91 46.81
CA ASP H 152 -6.04 40.25 46.37
CA ASP H 152 -6.04 40.22 46.37
C ASP H 152 -6.20 40.33 44.86
N ASP H 153 -5.10 40.55 44.15
CA ASP H 153 -5.15 40.74 42.71
C ASP H 153 -5.01 39.45 41.86
N VAL H 154 -4.95 38.29 42.51
CA VAL H 154 -5.00 37.00 41.79
C VAL H 154 -6.20 36.14 42.19
N VAL H 155 -6.59 35.23 41.30
CA VAL H 155 -7.64 34.29 41.60
C VAL H 155 -7.02 33.07 42.26
N ALA H 156 -7.31 32.86 43.53
CA ALA H 156 -6.80 31.69 44.23
C ALA H 156 -7.92 30.68 44.48
N ILE H 157 -7.58 29.57 45.13
CA ILE H 157 -8.57 28.58 45.51
C ILE H 157 -9.41 29.11 46.66
N LYS H 158 -10.73 29.01 46.53
CA LYS H 158 -11.64 29.41 47.61
C LYS H 158 -11.62 28.41 48.76
N ASN H 159 -11.63 28.92 49.99
CA ASN H 159 -11.66 28.09 51.20
C ASN H 159 -10.56 27.04 51.21
N MET H 160 -9.36 27.46 50.84
CA MET H 160 -8.23 26.58 50.70
C MET H 160 -7.96 25.83 52.00
N LYS H 161 -7.73 24.53 51.87
CA LYS H 161 -7.59 23.62 53.01
C LYS H 161 -6.43 22.68 52.70
N PRO H 162 -5.89 21.97 53.72
CA PRO H 162 -4.80 21.03 53.41
C PRO H 162 -5.12 20.06 52.27
N GLY H 163 -6.38 19.63 52.13
CA GLY H 163 -6.82 18.86 50.94
C GLY H 163 -6.33 19.41 49.59
N ASN H 164 -6.11 20.72 49.53
CA ASN H 164 -5.75 21.36 48.28
C ASN H 164 -4.27 21.20 47.90
N GLN H 165 -3.50 20.55 48.76
CA GLN H 165 -2.16 20.12 48.41
C GLN H 165 -2.20 18.83 47.57
N GLY H 166 -3.36 18.16 47.56
CA GLY H 166 -3.66 17.12 46.58
C GLY H 166 -4.79 17.62 45.69
N LEU H 167 -5.45 16.70 44.99
CA LEU H 167 -6.53 17.04 44.10
C LEU H 167 -7.85 17.01 44.88
N ASP H 168 -8.45 18.19 45.06
CA ASP H 168 -9.83 18.28 45.55
C ASP H 168 -10.70 18.73 44.39
N PRO H 169 -11.71 17.90 44.05
CA PRO H 169 -12.54 18.20 42.89
C PRO H 169 -13.29 19.55 42.97
N LYS H 170 -13.41 20.15 44.15
CA LYS H 170 -14.07 21.46 44.27
C LYS H 170 -13.22 22.65 43.78
N ALA H 171 -11.89 22.51 43.78
CA ALA H 171 -10.98 23.60 43.35
C ALA H 171 -10.87 23.60 41.83
N LYS H 172 -11.87 24.17 41.18
CA LYS H 172 -11.93 24.21 39.73
C LYS H 172 -12.21 25.63 39.24
N ALA H 173 -11.63 25.99 38.11
CA ALA H 173 -11.79 27.35 37.58
C ALA H 173 -11.72 27.32 36.07
N LEU H 174 -12.05 28.44 35.46
CA LEU H 174 -11.87 28.63 34.03
C LEU H 174 -10.83 29.70 33.80
N LEU H 175 -9.97 29.50 32.81
CA LEU H 175 -8.96 30.49 32.47
C LEU H 175 -9.59 31.54 31.56
N ASP H 176 -10.26 32.52 32.19
CA ASP H 176 -11.07 33.49 31.48
C ASP H 176 -10.59 34.93 31.71
N LYS H 177 -9.48 35.09 32.41
CA LYS H 177 -8.87 36.39 32.63
C LYS H 177 -7.36 36.30 32.42
N ASP H 178 -6.83 37.24 31.65
CA ASP H 178 -5.41 37.32 31.35
C ASP H 178 -4.68 37.83 32.58
N GLY H 179 -3.62 37.13 32.99
CA GLY H 179 -2.75 37.61 34.07
C GLY H 179 -3.34 37.60 35.46
N LYS H 180 -4.23 36.65 35.73
CA LYS H 180 -4.94 36.59 37.01
C LYS H 180 -4.86 35.24 37.70
N TYR H 181 -4.59 34.17 36.94
CA TYR H 181 -4.57 32.83 37.49
C TYR H 181 -3.12 32.42 37.66
N PRO H 182 -2.64 32.29 38.93
CA PRO H 182 -1.24 31.91 39.11
C PRO H 182 -0.92 30.50 38.66
N VAL H 183 0.22 30.37 38.00
CA VAL H 183 0.73 29.08 37.59
C VAL H 183 0.84 28.12 38.79
N GLU H 184 1.34 28.61 39.92
CA GLU H 184 1.60 27.72 41.05
C GLU H 184 0.34 27.23 41.77
N VAL H 185 -0.82 27.76 41.34
CA VAL H 185 -2.10 27.43 41.96
C VAL H 185 -2.96 26.59 41.01
N TRP H 186 -2.85 26.85 39.71
CA TRP H 186 -3.76 26.24 38.75
C TRP H 186 -3.02 25.46 37.70
N CYS H 187 -3.56 24.30 37.37
CA CYS H 187 -3.06 23.51 36.24
C CYS H 187 -4.22 23.08 35.35
N PRO H 188 -3.93 22.58 34.15
CA PRO H 188 -5.05 22.13 33.32
C PRO H 188 -5.79 20.97 33.99
N ASP H 189 -7.11 21.01 33.92
CA ASP H 189 -7.94 19.96 34.49
C ASP H 189 -8.08 18.81 33.47
N PRO H 190 -7.37 17.68 33.69
CA PRO H 190 -7.43 16.57 32.74
C PRO H 190 -8.78 15.85 32.69
N SER H 191 -9.60 16.03 33.73
CA SER H 191 -10.94 15.44 33.76
C SER H 191 -11.96 16.19 32.88
N LYS H 192 -11.58 17.35 32.37
CA LYS H 192 -12.45 18.09 31.45
C LYS H 192 -11.66 18.43 30.18
N ASN H 193 -11.81 19.64 29.65
CA ASN H 193 -11.06 20.09 28.48
C ASN H 193 -11.22 19.21 27.22
N GLU H 194 -12.39 18.62 27.07
CA GLU H 194 -12.71 17.86 25.85
C GLU H 194 -12.66 18.74 24.60
N ASN H 195 -12.89 20.05 24.79
CA ASN H 195 -12.96 20.99 23.67
C ASN H 195 -11.74 21.91 23.57
N THR H 196 -10.64 21.46 24.19
CA THR H 196 -9.38 22.18 24.22
C THR H 196 -8.27 21.18 24.00
N ARG H 197 -7.19 21.61 23.38
CA ARG H 197 -5.97 20.81 23.35
C ARG H 197 -4.91 21.59 24.09
N TYR H 198 -4.21 20.94 25.01
CA TYR H 198 -3.13 21.62 25.71
C TYR H 198 -1.89 20.73 25.78
N TYR H 199 -0.73 21.39 25.90
CA TYR H 199 0.58 20.74 25.85
C TYR H 199 1.49 21.55 26.77
N GLY H 200 2.18 20.85 27.65
CA GLY H 200 3.03 21.53 28.64
C GLY H 200 4.27 20.73 28.95
N SER H 201 5.32 21.47 29.30
CA SER H 201 6.59 20.92 29.70
CA SER H 201 6.60 20.93 29.71
C SER H 201 7.08 21.71 30.92
N PHE H 202 7.58 20.98 31.91
CA PHE H 202 8.09 21.58 33.14
C PHE H 202 9.45 20.95 33.41
N THR H 203 10.42 21.79 33.79
CA THR H 203 11.66 21.31 34.35
C THR H 203 11.90 22.19 35.58
N GLY H 204 12.20 21.55 36.69
CA GLY H 204 12.38 22.26 37.95
C GLY H 204 13.86 22.48 38.24
N GLY H 205 14.18 22.49 39.52
CA GLY H 205 15.55 22.65 39.95
C GLY H 205 15.84 24.11 40.23
N ALA H 206 16.78 24.35 41.14
CA ALA H 206 17.15 25.69 41.58
C ALA H 206 17.83 26.49 40.46
N THR H 207 18.78 25.87 39.75
CA THR H 207 19.63 26.61 38.80
C THR H 207 19.77 25.92 37.44
N THR H 208 18.77 25.13 37.06
CA THR H 208 18.81 24.32 35.84
C THR H 208 18.90 25.19 34.57
N PRO H 209 19.75 24.79 33.60
CA PRO H 209 19.81 25.53 32.32
C PRO H 209 18.49 25.44 31.53
N PRO H 210 17.96 26.59 31.05
CA PRO H 210 16.78 26.49 30.17
C PRO H 210 17.18 25.93 28.81
N VAL H 211 16.25 25.22 28.18
CA VAL H 211 16.48 24.65 26.86
C VAL H 211 15.25 25.00 26.03
N MET H 212 15.46 25.59 24.86
CA MET H 212 14.32 25.98 24.02
C MET H 212 14.66 25.87 22.54
N GLN H 213 13.68 25.44 21.74
CA GLN H 213 13.85 25.33 20.29
CA GLN H 213 13.86 25.38 20.29
C GLN H 213 12.91 26.33 19.61
N PHE H 214 13.26 26.74 18.40
CA PHE H 214 12.39 27.62 17.64
C PHE H 214 12.58 27.29 16.18
N THR H 215 11.46 27.27 15.45
CA THR H 215 11.45 26.98 14.03
C THR H 215 10.10 27.39 13.48
N ASN H 216 10.04 27.73 12.20
CA ASN H 216 8.75 27.96 11.57
C ASN H 216 8.30 26.76 10.73
N SER H 217 8.95 25.62 10.91
CA SER H 217 8.63 24.42 10.10
C SER H 217 7.66 23.41 10.73
N VAL H 218 7.18 23.67 11.94
CA VAL H 218 6.47 22.66 12.74
C VAL H 218 4.98 23.01 12.97
N THR H 219 4.10 22.06 12.66
CA THR H 219 2.66 22.22 12.85
C THR H 219 2.13 21.15 13.80
N THR H 220 1.26 21.54 14.73
CA THR H 220 0.54 20.59 15.57
C THR H 220 -0.88 20.45 15.09
N VAL H 221 -1.29 19.21 14.81
CA VAL H 221 -2.67 18.93 14.44
C VAL H 221 -3.51 18.89 15.71
N LEU H 222 -4.70 19.50 15.68
CA LEU H 222 -5.54 19.63 16.88
C LEU H 222 -6.72 18.65 16.93
N LEU H 223 -6.84 17.82 15.88
CA LEU H 223 -7.90 16.83 15.81
C LEU H 223 -7.73 15.79 16.91
N ASP H 224 -8.81 15.42 17.58
CA ASP H 224 -8.77 14.39 18.62
C ASP H 224 -8.85 13.00 18.01
N GLU H 225 -9.05 12.00 18.88
CA GLU H 225 -9.15 10.59 18.50
CA GLU H 225 -9.10 10.60 18.45
C GLU H 225 -10.27 10.33 17.51
N ASN H 226 -11.30 11.15 17.55
CA ASN H 226 -12.44 11.00 16.62
C ASN H 226 -12.31 11.90 15.38
N GLY H 227 -11.12 12.46 15.17
CA GLY H 227 -10.88 13.33 14.01
C GLY H 227 -11.49 14.72 14.13
N VAL H 228 -11.78 15.16 15.36
CA VAL H 228 -12.51 16.43 15.56
C VAL H 228 -11.63 17.40 16.36
N GLY H 229 -11.49 18.62 15.84
CA GLY H 229 -10.75 19.67 16.56
C GLY H 229 -11.65 20.44 17.54
N PRO H 230 -11.06 21.36 18.33
CA PRO H 230 -11.84 22.27 19.18
C PRO H 230 -12.91 23.01 18.36
N LEU H 231 -14.14 23.02 18.85
CA LEU H 231 -15.23 23.73 18.18
C LEU H 231 -15.49 25.02 18.94
N CYS H 232 -15.52 26.14 18.22
CA CYS H 232 -15.47 27.45 18.88
C CYS H 232 -16.85 27.96 19.24
N LYS H 233 -17.27 27.67 20.48
CA LYS H 233 -18.58 28.05 20.97
C LYS H 233 -18.73 29.58 20.96
N GLY H 234 -19.87 30.07 20.50
CA GLY H 234 -20.09 31.50 20.35
C GLY H 234 -19.06 32.22 19.49
N ASP H 235 -18.46 31.52 18.52
CA ASP H 235 -17.48 32.08 17.57
C ASP H 235 -16.22 32.68 18.22
N LYS H 236 -15.81 32.12 19.36
CA LYS H 236 -14.62 32.56 20.08
C LYS H 236 -13.58 31.45 20.14
N LEU H 237 -12.33 31.83 19.87
CA LEU H 237 -11.22 30.91 19.99
C LEU H 237 -10.37 31.33 21.19
N PHE H 238 -10.06 30.38 22.07
CA PHE H 238 -9.26 30.66 23.26
C PHE H 238 -7.83 30.17 23.10
N LEU H 239 -6.88 31.08 23.25
CA LEU H 239 -5.45 30.77 23.22
C LEU H 239 -4.90 31.07 24.61
N SER H 240 -4.26 30.08 25.20
CA SER H 240 -3.76 30.19 26.57
C SER H 240 -2.31 29.74 26.58
N CYS H 241 -1.53 30.34 27.46
CA CYS H 241 -0.15 29.88 27.59
C CYS H 241 0.50 30.38 28.87
N ALA H 242 1.65 29.78 29.18
CA ALA H 242 2.57 30.28 30.17
C ALA H 242 3.94 29.84 29.70
N ASP H 243 4.88 30.79 29.65
CA ASP H 243 6.22 30.52 29.19
C ASP H 243 7.21 31.21 30.13
N ILE H 244 7.49 30.51 31.21
CA ILE H 244 8.42 30.95 32.21
C ILE H 244 9.77 30.40 31.78
N ALA H 245 10.67 31.31 31.43
CA ALA H 245 11.98 30.96 30.89
C ALA H 245 12.90 30.54 32.02
N GLY H 246 12.65 31.07 33.20
CA GLY H 246 13.48 30.81 34.37
C GLY H 246 13.47 32.02 35.31
N VAL H 247 14.50 32.15 36.14
CA VAL H 247 14.58 33.28 37.04
C VAL H 247 15.87 34.04 36.80
N HIS H 248 15.76 35.37 36.84
CA HIS H 248 16.92 36.24 36.79
C HIS H 248 17.32 36.59 38.19
N THR H 249 18.59 36.48 38.48
CA THR H 249 19.10 36.80 39.81
C THR H 249 19.79 38.15 39.75
N ASN H 250 19.38 39.05 40.63
CA ASN H 250 20.01 40.37 40.72
C ASN H 250 21.29 40.29 41.52
N TYR H 251 22.10 41.35 41.40
CA TYR H 251 23.31 41.55 42.19
CA TYR H 251 23.33 41.45 42.18
C TYR H 251 23.07 41.26 43.67
N SER H 252 21.97 41.82 44.18
CA SER H 252 21.57 41.67 45.61
C SER H 252 21.19 40.24 45.99
N GLU H 253 20.99 39.40 44.97
CA GLU H 253 20.50 38.01 45.12
C GLU H 253 18.99 37.89 45.25
N THR H 254 18.26 38.99 45.12
CA THR H 254 16.84 38.87 44.90
C THR H 254 16.67 38.27 43.51
N GLN H 255 15.56 37.56 43.32
CA GLN H 255 15.31 36.88 42.08
C GLN H 255 13.93 37.22 41.55
N VAL H 256 13.80 37.24 40.22
CA VAL H 256 12.56 37.59 39.56
C VAL H 256 12.30 36.57 38.44
N TRP H 257 11.05 36.16 38.30
CA TRP H 257 10.66 35.31 37.17
C TRP H 257 10.79 36.05 35.87
N ARG H 258 11.22 35.36 34.82
CA ARG H 258 11.32 35.93 33.49
C ARG H 258 10.44 35.13 32.55
N GLY H 259 9.48 35.81 31.92
CA GLY H 259 8.59 35.16 30.94
C GLY H 259 8.86 35.68 29.55
N LEU H 260 8.38 34.95 28.55
CA LEU H 260 8.56 35.32 27.16
C LEU H 260 7.21 35.23 26.44
N PRO H 261 7.01 36.04 25.38
CA PRO H 261 5.75 36.02 24.64
C PRO H 261 5.61 34.78 23.77
N ARG H 262 4.39 34.46 23.37
CA ARG H 262 4.17 33.32 22.49
C ARG H 262 3.29 33.73 21.34
N TYR H 263 3.67 33.27 20.15
CA TYR H 263 2.98 33.56 18.91
C TYR H 263 2.14 32.32 18.56
N PHE H 264 0.92 32.53 18.04
CA PHE H 264 0.06 31.44 17.58
C PHE H 264 -0.39 31.76 16.18
N ASN H 265 -0.51 30.71 15.36
CA ASN H 265 -1.14 30.77 14.05
C ASN H 265 -2.03 29.54 13.98
N VAL H 266 -3.34 29.76 13.96
CA VAL H 266 -4.30 28.66 14.03
C VAL H 266 -5.09 28.63 12.74
N THR H 267 -5.24 27.43 12.14
CA THR H 267 -6.12 27.24 10.99
C THR H 267 -7.43 26.63 11.45
N LEU H 268 -8.54 27.17 10.96
CA LEU H 268 -9.87 26.70 11.32
C LEU H 268 -10.70 26.42 10.07
N ARG H 269 -11.66 25.52 10.17
CA ARG H 269 -12.56 25.26 9.05
C ARG H 269 -14.01 25.30 9.54
N LYS H 270 -14.93 25.67 8.67
CA LYS H 270 -16.35 25.74 9.01
C LYS H 270 -16.93 24.33 9.06
N ARG H 271 -17.75 24.04 10.05
CA ARG H 271 -18.40 22.74 10.17
C ARG H 271 -19.87 22.93 10.44
N ILE H 272 -20.67 22.02 9.89
CA ILE H 272 -22.07 21.90 10.28
C ILE H 272 -22.11 21.05 11.55
N VAL H 273 -22.74 21.59 12.57
CA VAL H 273 -22.84 20.93 13.87
C VAL H 273 -24.30 20.80 14.26
N LYS H 274 -24.73 19.59 14.62
CA LYS H 274 -26.09 19.34 15.10
C LYS H 274 -26.23 19.81 16.55
N ASN H 275 -27.39 20.36 16.89
CA ASN H 275 -27.62 20.95 18.21
C ASN H 275 -28.96 20.55 18.81
N SER I 2 19.47 -17.28 -21.93
CA SER I 2 19.81 -15.88 -21.53
C SER I 2 18.82 -14.86 -22.12
N HIS I 3 18.90 -13.62 -21.65
CA HIS I 3 17.91 -12.59 -22.00
C HIS I 3 18.49 -11.22 -21.85
N MET I 4 17.90 -10.25 -22.56
CA MET I 4 18.21 -8.83 -22.35
C MET I 4 17.69 -8.41 -21.00
N GLY I 5 18.53 -7.77 -20.19
CA GLY I 5 18.10 -7.27 -18.90
C GLY I 5 18.91 -6.07 -18.49
N GLY I 6 18.43 -5.34 -17.48
CA GLY I 6 19.13 -4.17 -16.98
C GLY I 6 20.26 -4.53 -16.01
N VAL I 7 21.29 -3.70 -15.99
CA VAL I 7 22.28 -3.72 -14.93
C VAL I 7 22.56 -2.25 -14.57
N GLU I 8 22.61 -1.95 -13.29
CA GLU I 8 22.84 -0.58 -12.86
C GLU I 8 24.33 -0.26 -12.85
N VAL I 9 24.74 0.66 -13.71
CA VAL I 9 26.14 1.09 -13.83
C VAL I 9 26.28 2.45 -13.15
N LEU I 10 27.34 2.61 -12.35
CA LEU I 10 27.58 3.89 -11.69
C LEU I 10 28.40 4.82 -12.58
N GLU I 11 27.99 6.08 -12.64
CA GLU I 11 28.72 7.08 -13.41
C GLU I 11 28.46 8.49 -12.89
N VAL I 12 29.35 9.43 -13.25
CA VAL I 12 29.13 10.83 -12.92
C VAL I 12 27.92 11.31 -13.70
N ARG I 13 26.91 11.78 -12.98
CA ARG I 13 25.68 12.26 -13.56
C ARG I 13 25.56 13.74 -13.24
N THR I 14 25.30 14.55 -14.26
CA THR I 14 24.97 15.95 -14.03
C THR I 14 23.45 16.01 -14.01
N GLY I 15 22.91 16.66 -12.97
CA GLY I 15 21.45 16.80 -12.84
C GLY I 15 20.86 17.54 -14.02
N PRO I 16 19.53 17.69 -14.03
CA PRO I 16 18.93 18.47 -15.13
C PRO I 16 19.28 19.96 -15.05
N ASP I 17 19.09 20.68 -16.16
CA ASP I 17 19.31 22.14 -16.22
C ASP I 17 18.47 22.89 -15.20
N ALA I 18 17.33 22.31 -14.85
CA ALA I 18 16.37 22.91 -13.93
C ALA I 18 16.86 22.91 -12.48
N ILE I 19 17.98 22.23 -12.21
CA ILE I 19 18.45 22.07 -10.84
C ILE I 19 19.85 22.63 -10.64
N THR I 20 20.06 23.31 -9.53
CA THR I 20 21.39 23.80 -9.19
C THR I 20 21.70 23.62 -7.69
N GLN I 21 22.99 23.61 -7.36
CA GLN I 21 23.44 23.54 -5.98
C GLN I 21 24.42 24.64 -5.71
N ILE I 22 24.30 25.27 -4.55
CA ILE I 22 25.30 26.21 -4.10
C ILE I 22 25.89 25.74 -2.77
N GLU I 23 27.15 26.08 -2.54
CA GLU I 23 27.84 25.84 -1.29
CA GLU I 23 27.80 25.85 -1.27
C GLU I 23 28.37 27.17 -0.78
N ALA I 24 28.38 27.36 0.53
CA ALA I 24 28.88 28.60 1.12
C ALA I 24 29.23 28.31 2.56
N TYR I 25 30.17 29.09 3.10
CA TYR I 25 30.42 29.05 4.54
C TYR I 25 30.34 30.46 5.07
N LEU I 26 29.91 30.59 6.32
CA LEU I 26 29.76 31.89 6.96
C LEU I 26 30.54 31.85 8.26
N ASN I 27 31.54 32.72 8.37
CA ASN I 27 32.33 32.82 9.59
C ASN I 27 31.56 33.60 10.68
N PRO I 28 31.81 33.27 11.96
CA PRO I 28 31.03 33.87 13.04
C PRO I 28 31.30 35.37 13.18
N ARG I 29 30.32 36.08 13.71
CA ARG I 29 30.40 37.51 13.94
C ARG I 29 30.19 37.76 15.43
N MET I 30 31.17 37.35 16.23
CA MET I 30 31.09 37.44 17.68
C MET I 30 31.48 38.82 18.22
N GLY I 31 32.11 39.63 17.36
CA GLY I 31 32.54 40.96 17.75
C GLY I 31 33.87 41.26 17.11
N ASN I 32 34.81 40.31 17.22
CA ASN I 32 36.04 40.42 16.48
C ASN I 32 35.83 39.69 15.20
N ASN I 33 35.55 40.48 14.17
CA ASN I 33 35.00 39.98 12.92
C ASN I 33 35.98 39.99 11.74
N ILE I 34 37.21 40.44 11.99
CA ILE I 34 38.26 40.52 10.96
CA ILE I 34 38.20 40.42 10.92
C ILE I 34 39.40 39.53 11.24
N PRO I 35 39.80 38.69 10.25
CA PRO I 35 40.83 37.66 10.48
C PRO I 35 42.18 38.19 10.96
N SER I 36 42.38 39.50 10.91
CA SER I 36 43.65 40.09 11.31
C SER I 36 43.76 40.29 12.82
N GLU I 37 42.64 40.18 13.54
CA GLU I 37 42.59 40.45 14.98
C GLU I 37 42.87 39.21 15.81
N ASP I 38 43.64 39.37 16.88
CA ASP I 38 43.95 38.28 17.81
C ASP I 38 42.72 37.45 18.22
N LEU I 39 41.61 38.14 18.46
CA LEU I 39 40.41 37.51 19.00
C LEU I 39 39.39 37.12 17.93
N TYR I 40 39.78 37.11 16.66
CA TYR I 40 38.91 36.67 15.59
C TYR I 40 38.15 35.39 16.00
N GLY I 41 36.83 35.41 15.86
CA GLY I 41 35.98 34.26 16.22
C GLY I 41 35.45 34.31 17.64
N TYR I 42 35.82 35.37 18.37
CA TYR I 42 35.42 35.59 19.75
C TYR I 42 34.90 37.01 19.88
N SER I 43 34.11 37.27 20.92
CA SER I 43 33.80 38.65 21.31
C SER I 43 34.98 39.23 22.10
N ASN I 44 34.96 40.55 22.32
CA ASN I 44 35.79 41.14 23.37
C ASN I 44 35.27 40.76 24.75
N SER I 45 36.05 41.01 25.80
CA SER I 45 35.63 40.70 27.15
C SER I 45 34.25 41.26 27.46
N ILE I 46 33.39 40.41 27.96
CA ILE I 46 32.04 40.81 28.33
C ILE I 46 32.12 41.77 29.53
N ASN I 47 31.67 43.00 29.35
CA ASN I 47 31.63 43.94 30.47
C ASN I 47 30.19 44.01 30.94
N THR I 48 30.01 43.86 32.24
CA THR I 48 28.69 43.77 32.81
C THR I 48 28.19 45.13 33.29
N ALA I 49 26.87 45.28 33.38
CA ALA I 49 26.20 46.51 33.79
C ALA I 49 26.62 46.99 35.19
N PHE I 50 26.66 48.30 35.38
CA PHE I 50 26.79 48.86 36.74
C PHE I 50 25.48 48.69 37.50
N SER I 51 24.37 48.92 36.80
CA SER I 51 23.03 48.84 37.36
C SER I 51 22.07 48.64 36.20
N LYS I 52 20.78 48.43 36.48
CA LYS I 52 19.80 48.33 35.39
C LYS I 52 19.81 49.62 34.57
N ALA I 53 19.86 50.76 35.26
CA ALA I 53 19.85 52.08 34.61
C ALA I 53 21.10 52.35 33.78
N SER I 54 22.21 51.73 34.16
CA SER I 54 23.52 52.02 33.56
C SER I 54 24.21 50.75 33.03
N ASP I 55 23.81 50.33 31.83
CA ASP I 55 24.24 49.09 31.20
C ASP I 55 24.71 49.37 29.78
N THR I 56 26.03 49.50 29.60
CA THR I 56 26.62 49.91 28.32
C THR I 56 27.65 48.87 27.85
N PRO I 57 27.21 47.86 27.06
CA PRO I 57 28.13 46.85 26.52
C PRO I 57 29.16 47.51 25.64
N ASN I 58 30.43 47.13 25.78
CA ASN I 58 31.49 47.70 24.96
C ASN I 58 31.34 47.26 23.52
N LYS I 59 31.92 48.08 22.65
CA LYS I 59 32.12 47.75 21.25
C LYS I 59 32.63 46.31 21.12
N ASP I 60 31.98 45.55 20.24
CA ASP I 60 32.40 44.19 19.88
C ASP I 60 32.34 43.16 21.03
N THR I 61 31.45 43.39 21.98
CA THR I 61 31.18 42.41 23.03
C THR I 61 29.89 41.62 22.77
N LEU I 62 29.17 41.98 21.71
CA LEU I 62 27.85 41.42 21.44
C LEU I 62 27.81 40.56 20.16
N PRO I 63 27.58 39.25 20.32
CA PRO I 63 27.49 38.41 19.12
C PRO I 63 26.34 38.84 18.23
N CYS I 64 26.59 38.84 16.92
CA CYS I 64 25.60 39.23 15.95
C CYS I 64 25.33 38.08 14.98
N TYR I 65 24.19 38.13 14.29
CA TYR I 65 23.91 37.16 13.24
C TYR I 65 24.87 37.32 12.07
N SER I 66 25.14 36.20 11.39
CA SER I 66 25.89 36.20 10.14
C SER I 66 24.85 36.09 9.02
N VAL I 67 25.10 36.74 7.89
CA VAL I 67 24.24 36.57 6.72
C VAL I 67 25.08 36.70 5.46
N ALA I 68 24.73 35.91 4.46
CA ALA I 68 25.38 35.95 3.17
C ALA I 68 24.28 35.92 2.12
N VAL I 69 24.49 36.67 1.05
CA VAL I 69 23.57 36.66 -0.07
C VAL I 69 24.25 35.93 -1.23
N ILE I 70 23.65 34.84 -1.68
CA ILE I 70 24.24 34.10 -2.78
C ILE I 70 23.51 34.52 -4.06
N LYS I 71 24.30 35.00 -5.03
CA LYS I 71 23.72 35.44 -6.28
C LYS I 71 23.56 34.23 -7.21
N LEU I 72 22.31 33.90 -7.52
CA LEU I 72 21.99 32.74 -8.34
C LEU I 72 21.99 33.11 -9.83
N PRO I 73 22.13 32.11 -10.72
CA PRO I 73 22.12 32.38 -12.16
C PRO I 73 20.83 33.11 -12.57
N LEU I 74 20.99 34.18 -13.35
CA LEU I 74 19.85 35.01 -13.78
C LEU I 74 18.89 34.18 -14.62
N LEU I 75 17.60 34.38 -14.41
CA LEU I 75 16.60 33.51 -15.00
C LEU I 75 15.73 34.20 -16.03
N ASN I 76 15.50 35.50 -15.81
CA ASN I 76 14.55 36.25 -16.64
C ASN I 76 15.16 37.41 -17.41
N GLU I 77 15.12 37.31 -18.73
CA GLU I 77 15.48 38.43 -19.59
C GLU I 77 14.33 39.43 -19.56
N ASP I 78 13.12 38.91 -19.66
CA ASP I 78 11.89 39.72 -19.68
C ASP I 78 11.15 39.55 -18.36
N MET I 79 10.92 40.68 -17.68
CA MET I 79 10.23 40.68 -16.40
C MET I 79 8.80 41.24 -16.47
N THR I 80 8.21 41.23 -17.67
CA THR I 80 6.87 41.79 -17.85
C THR I 80 5.84 40.76 -18.33
N CYS I 81 6.30 39.57 -18.71
CA CYS I 81 5.41 38.48 -19.10
C CYS I 81 4.55 38.02 -17.92
N ASP I 82 3.45 37.33 -18.23
CA ASP I 82 2.51 36.82 -17.22
C ASP I 82 3.19 35.97 -16.15
N THR I 83 4.12 35.12 -16.58
CA THR I 83 4.89 34.29 -15.65
C THR I 83 6.37 34.59 -15.78
N ILE I 84 7.10 34.25 -14.72
CA ILE I 84 8.55 34.38 -14.70
C ILE I 84 9.14 33.09 -14.14
N LEU I 85 10.44 32.92 -14.28
CA LEU I 85 11.12 31.82 -13.61
C LEU I 85 11.73 32.32 -12.31
N MET I 86 11.67 31.46 -11.27
CA MET I 86 12.36 31.70 -9.99
C MET I 86 13.00 30.41 -9.50
N TRP I 87 14.12 30.56 -8.80
CA TRP I 87 14.75 29.46 -8.10
C TRP I 87 14.03 29.17 -6.80
N GLU I 88 13.67 27.91 -6.60
CA GLU I 88 13.03 27.45 -5.37
C GLU I 88 14.03 26.62 -4.59
N ALA I 89 14.36 27.03 -3.36
CA ALA I 89 15.26 26.24 -2.52
C ALA I 89 14.47 25.02 -2.00
N VAL I 90 14.96 23.81 -2.28
CA VAL I 90 14.18 22.63 -1.87
C VAL I 90 14.77 21.84 -0.71
N SER I 91 16.08 21.94 -0.53
CA SER I 91 16.73 21.22 0.58
C SER I 91 18.06 21.87 0.91
N VAL I 92 18.56 21.56 2.10
CA VAL I 92 19.80 22.11 2.59
C VAL I 92 20.53 21.07 3.45
N LYS I 93 21.84 21.05 3.30
CA LYS I 93 22.70 20.32 4.21
C LYS I 93 23.54 21.40 4.83
N THR I 94 23.60 21.38 6.16
CA THR I 94 24.36 22.38 6.86
C THR I 94 25.13 21.75 8.01
N GLU I 95 26.29 22.31 8.33
CA GLU I 95 27.11 21.77 9.39
C GLU I 95 27.83 22.93 10.08
N VAL I 96 27.96 22.80 11.40
CA VAL I 96 28.83 23.68 12.14
C VAL I 96 30.24 23.12 12.03
N VAL I 97 31.16 23.98 11.60
CA VAL I 97 32.53 23.61 11.36
C VAL I 97 33.41 23.96 12.57
N GLY I 98 34.35 23.08 12.89
CA GLY I 98 35.34 23.36 13.92
C GLY I 98 34.90 22.96 15.31
N ILE I 99 33.94 22.06 15.39
CA ILE I 99 33.50 21.52 16.68
C ILE I 99 34.69 20.94 17.45
N SER I 100 35.53 20.18 16.76
CA SER I 100 36.69 19.55 17.37
C SER I 100 37.67 20.56 18.03
N SER I 101 37.65 21.82 17.60
CA SER I 101 38.54 22.87 18.18
C SER I 101 38.26 23.06 19.68
N LEU I 102 37.06 22.71 20.10
CA LEU I 102 36.66 22.80 21.51
C LEU I 102 37.31 21.74 22.39
N VAL I 103 37.81 20.67 21.77
CA VAL I 103 38.43 19.54 22.48
C VAL I 103 39.87 19.88 22.83
N ASN I 104 40.02 20.84 23.75
CA ASN I 104 41.27 21.52 23.96
C ASN I 104 41.25 21.93 25.41
N LEU I 105 42.11 21.33 26.21
CA LEU I 105 42.24 21.72 27.63
C LEU I 105 43.53 22.44 27.97
N HIS I 106 44.35 22.75 26.96
CA HIS I 106 45.65 23.37 27.24
C HIS I 106 45.64 24.87 27.00
N GLN I 107 44.59 25.35 26.33
CA GLN I 107 44.46 26.78 26.07
C GLN I 107 44.45 27.52 27.40
N GLY I 108 45.11 28.68 27.45
CA GLY I 108 45.20 29.45 28.69
C GLY I 108 43.82 29.83 29.18
N GLY I 109 43.51 29.52 30.44
CA GLY I 109 42.22 29.90 31.01
C GLY I 109 42.18 29.72 32.50
N LYS I 110 40.97 29.50 33.00
CA LYS I 110 40.74 29.15 34.38
C LYS I 110 41.05 27.68 34.55
N TYR I 111 41.70 27.29 35.65
CA TYR I 111 41.96 25.88 35.88
C TYR I 111 40.69 25.15 36.31
N ILE I 112 40.57 23.90 35.87
CA ILE I 112 39.47 23.04 36.27
C ILE I 112 39.59 22.75 37.78
N TYR I 113 40.77 22.34 38.23
CA TYR I 113 41.06 22.14 39.63
C TYR I 113 42.12 23.15 40.05
N GLY I 114 43.28 22.69 40.47
CA GLY I 114 44.40 23.61 40.71
C GLY I 114 45.24 23.83 39.47
N SER I 115 46.39 24.47 39.64
CA SER I 115 47.27 24.81 38.52
C SER I 115 47.99 23.63 37.85
N SER I 116 47.80 22.41 38.34
CA SER I 116 48.34 21.22 37.68
C SER I 116 47.38 20.63 36.66
N SER I 117 46.13 21.11 36.68
CA SER I 117 45.05 20.53 35.91
C SER I 117 44.90 21.23 34.56
N GLY I 118 44.06 20.68 33.71
CA GLY I 118 43.70 21.35 32.45
C GLY I 118 42.88 22.61 32.71
N CYS I 119 42.66 23.39 31.65
CA CYS I 119 41.87 24.60 31.77
C CYS I 119 40.43 24.37 31.38
N VAL I 120 39.51 25.11 32.00
CA VAL I 120 38.07 24.97 31.75
C VAL I 120 37.76 25.24 30.28
N PRO I 121 37.11 24.29 29.58
CA PRO I 121 36.86 24.53 28.16
C PRO I 121 35.68 25.49 27.97
N VAL I 122 35.31 25.74 26.71
CA VAL I 122 34.19 26.62 26.38
C VAL I 122 32.90 26.00 26.92
N GLN I 123 32.08 26.80 27.58
CA GLN I 123 30.81 26.28 28.12
C GLN I 123 29.87 27.43 28.47
N GLY I 124 28.66 27.10 28.91
CA GLY I 124 27.68 28.13 29.23
C GLY I 124 26.70 28.20 28.09
N THR I 125 26.11 29.37 27.89
CA THR I 125 25.00 29.54 26.94
C THR I 125 25.42 29.21 25.51
N THR I 126 24.59 28.44 24.81
CA THR I 126 24.82 28.12 23.42
C THR I 126 23.59 28.54 22.63
N TYR I 127 23.80 28.93 21.38
CA TYR I 127 22.71 29.38 20.52
C TYR I 127 23.12 29.04 19.11
N HIS I 128 22.34 28.17 18.49
CA HIS I 128 22.60 27.67 17.14
C HIS I 128 21.37 27.84 16.36
N MET I 129 21.47 28.65 15.31
CA MET I 129 20.35 28.81 14.41
C MET I 129 20.85 28.96 12.99
N PHE I 130 20.01 28.54 12.05
CA PHE I 130 20.28 28.82 10.65
C PHE I 130 18.96 29.12 9.95
N ALA I 131 19.04 29.88 8.87
CA ALA I 131 17.88 30.10 8.01
C ALA I 131 18.29 30.11 6.56
N VAL I 132 17.36 29.66 5.71
CA VAL I 132 17.51 29.70 4.26
C VAL I 132 16.23 30.34 3.73
N GLY I 133 16.38 31.43 3.00
CA GLY I 133 15.21 32.18 2.49
C GLY I 133 15.48 32.82 1.16
N GLY I 134 14.38 33.25 0.51
CA GLY I 134 14.47 33.94 -0.76
C GLY I 134 14.50 35.46 -0.65
N GLU I 135 14.82 35.93 0.56
CA GLU I 135 14.79 37.35 0.93
C GLU I 135 15.34 37.43 2.36
N PRO I 136 15.67 38.64 2.86
CA PRO I 136 16.24 38.75 4.22
C PRO I 136 15.34 38.11 5.28
N LEU I 137 15.96 37.40 6.23
CA LEU I 137 15.25 36.92 7.42
C LEU I 137 14.61 38.12 8.14
N GLU I 138 13.33 37.99 8.46
CA GLU I 138 12.59 39.02 9.16
C GLU I 138 12.71 38.85 10.66
N LEU I 139 13.04 39.95 11.35
CA LEU I 139 13.42 39.92 12.77
C LEU I 139 12.41 40.63 13.66
N GLN I 140 12.24 40.10 14.86
CA GLN I 140 11.50 40.75 15.92
C GLN I 140 12.49 41.16 17.02
N GLY I 141 12.40 42.42 17.46
CA GLY I 141 13.21 42.89 18.57
C GLY I 141 12.58 42.54 19.89
N LEU I 142 13.41 42.06 20.82
CA LEU I 142 13.00 41.76 22.19
C LEU I 142 14.25 41.67 23.03
N VAL I 143 14.29 42.42 24.12
CA VAL I 143 15.50 42.50 24.94
C VAL I 143 15.28 42.11 26.40
N ALA I 144 16.36 41.70 27.08
CA ALA I 144 16.34 41.48 28.51
C ALA I 144 16.07 42.78 29.25
N SER I 145 16.68 43.86 28.78
CA SER I 145 16.59 45.14 29.44
C SER I 145 16.50 46.31 28.46
N SER I 146 15.42 47.07 28.58
CA SER I 146 15.18 48.21 27.72
C SER I 146 16.06 49.41 28.08
N THR I 147 16.73 49.36 29.22
CA THR I 147 17.55 50.49 29.66
C THR I 147 19.01 50.35 29.26
N ALA I 148 19.33 49.27 28.55
CA ALA I 148 20.67 49.08 28.01
C ALA I 148 20.95 50.09 26.89
N THR I 149 22.18 50.59 26.83
CA THR I 149 22.64 51.44 25.73
C THR I 149 23.51 50.59 24.82
N TYR I 150 23.05 50.38 23.59
CA TYR I 150 23.79 49.56 22.65
C TYR I 150 24.85 50.36 21.89
N PRO I 151 26.01 49.74 21.60
CA PRO I 151 27.09 50.46 20.91
C PRO I 151 26.65 50.95 19.52
N ASP I 152 27.33 51.98 19.01
CA ASP I 152 26.92 52.58 17.74
CA ASP I 152 26.99 52.60 17.72
C ASP I 152 27.16 51.69 16.51
N ASP I 153 27.94 50.62 16.66
CA ASP I 153 28.20 49.77 15.49
C ASP I 153 27.25 48.58 15.34
N VAL I 154 26.21 48.53 16.17
CA VAL I 154 25.15 47.51 15.99
C VAL I 154 23.81 48.17 15.70
N VAL I 155 22.91 47.42 15.06
CA VAL I 155 21.54 47.88 14.88
C VAL I 155 20.71 47.39 16.07
N ALA I 156 20.19 48.36 16.83
CA ALA I 156 19.38 48.03 17.99
C ALA I 156 17.94 48.48 17.73
N ILE I 157 17.10 48.35 18.75
CA ILE I 157 15.71 48.75 18.63
C ILE I 157 15.63 50.27 18.70
N LYS I 158 14.95 50.85 17.71
CA LYS I 158 14.72 52.30 17.72
C LYS I 158 13.78 52.66 18.85
N ASN I 159 14.14 53.71 19.59
CA ASN I 159 13.30 54.28 20.66
C ASN I 159 12.84 53.25 21.69
N MET I 160 13.79 52.40 22.09
CA MET I 160 13.52 51.31 23.01
C MET I 160 12.80 51.78 24.28
N LYS I 161 11.84 50.98 24.73
CA LYS I 161 11.02 51.29 25.91
C LYS I 161 10.79 50.00 26.73
N PRO I 162 10.29 50.10 27.99
CA PRO I 162 10.08 48.87 28.78
C PRO I 162 9.29 47.79 28.04
N GLY I 163 8.34 48.21 27.20
CA GLY I 163 7.60 47.31 26.31
C GLY I 163 8.44 46.38 25.45
N ASN I 164 9.66 46.79 25.10
CA ASN I 164 10.56 45.93 24.32
C ASN I 164 11.19 44.79 25.12
N GLN I 165 10.84 44.68 26.40
CA GLN I 165 11.14 43.48 27.20
C GLN I 165 10.11 42.38 26.93
N GLY I 166 9.02 42.76 26.24
CA GLY I 166 8.06 41.81 25.68
C GLY I 166 7.97 42.03 24.18
N LEU I 167 6.90 41.52 23.56
CA LEU I 167 6.77 41.67 22.11
C LEU I 167 6.04 42.96 21.79
N ASP I 168 6.77 43.91 21.19
CA ASP I 168 6.16 45.12 20.64
C ASP I 168 6.27 45.02 19.13
N PRO I 169 5.13 45.04 18.42
CA PRO I 169 5.20 44.74 16.99
C PRO I 169 5.86 45.87 16.18
N LYS I 170 6.16 47.01 16.81
CA LYS I 170 6.91 48.05 16.12
C LYS I 170 8.40 47.72 15.99
N ALA I 171 8.89 46.84 16.86
CA ALA I 171 10.31 46.48 16.86
C ALA I 171 10.60 45.38 15.85
N LYS I 172 10.75 45.78 14.59
CA LYS I 172 10.94 44.83 13.52
C LYS I 172 12.09 45.22 12.61
N ALA I 173 12.84 44.24 12.12
CA ALA I 173 13.96 44.52 11.24
C ALA I 173 14.13 43.43 10.19
N LEU I 174 15.06 43.66 9.26
CA LEU I 174 15.45 42.67 8.28
C LEU I 174 16.90 42.33 8.52
N LEU I 175 17.24 41.05 8.50
CA LEU I 175 18.63 40.65 8.63
C LEU I 175 19.32 40.86 7.28
N ASP I 176 19.79 42.09 7.05
CA ASP I 176 20.30 42.48 5.75
C ASP I 176 21.76 42.95 5.81
N LYS I 177 22.36 42.84 7.00
CA LYS I 177 23.76 43.20 7.22
C LYS I 177 24.44 42.13 8.06
N ASP I 178 25.58 41.67 7.58
CA ASP I 178 26.37 40.65 8.28
C ASP I 178 27.02 41.28 9.49
N GLY I 179 26.88 40.64 10.64
CA GLY I 179 27.55 41.10 11.86
C GLY I 179 27.15 42.45 12.43
N LYS I 180 25.87 42.82 12.30
CA LYS I 180 25.36 44.10 12.78
C LYS I 180 24.16 43.96 13.70
N TYR I 181 23.46 42.85 13.57
CA TYR I 181 22.25 42.57 14.34
C TYR I 181 22.58 41.64 15.51
N PRO I 182 22.61 42.17 16.74
CA PRO I 182 22.91 41.36 17.93
C PRO I 182 21.90 40.25 18.19
N VAL I 183 22.40 39.07 18.48
CA VAL I 183 21.60 37.94 18.88
C VAL I 183 20.69 38.29 20.06
N GLU I 184 21.22 39.04 21.04
CA GLU I 184 20.47 39.33 22.26
C GLU I 184 19.34 40.35 22.07
N VAL I 185 19.31 41.00 20.91
CA VAL I 185 18.29 42.00 20.60
C VAL I 185 17.22 41.46 19.63
N TRP I 186 17.64 40.63 18.67
CA TRP I 186 16.77 40.23 17.56
C TRP I 186 16.58 38.75 17.52
N CYS I 187 15.34 38.32 17.29
CA CYS I 187 15.06 36.91 17.00
C CYS I 187 14.22 36.83 15.73
N PRO I 188 14.11 35.63 15.14
CA PRO I 188 13.26 35.49 13.95
C PRO I 188 11.82 35.88 14.28
N ASP I 189 11.15 36.57 13.36
CA ASP I 189 9.77 37.00 13.58
C ASP I 189 8.84 35.89 13.07
N PRO I 190 8.12 35.21 13.98
CA PRO I 190 7.29 34.09 13.52
C PRO I 190 6.00 34.53 12.85
N SER I 191 5.67 35.83 12.94
CA SER I 191 4.48 36.34 12.25
C SER I 191 4.74 36.65 10.78
N LYS I 192 5.99 36.57 10.36
CA LYS I 192 6.32 36.76 8.95
C LYS I 192 7.18 35.58 8.51
N ASN I 193 8.21 35.82 7.70
CA ASN I 193 9.11 34.76 7.24
C ASN I 193 8.44 33.61 6.49
N GLU I 194 7.36 33.93 5.78
CA GLU I 194 6.69 33.00 4.86
C GLU I 194 7.65 32.42 3.82
N ASN I 195 8.66 33.20 3.44
CA ASN I 195 9.57 32.85 2.33
C ASN I 195 10.96 32.46 2.84
N THR I 196 11.02 32.11 4.12
CA THR I 196 12.24 31.69 4.77
C THR I 196 11.93 30.46 5.61
N ARG I 197 12.91 29.58 5.78
CA ARG I 197 12.82 28.51 6.76
C ARG I 197 13.92 28.74 7.76
N TYR I 198 13.58 28.73 9.05
CA TYR I 198 14.60 28.87 10.08
C TYR I 198 14.44 27.82 11.18
N TYR I 199 15.56 27.51 11.83
CA TYR I 199 15.67 26.42 12.79
C TYR I 199 16.70 26.87 13.81
N GLY I 200 16.32 26.81 15.09
CA GLY I 200 17.18 27.29 16.17
C GLY I 200 17.08 26.44 17.41
N SER I 201 18.18 26.44 18.16
CA SER I 201 18.28 25.69 19.40
CA SER I 201 18.28 25.70 19.41
C SER I 201 19.02 26.57 20.39
N PHE I 202 18.49 26.64 21.61
CA PHE I 202 19.11 27.43 22.67
C PHE I 202 19.25 26.57 23.89
N THR I 203 20.39 26.69 24.55
CA THR I 203 20.53 26.14 25.89
C THR I 203 21.22 27.23 26.70
N GLY I 204 20.72 27.49 27.91
CA GLY I 204 21.25 28.57 28.72
C GLY I 204 22.17 28.04 29.79
N GLY I 205 22.17 28.72 30.93
CA GLY I 205 22.97 28.26 32.06
C GLY I 205 24.35 28.90 32.06
N ALA I 206 24.88 29.09 33.26
CA ALA I 206 26.15 29.74 33.46
C ALA I 206 27.30 28.88 32.92
N THR I 207 27.30 27.58 33.22
CA THR I 207 28.47 26.74 32.88
C THR I 207 28.11 25.40 32.20
N THR I 208 26.98 25.40 31.50
CA THR I 208 26.45 24.22 30.85
C THR I 208 27.42 23.66 29.78
N PRO I 209 27.64 22.34 29.76
CA PRO I 209 28.44 21.75 28.68
C PRO I 209 27.76 21.87 27.31
N PRO I 210 28.51 22.28 26.29
CA PRO I 210 27.95 22.34 24.94
C PRO I 210 27.80 20.95 24.36
N VAL I 211 26.79 20.74 23.54
CA VAL I 211 26.57 19.45 22.91
C VAL I 211 26.40 19.74 21.44
N MET I 212 27.17 19.07 20.57
CA MET I 212 27.06 19.30 19.13
C MET I 212 27.31 18.02 18.32
N GLN I 213 26.58 17.87 17.22
CA GLN I 213 26.71 16.73 16.32
C GLN I 213 27.23 17.23 14.99
N PHE I 214 27.92 16.37 14.27
CA PHE I 214 28.28 16.67 12.89
C PHE I 214 28.23 15.39 12.05
N THR I 215 27.80 15.53 10.80
CA THR I 215 27.73 14.40 9.88
C THR I 215 27.44 14.99 8.51
N ASN I 216 27.77 14.26 7.46
CA ASN I 216 27.45 14.71 6.12
C ASN I 216 26.32 13.87 5.54
N SER I 217 25.55 13.21 6.40
CA SER I 217 24.49 12.30 5.91
C SER I 217 23.07 12.86 6.12
N VAL I 218 22.95 14.09 6.59
CA VAL I 218 21.64 14.65 6.96
C VAL I 218 21.25 15.82 6.03
N THR I 219 20.02 15.76 5.52
CA THR I 219 19.44 16.80 4.66
C THR I 219 18.13 17.28 5.27
N THR I 220 17.92 18.59 5.29
CA THR I 220 16.65 19.17 5.72
C THR I 220 15.88 19.65 4.49
N VAL I 221 14.66 19.15 4.34
CA VAL I 221 13.80 19.51 3.20
C VAL I 221 13.17 20.87 3.52
N LEU I 222 13.13 21.77 2.56
CA LEU I 222 12.74 23.15 2.82
C LEU I 222 11.31 23.47 2.36
N LEU I 223 10.61 22.47 1.85
CA LEU I 223 9.25 22.66 1.39
C LEU I 223 8.31 22.88 2.57
N ASP I 224 7.39 23.83 2.43
CA ASP I 224 6.41 24.13 3.48
C ASP I 224 5.20 23.20 3.37
N GLU I 225 4.16 23.49 4.17
CA GLU I 225 2.92 22.70 4.24
CA GLU I 225 2.97 22.64 4.22
C GLU I 225 2.21 22.55 2.89
N ASN I 226 2.51 23.44 1.96
CA ASN I 226 1.90 23.35 0.63
C ASN I 226 2.88 22.85 -0.42
N GLY I 227 3.99 22.29 0.04
CA GLY I 227 5.01 21.72 -0.83
C GLY I 227 5.85 22.74 -1.59
N VAL I 228 5.96 23.95 -1.06
CA VAL I 228 6.71 25.04 -1.72
C VAL I 228 7.91 25.44 -0.89
N GLY I 229 9.10 25.48 -1.49
CA GLY I 229 10.30 25.95 -0.79
C GLY I 229 10.47 27.47 -0.91
N PRO I 230 11.49 28.04 -0.23
CA PRO I 230 11.73 29.47 -0.43
C PRO I 230 11.96 29.85 -1.91
N LEU I 231 11.36 30.95 -2.34
CA LEU I 231 11.47 31.44 -3.71
C LEU I 231 12.38 32.66 -3.76
N CYS I 232 13.44 32.58 -4.54
CA CYS I 232 14.54 33.56 -4.45
C CYS I 232 14.26 34.82 -5.25
N LYS I 233 13.87 35.89 -4.56
CA LYS I 233 13.51 37.13 -5.26
C LYS I 233 14.77 37.78 -5.80
N GLY I 234 14.69 38.26 -7.04
CA GLY I 234 15.84 38.83 -7.73
C GLY I 234 16.97 37.85 -7.93
N ASP I 235 16.68 36.54 -7.82
CA ASP I 235 17.68 35.47 -7.93
C ASP I 235 18.75 35.56 -6.84
N LYS I 236 18.33 35.95 -5.64
CA LYS I 236 19.19 36.06 -4.50
C LYS I 236 18.77 35.03 -3.45
N LEU I 237 19.74 34.31 -2.91
CA LEU I 237 19.47 33.35 -1.86
C LEU I 237 20.07 33.90 -0.57
N PHE I 238 19.30 33.91 0.51
CA PHE I 238 19.81 34.43 1.80
C PHE I 238 20.10 33.29 2.76
N LEU I 239 21.35 33.27 3.24
CA LEU I 239 21.75 32.30 4.24
C LEU I 239 22.07 33.08 5.49
N SER I 240 21.45 32.68 6.61
CA SER I 240 21.63 33.34 7.90
C SER I 240 21.94 32.32 8.98
N CYS I 241 22.69 32.75 9.98
CA CYS I 241 22.98 31.87 11.09
C CYS I 241 23.57 32.59 12.28
N ALA I 242 23.62 31.89 13.40
CA ALA I 242 24.38 32.29 14.56
C ALA I 242 24.78 31.00 15.21
N ASP I 243 26.07 30.83 15.48
CA ASP I 243 26.52 29.62 16.17
C ASP I 243 27.46 29.96 17.33
N ILE I 244 26.84 30.23 18.46
CA ILE I 244 27.54 30.53 19.68
C ILE I 244 27.73 29.20 20.40
N ALA I 245 29.00 28.80 20.51
CA ALA I 245 29.41 27.53 21.08
C ALA I 245 29.38 27.62 22.61
N GLY I 246 29.57 28.84 23.10
CA GLY I 246 29.56 29.09 24.53
C GLY I 246 30.53 30.21 24.85
N VAL I 247 31.05 30.20 26.07
CA VAL I 247 31.91 31.24 26.57
C VAL I 247 33.26 30.64 26.97
N HIS I 248 34.35 31.30 26.59
CA HIS I 248 35.69 30.96 27.07
C HIS I 248 36.04 31.87 28.22
N THR I 249 36.61 31.29 29.27
CA THR I 249 36.99 32.06 30.46
C THR I 249 38.51 32.20 30.53
N ASN I 250 38.98 33.43 30.71
CA ASN I 250 40.41 33.66 30.83
C ASN I 250 40.86 33.40 32.25
N TYR I 251 42.17 33.31 32.43
CA TYR I 251 42.76 33.15 33.75
C TYR I 251 42.30 34.25 34.70
N SER I 252 42.20 35.47 34.17
CA SER I 252 41.74 36.66 34.92
C SER I 252 40.23 36.60 35.26
N GLU I 253 39.54 35.64 34.66
CA GLU I 253 38.09 35.44 34.80
C GLU I 253 37.25 36.33 33.91
N THR I 254 37.88 37.11 33.04
CA THR I 254 37.12 37.78 31.99
C THR I 254 36.65 36.70 31.03
N GLN I 255 35.51 36.96 30.39
CA GLN I 255 34.90 35.97 29.55
C GLN I 255 34.62 36.53 28.17
N VAL I 256 34.73 35.66 27.16
CA VAL I 256 34.51 36.04 25.77
C VAL I 256 33.60 34.99 25.10
N TRP I 257 32.65 35.46 24.29
CA TRP I 257 31.83 34.55 23.51
C TRP I 257 32.67 33.89 22.47
N ARG I 258 32.39 32.61 22.21
CA ARG I 258 33.08 31.86 21.16
C ARG I 258 32.06 31.39 20.12
N GLY I 259 32.29 31.78 18.87
CA GLY I 259 31.42 31.35 17.75
C GLY I 259 32.17 30.44 16.80
N LEU I 260 31.41 29.68 16.00
CA LEU I 260 31.98 28.77 15.03
C LEU I 260 31.34 29.02 13.65
N PRO I 261 32.08 28.74 12.57
CA PRO I 261 31.53 28.96 11.23
C PRO I 261 30.49 27.91 10.86
N ARG I 262 29.63 28.23 9.90
CA ARG I 262 28.65 27.27 9.48
C ARG I 262 28.75 27.08 7.99
N TYR I 263 28.66 25.83 7.56
CA TYR I 263 28.69 25.49 6.14
C TYR I 263 27.27 25.24 5.65
N PHE I 264 26.95 25.67 4.43
CA PHE I 264 25.66 25.45 3.81
C PHE I 264 25.83 24.81 2.43
N ASN I 265 24.98 23.84 2.11
CA ASN I 265 24.89 23.31 0.76
C ASN I 265 23.39 23.23 0.39
N VAL I 266 22.98 24.06 -0.57
CA VAL I 266 21.56 24.24 -0.86
C VAL I 266 21.25 23.79 -2.29
N THR I 267 20.21 22.96 -2.42
CA THR I 267 19.72 22.53 -3.71
C THR I 267 18.48 23.32 -4.08
N LEU I 268 18.47 23.85 -5.30
CA LEU I 268 17.38 24.66 -5.82
C LEU I 268 16.94 24.18 -7.20
N ARG I 269 15.69 24.48 -7.55
CA ARG I 269 15.15 24.12 -8.86
C ARG I 269 14.37 25.31 -9.44
N LYS I 270 14.36 25.40 -10.76
CA LYS I 270 13.61 26.44 -11.47
C LYS I 270 12.13 26.15 -11.39
N ARG I 271 11.36 27.18 -11.10
CA ARG I 271 9.91 27.08 -11.09
C ARG I 271 9.33 28.20 -11.91
N ILE I 272 8.23 27.90 -12.58
CA ILE I 272 7.42 28.89 -13.23
C ILE I 272 6.52 29.49 -12.17
N VAL I 273 6.58 30.81 -12.03
CA VAL I 273 5.83 31.54 -11.01
C VAL I 273 5.01 32.65 -11.68
N LYS I 274 3.76 32.83 -11.26
CA LYS I 274 2.94 33.95 -11.70
C LYS I 274 3.63 35.28 -11.31
N ASN I 275 3.73 36.19 -12.27
CA ASN I 275 4.44 37.46 -12.09
C ASN I 275 3.69 38.39 -11.12
N PRO I 276 4.29 38.70 -9.95
CA PRO I 276 3.64 39.51 -8.90
C PRO I 276 3.20 40.91 -9.34
N SER J 2 -2.45 -34.13 2.52
CA SER J 2 -1.03 -34.06 2.06
C SER J 2 -0.86 -33.19 0.82
N HIS J 3 0.16 -32.34 0.83
CA HIS J 3 0.53 -31.54 -0.34
C HIS J 3 1.99 -31.21 -0.27
N MET J 4 2.60 -30.93 -1.43
CA MET J 4 3.94 -30.38 -1.44
C MET J 4 3.87 -28.92 -0.99
N GLY J 5 4.70 -28.58 0.00
CA GLY J 5 4.76 -27.21 0.50
C GLY J 5 6.17 -26.92 0.95
N GLY J 6 6.44 -25.67 1.29
CA GLY J 6 7.78 -25.25 1.66
C GLY J 6 8.00 -25.31 3.16
N VAL J 7 9.23 -25.60 3.56
CA VAL J 7 9.66 -25.44 4.95
C VAL J 7 10.98 -24.66 4.93
N GLU J 8 11.09 -23.66 5.81
CA GLU J 8 12.29 -22.86 5.87
C GLU J 8 13.37 -23.56 6.71
N VAL J 9 14.39 -24.08 6.06
CA VAL J 9 15.52 -24.73 6.75
C VAL J 9 16.66 -23.73 6.91
N LEU J 10 17.30 -23.70 8.09
CA LEU J 10 18.45 -22.84 8.31
C LEU J 10 19.76 -23.53 7.94
N GLU J 11 20.63 -22.80 7.26
CA GLU J 11 21.93 -23.36 6.88
C GLU J 11 22.94 -22.24 6.69
N VAL J 12 24.21 -22.62 6.63
CA VAL J 12 25.26 -21.66 6.32
C VAL J 12 25.17 -21.28 4.85
N ARG J 13 25.12 -19.98 4.59
CA ARG J 13 24.98 -19.46 3.25
C ARG J 13 26.20 -18.62 2.93
N THR J 14 26.88 -18.97 1.85
CA THR J 14 27.94 -18.12 1.33
C THR J 14 27.27 -17.02 0.53
N GLY J 15 27.56 -15.77 0.88
CA GLY J 15 27.02 -14.62 0.17
C GLY J 15 27.44 -14.69 -1.29
N PRO J 16 26.78 -13.90 -2.15
CA PRO J 16 27.21 -13.90 -3.55
C PRO J 16 28.66 -13.43 -3.68
N ASP J 17 29.32 -13.84 -4.77
CA ASP J 17 30.70 -13.44 -5.04
C ASP J 17 30.87 -11.92 -5.08
N ALA J 18 29.78 -11.21 -5.38
CA ALA J 18 29.75 -9.76 -5.49
C ALA J 18 29.85 -9.01 -4.17
N ILE J 19 29.65 -9.69 -3.04
CA ILE J 19 29.62 -9.04 -1.73
C ILE J 19 30.81 -9.48 -0.88
N THR J 20 31.39 -8.55 -0.11
CA THR J 20 32.42 -8.92 0.85
C THR J 20 32.25 -8.13 2.16
N GLN J 21 32.77 -8.68 3.25
CA GLN J 21 32.77 -7.98 4.53
C GLN J 21 34.19 -7.88 5.00
N ILE J 22 34.52 -6.76 5.62
CA ILE J 22 35.82 -6.60 6.23
C ILE J 22 35.59 -6.19 7.70
N GLU J 23 36.54 -6.59 8.56
CA GLU J 23 36.53 -6.22 9.97
C GLU J 23 37.85 -5.56 10.28
N ALA J 24 37.82 -4.57 11.14
CA ALA J 24 39.04 -3.94 11.60
C ALA J 24 38.78 -3.29 12.95
N TYR J 25 39.84 -3.14 13.73
CA TYR J 25 39.74 -2.33 14.93
C TYR J 25 40.85 -1.30 14.83
N LEU J 26 40.60 -0.11 15.36
CA LEU J 26 41.58 0.97 15.39
C LEU J 26 41.82 1.35 16.84
N ASN J 27 43.05 1.17 17.32
CA ASN J 27 43.42 1.61 18.66
C ASN J 27 43.56 3.14 18.77
N PRO J 28 43.26 3.69 19.96
CA PRO J 28 43.24 5.15 20.05
C PRO J 28 44.61 5.79 19.96
N ARG J 29 44.63 7.04 19.55
CA ARG J 29 45.88 7.75 19.33
C ARG J 29 45.88 9.03 20.16
N MET J 30 45.91 8.84 21.48
CA MET J 30 45.73 9.93 22.43
C MET J 30 47.01 10.66 22.72
N GLY J 31 48.14 10.07 22.34
CA GLY J 31 49.45 10.67 22.53
C GLY J 31 50.47 9.60 22.84
N ASN J 32 50.11 8.69 23.74
CA ASN J 32 50.91 7.49 23.92
C ASN J 32 50.35 6.43 22.99
N ASN J 33 51.03 6.27 21.86
CA ASN J 33 50.45 5.56 20.73
C ASN J 33 51.12 4.22 20.45
N ILE J 34 52.17 3.92 21.23
CA ILE J 34 52.95 2.68 21.12
C ILE J 34 52.63 1.78 22.33
N PRO J 35 52.26 0.50 22.10
CA PRO J 35 51.88 -0.43 23.17
C PRO J 35 52.86 -0.57 24.33
N SER J 36 54.14 -0.29 24.10
CA SER J 36 55.17 -0.42 25.13
C SER J 36 55.20 0.75 26.12
N GLU J 37 54.53 1.85 25.79
CA GLU J 37 54.45 3.00 26.70
C GLU J 37 53.44 2.74 27.82
N ASP J 38 53.84 3.05 29.04
CA ASP J 38 52.98 2.85 30.21
C ASP J 38 51.59 3.48 30.10
N LEU J 39 51.54 4.65 29.46
CA LEU J 39 50.29 5.40 29.34
C LEU J 39 49.59 5.17 28.01
N TYR J 40 49.94 4.07 27.33
CA TYR J 40 49.22 3.68 26.13
C TYR J 40 47.70 3.83 26.29
N GLY J 41 47.07 4.49 25.32
CA GLY J 41 45.64 4.72 25.37
C GLY J 41 45.27 6.03 26.05
N TYR J 42 46.29 6.72 26.56
CA TYR J 42 46.11 8.03 27.21
C TYR J 42 47.08 9.05 26.62
N SER J 43 46.77 10.34 26.78
CA SER J 43 47.76 11.37 26.49
C SER J 43 48.75 11.46 27.66
N ASN J 44 49.84 12.18 27.46
CA ASN J 44 50.64 12.63 28.59
C ASN J 44 49.90 13.73 29.34
N SER J 45 50.39 14.10 30.53
CA SER J 45 49.74 15.14 31.32
C SER J 45 49.51 16.38 30.48
N ILE J 46 48.27 16.85 30.48
CA ILE J 46 47.94 18.07 29.76
C ILE J 46 48.68 19.24 30.42
N ASN J 47 49.57 19.89 29.68
CA ASN J 47 50.21 21.09 30.18
C ASN J 47 49.55 22.30 29.56
N THR J 48 49.18 23.26 30.41
CA THR J 48 48.38 24.40 29.98
C THR J 48 49.26 25.60 29.66
N ALA J 49 48.71 26.53 28.88
CA ALA J 49 49.45 27.71 28.41
C ALA J 49 50.19 28.46 29.53
N PHE J 50 51.43 28.83 29.25
CA PHE J 50 52.22 29.66 30.15
C PHE J 50 51.60 31.07 30.23
N SER J 51 51.08 31.56 29.09
CA SER J 51 50.46 32.87 29.02
C SER J 51 49.50 32.98 27.84
N LYS J 52 48.94 34.16 27.64
CA LYS J 52 48.08 34.45 26.49
C LYS J 52 48.86 34.25 25.19
N ALA J 53 50.08 34.79 25.16
CA ALA J 53 50.96 34.70 23.99
C ALA J 53 51.68 33.35 23.86
N SER J 54 51.80 32.61 24.97
CA SER J 54 52.71 31.47 25.04
C SER J 54 52.05 30.16 25.46
N ASP J 55 51.84 29.29 24.47
CA ASP J 55 51.07 28.05 24.66
C ASP J 55 51.75 26.94 23.85
N THR J 56 52.43 26.04 24.53
CA THR J 56 53.25 25.03 23.87
C THR J 56 52.90 23.66 24.45
N PRO J 57 51.86 23.01 23.91
CA PRO J 57 51.53 21.67 24.41
C PRO J 57 52.72 20.72 24.26
N ASN J 58 52.99 19.92 25.30
CA ASN J 58 54.10 18.97 25.25
C ASN J 58 53.84 17.86 24.26
N LYS J 59 54.92 17.20 23.84
CA LYS J 59 54.82 16.04 22.96
C LYS J 59 53.88 15.04 23.59
N ASP J 60 53.02 14.47 22.76
CA ASP J 60 52.10 13.42 23.19
C ASP J 60 51.05 13.86 24.20
N THR J 61 50.73 15.14 24.21
CA THR J 61 49.60 15.60 25.01
C THR J 61 48.33 15.84 24.18
N LEU J 62 48.43 15.70 22.85
CA LEU J 62 47.30 16.01 21.95
C LEU J 62 46.69 14.76 21.29
N PRO J 63 45.43 14.47 21.60
CA PRO J 63 44.77 13.35 20.94
C PRO J 63 44.70 13.60 19.44
N CYS J 64 44.93 12.55 18.66
CA CYS J 64 44.91 12.61 17.21
C CYS J 64 43.91 11.59 16.64
N TYR J 65 43.49 11.81 15.39
CA TYR J 65 42.62 10.86 14.69
C TYR J 65 43.35 9.57 14.42
N SER J 66 42.60 8.47 14.50
CA SER J 66 43.09 7.18 14.05
C SER J 66 42.64 6.99 12.59
N VAL J 67 43.49 6.35 11.79
CA VAL J 67 43.08 5.97 10.45
C VAL J 67 43.71 4.62 10.11
N ALA J 68 42.94 3.78 9.42
CA ALA J 68 43.46 2.53 8.84
C ALA J 68 43.03 2.45 7.39
N VAL J 69 43.93 1.93 6.55
CA VAL J 69 43.62 1.67 5.15
C VAL J 69 43.47 0.16 5.00
N ILE J 70 42.30 -0.28 4.54
CA ILE J 70 42.05 -1.69 4.34
C ILE J 70 42.17 -1.96 2.86
N LYS J 71 43.10 -2.84 2.52
CA LYS J 71 43.33 -3.19 1.12
C LYS J 71 42.31 -4.27 0.75
N LEU J 72 41.47 -3.99 -0.23
CA LEU J 72 40.42 -4.90 -0.62
C LEU J 72 40.91 -5.78 -1.78
N PRO J 73 40.19 -6.88 -2.10
CA PRO J 73 40.59 -7.71 -3.22
C PRO J 73 40.64 -6.90 -4.52
N LEU J 74 41.70 -7.13 -5.29
CA LEU J 74 41.92 -6.44 -6.54
C LEU J 74 40.83 -6.81 -7.53
N LEU J 75 40.24 -5.81 -8.19
CA LEU J 75 39.11 -6.06 -9.10
C LEU J 75 39.44 -5.96 -10.59
N ASN J 76 40.36 -5.08 -10.94
CA ASN J 76 40.65 -4.81 -12.34
C ASN J 76 42.08 -5.18 -12.71
N GLU J 77 42.22 -6.00 -13.75
CA GLU J 77 43.51 -6.28 -14.36
C GLU J 77 43.94 -5.06 -15.16
N ASP J 78 43.01 -4.56 -15.96
CA ASP J 78 43.27 -3.48 -16.89
C ASP J 78 42.51 -2.22 -16.46
N MET J 79 43.24 -1.27 -15.87
CA MET J 79 42.71 0.04 -15.48
C MET J 79 42.55 0.98 -16.68
N THR J 80 42.76 0.44 -17.88
CA THR J 80 42.68 1.20 -19.11
C THR J 80 41.28 1.17 -19.75
N CYS J 81 40.44 0.25 -19.28
CA CYS J 81 39.11 0.05 -19.86
C CYS J 81 38.16 1.19 -19.55
N ASP J 82 37.15 1.33 -20.41
CA ASP J 82 36.11 2.35 -20.27
C ASP J 82 35.21 2.06 -19.07
N THR J 83 35.08 0.78 -18.73
CA THR J 83 34.31 0.33 -17.57
C THR J 83 35.24 -0.42 -16.62
N ILE J 84 35.14 -0.10 -15.34
CA ILE J 84 35.90 -0.83 -14.32
C ILE J 84 34.95 -1.34 -13.22
N LEU J 85 35.48 -2.22 -12.37
CA LEU J 85 34.77 -2.60 -11.14
C LEU J 85 35.35 -1.85 -9.96
N MET J 86 34.48 -1.44 -9.03
CA MET J 86 34.89 -0.85 -7.76
C MET J 86 34.08 -1.45 -6.64
N TRP J 87 34.68 -1.49 -5.46
CA TRP J 87 33.99 -1.87 -4.25
C TRP J 87 33.20 -0.70 -3.74
N GLU J 88 31.93 -0.95 -3.42
CA GLU J 88 31.07 0.09 -2.90
C GLU J 88 30.73 -0.28 -1.47
N ALA J 89 31.09 0.59 -0.52
CA ALA J 89 30.76 0.34 0.89
C ALA J 89 29.28 0.65 1.08
N VAL J 90 28.51 -0.33 1.55
CA VAL J 90 27.05 -0.12 1.63
C VAL J 90 26.52 0.01 3.05
N SER J 91 27.22 -0.59 4.01
CA SER J 91 26.81 -0.48 5.41
C SER J 91 27.96 -0.77 6.35
N VAL J 92 27.82 -0.31 7.58
CA VAL J 92 28.86 -0.49 8.59
C VAL J 92 28.18 -0.79 9.94
N LYS J 93 28.73 -1.75 10.66
CA LYS J 93 28.48 -1.87 12.09
C LYS J 93 29.76 -1.41 12.79
N THR J 94 29.59 -0.49 13.73
CA THR J 94 30.75 0.00 14.44
C THR J 94 30.45 0.03 15.93
N GLU J 95 31.47 -0.23 16.74
CA GLU J 95 31.33 -0.24 18.19
C GLU J 95 32.57 0.36 18.86
N VAL J 96 32.34 1.17 19.88
CA VAL J 96 33.45 1.59 20.75
C VAL J 96 33.71 0.44 21.74
N VAL J 97 34.95 -0.01 21.81
CA VAL J 97 35.29 -1.17 22.62
C VAL J 97 35.88 -0.70 23.95
N GLY J 98 35.63 -1.46 25.03
CA GLY J 98 36.24 -1.17 26.32
C GLY J 98 35.50 -0.10 27.11
N ILE J 99 34.25 0.16 26.76
CA ILE J 99 33.44 1.10 27.54
C ILE J 99 33.42 0.69 29.01
N SER J 100 33.26 -0.62 29.25
CA SER J 100 33.18 -1.15 30.61
C SER J 100 34.43 -0.85 31.46
N SER J 101 35.59 -0.64 30.83
CA SER J 101 36.82 -0.32 31.56
C SER J 101 36.70 0.98 32.36
N LEU J 102 35.77 1.85 31.94
CA LEU J 102 35.49 3.08 32.67
C LEU J 102 34.77 2.85 34.00
N VAL J 103 34.16 1.66 34.16
CA VAL J 103 33.42 1.31 35.38
C VAL J 103 34.40 0.86 36.46
N ASN J 104 35.21 1.80 36.91
CA ASN J 104 36.36 1.52 37.71
C ASN J 104 36.55 2.72 38.62
N LEU J 105 36.36 2.49 39.91
CA LEU J 105 36.48 3.56 40.90
C LEU J 105 37.68 3.37 41.82
N HIS J 106 38.49 2.34 41.56
CA HIS J 106 39.67 2.06 42.40
C HIS J 106 40.96 2.56 41.82
N GLN J 107 40.96 2.88 40.53
CA GLN J 107 42.13 3.42 39.87
C GLN J 107 42.61 4.68 40.60
N GLY J 108 43.92 4.79 40.80
CA GLY J 108 44.51 5.94 41.52
C GLY J 108 44.06 7.25 40.91
N GLY J 109 43.61 8.19 41.72
CA GLY J 109 43.22 9.50 41.21
C GLY J 109 42.72 10.47 42.26
N LYS J 110 41.97 11.46 41.81
CA LYS J 110 41.31 12.40 42.70
CA LYS J 110 41.33 12.40 42.73
C LYS J 110 40.17 11.66 43.39
N TYR J 111 39.98 11.87 44.69
CA TYR J 111 38.87 11.25 45.42
C TYR J 111 37.55 11.93 45.12
N ILE J 112 36.49 11.13 44.98
CA ILE J 112 35.13 11.68 44.79
C ILE J 112 34.72 12.54 45.99
N TYR J 113 34.91 12.00 47.19
CA TYR J 113 34.68 12.77 48.41
C TYR J 113 36.00 12.99 49.15
N GLY J 114 36.40 12.02 49.96
CA GLY J 114 37.65 12.13 50.71
C GLY J 114 38.43 10.85 50.48
N SER J 115 39.52 10.69 51.23
CA SER J 115 40.44 9.57 51.00
C SER J 115 39.84 8.18 51.25
N SER J 116 38.65 8.11 51.84
CA SER J 116 37.99 6.81 52.03
C SER J 116 37.09 6.41 50.87
N SER J 117 36.84 7.36 49.96
CA SER J 117 35.88 7.18 48.87
C SER J 117 36.53 6.59 47.64
N GLY J 118 35.71 6.25 46.64
CA GLY J 118 36.25 5.90 45.33
C GLY J 118 36.90 7.10 44.66
N CYS J 119 37.60 6.86 43.55
CA CYS J 119 38.24 7.93 42.82
C CYS J 119 37.38 8.38 41.64
N VAL J 120 37.51 9.65 41.30
CA VAL J 120 36.73 10.27 40.21
C VAL J 120 37.06 9.54 38.91
N PRO J 121 36.03 9.04 38.21
CA PRO J 121 36.27 8.29 36.97
C PRO J 121 36.56 9.24 35.82
N VAL J 122 36.81 8.69 34.65
CA VAL J 122 37.01 9.50 33.45
C VAL J 122 35.76 10.33 33.17
N GLN J 123 35.93 11.63 32.98
CA GLN J 123 34.80 12.50 32.68
C GLN J 123 35.28 13.80 32.02
N GLY J 124 34.35 14.68 31.68
CA GLY J 124 34.68 15.92 31.01
C GLY J 124 34.41 15.75 29.53
N THR J 125 35.17 16.45 28.71
CA THR J 125 34.92 16.53 27.28
C THR J 125 35.03 15.16 26.60
N THR J 126 34.03 14.84 25.78
CA THR J 126 34.04 13.61 24.98
C THR J 126 33.91 13.96 23.50
N TYR J 127 34.52 13.13 22.66
CA TYR J 127 34.48 13.37 21.22
C TYR J 127 34.54 12.00 20.57
N HIS J 128 33.49 11.69 19.82
CA HIS J 128 33.29 10.39 19.21
C HIS J 128 32.92 10.61 17.77
N MET J 129 33.79 10.14 16.87
CA MET J 129 33.48 10.24 15.45
C MET J 129 34.02 9.02 14.72
N PHE J 130 33.35 8.66 13.65
CA PHE J 130 33.90 7.67 12.76
C PHE J 130 33.58 8.05 11.33
N ALA J 131 34.43 7.59 10.42
CA ALA J 131 34.19 7.80 9.01
C ALA J 131 34.54 6.53 8.26
N VAL J 132 33.80 6.30 7.18
CA VAL J 132 34.08 5.22 6.24
C VAL J 132 34.10 5.89 4.87
N GLY J 133 35.19 5.74 4.13
CA GLY J 133 35.34 6.39 2.83
C GLY J 133 36.15 5.56 1.84
N GLY J 134 36.06 5.93 0.57
CA GLY J 134 36.83 5.25 -0.47
C GLY J 134 38.10 6.00 -0.80
N GLU J 135 38.49 6.88 0.12
CA GLU J 135 39.69 7.70 0.00
C GLU J 135 39.88 8.40 1.34
N PRO J 136 41.03 9.07 1.55
CA PRO J 136 41.25 9.78 2.82
C PRO J 136 40.16 10.78 3.19
N LEU J 137 39.76 10.79 4.46
CA LEU J 137 38.86 11.80 4.99
C LEU J 137 39.50 13.17 4.77
N GLU J 138 38.72 14.11 4.24
CA GLU J 138 39.24 15.45 3.99
C GLU J 138 38.97 16.33 5.21
N LEU J 139 40.00 17.05 5.63
CA LEU J 139 39.96 17.82 6.88
C LEU J 139 40.00 19.31 6.64
N GLN J 140 39.32 20.04 7.53
CA GLN J 140 39.41 21.46 7.60
C GLN J 140 40.13 21.85 8.91
N GLY J 141 41.07 22.76 8.82
CA GLY J 141 41.77 23.27 10.00
C GLY J 141 40.99 24.39 10.67
N LEU J 142 40.86 24.29 11.99
CA LEU J 142 40.28 25.34 12.81
C LEU J 142 40.72 25.11 14.26
N VAL J 143 41.30 26.13 14.88
CA VAL J 143 41.82 26.00 16.25
C VAL J 143 41.14 26.99 17.20
N ALA J 144 41.21 26.69 18.49
CA ALA J 144 40.73 27.59 19.53
C ALA J 144 41.63 28.82 19.59
N SER J 145 42.94 28.60 19.48
CA SER J 145 43.88 29.71 19.57
C SER J 145 45.06 29.53 18.62
N SER J 146 45.29 30.54 17.81
CA SER J 146 46.41 30.55 16.91
C SER J 146 47.73 30.89 17.61
N THR J 147 47.70 31.09 18.93
CA THR J 147 48.96 31.35 19.67
C THR J 147 49.71 30.05 19.96
N ALA J 148 49.01 28.91 19.83
CA ALA J 148 49.57 27.62 20.22
C ALA J 148 50.76 27.22 19.33
N THR J 149 51.83 26.74 19.96
CA THR J 149 52.93 26.14 19.23
C THR J 149 52.77 24.63 19.31
N TYR J 150 52.44 24.01 18.18
CA TYR J 150 52.24 22.57 18.13
C TYR J 150 53.54 21.78 18.01
N PRO J 151 53.60 20.59 18.65
CA PRO J 151 54.85 19.80 18.63
C PRO J 151 55.22 19.32 17.23
N ASP J 152 56.52 19.03 17.05
CA ASP J 152 57.11 18.55 15.80
C ASP J 152 56.49 17.26 15.27
N ASP J 153 55.97 16.44 16.17
CA ASP J 153 55.47 15.10 15.81
C ASP J 153 53.98 15.05 15.42
N VAL J 154 53.34 16.21 15.36
CA VAL J 154 51.98 16.31 14.81
C VAL J 154 51.95 17.16 13.56
N VAL J 155 50.89 17.01 12.77
CA VAL J 155 50.69 17.81 11.58
C VAL J 155 49.65 18.84 11.95
N ALA J 156 50.06 20.10 11.99
CA ALA J 156 49.14 21.18 12.32
C ALA J 156 49.04 22.15 11.15
N ILE J 157 48.51 23.34 11.40
CA ILE J 157 48.34 24.34 10.36
C ILE J 157 49.65 25.11 10.27
N LYS J 158 50.14 25.28 9.04
CA LYS J 158 51.45 25.87 8.81
C LYS J 158 51.47 27.36 9.14
N ASN J 159 52.41 27.78 9.99
CA ASN J 159 52.57 29.18 10.42
C ASN J 159 51.25 29.85 10.73
N MET J 160 50.58 29.31 11.74
CA MET J 160 49.20 29.63 12.06
C MET J 160 48.98 31.10 12.38
N LYS J 161 47.80 31.61 12.04
CA LYS J 161 47.45 33.03 12.22
C LYS J 161 46.03 33.16 12.77
N PRO J 162 45.65 34.34 13.33
CA PRO J 162 44.31 34.45 13.96
C PRO J 162 43.15 34.00 13.05
N GLY J 163 43.30 34.14 11.74
CA GLY J 163 42.31 33.65 10.78
C GLY J 163 41.94 32.17 10.93
N ASN J 164 42.89 31.39 11.45
CA ASN J 164 42.66 29.97 11.70
C ASN J 164 41.76 29.68 12.91
N GLN J 165 41.35 30.72 13.62
CA GLN J 165 40.34 30.62 14.66
C GLN J 165 38.95 30.61 14.04
N GLY J 166 38.89 30.90 12.75
CA GLY J 166 37.68 30.70 11.97
C GLY J 166 37.98 29.79 10.81
N LEU J 167 37.10 29.78 9.81
CA LEU J 167 37.30 28.93 8.65
C LEU J 167 38.12 29.67 7.60
N ASP J 168 39.37 29.24 7.44
CA ASP J 168 40.22 29.70 6.35
C ASP J 168 40.31 28.53 5.37
N PRO J 169 39.81 28.73 4.14
CA PRO J 169 39.75 27.60 3.21
C PRO J 169 41.13 27.11 2.73
N LYS J 170 42.19 27.83 3.02
CA LYS J 170 43.55 27.33 2.75
C LYS J 170 44.00 26.23 3.72
N ALA J 171 43.43 26.21 4.93
CA ALA J 171 43.83 25.23 5.95
C ALA J 171 43.09 23.92 5.73
N LYS J 172 43.59 23.10 4.81
CA LYS J 172 42.96 21.83 4.50
C LYS J 172 44.01 20.73 4.51
N ALA J 173 43.60 19.52 4.86
CA ALA J 173 44.53 18.39 4.87
C ALA J 173 43.79 17.11 4.55
N LEU J 174 44.53 16.03 4.40
CA LEU J 174 43.95 14.70 4.24
C LEU J 174 44.29 13.87 5.47
N LEU J 175 43.32 13.17 6.03
CA LEU J 175 43.61 12.22 7.11
C LEU J 175 44.26 10.97 6.51
N ASP J 176 45.57 11.04 6.31
CA ASP J 176 46.33 9.99 5.62
C ASP J 176 47.41 9.34 6.49
N LYS J 177 47.55 9.83 7.74
CA LYS J 177 48.52 9.29 8.68
C LYS J 177 47.84 9.04 10.01
N ASP J 178 48.05 7.85 10.55
CA ASP J 178 47.48 7.46 11.84
C ASP J 178 48.21 8.19 12.97
N GLY J 179 47.44 8.74 13.91
CA GLY J 179 48.02 9.38 15.10
C GLY J 179 48.87 10.62 14.88
N LYS J 180 48.55 11.40 13.85
CA LYS J 180 49.37 12.59 13.52
C LYS J 180 48.57 13.88 13.45
N TYR J 181 47.28 13.76 13.17
CA TYR J 181 46.42 14.91 12.99
C TYR J 181 45.62 15.17 14.25
N PRO J 182 45.97 16.25 15.00
CA PRO J 182 45.28 16.46 16.29
C PRO J 182 43.82 16.80 16.12
N VAL J 183 43.01 16.22 17.01
CA VAL J 183 41.57 16.45 17.03
C VAL J 183 41.26 17.94 17.18
N GLU J 184 42.01 18.63 18.04
CA GLU J 184 41.74 20.05 18.31
C GLU J 184 42.14 21.02 17.19
N VAL J 185 42.80 20.49 16.15
CA VAL J 185 43.22 21.29 15.01
C VAL J 185 42.33 21.03 13.79
N TRP J 186 41.90 19.78 13.63
CA TRP J 186 41.30 19.31 12.37
C TRP J 186 39.94 18.75 12.59
N CYS J 187 39.00 19.11 11.71
CA CYS J 187 37.66 18.55 11.73
C CYS J 187 37.32 18.13 10.30
N PRO J 188 36.31 17.24 10.13
CA PRO J 188 35.93 16.90 8.75
C PRO J 188 35.53 18.15 7.95
N ASP J 189 35.94 18.17 6.68
CA ASP J 189 35.63 19.27 5.79
C ASP J 189 34.30 18.98 5.10
N PRO J 190 33.24 19.73 5.47
CA PRO J 190 31.93 19.44 4.90
C PRO J 190 31.75 19.94 3.46
N SER J 191 32.68 20.77 2.97
CA SER J 191 32.65 21.20 1.57
C SER J 191 33.23 20.15 0.63
N LYS J 192 33.85 19.11 1.17
CA LYS J 192 34.28 18.00 0.32
C LYS J 192 33.67 16.70 0.85
N ASN J 193 34.49 15.65 0.91
CA ASN J 193 34.06 14.36 1.45
C ASN J 193 32.85 13.72 0.78
N GLU J 194 32.69 13.97 -0.53
CA GLU J 194 31.66 13.36 -1.35
CA GLU J 194 31.63 13.34 -1.32
C GLU J 194 31.71 11.82 -1.27
N ASN J 195 32.92 11.30 -1.11
CA ASN J 195 33.19 9.86 -1.18
C ASN J 195 33.47 9.23 0.20
N THR J 196 33.00 9.91 1.23
CA THR J 196 33.17 9.49 2.60
C THR J 196 31.84 9.70 3.32
N ARG J 197 31.55 8.88 4.32
CA ARG J 197 30.44 9.15 5.23
C ARG J 197 31.04 9.32 6.62
N TYR J 198 30.77 10.46 7.27
CA TYR J 198 31.26 10.64 8.63
C TYR J 198 30.15 11.05 9.61
N TYR J 199 30.35 10.71 10.88
CA TYR J 199 29.35 10.89 11.93
C TYR J 199 30.09 11.18 13.21
N GLY J 200 29.69 12.24 13.90
CA GLY J 200 30.41 12.68 15.07
C GLY J 200 29.49 13.22 16.14
N SER J 201 29.94 13.06 17.38
CA SER J 201 29.22 13.57 18.53
CA SER J 201 29.21 13.57 18.55
C SER J 201 30.21 14.19 19.49
N PHE J 202 29.93 15.43 19.90
CA PHE J 202 30.76 16.15 20.84
C PHE J 202 29.95 16.55 22.05
N THR J 203 30.52 16.39 23.24
CA THR J 203 29.97 16.99 24.44
C THR J 203 31.13 17.58 25.20
N GLY J 204 30.97 18.82 25.64
CA GLY J 204 32.05 19.53 26.30
C GLY J 204 31.94 19.52 27.81
N GLY J 205 32.42 20.59 28.43
CA GLY J 205 32.29 20.74 29.85
C GLY J 205 33.50 20.17 30.55
N ALA J 206 33.77 20.71 31.73
CA ALA J 206 34.94 20.35 32.51
C ALA J 206 34.81 18.97 33.14
N THR J 207 33.62 18.63 33.64
CA THR J 207 33.45 17.43 34.47
C THR J 207 32.24 16.57 34.07
N THR J 208 31.71 16.81 32.87
CA THR J 208 30.54 16.12 32.32
C THR J 208 30.65 14.59 32.32
N PRO J 209 29.60 13.89 32.80
CA PRO J 209 29.56 12.43 32.72
C PRO J 209 29.53 11.94 31.27
N PRO J 210 30.43 11.00 30.91
CA PRO J 210 30.35 10.38 29.59
C PRO J 210 29.14 9.45 29.46
N VAL J 211 28.57 9.34 28.26
CA VAL J 211 27.42 8.48 28.02
C VAL J 211 27.77 7.71 26.76
N MET J 212 27.70 6.38 26.82
CA MET J 212 27.98 5.56 25.64
C MET J 212 27.10 4.32 25.60
N GLN J 213 26.78 3.89 24.39
CA GLN J 213 25.96 2.70 24.19
CA GLN J 213 25.96 2.71 24.18
C GLN J 213 26.80 1.69 23.43
N PHE J 214 26.43 0.41 23.57
CA PHE J 214 27.07 -0.61 22.77
C PHE J 214 26.07 -1.70 22.49
N THR J 215 26.10 -2.23 21.28
CA THR J 215 25.22 -3.33 20.90
C THR J 215 25.76 -3.90 19.60
N ASN J 216 25.41 -5.14 19.29
CA ASN J 216 25.76 -5.70 17.99
C ASN J 216 24.55 -5.81 17.06
N SER J 217 23.49 -5.05 17.35
CA SER J 217 22.23 -5.16 16.62
C SER J 217 22.02 -3.99 15.65
N VAL J 218 22.95 -3.04 15.62
CA VAL J 218 22.75 -1.79 14.88
C VAL J 218 23.67 -1.65 13.66
N THR J 219 23.09 -1.35 12.51
CA THR J 219 23.85 -1.13 11.27
C THR J 219 23.60 0.29 10.76
N THR J 220 24.65 0.94 10.26
CA THR J 220 24.49 2.22 9.56
C THR J 220 24.62 2.00 8.05
N VAL J 221 23.62 2.45 7.31
CA VAL J 221 23.61 2.39 5.84
C VAL J 221 24.44 3.56 5.31
N LEU J 222 25.35 3.30 4.39
CA LEU J 222 26.30 4.29 3.91
C LEU J 222 25.89 4.93 2.59
N LEU J 223 24.76 4.49 2.06
CA LEU J 223 24.25 5.03 0.79
C LEU J 223 23.89 6.51 0.94
N ASP J 224 24.23 7.31 -0.07
CA ASP J 224 23.88 8.72 -0.03
C ASP J 224 22.48 8.97 -0.60
N GLU J 225 22.12 10.24 -0.82
CA GLU J 225 20.82 10.63 -1.37
C GLU J 225 20.57 10.15 -2.82
N ASN J 226 21.63 9.71 -3.49
CA ASN J 226 21.50 9.11 -4.83
C ASN J 226 21.62 7.59 -4.80
N GLY J 227 21.69 7.03 -3.60
CA GLY J 227 21.69 5.59 -3.42
C GLY J 227 23.04 4.95 -3.59
N VAL J 228 24.11 5.75 -3.43
CA VAL J 228 25.46 5.30 -3.73
C VAL J 228 26.31 5.40 -2.48
N GLY J 229 27.08 4.37 -2.19
CA GLY J 229 27.98 4.37 -1.03
C GLY J 229 29.38 4.82 -1.43
N PRO J 230 30.28 4.97 -0.45
CA PRO J 230 31.67 5.29 -0.81
C PRO J 230 32.24 4.27 -1.80
N LEU J 231 32.97 4.76 -2.79
CA LEU J 231 33.56 3.92 -3.84
C LEU J 231 35.06 3.84 -3.61
N CYS J 232 35.58 2.62 -3.49
CA CYS J 232 36.94 2.46 -2.99
C CYS J 232 37.99 2.60 -4.09
N LYS J 233 38.61 3.77 -4.16
CA LYS J 233 39.61 4.05 -5.19
C LYS J 233 40.87 3.24 -4.94
N GLY J 234 41.35 2.59 -5.99
CA GLY J 234 42.51 1.70 -5.89
C GLY J 234 42.28 0.49 -4.99
N ASP J 235 41.00 0.14 -4.79
CA ASP J 235 40.57 -0.99 -3.94
C ASP J 235 41.03 -0.79 -2.49
N LYS J 236 40.97 0.46 -2.04
CA LYS J 236 41.34 0.83 -0.68
C LYS J 236 40.16 1.40 0.08
N LEU J 237 39.95 0.90 1.29
CA LEU J 237 38.88 1.38 2.14
C LEU J 237 39.50 2.12 3.32
N PHE J 238 39.04 3.34 3.56
CA PHE J 238 39.59 4.17 4.65
C PHE J 238 38.63 4.22 5.81
N LEU J 239 39.13 3.86 6.98
CA LEU J 239 38.36 3.90 8.21
C LEU J 239 39.06 4.88 9.14
N SER J 240 38.27 5.81 9.69
CA SER J 240 38.81 6.90 10.47
C SER J 240 37.98 7.05 11.72
N CYS J 241 38.62 7.46 12.81
CA CYS J 241 37.85 7.71 14.01
C CYS J 241 38.66 8.47 15.05
N ALA J 242 37.94 8.94 16.06
CA ALA J 242 38.49 9.50 17.28
C ALA J 242 37.46 9.18 18.34
N ASP J 243 37.87 8.51 19.41
CA ASP J 243 36.97 8.23 20.52
C ASP J 243 37.59 8.62 21.84
N ILE J 244 37.40 9.89 22.17
CA ILE J 244 37.88 10.43 23.41
C ILE J 244 36.76 10.27 24.42
N ALA J 245 37.01 9.44 25.43
CA ALA J 245 36.01 9.09 26.43
C ALA J 245 35.91 10.15 27.51
N GLY J 246 36.97 10.95 27.64
CA GLY J 246 37.03 12.02 28.63
C GLY J 246 38.44 12.19 29.14
N VAL J 247 38.57 12.78 30.34
CA VAL J 247 39.89 12.91 30.96
C VAL J 247 39.98 12.22 32.31
N HIS J 248 41.12 11.58 32.56
CA HIS J 248 41.37 11.00 33.86
C HIS J 248 42.15 12.02 34.66
N THR J 249 41.78 12.20 35.92
CA THR J 249 42.48 13.14 36.81
C THR J 249 43.27 12.37 37.86
N ASN J 250 44.55 12.68 37.98
CA ASN J 250 45.41 12.11 38.99
C ASN J 250 45.22 12.78 40.35
N TYR J 251 45.73 12.13 41.38
CA TYR J 251 45.63 12.69 42.71
C TYR J 251 46.28 14.08 42.78
N SER J 252 47.40 14.25 42.07
CA SER J 252 48.10 15.54 41.99
C SER J 252 47.32 16.58 41.18
N GLU J 253 46.23 16.13 40.56
CA GLU J 253 45.36 16.95 39.71
C GLU J 253 45.86 17.16 38.29
N THR J 254 47.00 16.57 37.92
CA THR J 254 47.37 16.52 36.50
C THR J 254 46.33 15.68 35.79
N GLN J 255 46.10 15.96 34.51
CA GLN J 255 45.00 15.33 33.80
C GLN J 255 45.49 14.77 32.49
N VAL J 256 44.89 13.66 32.07
CA VAL J 256 45.24 13.01 30.80
C VAL J 256 43.97 12.62 30.06
N TRP J 257 44.01 12.77 28.75
CA TRP J 257 42.94 12.30 27.88
C TRP J 257 42.92 10.80 27.85
N ARG J 258 41.71 10.23 27.85
CA ARG J 258 41.52 8.78 27.72
C ARG J 258 40.73 8.48 26.44
N GLY J 259 41.34 7.69 25.56
CA GLY J 259 40.65 7.23 24.34
C GLY J 259 40.35 5.75 24.41
N LEU J 260 39.46 5.29 23.53
CA LEU J 260 39.07 3.90 23.49
C LEU J 260 39.14 3.43 22.03
N PRO J 261 39.38 2.11 21.82
CA PRO J 261 39.44 1.60 20.44
C PRO J 261 38.05 1.50 19.81
N ARG J 262 38.02 1.50 18.47
CA ARG J 262 36.78 1.34 17.76
C ARG J 262 36.86 0.17 16.78
N TYR J 263 35.80 -0.64 16.77
CA TYR J 263 35.69 -1.76 15.86
C TYR J 263 34.81 -1.36 14.67
N PHE J 264 35.16 -1.84 13.49
CA PHE J 264 34.35 -1.60 12.28
C PHE J 264 34.10 -2.94 11.61
N ASN J 265 32.87 -3.13 11.12
CA ASN J 265 32.53 -4.27 10.26
C ASN J 265 31.82 -3.64 9.07
N VAL J 266 32.44 -3.72 7.88
CA VAL J 266 31.94 -2.99 6.69
C VAL J 266 31.52 -3.99 5.62
N THR J 267 30.32 -3.81 5.08
CA THR J 267 29.88 -4.62 3.94
C THR J 267 30.04 -3.83 2.64
N LEU J 268 30.67 -4.48 1.67
CA LEU J 268 30.91 -3.87 0.37
C LEU J 268 30.37 -4.76 -0.75
N ARG J 269 30.05 -4.14 -1.88
CA ARG J 269 29.61 -4.90 -3.05
C ARG J 269 30.32 -4.40 -4.31
N LYS J 270 30.55 -5.30 -5.25
CA LYS J 270 31.21 -4.94 -6.50
C LYS J 270 30.23 -4.19 -7.38
N ARG J 271 30.69 -3.07 -7.94
CA ARG J 271 29.87 -2.28 -8.84
C ARG J 271 30.63 -2.08 -10.14
N ILE J 272 29.86 -2.08 -11.23
CA ILE J 272 30.36 -1.66 -12.52
C ILE J 272 30.31 -0.13 -12.55
N VAL J 273 31.45 0.48 -12.89
CA VAL J 273 31.64 1.92 -12.82
C VAL J 273 32.26 2.42 -14.12
N LYS J 274 31.65 3.45 -14.72
CA LYS J 274 32.23 4.15 -15.84
C LYS J 274 33.59 4.69 -15.42
N ASN J 275 34.65 4.27 -16.11
CA ASN J 275 36.01 4.68 -15.75
C ASN J 275 36.24 6.18 -16.00
N PRO J 276 36.57 6.95 -14.93
CA PRO J 276 36.94 8.35 -15.14
C PRO J 276 38.19 8.56 -16.03
N TYR J 277 39.01 7.52 -16.19
CA TYR J 277 40.25 7.58 -17.00
C TYR J 277 40.45 6.32 -17.83
#